data_6QEL
#
_entry.id   6QEL
#
_cell.length_a   1.00
_cell.length_b   1.00
_cell.length_c   1.00
_cell.angle_alpha   90.000
_cell.angle_beta   90.000
_cell.angle_gamma   90.000
#
_symmetry.space_group_name_H-M   'P 1'
#
loop_
_entity.id
_entity.type
_entity.pdbx_description
1 polymer 'Replicative DNA helicase'
2 polymer 'DNA replication protein dnaC'
3 non-polymer "ADENOSINE-5'-DIPHOSPHATE"
4 non-polymer 'MAGNESIUM ION'
5 non-polymer [[[(2R,3S,4R,5R)-5-(6-aminopurin-9-yl)-3,4-bis(oxidanyl)oxolan-2-yl]methoxy-oxidanyl-phosphoryl]oxy-oxidanyl-phosphoryl]oxy-tris(fluoranyl)beryllium
#
loop_
_entity_poly.entity_id
_entity_poly.type
_entity_poly.pdbx_seq_one_letter_code
_entity_poly.pdbx_strand_id
1 'polypeptide(L)'
;MAGNKPFNKQQAEPRERDPQVAGLKVPPHSIEAEQSVLGGLMLDNERWDDVAERVVADDFYTRPHRHIFTEMARLQESGS
PIDLITLAESLERQGQLDSVGGFAYLAELSKNTPSAANISAYADIVRERAVVREMISVANEIAEAGFDPQGRTSEDLLDL
AESRVFKIAESRANKDEGPKNIADVLDATVARIEQLFQQPHDGVTGVNTGYDDLNKKTAGLQPSDLIIVAARPSMGKTTF
AMNLVENAAMLQDKPVLIFSLEMPSEQIMMRSLASLSRVDQTKIRTGQLDDEDWARISGTMGILLEKRNIYIDDSSGLTP
TEVRSRARRIAREHGGIGLIMIDYLQLMRVPALSDNRTLEIAEISRSLKALAKELNVPVVALSQLNRSLEQRADKRPVNS
DLRESGSIEQDADLIMFIYRDEVYHENSDLKGIAEIIIGKQRNGPIGTVRLTFNGQWSRFDNYAGPQYDDE
;
A,B,C,D,E,F
2 'polypeptide(L)'
;MKNVGDLMQRLQKMMPAHIKPAFKTGEELLAWQKEQGAIRSAALERENRAMKMQRTFNRSGIRPLHQNCSFENYRVECEG
QMNALSKARQYVEEFDGNIASFIFSGKPGTGKNHLAAAICNELLLRGKSVLIITVADIMSAMKDTFRNSGTSEEQLLNDL
SNVDLLVIDEIGVQTESKYEKVIINQIVDRRSSSKRPTGMLTNSNMEEMTKLLGERVMDRMRLGNSLWVIFNWDSYRSRV
TGKEY
;
G,H,I,J,K,L
#
loop_
_chem_comp.id
_chem_comp.type
_chem_comp.name
_chem_comp.formula
08T non-polymer [[[(2R,3S,4R,5R)-5-(6-aminopurin-9-yl)-3,4-bis(oxidanyl)oxolan-2-yl]methoxy-oxidanyl-phosphoryl]oxy-oxidanyl-phosphoryl]oxy-tris(fluoranyl)beryllium 'C10 H14 Be F3 N5 O10 P2'
ADP non-polymer ADENOSINE-5'-DIPHOSPHATE 'C10 H15 N5 O10 P2'
MG non-polymer 'MAGNESIUM ION' 'Mg 2'
#
# COMPACT_ATOMS: atom_id res chain seq x y z
N PRO A 19 38.92 13.19 20.86
CA PRO A 19 38.51 12.27 19.80
C PRO A 19 37.16 11.61 20.08
N GLN A 20 36.78 10.63 19.27
CA GLN A 20 35.51 9.93 19.45
C GLN A 20 35.64 8.71 20.35
N VAL A 21 36.78 8.04 20.31
CA VAL A 21 36.97 6.84 21.12
C VAL A 21 36.87 7.16 22.60
N ALA A 22 37.40 8.31 23.01
CA ALA A 22 37.23 8.76 24.38
C ALA A 22 35.80 9.23 24.63
N GLY A 23 35.10 9.65 23.59
CA GLY A 23 33.70 10.02 23.68
C GLY A 23 32.74 8.89 23.46
N LEU A 24 33.22 7.72 23.06
CA LEU A 24 32.32 6.61 22.81
C LEU A 24 31.79 6.02 24.10
N LYS A 25 32.59 6.02 25.16
CA LYS A 25 32.12 5.55 26.46
C LYS A 25 31.04 6.43 27.07
N VAL A 26 30.71 7.56 26.44
CA VAL A 26 29.68 8.47 26.92
C VAL A 26 28.39 7.69 27.16
N PRO A 27 27.58 8.06 28.14
CA PRO A 27 26.22 7.56 28.19
C PRO A 27 25.33 8.35 27.26
N PRO A 28 24.44 7.70 26.49
CA PRO A 28 23.65 8.45 25.51
C PRO A 28 22.79 9.53 26.14
N HIS A 29 22.87 10.73 25.56
CA HIS A 29 22.09 11.88 25.99
C HIS A 29 21.86 12.76 24.78
N SER A 30 20.65 13.32 24.69
CA SER A 30 20.26 14.21 23.60
C SER A 30 19.87 15.54 24.25
N ILE A 31 20.88 16.39 24.44
CA ILE A 31 20.67 17.63 25.18
C ILE A 31 19.92 18.63 24.31
N GLU A 32 20.11 18.58 23.00
CA GLU A 32 19.57 19.60 22.11
C GLU A 32 18.05 19.68 22.21
N ALA A 33 17.38 18.56 22.01
CA ALA A 33 15.94 18.55 22.21
C ALA A 33 15.60 18.84 23.66
N GLU A 34 16.43 18.36 24.58
CA GLU A 34 16.20 18.64 25.99
C GLU A 34 16.30 20.14 26.26
N GLN A 35 17.21 20.84 25.57
CA GLN A 35 17.19 22.30 25.63
C GLN A 35 15.89 22.84 25.06
N SER A 36 15.44 22.29 23.94
CA SER A 36 14.31 22.87 23.22
C SER A 36 13.02 22.77 24.03
N VAL A 37 12.83 21.64 24.71
CA VAL A 37 11.51 21.33 25.26
C VAL A 37 11.13 22.33 26.34
N LEU A 38 12.07 22.66 27.23
CA LEU A 38 11.76 23.54 28.34
C LEU A 38 11.29 24.90 27.84
N GLY A 39 12.12 25.56 27.04
CA GLY A 39 11.74 26.84 26.47
C GLY A 39 10.49 26.76 25.62
N GLY A 40 10.25 25.60 25.00
CA GLY A 40 9.03 25.45 24.21
C GLY A 40 7.79 25.45 25.07
N LEU A 41 7.87 24.84 26.24
CA LEU A 41 6.76 24.90 27.19
C LEU A 41 6.69 26.23 27.91
N MET A 42 7.81 26.96 28.00
CA MET A 42 7.77 28.33 28.51
C MET A 42 6.95 29.23 27.59
N LEU A 43 6.90 28.89 26.31
CA LEU A 43 6.09 29.63 25.35
C LEU A 43 4.62 29.25 25.43
N ASP A 44 4.29 28.09 25.99
CA ASP A 44 2.92 27.60 25.97
C ASP A 44 2.72 26.59 27.07
N ASN A 45 1.70 26.80 27.90
CA ASN A 45 1.33 25.90 28.97
C ASN A 45 0.09 25.08 28.62
N GLU A 46 -0.22 24.95 27.34
CA GLU A 46 -1.40 24.22 26.88
C GLU A 46 -1.09 22.75 26.59
N ARG A 47 0.07 22.48 26.00
CA ARG A 47 0.51 21.11 25.77
C ARG A 47 1.12 20.46 27.00
N TRP A 48 1.06 21.12 28.16
CA TRP A 48 1.89 20.72 29.27
C TRP A 48 1.52 19.34 29.82
N ASP A 49 0.25 18.96 29.75
CA ASP A 49 -0.17 17.69 30.34
C ASP A 49 0.40 16.51 29.55
N ASP A 50 0.30 16.56 28.23
CA ASP A 50 0.81 15.48 27.38
C ASP A 50 2.32 15.31 27.52
N VAL A 51 3.02 16.32 28.02
CA VAL A 51 4.44 16.22 28.29
C VAL A 51 4.70 15.70 29.70
N ALA A 52 3.93 16.19 30.68
CA ALA A 52 4.09 15.73 32.06
C ALA A 52 3.86 14.24 32.16
N GLU A 53 2.86 13.73 31.44
CA GLU A 53 2.63 12.30 31.42
C GLU A 53 3.81 11.55 30.85
N ARG A 54 4.30 11.98 29.68
CA ARG A 54 5.30 11.24 28.94
C ARG A 54 6.71 11.42 29.45
N VAL A 55 6.96 12.35 30.38
CA VAL A 55 8.32 12.71 30.77
C VAL A 55 8.36 12.97 32.27
N VAL A 56 9.51 12.64 32.86
CA VAL A 56 9.74 12.68 34.30
C VAL A 56 11.11 13.30 34.52
N ALA A 57 11.33 13.77 35.75
CA ALA A 57 12.57 14.44 36.13
C ALA A 57 13.81 13.66 35.73
N ASP A 58 13.97 12.46 36.28
CA ASP A 58 15.21 11.71 36.11
C ASP A 58 15.49 11.37 34.65
N ASP A 59 14.50 11.41 33.79
CA ASP A 59 14.75 11.24 32.36
C ASP A 59 15.44 12.46 31.76
N PHE A 60 15.57 13.55 32.50
CA PHE A 60 16.49 14.61 32.14
C PHE A 60 17.89 14.25 32.62
N TYR A 61 18.88 14.66 31.83
CA TYR A 61 20.24 14.18 32.04
C TYR A 61 20.84 14.77 33.31
N THR A 62 20.95 16.09 33.36
CA THR A 62 21.75 16.78 34.35
C THR A 62 20.88 17.44 35.41
N ARG A 63 21.54 18.04 36.40
CA ARG A 63 20.84 18.63 37.54
C ARG A 63 19.94 19.80 37.15
N PRO A 64 20.40 20.82 36.41
CA PRO A 64 19.58 22.03 36.27
C PRO A 64 18.31 21.88 35.45
N HIS A 65 18.39 21.23 34.28
CA HIS A 65 17.18 20.99 33.50
C HIS A 65 16.15 20.23 34.31
N ARG A 66 16.62 19.19 34.99
CA ARG A 66 15.76 18.40 35.87
C ARG A 66 15.11 19.27 36.93
N HIS A 67 15.88 20.17 37.53
CA HIS A 67 15.34 21.07 38.55
C HIS A 67 14.28 21.98 37.96
N ILE A 68 14.52 22.48 36.75
CA ILE A 68 13.59 23.41 36.13
C ILE A 68 12.29 22.69 35.81
N PHE A 69 12.37 21.46 35.31
CA PHE A 69 11.14 20.72 35.07
C PHE A 69 10.44 20.37 36.36
N THR A 70 11.19 20.14 37.44
CA THR A 70 10.57 19.92 38.75
C THR A 70 9.72 21.12 39.14
N GLU A 71 10.28 22.32 38.98
CA GLU A 71 9.52 23.53 39.28
C GLU A 71 8.31 23.65 38.38
N MET A 72 8.52 23.52 37.07
CA MET A 72 7.44 23.68 36.12
C MET A 72 6.36 22.63 36.30
N ALA A 73 6.67 21.52 36.98
CA ALA A 73 5.69 20.49 37.22
C ALA A 73 4.93 20.71 38.52
N ARG A 74 5.63 21.11 39.59
CA ARG A 74 4.93 21.34 40.84
C ARG A 74 4.06 22.58 40.78
N LEU A 75 4.48 23.60 40.04
CA LEU A 75 3.77 24.87 40.12
C LEU A 75 2.38 24.79 39.50
N GLN A 76 2.20 23.99 38.44
CA GLN A 76 0.89 23.90 37.81
C GLN A 76 -0.14 23.23 38.69
N GLU A 77 0.26 22.59 39.78
CA GLU A 77 -0.72 22.12 40.76
C GLU A 77 -1.43 23.30 41.39
N SER A 78 -0.70 24.39 41.65
CA SER A 78 -1.26 25.63 42.17
C SER A 78 -1.09 26.79 41.19
N GLY A 79 0.14 27.10 40.79
CA GLY A 79 0.41 28.26 39.98
C GLY A 79 0.19 28.07 38.50
N SER A 80 -0.88 28.65 37.98
CA SER A 80 -1.10 28.68 36.54
C SER A 80 0.01 29.40 35.79
N PRO A 81 0.38 30.65 36.11
CA PRO A 81 1.39 31.34 35.29
C PRO A 81 2.79 30.81 35.55
N ILE A 82 3.33 30.08 34.58
CA ILE A 82 4.74 29.74 34.55
C ILE A 82 5.22 29.97 33.12
N ASP A 83 5.77 31.16 32.86
CA ASP A 83 6.45 31.41 31.60
C ASP A 83 7.90 31.84 31.81
N LEU A 84 8.13 32.94 32.55
CA LEU A 84 9.46 33.52 32.66
C LEU A 84 9.80 33.98 34.08
N ILE A 85 8.82 34.56 34.76
CA ILE A 85 9.07 35.45 35.89
C ILE A 85 8.39 34.97 37.17
N THR A 86 7.15 34.47 37.08
CA THR A 86 6.57 33.76 38.21
C THR A 86 7.42 32.55 38.58
N LEU A 87 8.14 32.01 37.60
CA LEU A 87 9.16 31.02 37.90
C LEU A 87 10.23 31.61 38.82
N ALA A 88 10.59 32.88 38.61
CA ALA A 88 11.51 33.54 39.53
C ALA A 88 10.88 33.72 40.90
N GLU A 89 9.58 34.01 40.96
CA GLU A 89 8.89 34.10 42.24
C GLU A 89 8.98 32.78 43.00
N SER A 90 8.70 31.67 42.29
CA SER A 90 8.82 30.35 42.88
C SER A 90 10.22 30.12 43.40
N LEU A 91 11.20 30.19 42.51
CA LEU A 91 12.59 29.94 42.85
C LEU A 91 13.09 30.86 43.96
N GLU A 92 12.48 32.05 44.10
CA GLU A 92 12.75 32.90 45.26
C GLU A 92 12.19 32.27 46.52
N ARG A 93 10.95 31.78 46.46
CA ARG A 93 10.37 31.13 47.63
C ARG A 93 11.09 29.83 47.99
N GLN A 94 11.84 29.25 47.04
CA GLN A 94 12.83 28.22 47.36
C GLN A 94 14.21 28.81 47.61
N GLY A 95 14.48 30.01 47.10
CA GLY A 95 15.72 30.68 47.37
C GLY A 95 16.93 30.00 46.78
N GLN A 96 16.76 29.21 45.73
CA GLN A 96 17.86 28.51 45.07
C GLN A 96 18.34 29.29 43.85
N LEU A 97 18.34 30.62 43.95
CA LEU A 97 19.01 31.47 42.97
C LEU A 97 20.46 31.04 42.82
N ASP A 98 21.03 31.33 41.65
CA ASP A 98 22.40 31.05 41.22
C ASP A 98 22.96 29.72 41.72
N SER A 99 22.14 28.68 41.67
CA SER A 99 22.60 27.29 41.77
C SER A 99 22.39 26.51 40.48
N VAL A 100 21.38 26.88 39.71
CA VAL A 100 21.27 26.47 38.31
C VAL A 100 21.72 27.59 37.39
N GLY A 101 22.54 28.50 37.90
CA GLY A 101 22.68 29.81 37.30
C GLY A 101 21.55 30.76 37.63
N GLY A 102 20.52 30.29 38.34
CA GLY A 102 19.36 31.09 38.65
C GLY A 102 18.72 31.66 37.40
N PHE A 103 18.17 32.86 37.53
CA PHE A 103 17.54 33.49 36.39
C PHE A 103 18.53 33.78 35.26
N ALA A 104 19.83 33.80 35.54
CA ALA A 104 20.81 34.09 34.48
C ALA A 104 20.78 33.04 33.40
N TYR A 105 21.15 31.80 33.74
CA TYR A 105 21.08 30.74 32.76
C TYR A 105 19.64 30.39 32.42
N LEU A 106 18.69 30.70 33.31
CA LEU A 106 17.29 30.52 32.94
C LEU A 106 16.92 31.44 31.78
N ALA A 107 17.43 32.66 31.78
CA ALA A 107 17.15 33.59 30.70
C ALA A 107 17.88 33.16 29.44
N GLU A 108 19.09 32.61 29.61
CA GLU A 108 19.77 32.00 28.48
C GLU A 108 18.91 30.91 27.85
N LEU A 109 18.19 30.15 28.69
CA LEU A 109 17.34 29.08 28.18
C LEU A 109 16.06 29.63 27.56
N SER A 110 15.44 30.59 28.23
CA SER A 110 14.20 31.18 27.76
C SER A 110 14.40 31.94 26.45
N LYS A 111 15.63 32.38 26.18
CA LYS A 111 15.96 32.87 24.86
C LYS A 111 15.57 31.88 23.78
N ASN A 112 15.85 30.61 24.02
CA ASN A 112 15.84 29.62 22.96
C ASN A 112 14.41 29.26 22.55
N THR A 113 14.33 28.60 21.40
CA THR A 113 13.11 28.18 20.73
C THR A 113 11.95 29.19 20.85
N PRO A 114 12.11 30.41 20.35
CA PRO A 114 11.00 31.36 20.42
C PRO A 114 9.81 31.05 19.51
N SER A 115 9.81 29.89 18.83
CA SER A 115 8.65 29.43 18.07
C SER A 115 8.05 28.16 18.65
N ALA A 116 8.84 27.10 18.81
CA ALA A 116 8.44 25.84 19.47
C ALA A 116 7.11 25.31 18.93
N ALA A 117 7.15 24.90 17.66
CA ALA A 117 5.93 24.48 16.99
C ALA A 117 5.32 23.23 17.63
N ASN A 118 6.07 22.13 17.67
CA ASN A 118 5.58 20.87 18.23
C ASN A 118 6.65 20.26 19.13
N ILE A 119 6.23 19.28 19.93
CA ILE A 119 7.00 18.83 21.08
C ILE A 119 7.15 17.31 21.18
N SER A 120 6.32 16.51 20.51
CA SER A 120 6.12 15.12 20.92
C SER A 120 7.40 14.29 20.78
N ALA A 121 8.01 14.32 19.60
CA ALA A 121 9.25 13.57 19.40
C ALA A 121 10.33 14.03 20.35
N TYR A 122 10.38 15.33 20.64
CA TYR A 122 11.31 15.89 21.60
C TYR A 122 10.97 15.49 23.04
N ALA A 123 9.79 14.95 23.29
CA ALA A 123 9.47 14.33 24.58
C ALA A 123 9.71 12.83 24.57
N ASP A 124 9.83 12.21 23.40
CA ASP A 124 10.00 10.77 23.30
C ASP A 124 11.46 10.34 23.29
N ILE A 125 12.29 11.05 22.51
CA ILE A 125 13.70 10.65 22.40
C ILE A 125 14.39 10.80 23.75
N VAL A 126 13.92 11.73 24.58
CA VAL A 126 14.39 11.84 25.95
C VAL A 126 14.21 10.51 26.66
N ARG A 127 13.01 9.95 26.59
CA ARG A 127 12.73 8.70 27.28
C ARG A 127 13.60 7.59 26.77
N GLU A 128 13.75 7.50 25.44
CA GLU A 128 14.67 6.54 24.84
C GLU A 128 16.04 6.59 25.50
N ARG A 129 16.72 7.74 25.37
CA ARG A 129 18.09 7.82 25.83
C ARG A 129 18.19 7.62 27.34
N ALA A 130 17.22 8.15 28.08
CA ALA A 130 17.27 8.08 29.53
C ALA A 130 17.18 6.64 30.00
N VAL A 131 16.17 5.92 29.52
CA VAL A 131 15.95 4.57 29.99
C VAL A 131 17.10 3.67 29.58
N VAL A 132 17.61 3.86 28.36
CA VAL A 132 18.72 3.05 27.88
C VAL A 132 19.94 3.25 28.77
N ARG A 133 20.28 4.51 29.05
CA ARG A 133 21.38 4.84 29.95
C ARG A 133 21.22 4.15 31.30
N GLU A 134 20.01 4.22 31.86
CA GLU A 134 19.80 3.70 33.20
C GLU A 134 19.97 2.20 33.22
N MET A 135 19.32 1.52 32.29
CA MET A 135 19.42 0.07 32.21
C MET A 135 20.87 -0.37 32.07
N ILE A 136 21.68 0.42 31.37
CA ILE A 136 23.04 -0.01 31.12
C ILE A 136 23.91 0.21 32.35
N SER A 137 23.65 1.29 33.08
CA SER A 137 24.26 1.44 34.40
C SER A 137 23.93 0.24 35.28
N VAL A 138 22.69 -0.23 35.20
CA VAL A 138 22.29 -1.37 36.02
C VAL A 138 23.06 -2.62 35.60
N ALA A 139 23.23 -2.83 34.30
CA ALA A 139 23.98 -3.98 33.83
C ALA A 139 25.42 -3.95 34.34
N ASN A 140 26.05 -2.78 34.25
CA ASN A 140 27.37 -2.59 34.83
C ASN A 140 27.38 -3.00 36.30
N GLU A 141 26.36 -2.57 37.05
CA GLU A 141 26.31 -2.90 38.47
C GLU A 141 26.19 -4.40 38.68
N ILE A 142 25.30 -5.05 37.93
CA ILE A 142 25.08 -6.48 38.11
C ILE A 142 26.38 -7.23 37.91
N ALA A 143 27.09 -6.91 36.84
CA ALA A 143 28.35 -7.59 36.57
C ALA A 143 29.35 -7.35 37.70
N GLU A 144 29.70 -6.08 37.94
CA GLU A 144 30.75 -5.81 38.91
C GLU A 144 30.35 -6.16 40.33
N ALA A 145 29.07 -6.44 40.58
CA ALA A 145 28.66 -7.02 41.86
C ALA A 145 28.85 -8.52 41.85
N GLY A 146 28.58 -9.17 40.72
CA GLY A 146 28.79 -10.60 40.62
C GLY A 146 30.25 -10.98 40.74
N PHE A 147 31.15 -10.07 40.36
CA PHE A 147 32.58 -10.35 40.49
C PHE A 147 33.09 -10.01 41.88
N ASP A 148 32.49 -9.03 42.54
CA ASP A 148 32.80 -8.67 43.93
C ASP A 148 31.56 -8.95 44.78
N PRO A 149 31.28 -10.22 45.07
CA PRO A 149 29.99 -10.55 45.70
C PRO A 149 29.86 -10.02 47.11
N GLN A 150 30.95 -9.91 47.85
CA GLN A 150 30.95 -9.30 49.18
C GLN A 150 30.06 -10.10 50.13
N GLY A 151 30.39 -11.38 50.27
CA GLY A 151 29.71 -12.23 51.24
C GLY A 151 28.23 -12.36 50.98
N ARG A 152 27.86 -13.07 49.91
CA ARG A 152 26.49 -13.13 49.46
C ARG A 152 26.27 -14.47 48.76
N THR A 153 24.99 -14.81 48.56
CA THR A 153 24.58 -16.08 47.97
C THR A 153 23.48 -15.82 46.95
N SER A 154 23.29 -16.81 46.06
CA SER A 154 22.52 -16.66 44.83
C SER A 154 21.17 -15.99 45.02
N GLU A 155 20.37 -16.48 45.96
CA GLU A 155 19.02 -15.93 46.14
C GLU A 155 19.09 -14.46 46.52
N ASP A 156 19.95 -14.11 47.47
CA ASP A 156 20.18 -12.70 47.80
C ASP A 156 20.94 -12.01 46.69
N LEU A 157 21.73 -12.76 45.92
CA LEU A 157 22.47 -12.18 44.80
C LEU A 157 21.55 -11.73 43.68
N LEU A 158 20.33 -12.25 43.64
CA LEU A 158 19.46 -12.15 42.49
C LEU A 158 18.14 -11.44 42.77
N ASP A 159 17.67 -11.48 44.02
CA ASP A 159 16.51 -10.67 44.38
C ASP A 159 16.79 -9.20 44.15
N LEU A 160 18.03 -8.78 44.40
CA LEU A 160 18.42 -7.42 44.08
C LEU A 160 18.34 -7.16 42.58
N ALA A 161 18.57 -8.19 41.77
CA ALA A 161 18.48 -8.01 40.33
C ALA A 161 17.04 -7.79 39.91
N GLU A 162 16.14 -8.63 40.42
CA GLU A 162 14.70 -8.40 40.25
C GLU A 162 14.35 -6.97 40.60
N SER A 163 14.82 -6.52 41.77
CA SER A 163 14.44 -5.21 42.27
C SER A 163 14.93 -4.11 41.35
N ARG A 164 16.22 -4.13 41.03
CA ARG A 164 16.79 -3.05 40.25
C ARG A 164 16.27 -3.04 38.82
N VAL A 165 15.81 -4.18 38.32
CA VAL A 165 15.26 -4.18 36.97
C VAL A 165 13.84 -3.64 36.97
N PHE A 166 13.02 -4.08 37.92
CA PHE A 166 11.62 -3.66 37.93
C PHE A 166 11.42 -2.30 38.57
N LYS A 167 12.45 -1.71 39.16
CA LYS A 167 12.32 -0.38 39.72
C LYS A 167 12.17 0.68 38.63
N ILE A 168 12.70 0.40 37.44
CA ILE A 168 12.85 1.45 36.43
C ILE A 168 11.50 2.00 36.03
N ALA A 169 10.65 1.15 35.47
CA ALA A 169 9.33 1.60 35.04
C ALA A 169 8.45 1.96 36.23
N GLU A 170 8.68 1.36 37.39
CA GLU A 170 7.91 1.74 38.57
C GLU A 170 8.16 3.19 38.95
N SER A 171 9.37 3.68 38.70
CA SER A 171 9.64 5.10 38.93
C SER A 171 8.93 6.00 37.93
N ARG A 172 8.33 5.43 36.88
CA ARG A 172 7.63 6.20 35.85
C ARG A 172 6.12 6.10 35.95
N ALA A 173 5.61 4.99 36.46
CA ALA A 173 4.18 4.88 36.71
C ALA A 173 3.77 5.93 37.74
N ASN A 174 2.57 6.47 37.58
CA ASN A 174 2.19 7.71 38.24
C ASN A 174 1.25 7.52 39.40
N LYS A 175 0.35 6.54 39.32
CA LYS A 175 -0.82 6.47 40.19
C LYS A 175 -1.09 5.00 40.51
N ASP A 176 -2.18 4.76 41.22
CA ASP A 176 -2.81 3.46 41.36
C ASP A 176 -3.61 3.04 40.11
N GLU A 177 -3.37 3.67 38.94
CA GLU A 177 -3.96 3.22 37.68
C GLU A 177 -3.71 1.75 37.39
N GLY A 178 -2.68 1.16 38.00
CA GLY A 178 -2.34 -0.23 37.80
C GLY A 178 -3.47 -1.18 38.18
N PRO A 179 -3.18 -2.47 38.12
CA PRO A 179 -4.24 -3.47 38.33
C PRO A 179 -4.80 -3.41 39.73
N LYS A 180 -6.10 -3.16 39.81
CA LYS A 180 -6.77 -3.02 41.09
C LYS A 180 -6.99 -4.37 41.73
N ASN A 181 -6.54 -4.50 42.97
CA ASN A 181 -6.95 -5.61 43.79
C ASN A 181 -8.46 -5.63 43.91
N ILE A 182 -8.99 -6.79 44.28
CA ILE A 182 -10.43 -7.00 44.25
C ILE A 182 -11.12 -6.15 45.31
N ALA A 183 -10.55 -6.10 46.52
CA ALA A 183 -11.26 -5.54 47.66
C ALA A 183 -11.49 -4.04 47.52
N ASP A 184 -10.61 -3.34 46.80
CA ASP A 184 -10.77 -1.90 46.67
C ASP A 184 -11.99 -1.57 45.82
N VAL A 185 -12.06 -2.14 44.62
CA VAL A 185 -13.22 -1.92 43.76
C VAL A 185 -14.46 -2.45 44.43
N LEU A 186 -14.32 -3.54 45.18
CA LEU A 186 -15.43 -4.08 45.94
C LEU A 186 -15.99 -3.05 46.91
N ASP A 187 -15.12 -2.48 47.76
CA ASP A 187 -15.56 -1.47 48.70
C ASP A 187 -16.17 -0.28 48.00
N ALA A 188 -15.64 0.07 46.83
CA ALA A 188 -16.21 1.17 46.07
C ALA A 188 -17.66 0.88 45.69
N THR A 189 -17.89 -0.29 45.10
CA THR A 189 -19.24 -0.66 44.69
C THR A 189 -20.17 -0.75 45.88
N VAL A 190 -19.66 -1.21 47.02
CA VAL A 190 -20.52 -1.36 48.19
C VAL A 190 -20.87 0.00 48.74
N ALA A 191 -19.94 0.95 48.68
CA ALA A 191 -20.27 2.31 49.06
C ALA A 191 -21.35 2.87 48.16
N ARG A 192 -21.30 2.53 46.88
CA ARG A 192 -22.36 2.98 45.97
C ARG A 192 -23.70 2.39 46.38
N ILE A 193 -23.72 1.08 46.66
CA ILE A 193 -24.97 0.42 47.06
C ILE A 193 -25.50 1.07 48.32
N GLU A 194 -24.63 1.37 49.28
CA GLU A 194 -25.06 1.95 50.54
C GLU A 194 -25.59 3.36 50.34
N GLN A 195 -24.85 4.18 49.58
CA GLN A 195 -25.27 5.54 49.30
C GLN A 195 -26.63 5.56 48.63
N LEU A 196 -26.87 4.61 47.73
CA LEU A 196 -28.17 4.51 47.10
C LEU A 196 -29.23 4.04 48.08
N PHE A 197 -28.85 3.12 48.98
CA PHE A 197 -29.78 2.58 49.96
C PHE A 197 -30.25 3.65 50.94
N GLN A 198 -29.42 4.65 51.20
CA GLN A 198 -29.82 5.78 52.03
C GLN A 198 -31.06 6.45 51.47
N GLN A 199 -30.94 6.97 50.27
CA GLN A 199 -31.93 7.81 49.62
C GLN A 199 -32.93 6.92 48.88
N PRO A 200 -34.06 7.46 48.40
CA PRO A 200 -35.02 6.60 47.71
C PRO A 200 -34.43 6.04 46.43
N HIS A 201 -35.05 4.95 45.98
CA HIS A 201 -34.57 4.25 44.79
C HIS A 201 -34.55 5.18 43.56
N ASP A 202 -35.65 5.90 43.33
CA ASP A 202 -35.87 6.78 42.17
C ASP A 202 -35.97 6.03 40.85
N GLY A 203 -35.80 4.70 40.83
CA GLY A 203 -35.72 3.95 39.61
C GLY A 203 -34.43 4.08 38.85
N VAL A 204 -33.55 4.99 39.27
CA VAL A 204 -32.39 5.40 38.48
C VAL A 204 -31.13 5.08 39.26
N THR A 205 -30.06 4.81 38.52
CA THR A 205 -28.74 4.51 39.06
C THR A 205 -27.70 5.34 38.34
N GLY A 206 -27.97 6.64 38.24
CA GLY A 206 -27.17 7.51 37.41
C GLY A 206 -27.92 8.78 37.05
N VAL A 207 -27.98 9.08 35.77
CA VAL A 207 -28.57 10.32 35.29
C VAL A 207 -30.02 10.06 34.93
N ASN A 208 -30.84 11.09 35.12
CA ASN A 208 -32.26 11.04 34.81
C ASN A 208 -32.51 11.73 33.48
N THR A 209 -33.57 11.29 32.80
CA THR A 209 -34.02 11.86 31.55
C THR A 209 -35.39 12.49 31.65
N GLY A 210 -36.10 12.29 32.75
CA GLY A 210 -37.46 12.79 32.91
C GLY A 210 -38.49 11.79 32.49
N TYR A 211 -38.32 11.21 31.30
CA TYR A 211 -39.27 10.23 30.78
C TYR A 211 -39.24 9.00 31.66
N ASP A 212 -40.28 8.83 32.48
CA ASP A 212 -40.30 7.75 33.46
C ASP A 212 -40.35 6.39 32.77
N ASP A 213 -41.05 6.29 31.65
CA ASP A 213 -41.12 5.03 30.94
C ASP A 213 -39.77 4.61 30.39
N LEU A 214 -38.90 5.57 30.09
CA LEU A 214 -37.57 5.27 29.58
C LEU A 214 -36.59 4.96 30.69
N ASN A 215 -36.76 5.58 31.86
CA ASN A 215 -35.89 5.32 32.99
C ASN A 215 -35.88 3.87 33.41
N LYS A 216 -36.90 3.10 33.07
CA LYS A 216 -36.98 1.71 33.49
C LYS A 216 -36.07 0.82 32.65
N LYS A 217 -36.31 0.79 31.34
CA LYS A 217 -35.50 -0.04 30.45
C LYS A 217 -34.04 0.35 30.54
N THR A 218 -33.73 1.59 30.19
CA THR A 218 -32.38 2.10 30.24
C THR A 218 -31.79 2.02 31.64
N ALA A 219 -32.63 2.04 32.67
CA ALA A 219 -32.20 2.15 34.07
C ALA A 219 -31.46 3.46 34.32
N GLY A 220 -31.66 4.45 33.47
CA GLY A 220 -30.98 5.72 33.58
C GLY A 220 -29.67 5.70 32.82
N LEU A 221 -29.35 6.81 32.16
CA LEU A 221 -28.06 6.92 31.49
C LEU A 221 -26.94 6.67 32.48
N GLN A 222 -26.19 5.62 32.23
CA GLN A 222 -25.16 5.20 33.14
C GLN A 222 -23.92 6.07 32.98
N PRO A 223 -23.10 6.19 34.02
CA PRO A 223 -22.01 7.17 34.01
C PRO A 223 -20.81 6.79 33.17
N SER A 224 -20.82 5.67 32.47
CA SER A 224 -19.66 5.25 31.69
C SER A 224 -20.17 4.47 30.49
N ASP A 225 -20.34 5.17 29.39
CA ASP A 225 -20.99 4.56 28.24
C ASP A 225 -20.90 5.53 27.08
N LEU A 226 -21.26 5.04 25.91
CA LEU A 226 -21.28 5.81 24.68
C LEU A 226 -22.64 5.55 24.05
N ILE A 227 -23.63 6.33 24.47
CA ILE A 227 -24.95 6.22 23.90
C ILE A 227 -24.90 6.73 22.46
N ILE A 228 -25.78 6.18 21.63
CA ILE A 228 -25.92 6.59 20.25
C ILE A 228 -27.41 6.73 19.97
N VAL A 229 -27.73 7.67 19.09
CA VAL A 229 -29.09 7.92 18.66
C VAL A 229 -29.02 8.13 17.16
N ALA A 230 -30.08 7.71 16.47
CA ALA A 230 -30.00 7.68 15.01
C ALA A 230 -31.38 7.67 14.39
N ALA A 231 -31.50 8.37 13.27
CA ALA A 231 -32.64 8.27 12.35
C ALA A 231 -32.33 9.17 11.16
N ARG A 232 -33.12 8.99 10.11
CA ARG A 232 -33.03 9.83 8.93
C ARG A 232 -33.27 11.30 9.31
N PRO A 233 -32.88 12.25 8.44
CA PRO A 233 -32.73 13.65 8.89
C PRO A 233 -33.95 14.27 9.54
N SER A 234 -35.11 14.21 8.88
CA SER A 234 -36.27 14.91 9.37
C SER A 234 -37.03 14.15 10.44
N MET A 235 -36.44 13.12 11.04
CA MET A 235 -37.04 12.51 12.21
C MET A 235 -36.71 13.28 13.49
N GLY A 236 -35.83 14.26 13.42
CA GLY A 236 -35.62 15.18 14.53
C GLY A 236 -34.88 14.59 15.70
N LYS A 237 -33.86 13.78 15.43
CA LYS A 237 -33.01 13.25 16.48
C LYS A 237 -32.33 14.37 17.27
N THR A 238 -31.96 15.45 16.59
CA THR A 238 -31.31 16.57 17.23
C THR A 238 -32.18 17.15 18.33
N THR A 239 -33.48 17.27 18.05
CA THR A 239 -34.42 17.74 19.04
C THR A 239 -34.38 16.87 20.29
N PHE A 240 -34.36 15.55 20.11
CA PHE A 240 -34.36 14.65 21.25
C PHE A 240 -33.09 14.79 22.06
N ALA A 241 -31.95 14.96 21.38
CA ALA A 241 -30.71 15.13 22.10
C ALA A 241 -30.74 16.39 22.95
N MET A 242 -31.26 17.47 22.37
CA MET A 242 -31.36 18.71 23.12
C MET A 242 -32.34 18.56 24.28
N ASN A 243 -33.40 17.78 24.11
CA ASN A 243 -34.31 17.51 25.22
C ASN A 243 -33.58 16.80 26.36
N LEU A 244 -32.73 15.83 26.00
CA LEU A 244 -32.03 15.06 27.02
C LEU A 244 -31.10 15.96 27.82
N VAL A 245 -30.23 16.70 27.12
CA VAL A 245 -29.28 17.55 27.83
C VAL A 245 -30.01 18.63 28.62
N GLU A 246 -31.11 19.13 28.06
CA GLU A 246 -31.95 20.11 28.71
C GLU A 246 -32.43 19.62 30.09
N ASN A 247 -33.08 18.46 30.10
CA ASN A 247 -33.58 17.93 31.36
C ASN A 247 -32.44 17.60 32.31
N ALA A 248 -31.37 17.02 31.79
CA ALA A 248 -30.25 16.62 32.63
C ALA A 248 -29.57 17.84 33.24
N ALA A 249 -29.66 18.98 32.57
CA ALA A 249 -29.08 20.21 33.09
C ALA A 249 -29.96 20.82 34.16
N MET A 250 -31.27 20.77 33.97
CA MET A 250 -32.15 21.38 34.96
C MET A 250 -32.25 20.54 36.23
N LEU A 251 -32.04 19.22 36.14
CA LEU A 251 -32.13 18.40 37.34
C LEU A 251 -30.85 18.47 38.16
N GLN A 252 -29.70 18.18 37.55
CA GLN A 252 -28.44 18.05 38.26
C GLN A 252 -27.99 19.34 38.92
N ASP A 253 -26.89 19.27 39.65
CA ASP A 253 -26.19 20.43 40.20
C ASP A 253 -24.78 20.44 39.63
N LYS A 254 -24.69 20.25 38.32
CA LYS A 254 -23.48 19.76 37.68
C LYS A 254 -23.50 20.24 36.23
N PRO A 255 -22.33 20.37 35.59
CA PRO A 255 -22.34 20.88 34.21
C PRO A 255 -23.01 19.94 33.24
N VAL A 256 -23.18 20.47 32.03
CA VAL A 256 -23.34 19.68 30.83
C VAL A 256 -22.60 20.42 29.72
N LEU A 257 -22.48 19.75 28.58
CA LEU A 257 -21.72 20.27 27.46
C LEU A 257 -22.44 19.88 26.18
N ILE A 258 -22.19 20.66 25.15
CA ILE A 258 -22.87 20.50 23.87
C ILE A 258 -21.89 20.92 22.79
N PHE A 259 -21.54 20.00 21.89
CA PHE A 259 -20.68 20.29 20.75
C PHE A 259 -21.54 20.13 19.51
N SER A 260 -22.28 21.18 19.17
CA SER A 260 -23.08 21.21 17.96
C SER A 260 -22.22 21.70 16.81
N LEU A 261 -22.18 20.93 15.73
CA LEU A 261 -21.27 21.17 14.62
C LEU A 261 -21.96 21.88 13.46
N GLU A 262 -23.04 21.32 12.95
CA GLU A 262 -23.62 21.81 11.70
C GLU A 262 -24.17 23.23 11.86
N MET A 263 -25.02 23.44 12.86
CA MET A 263 -25.76 24.68 13.01
C MET A 263 -25.18 25.51 14.15
N PRO A 264 -24.97 26.82 13.98
CA PRO A 264 -24.39 27.60 15.08
C PRO A 264 -25.35 27.79 16.25
N SER A 265 -24.88 28.45 17.30
CA SER A 265 -25.55 28.40 18.59
C SER A 265 -26.79 29.26 18.67
N GLU A 266 -26.89 30.29 17.84
CA GLU A 266 -28.00 31.23 17.93
C GLU A 266 -29.30 30.64 17.39
N GLN A 267 -29.24 29.46 16.79
CA GLN A 267 -30.43 28.67 16.51
C GLN A 267 -30.63 27.57 17.54
N ILE A 268 -29.52 27.08 18.11
CA ILE A 268 -29.58 26.10 19.19
C ILE A 268 -30.40 26.67 20.34
N MET A 269 -30.08 27.88 20.76
CA MET A 269 -30.75 28.41 21.94
C MET A 269 -32.22 28.74 21.64
N MET A 270 -32.52 29.12 20.40
CA MET A 270 -33.91 29.32 20.02
C MET A 270 -34.70 28.03 20.17
N ARG A 271 -34.15 26.92 19.66
CA ARG A 271 -34.87 25.66 19.79
C ARG A 271 -34.91 25.19 21.24
N SER A 272 -33.88 25.50 22.02
CA SER A 272 -33.87 25.11 23.42
C SER A 272 -34.97 25.84 24.18
N LEU A 273 -35.13 27.14 23.91
CA LEU A 273 -36.24 27.88 24.50
C LEU A 273 -37.58 27.41 23.96
N ALA A 274 -37.61 26.96 22.71
CA ALA A 274 -38.84 26.41 22.17
C ALA A 274 -39.27 25.18 22.96
N SER A 275 -38.31 24.37 23.36
CA SER A 275 -38.64 23.18 24.15
C SER A 275 -38.99 23.56 25.59
N LEU A 276 -38.08 24.27 26.26
CA LEU A 276 -38.28 24.64 27.64
C LEU A 276 -39.56 25.45 27.83
N SER A 277 -39.85 26.32 26.88
CA SER A 277 -40.83 27.38 27.05
C SER A 277 -42.14 27.10 26.33
N ARG A 278 -42.17 26.12 25.43
CA ARG A 278 -43.43 25.69 24.83
C ARG A 278 -44.07 26.83 24.04
N VAL A 279 -43.25 27.55 23.28
CA VAL A 279 -43.75 28.50 22.30
C VAL A 279 -42.83 28.41 21.09
N ASP A 280 -43.42 28.39 19.90
CA ASP A 280 -42.70 28.06 18.70
C ASP A 280 -41.58 29.07 18.43
N GLN A 281 -40.73 28.71 17.48
CA GLN A 281 -39.67 29.62 17.06
C GLN A 281 -40.26 30.92 16.53
N THR A 282 -41.40 30.84 15.85
CA THR A 282 -41.91 32.02 15.15
C THR A 282 -42.44 33.07 16.12
N LYS A 283 -43.01 32.67 17.24
CA LYS A 283 -43.45 33.62 18.26
C LYS A 283 -42.31 34.09 19.16
N ILE A 284 -41.07 33.74 18.84
CA ILE A 284 -39.90 34.24 19.55
C ILE A 284 -39.09 35.18 18.67
N ARG A 285 -38.69 34.71 17.49
CA ARG A 285 -37.93 35.53 16.57
C ARG A 285 -38.68 36.79 16.20
N THR A 286 -40.01 36.70 16.12
CA THR A 286 -40.84 37.87 15.85
C THR A 286 -41.03 38.72 17.11
N GLY A 287 -41.70 38.16 18.11
CA GLY A 287 -42.04 38.87 19.34
C GLY A 287 -43.53 39.06 19.53
N GLN A 288 -44.33 38.10 19.05
CA GLN A 288 -45.79 38.13 19.18
C GLN A 288 -46.26 37.46 20.47
N LEU A 289 -45.43 37.46 21.50
CA LEU A 289 -45.63 36.63 22.67
C LEU A 289 -46.45 37.36 23.71
N ASP A 290 -47.45 36.67 24.27
CA ASP A 290 -48.33 37.23 25.28
C ASP A 290 -47.63 37.24 26.64
N ASP A 291 -48.29 37.87 27.61
CA ASP A 291 -47.71 38.06 28.93
C ASP A 291 -47.37 36.74 29.59
N GLU A 292 -48.23 35.73 29.43
CA GLU A 292 -47.89 34.39 29.91
C GLU A 292 -46.65 33.87 29.20
N ASP A 293 -46.54 34.14 27.90
CA ASP A 293 -45.40 33.65 27.15
C ASP A 293 -44.12 34.39 27.53
N TRP A 294 -44.20 35.73 27.64
CA TRP A 294 -43.09 36.49 28.21
C TRP A 294 -42.67 35.92 29.55
N ALA A 295 -43.66 35.56 30.38
CA ALA A 295 -43.36 35.07 31.71
C ALA A 295 -42.60 33.75 31.67
N ARG A 296 -42.98 32.86 30.75
CA ARG A 296 -42.31 31.57 30.70
C ARG A 296 -40.91 31.67 30.10
N ILE A 297 -40.74 32.56 29.11
CA ILE A 297 -39.39 32.82 28.61
C ILE A 297 -38.53 33.40 29.72
N SER A 298 -39.08 34.31 30.51
CA SER A 298 -38.33 34.88 31.61
C SER A 298 -38.07 33.83 32.68
N GLY A 299 -38.96 32.85 32.80
CA GLY A 299 -38.76 31.81 33.79
C GLY A 299 -37.59 30.93 33.44
N THR A 300 -37.57 30.41 32.21
CA THR A 300 -36.42 29.63 31.79
C THR A 300 -35.15 30.46 31.88
N MET A 301 -35.24 31.75 31.54
CA MET A 301 -34.09 32.63 31.64
C MET A 301 -33.57 32.70 33.07
N GLY A 302 -34.47 32.93 34.02
CA GLY A 302 -34.04 33.18 35.38
C GLY A 302 -33.56 31.95 36.10
N ILE A 303 -34.18 30.80 35.81
CA ILE A 303 -33.75 29.57 36.47
C ILE A 303 -32.52 28.98 35.78
N LEU A 304 -32.22 29.37 34.53
CA LEU A 304 -30.92 29.03 33.96
C LEU A 304 -29.84 29.96 34.48
N LEU A 305 -30.19 31.23 34.71
CA LEU A 305 -29.20 32.22 35.13
C LEU A 305 -28.55 31.85 36.45
N GLU A 306 -29.31 31.25 37.37
CA GLU A 306 -28.77 30.92 38.67
C GLU A 306 -27.68 29.87 38.58
N LYS A 307 -27.78 28.97 37.60
CA LYS A 307 -26.91 27.80 37.52
C LYS A 307 -25.79 28.00 36.51
N ARG A 308 -26.14 28.26 35.25
CA ARG A 308 -25.17 28.42 34.17
C ARG A 308 -24.26 27.19 34.07
N ASN A 309 -24.89 26.08 33.71
CA ASN A 309 -24.20 24.82 33.55
C ASN A 309 -23.54 24.72 32.18
N ILE A 310 -24.28 25.07 31.13
CA ILE A 310 -23.92 24.69 29.77
C ILE A 310 -22.68 25.43 29.33
N TYR A 311 -21.85 24.77 28.52
CA TYR A 311 -20.84 25.38 27.67
C TYR A 311 -21.02 24.80 26.27
N ILE A 312 -20.65 25.57 25.25
CA ILE A 312 -20.90 25.19 23.86
C ILE A 312 -19.69 25.56 23.01
N ASP A 313 -19.32 24.68 22.09
CA ASP A 313 -18.29 24.93 21.08
C ASP A 313 -18.91 24.71 19.71
N ASP A 314 -19.41 25.78 19.11
CA ASP A 314 -20.10 25.71 17.82
C ASP A 314 -19.12 25.80 16.66
N SER A 315 -18.15 24.89 16.66
CA SER A 315 -17.08 24.92 15.68
C SER A 315 -17.56 24.37 14.34
N SER A 316 -16.60 24.10 13.44
CA SER A 316 -16.85 23.63 12.09
C SER A 316 -16.56 22.14 11.92
N GLY A 317 -15.35 21.72 12.27
CA GLY A 317 -14.96 20.32 12.15
C GLY A 317 -13.79 20.04 13.08
N LEU A 318 -13.84 18.94 13.80
CA LEU A 318 -12.98 18.73 14.95
C LEU A 318 -12.43 17.31 14.95
N THR A 319 -11.45 17.08 15.83
CA THR A 319 -10.84 15.80 16.09
C THR A 319 -10.95 15.45 17.57
N PRO A 320 -10.94 14.16 17.92
CA PRO A 320 -11.05 13.79 19.35
C PRO A 320 -9.93 14.35 20.20
N THR A 321 -8.76 14.57 19.62
CA THR A 321 -7.62 15.09 20.36
C THR A 321 -7.92 16.48 20.91
N GLU A 322 -8.47 17.36 20.07
CA GLU A 322 -8.93 18.66 20.54
C GLU A 322 -10.05 18.53 21.55
N VAL A 323 -10.90 17.52 21.36
CA VAL A 323 -12.08 17.37 22.20
C VAL A 323 -11.67 17.05 23.63
N ARG A 324 -10.65 16.20 23.80
CA ARG A 324 -10.21 15.87 25.15
C ARG A 324 -9.72 17.12 25.87
N SER A 325 -8.98 17.98 25.16
CA SER A 325 -8.50 19.21 25.78
C SER A 325 -9.65 20.11 26.17
N ARG A 326 -10.57 20.33 25.23
CA ARG A 326 -11.69 21.24 25.49
C ARG A 326 -12.54 20.74 26.63
N ALA A 327 -12.65 19.42 26.80
CA ALA A 327 -13.48 18.87 27.86
C ALA A 327 -12.77 18.88 29.19
N ARG A 328 -11.51 18.45 29.23
CA ARG A 328 -10.78 18.40 30.47
C ARG A 328 -10.50 19.78 31.03
N ARG A 329 -10.46 20.80 30.17
CA ARG A 329 -10.37 22.16 30.70
C ARG A 329 -11.58 22.45 31.57
N ILE A 330 -12.77 22.13 31.07
CA ILE A 330 -13.98 22.29 31.85
C ILE A 330 -13.93 21.43 33.09
N ALA A 331 -13.31 20.27 32.98
CA ALA A 331 -13.22 19.37 34.13
C ALA A 331 -12.43 20.01 35.27
N ARG A 332 -11.26 20.56 34.94
CA ARG A 332 -10.43 21.19 35.97
C ARG A 332 -10.99 22.53 36.41
N GLU A 333 -11.80 23.19 35.56
CA GLU A 333 -12.44 24.44 35.96
C GLU A 333 -13.27 24.25 37.22
N HIS A 334 -14.24 23.35 37.18
CA HIS A 334 -14.97 23.01 38.40
C HIS A 334 -15.71 21.69 38.23
N GLY A 335 -15.38 20.74 39.11
CA GLY A 335 -16.17 19.54 39.29
C GLY A 335 -16.22 18.59 38.11
N GLY A 336 -16.75 17.39 38.35
CA GLY A 336 -16.90 16.41 37.29
C GLY A 336 -18.19 16.62 36.52
N ILE A 337 -18.08 16.54 35.20
CA ILE A 337 -19.21 16.86 34.32
C ILE A 337 -20.27 15.77 34.44
N GLY A 338 -21.42 16.02 33.83
CA GLY A 338 -22.59 15.18 33.98
C GLY A 338 -23.09 14.59 32.69
N LEU A 339 -22.68 15.15 31.56
CA LEU A 339 -23.22 14.73 30.28
C LEU A 339 -22.49 15.46 29.17
N ILE A 340 -22.58 14.90 27.96
CA ILE A 340 -22.01 15.47 26.75
C ILE A 340 -22.99 15.16 25.63
N MET A 341 -22.93 15.96 24.57
CA MET A 341 -23.66 15.69 23.34
C MET A 341 -22.76 16.01 22.16
N ILE A 342 -22.97 15.29 21.07
CA ILE A 342 -22.23 15.46 19.82
C ILE A 342 -23.22 15.23 18.69
N ASP A 343 -23.40 16.24 17.85
CA ASP A 343 -24.38 16.19 16.78
C ASP A 343 -23.70 15.84 15.47
N TYR A 344 -24.28 14.88 14.77
CA TYR A 344 -23.84 14.47 13.43
C TYR A 344 -22.34 14.13 13.44
N LEU A 345 -22.07 13.05 14.17
CA LEU A 345 -20.76 12.43 14.38
C LEU A 345 -19.88 12.39 13.15
N GLN A 346 -20.51 12.22 11.98
CA GLN A 346 -19.79 11.92 10.74
C GLN A 346 -18.77 12.98 10.35
N LEU A 347 -18.82 14.17 10.93
CA LEU A 347 -17.87 15.22 10.55
C LEU A 347 -16.51 14.99 11.16
N MET A 348 -16.48 14.58 12.43
CA MET A 348 -15.27 14.62 13.23
C MET A 348 -14.14 13.84 12.57
N ARG A 349 -13.16 14.57 12.09
CA ARG A 349 -12.15 14.05 11.19
C ARG A 349 -11.01 13.45 11.98
N VAL A 350 -10.02 12.95 11.25
CA VAL A 350 -8.74 12.54 11.83
C VAL A 350 -7.75 12.68 10.68
N PRO A 351 -6.69 13.49 10.79
CA PRO A 351 -5.80 13.66 9.63
C PRO A 351 -5.09 12.40 9.20
N ALA A 352 -4.91 11.44 10.11
CA ALA A 352 -4.14 10.25 9.78
C ALA A 352 -4.82 9.44 8.68
N LEU A 353 -6.12 9.21 8.83
CA LEU A 353 -6.91 8.42 7.90
C LEU A 353 -7.98 9.29 7.25
N SER A 354 -7.58 10.49 6.83
CA SER A 354 -8.47 11.38 6.12
C SER A 354 -8.90 10.82 4.76
N ASP A 355 -8.20 9.81 4.26
CA ASP A 355 -8.61 9.14 3.02
C ASP A 355 -9.71 8.12 3.28
N ASN A 356 -9.42 7.10 4.08
CA ASN A 356 -10.35 6.03 4.34
C ASN A 356 -11.36 6.44 5.42
N ARG A 357 -12.50 5.76 5.40
CA ARG A 357 -13.67 6.11 6.21
C ARG A 357 -14.02 5.08 7.25
N THR A 358 -13.96 3.80 6.89
CA THR A 358 -14.26 2.72 7.83
C THR A 358 -13.42 2.84 9.09
N LEU A 359 -12.11 2.75 8.93
CA LEU A 359 -11.20 2.86 10.06
C LEU A 359 -11.30 4.21 10.73
N GLU A 360 -11.68 5.25 9.99
CA GLU A 360 -11.90 6.56 10.59
C GLU A 360 -12.98 6.48 11.65
N ILE A 361 -14.15 5.99 11.28
CA ILE A 361 -15.26 5.89 12.22
C ILE A 361 -14.89 4.96 13.36
N ALA A 362 -14.16 3.90 13.06
CA ALA A 362 -13.69 2.98 14.09
C ALA A 362 -12.88 3.74 15.14
N GLU A 363 -11.92 4.54 14.69
CA GLU A 363 -11.04 5.23 15.61
C GLU A 363 -11.79 6.30 16.39
N ILE A 364 -12.76 6.95 15.74
CA ILE A 364 -13.59 7.93 16.43
C ILE A 364 -14.28 7.28 17.62
N SER A 365 -15.01 6.20 17.36
CA SER A 365 -15.74 5.53 18.43
C SER A 365 -14.80 5.05 19.51
N ARG A 366 -13.64 4.53 19.11
CA ARG A 366 -12.65 4.06 20.08
C ARG A 366 -12.22 5.20 20.99
N SER A 367 -11.89 6.35 20.42
CA SER A 367 -11.36 7.45 21.22
C SER A 367 -12.44 8.06 22.10
N LEU A 368 -13.68 8.05 21.64
CA LEU A 368 -14.75 8.64 22.45
C LEU A 368 -15.10 7.73 23.62
N LYS A 369 -15.10 6.42 23.40
CA LYS A 369 -15.20 5.49 24.51
C LYS A 369 -14.08 5.73 25.52
N ALA A 370 -12.86 5.91 25.01
CA ALA A 370 -11.72 6.14 25.89
C ALA A 370 -11.90 7.40 26.71
N LEU A 371 -12.35 8.48 26.06
CA LEU A 371 -12.69 9.71 26.76
C LEU A 371 -13.67 9.46 27.90
N ALA A 372 -14.81 8.87 27.56
CA ALA A 372 -15.90 8.72 28.51
C ALA A 372 -15.46 7.88 29.70
N LYS A 373 -14.56 6.92 29.47
CA LYS A 373 -14.01 6.17 30.58
C LYS A 373 -12.98 6.99 31.34
N GLU A 374 -12.24 7.85 30.65
CA GLU A 374 -11.22 8.66 31.28
C GLU A 374 -11.81 9.66 32.25
N LEU A 375 -13.10 10.01 32.09
CA LEU A 375 -13.75 10.93 33.00
C LEU A 375 -14.92 10.34 33.78
N ASN A 376 -15.29 9.08 33.52
CA ASN A 376 -16.39 8.45 34.23
C ASN A 376 -17.67 9.25 34.06
N VAL A 377 -18.00 9.57 32.81
CA VAL A 377 -19.20 10.33 32.49
C VAL A 377 -19.78 9.88 31.16
N PRO A 378 -21.08 10.01 30.95
CA PRO A 378 -21.69 9.48 29.75
C PRO A 378 -21.38 10.33 28.53
N VAL A 379 -21.93 9.89 27.41
CA VAL A 379 -21.76 10.53 26.12
C VAL A 379 -23.01 10.26 25.31
N VAL A 380 -23.46 11.27 24.60
CA VAL A 380 -24.42 11.11 23.53
C VAL A 380 -23.70 11.41 22.23
N ALA A 381 -24.06 10.70 21.18
CA ALA A 381 -23.33 10.78 19.93
C ALA A 381 -24.23 10.29 18.81
N LEU A 382 -24.73 11.21 18.01
CA LEU A 382 -25.76 10.90 17.05
C LEU A 382 -25.15 10.31 15.79
N SER A 383 -26.01 9.90 14.87
CA SER A 383 -25.53 9.46 13.56
C SER A 383 -26.66 9.44 12.55
N GLN A 384 -26.28 9.29 11.30
CA GLN A 384 -27.17 9.13 10.17
C GLN A 384 -27.30 7.66 9.83
N LEU A 385 -28.24 7.37 8.93
CA LEU A 385 -28.49 6.04 8.43
C LEU A 385 -28.30 6.03 6.92
N ASN A 386 -28.39 4.83 6.35
CA ASN A 386 -28.41 4.65 4.90
C ASN A 386 -29.85 4.51 4.45
N ARG A 387 -30.11 4.96 3.22
CA ARG A 387 -31.47 5.01 2.69
C ARG A 387 -32.12 3.64 2.59
N SER A 388 -31.34 2.57 2.54
CA SER A 388 -31.83 1.29 2.03
C SER A 388 -33.01 0.74 2.81
N LEU A 389 -33.26 1.21 4.03
CA LEU A 389 -34.45 0.77 4.73
C LEU A 389 -35.71 1.33 4.10
N GLU A 390 -35.59 2.39 3.29
CA GLU A 390 -36.71 2.83 2.48
C GLU A 390 -37.24 1.70 1.62
N GLN A 391 -36.34 1.03 0.90
CA GLN A 391 -36.70 -0.07 0.01
C GLN A 391 -36.61 -1.41 0.72
N ARG A 392 -37.25 -1.46 1.89
CA ARG A 392 -37.60 -2.70 2.56
C ARG A 392 -39.10 -2.80 2.82
N ALA A 393 -39.82 -1.68 2.76
CA ALA A 393 -41.28 -1.57 2.75
C ALA A 393 -41.90 -1.77 4.12
N ASP A 394 -41.13 -2.15 5.14
CA ASP A 394 -41.52 -1.95 6.53
C ASP A 394 -40.90 -0.69 7.10
N LYS A 395 -39.67 -0.39 6.70
CA LYS A 395 -38.97 0.86 6.98
C LYS A 395 -38.69 1.07 8.46
N ARG A 396 -38.88 0.07 9.29
CA ARG A 396 -38.53 0.20 10.69
C ARG A 396 -37.03 0.00 10.87
N PRO A 397 -36.34 0.86 11.63
CA PRO A 397 -34.89 0.72 11.74
C PRO A 397 -34.44 -0.58 12.38
N VAL A 398 -33.25 -1.02 12.00
CA VAL A 398 -32.52 -2.08 12.69
C VAL A 398 -31.02 -1.75 12.63
N ASN A 399 -30.25 -2.51 13.39
CA ASN A 399 -28.82 -2.25 13.53
C ASN A 399 -28.05 -2.50 12.25
N SER A 400 -28.62 -3.26 11.33
CA SER A 400 -27.97 -3.46 10.05
C SER A 400 -28.06 -2.22 9.15
N ASP A 401 -28.96 -1.30 9.46
CA ASP A 401 -29.29 -0.23 8.52
C ASP A 401 -28.17 0.79 8.43
N LEU A 402 -27.74 1.31 9.57
CA LEU A 402 -26.63 2.26 9.58
C LEU A 402 -25.36 1.52 9.19
N ARG A 403 -24.72 1.97 8.11
CA ARG A 403 -23.60 1.26 7.51
C ARG A 403 -22.33 2.08 7.68
N GLU A 404 -21.57 1.72 8.70
CA GLU A 404 -20.28 2.30 9.03
C GLU A 404 -19.32 1.20 9.45
N SER A 405 -19.48 0.02 8.87
CA SER A 405 -18.74 -1.21 9.19
C SER A 405 -19.12 -1.81 10.53
N GLY A 406 -20.09 -1.24 11.24
CA GLY A 406 -20.55 -1.88 12.46
C GLY A 406 -19.60 -1.78 13.62
N SER A 407 -18.63 -0.86 13.58
CA SER A 407 -17.78 -0.63 14.74
C SER A 407 -18.60 -0.12 15.91
N ILE A 408 -19.43 0.89 15.67
CA ILE A 408 -20.27 1.46 16.72
C ILE A 408 -21.21 0.43 17.30
N GLU A 409 -21.66 -0.52 16.49
CA GLU A 409 -22.51 -1.59 16.98
C GLU A 409 -21.79 -2.50 17.98
N GLN A 410 -20.46 -2.39 18.07
CA GLN A 410 -19.66 -3.11 19.05
C GLN A 410 -19.31 -2.24 20.24
N ASP A 411 -18.74 -1.06 19.99
CA ASP A 411 -18.25 -0.20 21.06
C ASP A 411 -19.39 0.23 21.98
N ALA A 412 -20.54 0.51 21.40
CA ALA A 412 -21.59 1.21 22.11
C ALA A 412 -22.18 0.37 23.21
N ASP A 413 -22.33 0.97 24.38
CA ASP A 413 -23.09 0.36 25.45
C ASP A 413 -24.57 0.58 25.30
N LEU A 414 -25.00 1.33 24.30
CA LEU A 414 -26.42 1.59 24.10
C LEU A 414 -26.64 2.23 22.76
N ILE A 415 -27.71 1.81 22.10
CA ILE A 415 -28.14 2.38 20.84
C ILE A 415 -29.66 2.48 20.93
N MET A 416 -30.21 3.50 20.30
CA MET A 416 -31.65 3.54 20.14
C MET A 416 -32.01 4.39 18.94
N PHE A 417 -33.17 4.10 18.38
CA PHE A 417 -33.60 4.60 17.10
C PHE A 417 -34.96 5.25 17.24
N ILE A 418 -35.34 6.00 16.22
CA ILE A 418 -36.57 6.77 16.21
C ILE A 418 -37.34 6.45 14.93
N TYR A 419 -38.67 6.40 15.03
CA TYR A 419 -39.54 6.19 13.88
C TYR A 419 -40.78 7.04 14.09
N ARG A 420 -40.76 8.25 13.57
CA ARG A 420 -41.96 9.09 13.57
C ARG A 420 -42.86 8.64 12.42
N ASP A 421 -44.07 8.20 12.76
CA ASP A 421 -44.93 7.54 11.79
C ASP A 421 -45.31 8.45 10.64
N GLU A 422 -45.41 9.75 10.88
CA GLU A 422 -46.15 10.61 9.96
C GLU A 422 -45.38 11.02 8.72
N VAL A 423 -44.06 10.86 8.69
CA VAL A 423 -43.30 11.34 7.53
C VAL A 423 -43.63 10.48 6.32
N TYR A 424 -43.59 9.16 6.47
CA TYR A 424 -43.90 8.27 5.35
C TYR A 424 -45.39 8.20 5.11
N HIS A 425 -46.13 7.66 6.08
CA HIS A 425 -47.58 7.57 6.01
C HIS A 425 -48.21 8.85 6.53
N GLU A 426 -49.34 9.24 5.94
CA GLU A 426 -50.16 10.35 6.40
C GLU A 426 -51.60 9.95 6.66
N ASN A 427 -52.14 9.06 5.82
CA ASN A 427 -53.50 8.57 6.00
C ASN A 427 -53.69 7.96 7.38
N SER A 428 -52.64 7.34 7.93
CA SER A 428 -52.76 6.64 9.20
C SER A 428 -53.13 7.62 10.31
N ASP A 429 -53.71 7.06 11.37
CA ASP A 429 -54.24 7.86 12.48
C ASP A 429 -53.20 8.20 13.53
N LEU A 430 -52.05 7.51 13.54
CA LEU A 430 -51.01 7.76 14.53
C LEU A 430 -50.02 8.83 14.07
N LYS A 431 -50.48 9.76 13.25
CA LYS A 431 -49.72 10.97 13.00
C LYS A 431 -49.42 11.68 14.32
N GLY A 432 -48.22 12.24 14.43
CA GLY A 432 -47.83 12.97 15.61
C GLY A 432 -47.32 12.13 16.76
N ILE A 433 -47.21 10.83 16.58
CA ILE A 433 -46.65 9.92 17.58
C ILE A 433 -45.33 9.38 17.02
N ALA A 434 -44.39 9.11 17.92
CA ALA A 434 -43.08 8.62 17.53
C ALA A 434 -42.62 7.58 18.54
N GLU A 435 -42.18 6.44 18.04
CA GLU A 435 -41.76 5.33 18.86
C GLU A 435 -40.24 5.27 18.89
N ILE A 436 -39.70 4.99 20.06
CA ILE A 436 -38.28 4.71 20.20
C ILE A 436 -38.08 3.21 20.11
N ILE A 437 -37.03 2.83 19.39
CA ILE A 437 -36.54 1.45 19.37
C ILE A 437 -35.20 1.47 20.07
N ILE A 438 -35.00 0.54 20.98
CA ILE A 438 -33.71 0.33 21.62
C ILE A 438 -33.06 -0.85 20.91
N GLY A 439 -32.04 -0.56 20.12
CA GLY A 439 -31.43 -1.59 19.30
C GLY A 439 -30.60 -2.55 20.11
N LYS A 440 -29.85 -2.05 21.08
CA LYS A 440 -29.02 -2.91 21.92
C LYS A 440 -28.67 -2.17 23.19
N GLN A 441 -28.54 -2.92 24.27
CA GLN A 441 -28.14 -2.41 25.55
C GLN A 441 -27.24 -3.43 26.22
N ARG A 442 -26.19 -2.94 26.87
CA ARG A 442 -25.23 -3.84 27.50
C ARG A 442 -25.75 -4.36 28.82
N ASN A 443 -26.16 -3.45 29.70
CA ASN A 443 -26.55 -3.79 31.06
C ASN A 443 -28.06 -3.83 31.24
N GLY A 444 -28.79 -4.34 30.25
CA GLY A 444 -30.21 -4.51 30.38
C GLY A 444 -30.87 -5.18 29.21
N PRO A 445 -32.20 -5.16 29.20
CA PRO A 445 -32.97 -5.73 28.09
C PRO A 445 -33.22 -4.70 26.98
N ILE A 446 -33.81 -5.20 25.89
CA ILE A 446 -34.20 -4.34 24.78
C ILE A 446 -35.71 -4.31 24.71
N GLY A 447 -36.25 -3.54 23.76
CA GLY A 447 -37.68 -3.40 23.62
C GLY A 447 -38.06 -2.18 22.83
N THR A 448 -39.05 -1.44 23.32
CA THR A 448 -39.49 -0.22 22.66
C THR A 448 -40.28 0.60 23.66
N VAL A 449 -40.56 1.84 23.28
CA VAL A 449 -41.48 2.71 24.01
C VAL A 449 -42.18 3.59 22.99
N ARG A 450 -43.19 4.32 23.46
CA ARG A 450 -43.97 5.22 22.63
C ARG A 450 -43.93 6.62 23.23
N LEU A 451 -43.57 7.59 22.40
CA LEU A 451 -43.55 8.99 22.80
C LEU A 451 -44.32 9.80 21.78
N THR A 452 -44.64 11.02 22.17
CA THR A 452 -45.49 11.90 21.40
C THR A 452 -44.72 13.16 21.02
N PHE A 453 -45.34 13.95 20.16
CA PHE A 453 -44.61 14.92 19.36
C PHE A 453 -45.51 16.11 19.09
N ASN A 454 -45.22 17.22 19.76
CA ASN A 454 -45.83 18.52 19.47
C ASN A 454 -44.68 19.44 19.08
N GLY A 455 -44.25 19.32 17.84
CA GLY A 455 -42.89 19.68 17.49
C GLY A 455 -42.74 20.91 16.63
N GLN A 456 -43.75 21.78 16.62
CA GLN A 456 -43.53 23.11 16.08
C GLN A 456 -42.69 23.95 17.04
N TRP A 457 -42.58 23.52 18.30
CA TRP A 457 -41.60 24.07 19.24
C TRP A 457 -40.58 23.04 19.71
N SER A 458 -40.51 21.87 19.08
CA SER A 458 -39.39 20.95 19.23
C SER A 458 -39.25 20.42 20.65
N ARG A 459 -40.26 19.69 21.11
CA ARG A 459 -40.15 18.95 22.35
C ARG A 459 -40.96 17.67 22.28
N PHE A 460 -40.40 16.61 22.87
CA PHE A 460 -41.10 15.36 23.14
C PHE A 460 -41.60 15.37 24.58
N ASP A 461 -42.68 14.63 24.83
CA ASP A 461 -43.16 14.42 26.18
C ASP A 461 -43.67 12.99 26.30
N ASN A 462 -44.05 12.61 27.51
CA ASN A 462 -44.52 11.27 27.79
C ASN A 462 -45.78 10.95 27.00
N TYR A 463 -46.18 9.68 27.07
CA TYR A 463 -47.36 9.17 26.36
C TYR A 463 -48.06 8.22 27.33
N ALA A 464 -48.97 8.76 28.13
CA ALA A 464 -49.71 7.97 29.10
C ALA A 464 -51.00 7.42 28.47
N GLY A 465 -50.81 6.71 27.37
CA GLY A 465 -51.89 6.02 26.70
C GLY A 465 -51.96 4.58 27.14
N PRO A 466 -52.87 3.82 26.53
CA PRO A 466 -52.86 2.37 26.74
C PRO A 466 -51.57 1.75 26.22
N GLN A 467 -51.42 0.45 26.49
CA GLN A 467 -50.15 -0.21 26.31
C GLN A 467 -49.76 -0.27 24.83
N TYR A 468 -48.58 -0.85 24.58
CA TYR A 468 -48.07 -1.06 23.24
C TYR A 468 -48.10 -2.54 22.88
N LEU B 24 41.93 -10.45 39.45
CA LEU B 24 40.97 -9.89 40.39
C LEU B 24 39.56 -10.26 39.97
N LYS B 25 39.24 -10.00 38.71
CA LYS B 25 37.96 -10.33 38.13
C LYS B 25 38.11 -11.47 37.13
N VAL B 26 37.10 -12.32 37.09
CA VAL B 26 37.16 -13.53 36.29
C VAL B 26 35.75 -14.12 36.26
N PRO B 27 35.31 -14.75 35.17
CA PRO B 27 34.09 -15.53 35.25
C PRO B 27 34.28 -16.69 36.20
N PRO B 28 33.62 -16.68 37.36
CA PRO B 28 34.09 -17.49 38.48
C PRO B 28 33.85 -18.98 38.23
N HIS B 29 34.95 -19.72 38.14
CA HIS B 29 34.95 -21.16 37.98
C HIS B 29 35.78 -21.78 39.08
N SER B 30 35.31 -22.90 39.61
CA SER B 30 36.13 -23.81 40.39
C SER B 30 36.41 -25.04 39.55
N ILE B 31 37.63 -25.55 39.68
CA ILE B 31 38.18 -26.47 38.68
C ILE B 31 38.79 -27.72 39.30
N GLU B 32 39.15 -27.71 40.57
CA GLU B 32 39.53 -28.93 41.29
C GLU B 32 38.36 -29.55 42.01
N ALA B 33 37.36 -28.74 42.39
CA ALA B 33 36.08 -29.27 42.83
C ALA B 33 35.49 -30.19 41.76
N GLU B 34 35.56 -29.76 40.51
CA GLU B 34 35.03 -30.54 39.40
C GLU B 34 35.72 -31.88 39.27
N GLN B 35 37.05 -31.87 39.18
CA GLN B 35 37.82 -33.11 39.13
C GLN B 35 37.54 -33.98 40.34
N SER B 36 37.38 -33.36 41.51
CA SER B 36 37.08 -34.12 42.71
C SER B 36 35.75 -34.84 42.57
N VAL B 37 34.75 -34.17 42.01
CA VAL B 37 33.44 -34.79 41.83
C VAL B 37 33.56 -35.95 40.86
N LEU B 38 34.27 -35.75 39.76
CA LEU B 38 34.42 -36.84 38.79
C LEU B 38 35.10 -38.03 39.44
N GLY B 39 36.13 -37.79 40.24
CA GLY B 39 36.88 -38.87 40.84
C GLY B 39 36.05 -39.64 41.84
N GLY B 40 35.46 -38.93 42.80
CA GLY B 40 34.57 -39.58 43.75
C GLY B 40 33.34 -40.20 43.13
N LEU B 41 33.01 -39.81 41.89
CA LEU B 41 31.89 -40.42 41.18
C LEU B 41 32.30 -41.70 40.49
N MET B 42 33.55 -41.80 40.04
CA MET B 42 34.02 -43.01 39.40
C MET B 42 33.97 -44.20 40.35
N LEU B 43 34.71 -44.10 41.45
CA LEU B 43 34.89 -45.26 42.34
C LEU B 43 33.58 -45.72 42.96
N ASP B 44 32.61 -44.82 43.16
CA ASP B 44 31.33 -45.14 43.78
C ASP B 44 30.24 -44.84 42.74
N ASN B 45 29.95 -45.85 41.91
CA ASN B 45 28.92 -45.71 40.90
C ASN B 45 27.56 -45.41 41.51
N GLU B 46 27.29 -45.93 42.71
CA GLU B 46 26.01 -45.67 43.35
C GLU B 46 25.85 -44.21 43.71
N ARG B 47 26.96 -43.48 43.90
CA ARG B 47 26.92 -42.08 44.29
C ARG B 47 26.57 -41.24 43.08
N TRP B 48 25.34 -41.42 42.62
CA TRP B 48 24.90 -40.92 41.32
C TRP B 48 23.63 -40.09 41.39
N ASP B 49 22.67 -40.49 42.24
CA ASP B 49 21.49 -39.66 42.42
C ASP B 49 21.80 -38.45 43.28
N ASP B 50 22.61 -38.66 44.32
CA ASP B 50 23.06 -37.57 45.18
C ASP B 50 23.75 -36.48 44.39
N VAL B 51 24.39 -36.86 43.29
CA VAL B 51 25.00 -35.89 42.39
C VAL B 51 23.96 -35.35 41.42
N ALA B 52 23.30 -36.26 40.69
CA ALA B 52 22.45 -35.87 39.57
C ALA B 52 21.36 -34.91 39.99
N GLU B 53 20.87 -35.01 41.22
CA GLU B 53 19.86 -34.06 41.68
C GLU B 53 20.40 -32.64 41.78
N ARG B 54 21.71 -32.46 41.76
CA ARG B 54 22.32 -31.15 41.93
C ARG B 54 22.91 -30.55 40.66
N VAL B 55 23.34 -31.37 39.70
CA VAL B 55 24.15 -30.90 38.58
C VAL B 55 23.65 -31.47 37.26
N VAL B 56 23.85 -30.70 36.20
CA VAL B 56 23.55 -31.08 34.83
C VAL B 56 24.77 -30.68 34.00
N ALA B 57 24.86 -31.26 32.79
CA ALA B 57 26.04 -31.12 31.94
C ALA B 57 26.47 -29.67 31.76
N ASP B 58 25.56 -28.81 31.29
CA ASP B 58 25.91 -27.42 31.01
C ASP B 58 26.34 -26.65 32.25
N ASP B 59 26.15 -27.21 33.44
CA ASP B 59 26.57 -26.57 34.67
C ASP B 59 28.09 -26.42 34.75
N PHE B 60 28.82 -27.35 34.13
CA PHE B 60 30.28 -27.32 34.19
C PHE B 60 30.82 -26.28 33.20
N TYR B 61 32.15 -26.18 33.20
CA TYR B 61 32.87 -25.09 32.58
C TYR B 61 33.54 -25.51 31.27
N THR B 62 34.37 -26.54 31.29
CA THR B 62 35.07 -27.01 30.11
C THR B 62 34.21 -28.00 29.31
N ARG B 63 34.70 -28.35 28.12
CA ARG B 63 33.96 -29.20 27.19
C ARG B 63 34.14 -30.70 27.49
N PRO B 64 35.37 -31.20 27.67
CA PRO B 64 35.53 -32.64 27.90
C PRO B 64 34.80 -33.14 29.13
N HIS B 65 34.79 -32.36 30.20
CA HIS B 65 34.12 -32.79 31.41
C HIS B 65 32.63 -32.93 31.20
N ARG B 66 32.05 -32.06 30.36
CA ARG B 66 30.64 -32.22 29.99
C ARG B 66 30.42 -33.53 29.25
N HIS B 67 31.27 -33.81 28.26
CA HIS B 67 31.04 -35.01 27.47
C HIS B 67 31.23 -36.27 28.31
N ILE B 68 32.20 -36.23 29.23
CA ILE B 68 32.37 -37.31 30.20
C ILE B 68 31.09 -37.50 30.99
N PHE B 69 30.58 -36.42 31.56
CA PHE B 69 29.41 -36.50 32.44
C PHE B 69 28.22 -37.11 31.72
N THR B 70 27.97 -36.66 30.48
CA THR B 70 26.79 -37.14 29.78
C THR B 70 26.96 -38.59 29.29
N GLU B 71 28.17 -38.97 28.87
CA GLU B 71 28.37 -40.37 28.51
C GLU B 71 28.21 -41.27 29.72
N MET B 72 28.72 -40.85 30.87
CA MET B 72 28.55 -41.64 32.07
C MET B 72 27.08 -41.71 32.48
N ALA B 73 26.30 -40.67 32.18
CA ALA B 73 24.87 -40.76 32.38
C ALA B 73 24.24 -41.80 31.46
N ARG B 74 24.67 -41.79 30.20
CA ARG B 74 24.21 -42.81 29.26
C ARG B 74 24.52 -44.21 29.77
N LEU B 75 25.65 -44.36 30.47
CA LEU B 75 26.03 -45.67 30.99
C LEU B 75 25.22 -46.03 32.24
N GLN B 76 24.97 -45.05 33.10
CA GLN B 76 24.12 -45.29 34.26
C GLN B 76 22.66 -45.43 33.88
N GLU B 77 22.32 -45.32 32.59
CA GLU B 77 21.08 -45.91 32.12
C GLU B 77 20.92 -47.33 32.64
N SER B 78 21.83 -48.21 32.24
CA SER B 78 21.90 -49.59 32.70
C SER B 78 23.24 -49.93 33.33
N GLY B 79 24.34 -49.55 32.68
CA GLY B 79 25.65 -50.01 33.09
C GLY B 79 26.05 -49.39 34.41
N SER B 80 26.25 -50.23 35.42
CA SER B 80 26.77 -49.78 36.71
C SER B 80 28.27 -49.52 36.66
N PRO B 81 29.13 -50.47 36.23
CA PRO B 81 30.57 -50.27 36.44
C PRO B 81 31.13 -49.19 35.54
N ILE B 82 31.35 -48.00 36.11
CA ILE B 82 31.95 -46.90 35.36
C ILE B 82 32.99 -46.18 36.21
N ASP B 83 34.24 -46.63 36.17
CA ASP B 83 35.35 -45.86 36.72
C ASP B 83 36.43 -45.58 35.69
N LEU B 84 37.00 -46.62 35.07
CA LEU B 84 38.20 -46.48 34.25
C LEU B 84 38.05 -47.02 32.85
N ILE B 85 37.59 -48.27 32.73
CA ILE B 85 37.81 -49.09 31.56
C ILE B 85 36.55 -49.22 30.71
N THR B 86 35.41 -49.49 31.34
CA THR B 86 34.17 -49.59 30.57
C THR B 86 33.81 -48.24 29.96
N LEU B 87 34.04 -47.17 30.72
CA LEU B 87 33.87 -45.82 30.20
C LEU B 87 34.77 -45.59 29.00
N ALA B 88 36.04 -45.97 29.11
CA ALA B 88 36.99 -45.80 28.02
C ALA B 88 36.55 -46.56 26.79
N GLU B 89 36.01 -47.76 26.98
CA GLU B 89 35.59 -48.58 25.84
C GLU B 89 34.38 -47.97 25.14
N SER B 90 33.38 -47.55 25.92
CA SER B 90 32.24 -46.87 25.31
C SER B 90 32.68 -45.62 24.56
N LEU B 91 33.46 -44.78 25.23
CA LEU B 91 33.95 -43.55 24.64
C LEU B 91 34.78 -43.81 23.39
N GLU B 92 35.40 -44.99 23.31
CA GLU B 92 36.00 -45.43 22.05
C GLU B 92 34.94 -45.73 21.01
N ARG B 93 33.84 -46.40 21.43
CA ARG B 93 32.81 -46.76 20.46
C ARG B 93 32.17 -45.52 19.82
N GLN B 94 32.05 -44.43 20.59
CA GLN B 94 31.64 -43.17 19.96
C GLN B 94 32.80 -42.44 19.28
N GLY B 95 34.01 -43.01 19.29
CA GLY B 95 35.18 -42.40 18.68
C GLY B 95 35.47 -41.00 19.20
N GLN B 96 35.83 -40.90 20.47
CA GLN B 96 36.02 -39.61 21.12
C GLN B 96 37.26 -39.54 22.02
N LEU B 97 38.03 -40.62 22.16
CA LEU B 97 39.20 -40.58 23.00
C LEU B 97 40.20 -39.56 22.47
N ASP B 98 41.02 -39.04 23.38
CA ASP B 98 42.16 -38.17 23.10
C ASP B 98 41.75 -36.76 22.67
N SER B 99 40.46 -36.51 22.45
CA SER B 99 39.93 -35.15 22.47
C SER B 99 39.58 -34.69 23.87
N VAL B 100 39.84 -35.53 24.89
CA VAL B 100 39.59 -35.21 26.29
C VAL B 100 40.93 -35.19 27.00
N GLY B 101 41.99 -34.85 26.27
CA GLY B 101 43.34 -35.11 26.72
C GLY B 101 43.77 -36.47 26.22
N GLY B 102 43.61 -37.48 27.06
CA GLY B 102 43.85 -38.85 26.67
C GLY B 102 43.46 -39.77 27.80
N PHE B 103 43.63 -41.07 27.54
CA PHE B 103 43.40 -42.05 28.60
C PHE B 103 44.30 -41.81 29.80
N ALA B 104 45.49 -41.22 29.58
CA ALA B 104 46.38 -40.92 30.69
C ALA B 104 45.82 -39.79 31.55
N TYR B 105 45.37 -38.71 30.89
CA TYR B 105 44.70 -37.64 31.61
C TYR B 105 43.45 -38.16 32.31
N LEU B 106 42.81 -39.17 31.74
CA LEU B 106 41.64 -39.76 32.38
C LEU B 106 42.05 -40.48 33.66
N ALA B 107 42.99 -41.42 33.55
CA ALA B 107 43.43 -42.18 34.72
C ALA B 107 44.05 -41.30 35.78
N GLU B 108 44.48 -40.08 35.43
CA GLU B 108 44.93 -39.13 36.43
C GLU B 108 43.84 -38.88 37.48
N LEU B 109 42.57 -38.93 37.08
CA LEU B 109 41.48 -38.61 38.00
C LEU B 109 41.24 -39.73 38.99
N SER B 110 41.11 -40.96 38.49
CA SER B 110 40.97 -42.10 39.38
C SER B 110 42.21 -42.28 40.24
N LYS B 111 43.38 -41.91 39.71
CA LYS B 111 44.61 -41.92 40.51
C LYS B 111 44.46 -40.97 41.68
N ASN B 112 44.30 -39.69 41.38
CA ASN B 112 44.09 -38.69 42.41
C ASN B 112 42.71 -38.86 43.03
N THR B 113 42.38 -37.94 43.95
CA THR B 113 41.09 -37.79 44.63
C THR B 113 40.39 -39.08 45.01
N PRO B 114 40.91 -39.82 46.00
CA PRO B 114 40.13 -40.90 46.62
C PRO B 114 39.16 -40.43 47.70
N SER B 115 38.80 -39.14 47.66
CA SER B 115 38.18 -38.43 48.78
C SER B 115 36.90 -39.09 49.26
N ALA B 116 36.43 -38.59 50.40
CA ALA B 116 35.24 -39.08 51.08
C ALA B 116 33.99 -38.45 50.49
N ALA B 117 32.86 -38.54 51.20
CA ALA B 117 31.56 -38.13 50.68
C ALA B 117 31.26 -36.64 50.89
N ASN B 118 32.28 -35.79 50.92
CA ASN B 118 32.08 -34.34 50.90
C ASN B 118 31.79 -33.87 49.47
N ILE B 119 30.72 -34.44 48.92
CA ILE B 119 30.45 -34.39 47.50
C ILE B 119 29.23 -33.55 47.19
N SER B 120 28.23 -33.55 48.06
CA SER B 120 27.02 -32.77 47.83
C SER B 120 27.33 -31.27 47.77
N ALA B 121 28.10 -30.78 48.74
CA ALA B 121 28.39 -29.35 48.78
C ALA B 121 29.31 -28.92 47.65
N TYR B 122 30.17 -29.82 47.18
CA TYR B 122 30.94 -29.54 45.97
C TYR B 122 30.02 -29.21 44.81
N ALA B 123 29.15 -30.15 44.47
CA ALA B 123 28.16 -29.94 43.43
C ALA B 123 27.34 -28.68 43.69
N ASP B 124 27.03 -28.40 44.95
CA ASP B 124 26.27 -27.21 45.29
C ASP B 124 27.02 -25.94 44.88
N ILE B 125 28.27 -25.84 45.28
CA ILE B 125 29.02 -24.61 44.97
C ILE B 125 29.24 -24.51 43.47
N VAL B 126 29.36 -25.64 42.78
CA VAL B 126 29.52 -25.61 41.33
C VAL B 126 28.26 -25.07 40.67
N ARG B 127 27.10 -25.56 41.11
CA ARG B 127 25.84 -25.05 40.60
C ARG B 127 25.73 -23.55 40.87
N GLU B 128 26.16 -23.12 42.05
CA GLU B 128 26.13 -21.71 42.39
C GLU B 128 26.95 -20.89 41.40
N ARG B 129 28.20 -21.32 41.17
CA ARG B 129 29.07 -20.61 40.24
C ARG B 129 28.44 -20.55 38.85
N ALA B 130 27.76 -21.62 38.45
CA ALA B 130 27.13 -21.63 37.14
C ALA B 130 26.01 -20.61 37.07
N VAL B 131 25.22 -20.52 38.13
CA VAL B 131 24.15 -19.52 38.17
C VAL B 131 24.73 -18.13 38.01
N VAL B 132 25.84 -17.87 38.71
CA VAL B 132 26.47 -16.55 38.63
C VAL B 132 26.90 -16.26 37.21
N ARG B 133 27.66 -17.19 36.61
CA ARG B 133 28.14 -17.02 35.25
C ARG B 133 27.00 -16.71 34.30
N GLU B 134 25.87 -17.39 34.47
CA GLU B 134 24.70 -17.14 33.64
C GLU B 134 24.19 -15.73 33.86
N MET B 135 24.22 -15.27 35.11
CA MET B 135 23.76 -13.93 35.43
C MET B 135 24.58 -12.87 34.70
N ILE B 136 25.90 -13.02 34.71
CA ILE B 136 26.75 -12.05 34.02
C ILE B 136 26.51 -12.10 32.52
N SER B 137 26.34 -13.30 31.97
CA SER B 137 26.05 -13.43 30.55
C SER B 137 24.80 -12.64 30.17
N VAL B 138 23.76 -12.76 30.98
CA VAL B 138 22.53 -12.04 30.71
C VAL B 138 22.77 -10.53 30.77
N ALA B 139 23.49 -10.09 31.80
CA ALA B 139 23.76 -8.66 31.94
C ALA B 139 24.46 -8.10 30.71
N ASN B 140 25.41 -8.87 30.17
CA ASN B 140 26.13 -8.39 29.01
C ASN B 140 25.26 -8.35 27.78
N GLU B 141 24.36 -9.34 27.62
CA GLU B 141 23.42 -9.27 26.52
C GLU B 141 22.52 -8.04 26.63
N ILE B 142 22.16 -7.68 27.87
CA ILE B 142 21.34 -6.49 28.07
C ILE B 142 22.10 -5.25 27.61
N ALA B 143 23.37 -5.16 27.98
CA ALA B 143 24.15 -4.00 27.58
C ALA B 143 24.29 -3.92 26.06
N GLU B 144 24.52 -5.06 25.43
CA GLU B 144 24.54 -5.13 23.97
C GLU B 144 23.27 -4.53 23.38
N ALA B 145 22.12 -5.07 23.76
CA ALA B 145 20.86 -4.59 23.21
C ALA B 145 20.51 -3.19 23.68
N GLY B 146 21.24 -2.64 24.66
CA GLY B 146 21.06 -1.26 25.02
C GLY B 146 21.83 -0.32 24.13
N PHE B 147 23.01 -0.76 23.67
CA PHE B 147 23.81 0.07 22.78
C PHE B 147 23.40 -0.08 21.32
N ASP B 148 23.14 -1.30 20.87
CA ASP B 148 22.80 -1.57 19.47
C ASP B 148 21.35 -2.04 19.38
N PRO B 149 20.38 -1.16 19.64
CA PRO B 149 18.99 -1.61 19.73
C PRO B 149 18.42 -2.08 18.41
N GLN B 150 18.99 -1.67 17.29
CA GLN B 150 18.47 -2.01 15.97
C GLN B 150 17.02 -1.55 15.82
N GLY B 151 16.82 -0.24 16.01
CA GLY B 151 15.54 0.38 15.83
C GLY B 151 14.54 0.14 16.92
N ARG B 152 14.84 -0.72 17.88
CA ARG B 152 13.95 -0.93 19.01
C ARG B 152 13.91 0.27 19.92
N THR B 153 12.73 0.61 20.40
CA THR B 153 12.54 1.67 21.36
C THR B 153 12.88 1.15 22.76
N SER B 154 12.46 1.86 23.79
CA SER B 154 12.61 1.38 25.16
C SER B 154 11.48 0.44 25.55
N GLU B 155 10.27 0.70 25.04
CA GLU B 155 9.12 -0.14 25.37
C GLU B 155 9.35 -1.59 24.95
N ASP B 156 9.88 -1.78 23.74
CA ASP B 156 10.16 -3.11 23.21
C ASP B 156 11.52 -3.64 23.65
N LEU B 157 12.07 -3.10 24.71
CA LEU B 157 13.39 -3.39 25.24
C LEU B 157 13.34 -3.78 26.71
N LEU B 158 12.56 -3.06 27.51
CA LEU B 158 12.34 -3.51 28.89
C LEU B 158 11.62 -4.84 28.89
N ASP B 159 10.75 -5.05 27.90
CA ASP B 159 10.12 -6.36 27.72
C ASP B 159 11.18 -7.45 27.69
N LEU B 160 12.20 -7.26 26.86
CA LEU B 160 13.28 -8.23 26.74
C LEU B 160 14.00 -8.41 28.05
N ALA B 161 14.35 -7.30 28.69
CA ALA B 161 15.14 -7.36 29.92
C ALA B 161 14.39 -8.09 31.01
N GLU B 162 13.17 -7.64 31.29
CA GLU B 162 12.36 -8.23 32.33
C GLU B 162 12.10 -9.71 32.06
N SER B 163 11.83 -10.06 30.81
CA SER B 163 11.63 -11.47 30.47
C SER B 163 12.86 -12.28 30.80
N ARG B 164 14.02 -11.82 30.37
CA ARG B 164 15.23 -12.61 30.51
C ARG B 164 15.63 -12.76 31.98
N VAL B 165 15.37 -11.75 32.80
CA VAL B 165 15.72 -11.86 34.21
C VAL B 165 14.70 -12.73 34.94
N PHE B 166 13.42 -12.43 34.72
CA PHE B 166 12.34 -13.17 35.33
C PHE B 166 12.44 -14.67 35.06
N LYS B 167 12.93 -15.03 33.87
CA LYS B 167 13.05 -16.44 33.54
C LYS B 167 14.04 -17.15 34.44
N ILE B 168 15.02 -16.44 34.97
CA ILE B 168 15.93 -17.06 35.93
C ILE B 168 15.32 -17.00 37.31
N ALA B 169 14.77 -15.85 37.67
CA ALA B 169 14.35 -15.63 39.05
C ALA B 169 13.21 -16.57 39.43
N GLU B 170 12.15 -16.60 38.63
CA GLU B 170 11.05 -17.51 38.92
C GLU B 170 11.50 -18.96 38.77
N SER B 171 12.08 -19.29 37.62
CA SER B 171 12.38 -20.68 37.28
C SER B 171 13.32 -21.31 38.30
N ARG B 172 13.27 -22.64 38.37
CA ARG B 172 14.09 -23.44 39.26
C ARG B 172 15.14 -24.26 38.54
N ALA B 173 15.01 -24.43 37.22
CA ALA B 173 15.99 -25.16 36.43
C ALA B 173 17.11 -24.28 35.89
N ASN B 174 17.08 -22.97 36.16
CA ASN B 174 18.18 -21.99 35.97
C ASN B 174 19.01 -22.22 34.71
N LYS B 175 18.33 -22.42 33.58
CA LYS B 175 18.98 -22.53 32.28
C LYS B 175 18.20 -21.73 31.26
N ASP B 176 17.96 -20.45 31.60
CA ASP B 176 17.00 -19.56 30.94
C ASP B 176 16.96 -19.67 29.43
N GLU B 177 18.10 -19.80 28.78
CA GLU B 177 18.17 -19.74 27.33
C GLU B 177 19.10 -20.80 26.81
N GLY B 178 18.71 -21.36 25.67
CA GLY B 178 19.48 -22.36 24.98
C GLY B 178 18.54 -23.38 24.41
N PRO B 179 19.05 -24.30 23.63
CA PRO B 179 18.30 -25.51 23.35
C PRO B 179 18.32 -26.42 24.56
N LYS B 180 17.75 -27.60 24.44
CA LYS B 180 17.67 -28.54 25.55
C LYS B 180 17.83 -29.93 24.98
N ASN B 181 18.83 -30.65 25.47
CA ASN B 181 18.92 -32.05 25.12
C ASN B 181 17.71 -32.77 25.71
N ILE B 182 17.49 -33.98 25.23
CA ILE B 182 16.17 -34.58 25.33
C ILE B 182 15.87 -35.07 26.73
N ALA B 183 16.83 -35.74 27.38
CA ALA B 183 16.60 -36.25 28.72
C ALA B 183 16.13 -35.15 29.66
N ASP B 184 16.71 -33.97 29.52
CA ASP B 184 16.30 -32.80 30.28
C ASP B 184 14.88 -32.36 29.97
N VAL B 185 14.29 -32.83 28.87
CA VAL B 185 12.91 -32.55 28.52
C VAL B 185 11.98 -33.65 28.99
N LEU B 186 12.40 -34.90 28.80
CA LEU B 186 11.59 -36.04 29.19
C LEU B 186 11.38 -36.08 30.69
N ASP B 187 12.35 -35.60 31.46
CA ASP B 187 12.14 -35.54 32.91
C ASP B 187 10.89 -34.74 33.24
N ALA B 188 10.78 -33.54 32.70
CA ALA B 188 9.61 -32.70 32.96
C ALA B 188 8.34 -33.33 32.39
N THR B 189 8.45 -33.88 31.18
CA THR B 189 7.29 -34.50 30.54
C THR B 189 6.73 -35.62 31.40
N VAL B 190 7.58 -36.50 31.89
CA VAL B 190 7.10 -37.65 32.61
C VAL B 190 6.76 -37.29 34.04
N ALA B 191 7.32 -36.21 34.59
CA ALA B 191 6.79 -35.72 35.86
C ALA B 191 5.36 -35.23 35.69
N ARG B 192 5.08 -34.59 34.56
CA ARG B 192 3.71 -34.18 34.26
C ARG B 192 2.80 -35.39 34.17
N ILE B 193 3.23 -36.40 33.41
CA ILE B 193 2.43 -37.62 33.26
C ILE B 193 2.35 -38.41 34.57
N GLU B 194 3.24 -38.14 35.52
CA GLU B 194 3.21 -38.83 36.79
C GLU B 194 2.21 -38.21 37.74
N GLN B 195 2.29 -36.90 37.94
CA GLN B 195 1.59 -36.27 39.07
C GLN B 195 0.07 -36.43 38.96
N LEU B 196 -0.46 -36.46 37.74
CA LEU B 196 -1.91 -36.51 37.59
C LEU B 196 -2.50 -37.87 37.97
N PHE B 197 -1.80 -38.98 37.72
CA PHE B 197 -2.36 -40.29 38.03
C PHE B 197 -2.60 -40.46 39.53
N GLN B 198 -1.74 -39.88 40.35
CA GLN B 198 -1.92 -39.96 41.79
C GLN B 198 -3.25 -39.34 42.21
N GLN B 199 -3.46 -38.09 41.84
CA GLN B 199 -4.75 -37.45 42.01
C GLN B 199 -5.74 -38.11 41.03
N PRO B 200 -7.04 -37.80 41.13
CA PRO B 200 -7.98 -38.28 40.10
C PRO B 200 -7.88 -37.42 38.85
N HIS B 201 -7.76 -38.07 37.70
CA HIS B 201 -7.55 -37.33 36.47
C HIS B 201 -8.84 -36.66 35.99
N ASP B 202 -9.95 -37.40 36.00
CA ASP B 202 -11.27 -36.82 35.73
C ASP B 202 -11.35 -36.19 34.34
N GLY B 203 -10.52 -36.65 33.40
CA GLY B 203 -10.54 -36.13 32.05
C GLY B 203 -9.92 -34.76 31.88
N VAL B 204 -9.43 -34.14 32.95
CA VAL B 204 -9.01 -32.75 32.95
C VAL B 204 -7.51 -32.65 33.08
N THR B 205 -6.92 -31.69 32.37
CA THR B 205 -5.49 -31.40 32.44
C THR B 205 -5.33 -29.90 32.34
N GLY B 206 -5.06 -29.24 33.46
CA GLY B 206 -4.95 -27.80 33.50
C GLY B 206 -6.03 -27.17 34.34
N VAL B 207 -6.97 -26.51 33.68
CA VAL B 207 -8.03 -25.75 34.31
C VAL B 207 -9.37 -26.42 34.05
N ASN B 208 -10.25 -26.34 35.04
CA ASN B 208 -11.62 -26.79 34.90
C ASN B 208 -12.53 -25.58 34.73
N THR B 209 -13.37 -25.63 33.71
CA THR B 209 -14.39 -24.62 33.48
C THR B 209 -15.63 -24.83 34.33
N GLY B 210 -15.82 -26.03 34.87
CA GLY B 210 -17.04 -26.38 35.56
C GLY B 210 -18.15 -26.90 34.67
N TYR B 211 -17.93 -26.98 33.37
CA TYR B 211 -18.92 -27.44 32.41
C TYR B 211 -18.53 -28.84 31.94
N ASP B 212 -19.22 -29.84 32.47
CA ASP B 212 -18.79 -31.23 32.33
C ASP B 212 -18.80 -31.73 30.89
N ASP B 213 -19.41 -31.00 29.96
CA ASP B 213 -19.35 -31.38 28.55
C ASP B 213 -18.20 -30.70 27.83
N LEU B 214 -18.00 -29.40 28.09
CA LEU B 214 -16.91 -28.68 27.42
C LEU B 214 -15.56 -29.24 27.83
N ASN B 215 -15.44 -29.71 29.07
CA ASN B 215 -14.18 -30.30 29.53
C ASN B 215 -13.74 -31.46 28.67
N LYS B 216 -14.69 -32.18 28.07
CA LYS B 216 -14.36 -33.38 27.33
C LYS B 216 -13.93 -33.06 25.91
N LYS B 217 -14.52 -32.03 25.30
CA LYS B 217 -14.07 -31.57 24.00
C LYS B 217 -12.80 -30.73 24.09
N THR B 218 -12.30 -30.46 25.29
CA THR B 218 -11.19 -29.52 25.50
C THR B 218 -10.13 -30.03 26.47
N ALA B 219 -10.47 -30.90 27.42
CA ALA B 219 -9.55 -31.33 28.47
C ALA B 219 -9.06 -30.18 29.32
N GLY B 220 -9.80 -29.07 29.34
CA GLY B 220 -9.44 -27.91 30.12
C GLY B 220 -8.61 -26.92 29.30
N LEU B 221 -8.61 -25.69 29.79
CA LEU B 221 -7.82 -24.65 29.15
C LEU B 221 -6.35 -24.96 29.36
N GLN B 222 -5.73 -25.54 28.34
CA GLN B 222 -4.39 -26.07 28.51
C GLN B 222 -3.40 -24.93 28.78
N PRO B 223 -2.41 -25.14 29.62
CA PRO B 223 -1.69 -23.98 30.18
C PRO B 223 -0.56 -23.44 29.32
N SER B 224 -0.77 -23.34 28.01
CA SER B 224 0.13 -22.52 27.21
C SER B 224 -0.57 -21.86 26.03
N ASP B 225 -1.89 -21.83 25.98
CA ASP B 225 -2.62 -21.64 24.74
C ASP B 225 -3.34 -20.31 24.70
N LEU B 226 -3.38 -19.72 23.51
CA LEU B 226 -4.21 -18.55 23.26
C LEU B 226 -5.59 -19.03 22.85
N ILE B 227 -6.53 -18.91 23.75
CA ILE B 227 -7.94 -19.05 23.43
C ILE B 227 -8.42 -17.75 22.83
N ILE B 228 -9.39 -17.87 21.93
CA ILE B 228 -10.08 -16.72 21.37
C ILE B 228 -11.57 -17.01 21.44
N VAL B 229 -12.32 -16.04 21.91
CA VAL B 229 -13.77 -16.05 21.86
C VAL B 229 -14.19 -15.03 20.82
N ALA B 230 -15.30 -15.30 20.16
CA ALA B 230 -15.68 -14.53 18.99
C ALA B 230 -17.17 -14.59 18.79
N ALA B 231 -17.83 -13.44 18.80
CA ALA B 231 -19.24 -13.43 18.46
C ALA B 231 -19.74 -12.03 18.17
N ARG B 232 -20.78 -11.98 17.37
CA ARG B 232 -21.55 -10.77 17.17
C ARG B 232 -22.12 -10.31 18.51
N PRO B 233 -22.07 -8.99 18.84
CA PRO B 233 -22.08 -8.54 20.24
C PRO B 233 -23.08 -9.14 21.20
N SER B 234 -24.37 -9.03 20.94
CA SER B 234 -25.35 -9.36 21.96
C SER B 234 -25.43 -10.87 22.13
N MET B 235 -24.36 -11.44 22.68
CA MET B 235 -24.26 -12.87 22.95
C MET B 235 -23.65 -13.18 24.30
N GLY B 236 -23.25 -12.17 25.07
CA GLY B 236 -22.69 -12.41 26.38
C GLY B 236 -21.42 -13.21 26.34
N LYS B 237 -20.65 -13.10 25.26
CA LYS B 237 -19.31 -13.66 25.27
C LYS B 237 -18.49 -13.10 26.42
N THR B 238 -18.66 -11.82 26.70
CA THR B 238 -18.12 -11.23 27.91
C THR B 238 -18.59 -12.01 29.13
N THR B 239 -19.88 -12.34 29.17
CA THR B 239 -20.41 -13.10 30.30
C THR B 239 -19.75 -14.45 30.40
N PHE B 240 -19.58 -15.14 29.27
CA PHE B 240 -18.97 -16.46 29.29
C PHE B 240 -17.55 -16.40 29.83
N ALA B 241 -16.76 -15.44 29.36
CA ALA B 241 -15.38 -15.36 29.81
C ALA B 241 -15.31 -15.03 31.29
N MET B 242 -16.19 -14.15 31.76
CA MET B 242 -16.24 -13.86 33.18
C MET B 242 -16.59 -15.12 33.97
N ASN B 243 -17.51 -15.93 33.46
CA ASN B 243 -17.86 -17.16 34.13
C ASN B 243 -16.68 -18.10 34.23
N LEU B 244 -15.91 -18.21 33.14
CA LEU B 244 -14.71 -19.02 33.14
C LEU B 244 -13.76 -18.60 34.24
N VAL B 245 -13.37 -17.32 34.23
CA VAL B 245 -12.34 -16.89 35.16
C VAL B 245 -12.87 -16.97 36.58
N GLU B 246 -14.16 -16.80 36.75
CA GLU B 246 -14.77 -16.93 38.06
C GLU B 246 -14.62 -18.35 38.60
N ASN B 247 -15.11 -19.33 37.83
CA ASN B 247 -15.04 -20.72 38.28
C ASN B 247 -13.59 -21.16 38.46
N ALA B 248 -12.70 -20.66 37.62
CA ALA B 248 -11.28 -20.95 37.74
C ALA B 248 -10.62 -20.11 38.82
N ALA B 249 -11.32 -19.15 39.40
CA ALA B 249 -10.82 -18.46 40.57
C ALA B 249 -11.12 -19.23 41.84
N MET B 250 -12.27 -19.89 41.85
CA MET B 250 -12.65 -20.63 43.06
C MET B 250 -12.13 -22.06 43.09
N LEU B 251 -12.19 -22.80 41.98
CA LEU B 251 -11.69 -24.17 42.02
C LEU B 251 -10.18 -24.18 42.23
N GLN B 252 -9.45 -23.63 41.28
CA GLN B 252 -8.03 -23.37 41.42
C GLN B 252 -7.80 -22.42 42.59
N ASP B 253 -6.55 -22.40 43.07
CA ASP B 253 -6.13 -21.52 44.16
C ASP B 253 -4.92 -20.69 43.74
N LYS B 254 -5.00 -20.08 42.57
CA LYS B 254 -3.98 -19.15 42.10
C LYS B 254 -4.67 -17.93 41.50
N PRO B 255 -3.94 -16.87 41.20
CA PRO B 255 -4.58 -15.64 40.75
C PRO B 255 -5.24 -15.77 39.39
N VAL B 256 -5.96 -14.70 39.05
CA VAL B 256 -6.50 -14.48 37.72
C VAL B 256 -6.44 -12.98 37.44
N LEU B 257 -6.64 -12.63 36.18
CA LEU B 257 -6.63 -11.24 35.76
C LEU B 257 -7.78 -10.98 34.79
N ILE B 258 -8.28 -9.76 34.84
CA ILE B 258 -9.45 -9.35 34.08
C ILE B 258 -9.20 -7.93 33.62
N PHE B 259 -8.96 -7.76 32.32
CA PHE B 259 -8.71 -6.45 31.72
C PHE B 259 -9.95 -6.00 30.97
N SER B 260 -10.64 -5.03 31.54
CA SER B 260 -11.86 -4.50 30.96
C SER B 260 -11.54 -3.18 30.28
N LEU B 261 -11.01 -3.28 29.06
CA LEU B 261 -10.96 -2.16 28.15
C LEU B 261 -12.33 -1.78 27.62
N GLU B 262 -13.34 -2.60 27.89
CA GLU B 262 -14.68 -2.41 27.40
C GLU B 262 -15.52 -1.56 28.32
N MET B 263 -15.24 -1.61 29.63
CA MET B 263 -16.08 -0.95 30.60
C MET B 263 -15.38 -1.00 31.96
N PRO B 264 -15.73 -0.12 32.87
CA PRO B 264 -15.04 -0.10 34.16
C PRO B 264 -15.38 -1.28 35.02
N SER B 265 -14.78 -1.32 36.20
CA SER B 265 -14.90 -2.48 37.08
C SER B 265 -16.12 -2.43 37.98
N GLU B 266 -16.76 -1.27 38.15
CA GLU B 266 -17.93 -1.23 39.00
C GLU B 266 -19.10 -1.99 38.37
N GLN B 267 -19.11 -2.13 37.05
CA GLN B 267 -20.08 -3.00 36.39
C GLN B 267 -19.64 -4.45 36.45
N ILE B 268 -18.34 -4.67 36.29
CA ILE B 268 -17.78 -6.03 36.30
C ILE B 268 -18.09 -6.70 37.62
N MET B 269 -17.91 -5.96 38.71
CA MET B 269 -18.11 -6.53 40.03
C MET B 269 -19.56 -6.92 40.24
N MET B 270 -20.48 -5.99 39.95
CA MET B 270 -21.90 -6.29 40.07
C MET B 270 -22.26 -7.52 39.26
N ARG B 271 -21.71 -7.62 38.05
CA ARG B 271 -22.08 -8.72 37.18
C ARG B 271 -21.61 -10.05 37.74
N SER B 272 -20.34 -10.13 38.14
CA SER B 272 -19.81 -11.39 38.62
C SER B 272 -20.48 -11.79 39.93
N LEU B 273 -20.67 -10.82 40.81
CA LEU B 273 -21.33 -11.07 42.08
C LEU B 273 -22.76 -11.53 41.86
N ALA B 274 -23.42 -10.97 40.85
CA ALA B 274 -24.76 -11.41 40.47
C ALA B 274 -24.74 -12.85 39.98
N SER B 275 -23.81 -13.16 39.09
CA SER B 275 -23.65 -14.51 38.58
C SER B 275 -23.53 -15.51 39.70
N LEU B 276 -22.88 -15.10 40.78
CA LEU B 276 -22.74 -16.00 41.91
C LEU B 276 -24.04 -16.09 42.70
N SER B 277 -24.53 -14.96 43.19
CA SER B 277 -25.68 -15.01 44.08
C SER B 277 -26.97 -15.38 43.37
N ARG B 278 -26.97 -15.43 42.05
CA ARG B 278 -28.18 -15.73 41.28
C ARG B 278 -29.31 -14.79 41.64
N VAL B 279 -28.99 -13.51 41.66
CA VAL B 279 -29.95 -12.44 41.84
C VAL B 279 -29.76 -11.46 40.70
N ASP B 280 -30.86 -10.99 40.13
CA ASP B 280 -30.75 -10.17 38.94
C ASP B 280 -30.16 -8.81 39.27
N GLN B 281 -29.44 -8.24 38.29
CA GLN B 281 -28.76 -6.96 38.50
C GLN B 281 -29.75 -5.87 38.84
N THR B 282 -30.88 -5.85 38.13
CA THR B 282 -31.85 -4.76 38.26
C THR B 282 -32.38 -4.64 39.68
N LYS B 283 -32.26 -5.71 40.47
CA LYS B 283 -32.60 -5.69 41.87
C LYS B 283 -31.46 -5.15 42.73
N ILE B 284 -30.21 -5.44 42.36
CA ILE B 284 -29.07 -5.02 43.16
C ILE B 284 -28.95 -3.50 43.09
N ARG B 285 -28.65 -3.01 41.89
CA ARG B 285 -28.43 -1.58 41.70
C ARG B 285 -29.63 -0.76 42.15
N THR B 286 -30.84 -1.34 42.03
CA THR B 286 -32.02 -0.72 42.62
C THR B 286 -31.86 -0.53 44.12
N GLY B 287 -31.07 -1.37 44.76
CA GLY B 287 -30.83 -1.25 46.18
C GLY B 287 -31.84 -1.91 47.09
N GLN B 288 -32.78 -2.67 46.53
CA GLN B 288 -33.79 -3.38 47.29
C GLN B 288 -33.71 -4.86 46.96
N LEU B 289 -33.75 -5.70 47.99
CA LEU B 289 -33.68 -7.15 47.81
C LEU B 289 -34.03 -7.81 49.12
N ASP B 290 -34.17 -9.14 49.07
CA ASP B 290 -34.76 -9.91 50.16
C ASP B 290 -33.70 -10.64 50.97
N ASP B 291 -34.13 -11.14 52.13
CA ASP B 291 -33.28 -11.96 52.98
C ASP B 291 -32.75 -13.17 52.23
N GLU B 292 -33.59 -13.75 51.37
CA GLU B 292 -33.18 -14.86 50.52
C GLU B 292 -31.94 -14.51 49.72
N ASP B 293 -31.83 -13.26 49.29
CA ASP B 293 -30.71 -12.83 48.49
C ASP B 293 -29.52 -12.43 49.36
N TRP B 294 -29.76 -11.73 50.47
CA TRP B 294 -28.67 -11.37 51.38
C TRP B 294 -27.91 -12.61 51.82
N ALA B 295 -28.62 -13.69 52.10
CA ALA B 295 -27.98 -14.93 52.54
C ALA B 295 -27.09 -15.54 51.48
N ARG B 296 -27.19 -15.09 50.24
CA ARG B 296 -26.28 -15.52 49.18
C ARG B 296 -25.19 -14.49 48.93
N ILE B 297 -25.53 -13.21 49.04
CA ILE B 297 -24.55 -12.16 48.81
C ILE B 297 -23.45 -12.22 49.85
N SER B 298 -23.83 -12.19 51.13
CA SER B 298 -22.83 -12.20 52.19
C SER B 298 -21.93 -13.43 52.07
N GLY B 299 -22.52 -14.56 51.75
CA GLY B 299 -21.78 -15.78 51.60
C GLY B 299 -20.76 -15.68 50.50
N THR B 300 -21.20 -15.40 49.27
CA THR B 300 -20.26 -15.38 48.16
C THR B 300 -19.21 -14.30 48.36
N MET B 301 -19.59 -13.19 48.98
CA MET B 301 -18.63 -12.16 49.36
C MET B 301 -17.52 -12.75 50.21
N GLY B 302 -17.89 -13.43 51.29
CA GLY B 302 -16.88 -13.99 52.17
C GLY B 302 -16.05 -15.06 51.48
N ILE B 303 -16.69 -15.90 50.68
CA ILE B 303 -15.96 -17.00 50.03
C ILE B 303 -15.01 -16.44 49.00
N LEU B 304 -15.35 -15.29 48.43
CA LEU B 304 -14.46 -14.64 47.49
C LEU B 304 -13.34 -13.91 48.22
N LEU B 305 -13.62 -13.40 49.41
CA LEU B 305 -12.68 -12.52 50.08
C LEU B 305 -11.57 -13.25 50.80
N GLU B 306 -11.77 -14.51 51.17
CA GLU B 306 -10.76 -15.28 51.87
C GLU B 306 -9.79 -15.97 50.92
N LYS B 307 -9.71 -15.51 49.69
CA LYS B 307 -8.74 -16.00 48.71
C LYS B 307 -7.96 -14.88 48.06
N ARG B 308 -8.62 -13.76 47.77
CA ARG B 308 -7.98 -12.64 47.09
C ARG B 308 -7.33 -13.08 45.79
N ASN B 309 -8.01 -13.98 45.07
CA ASN B 309 -7.49 -14.48 43.82
C ASN B 309 -7.31 -13.37 42.80
N ILE B 310 -8.30 -12.53 42.68
CA ILE B 310 -8.52 -11.75 41.48
C ILE B 310 -7.67 -10.48 41.50
N TYR B 311 -7.37 -10.00 40.31
CA TYR B 311 -6.87 -8.66 40.08
C TYR B 311 -7.50 -8.13 38.81
N ILE B 312 -7.82 -6.84 38.79
CA ILE B 312 -8.60 -6.23 37.72
C ILE B 312 -7.89 -4.97 37.27
N ASP B 313 -8.13 -4.58 36.02
CA ASP B 313 -7.60 -3.34 35.46
C ASP B 313 -8.63 -2.72 34.55
N ASP B 314 -9.16 -1.57 34.94
CA ASP B 314 -10.14 -0.82 34.16
C ASP B 314 -9.47 0.33 33.41
N SER B 315 -8.56 -0.03 32.50
CA SER B 315 -7.83 0.98 31.77
C SER B 315 -8.64 1.50 30.59
N SER B 316 -8.04 2.44 29.86
CA SER B 316 -8.65 3.11 28.72
C SER B 316 -8.17 2.53 27.39
N GLY B 317 -6.86 2.46 27.22
CA GLY B 317 -6.26 1.92 26.03
C GLY B 317 -4.90 1.37 26.37
N LEU B 318 -4.65 0.12 25.99
CA LEU B 318 -3.46 -0.59 26.38
C LEU B 318 -2.67 -1.06 25.18
N THR B 319 -1.39 -1.10 25.35
CA THR B 319 -0.51 -1.85 24.49
C THR B 319 -0.36 -3.26 25.02
N PRO B 320 0.13 -4.19 24.21
CA PRO B 320 0.46 -5.50 24.76
C PRO B 320 1.60 -5.45 25.75
N THR B 321 2.50 -4.48 25.60
CA THR B 321 3.66 -4.45 26.48
C THR B 321 3.26 -4.09 27.89
N GLU B 322 2.30 -3.18 28.05
CA GLU B 322 1.77 -2.89 29.37
C GLU B 322 1.18 -4.14 29.99
N VAL B 323 0.40 -4.88 29.20
CA VAL B 323 -0.18 -6.14 29.66
C VAL B 323 0.91 -7.05 30.21
N ARG B 324 1.94 -7.26 29.41
CA ARG B 324 3.05 -8.10 29.84
C ARG B 324 3.66 -7.58 31.12
N SER B 325 3.92 -6.27 31.18
CA SER B 325 4.55 -5.67 32.35
C SER B 325 3.77 -5.99 33.61
N ARG B 326 2.51 -5.57 33.63
CA ARG B 326 1.65 -5.79 34.79
C ARG B 326 1.66 -7.25 35.18
N ALA B 327 1.58 -8.15 34.20
CA ALA B 327 1.54 -9.58 34.52
C ALA B 327 2.82 -10.03 35.20
N ARG B 328 3.97 -9.55 34.71
CA ARG B 328 5.23 -9.94 35.32
C ARG B 328 5.29 -9.48 36.76
N ARG B 329 4.82 -8.26 37.03
CA ARG B 329 4.91 -7.75 38.40
C ARG B 329 4.02 -8.55 39.32
N ILE B 330 2.82 -8.93 38.84
CA ILE B 330 1.93 -9.78 39.62
C ILE B 330 2.64 -11.08 39.99
N ALA B 331 3.09 -11.83 39.00
CA ALA B 331 3.71 -13.12 39.31
C ALA B 331 4.99 -12.97 40.13
N ARG B 332 5.66 -11.82 40.02
CA ARG B 332 6.81 -11.57 40.89
C ARG B 332 6.36 -11.46 42.34
N GLU B 333 5.17 -10.87 42.58
CA GLU B 333 4.69 -10.74 43.95
C GLU B 333 4.62 -12.09 44.64
N HIS B 334 3.98 -13.06 43.99
CA HIS B 334 3.68 -14.31 44.67
C HIS B 334 3.24 -15.41 43.70
N GLY B 335 3.88 -16.57 43.82
CA GLY B 335 3.46 -17.74 43.05
C GLY B 335 3.50 -17.46 41.56
N GLY B 336 2.41 -17.81 40.89
CA GLY B 336 2.28 -17.59 39.46
C GLY B 336 0.83 -17.64 39.04
N ILE B 337 0.48 -16.81 38.06
CA ILE B 337 -0.91 -16.68 37.65
C ILE B 337 -1.34 -17.95 36.96
N GLY B 338 -2.64 -18.07 36.71
CA GLY B 338 -3.21 -19.27 36.12
C GLY B 338 -4.25 -19.00 35.05
N LEU B 339 -4.62 -17.75 34.85
CA LEU B 339 -5.62 -17.43 33.84
C LEU B 339 -5.68 -15.93 33.65
N ILE B 340 -6.13 -15.54 32.46
CA ILE B 340 -6.17 -14.16 32.01
C ILE B 340 -7.43 -13.99 31.17
N MET B 341 -7.98 -12.77 31.16
CA MET B 341 -9.07 -12.42 30.26
C MET B 341 -8.84 -11.01 29.76
N ILE B 342 -8.70 -10.87 28.46
CA ILE B 342 -8.68 -9.58 27.79
C ILE B 342 -10.02 -9.40 27.13
N ASP B 343 -10.42 -8.14 26.96
CA ASP B 343 -11.79 -7.78 26.62
C ASP B 343 -11.79 -6.92 25.38
N TYR B 344 -12.50 -7.38 24.34
CA TYR B 344 -12.80 -6.58 23.15
C TYR B 344 -11.51 -6.05 22.52
N LEU B 345 -10.79 -7.03 21.97
CA LEU B 345 -9.37 -6.92 21.66
C LEU B 345 -9.06 -5.77 20.70
N GLN B 346 -10.00 -5.37 19.87
CA GLN B 346 -9.70 -4.36 18.86
C GLN B 346 -9.29 -3.02 19.45
N LEU B 347 -9.60 -2.76 20.72
CA LEU B 347 -9.13 -1.52 21.35
C LEU B 347 -7.63 -1.51 21.53
N MET B 348 -7.02 -2.67 21.67
CA MET B 348 -5.58 -2.73 21.88
C MET B 348 -4.88 -2.11 20.69
N ARG B 349 -3.95 -1.21 20.98
CA ARG B 349 -3.26 -0.46 19.94
C ARG B 349 -1.81 -0.29 20.33
N VAL B 350 -0.92 -0.87 19.55
CA VAL B 350 0.51 -0.55 19.66
C VAL B 350 0.67 0.76 18.88
N PRO B 351 1.11 1.86 19.51
CA PRO B 351 0.93 3.16 18.86
C PRO B 351 1.78 3.37 17.63
N ALA B 352 2.96 2.74 17.56
CA ALA B 352 3.89 3.05 16.49
C ALA B 352 3.31 2.73 15.12
N LEU B 353 2.49 1.69 15.03
CA LEU B 353 1.93 1.22 13.78
C LEU B 353 0.43 1.48 13.71
N SER B 354 -0.04 2.55 14.37
CA SER B 354 -1.46 2.88 14.34
C SER B 354 -1.94 3.26 12.95
N ASP B 355 -1.03 3.54 12.01
CA ASP B 355 -1.44 3.94 10.67
C ASP B 355 -2.01 2.77 9.89
N ASN B 356 -1.42 1.59 10.04
CA ASN B 356 -1.89 0.37 9.38
C ASN B 356 -2.36 -0.63 10.45
N ARG B 357 -3.42 -1.36 10.12
CA ARG B 357 -4.17 -2.11 11.11
C ARG B 357 -3.81 -3.59 11.17
N THR B 358 -3.54 -4.20 10.02
CA THR B 358 -3.25 -5.63 9.97
C THR B 358 -2.05 -5.97 10.83
N LEU B 359 -0.95 -5.25 10.63
CA LEU B 359 0.26 -5.55 11.37
C LEU B 359 0.09 -5.27 12.85
N GLU B 360 -0.75 -4.29 13.18
CA GLU B 360 -1.11 -4.04 14.57
C GLU B 360 -1.71 -5.28 15.21
N ILE B 361 -2.71 -5.87 14.54
CA ILE B 361 -3.34 -7.07 15.07
C ILE B 361 -2.32 -8.19 15.19
N ALA B 362 -1.48 -8.34 14.18
CA ALA B 362 -0.53 -9.45 14.17
C ALA B 362 0.45 -9.34 15.32
N GLU B 363 1.00 -8.15 15.53
CA GLU B 363 1.94 -7.95 16.63
C GLU B 363 1.28 -8.20 17.96
N ILE B 364 0.01 -7.78 18.09
CA ILE B 364 -0.71 -8.06 19.32
C ILE B 364 -0.71 -9.56 19.59
N SER B 365 -1.26 -10.33 18.65
CA SER B 365 -1.42 -11.76 18.85
C SER B 365 -0.10 -12.45 19.11
N ARG B 366 0.95 -12.05 18.38
CA ARG B 366 2.29 -12.56 18.63
C ARG B 366 2.71 -12.36 20.07
N SER B 367 2.54 -11.13 20.57
CA SER B 367 2.95 -10.82 21.94
C SER B 367 2.14 -11.64 22.94
N LEU B 368 0.84 -11.78 22.70
CA LEU B 368 -0.01 -12.58 23.57
C LEU B 368 0.50 -14.01 23.65
N LYS B 369 0.82 -14.58 22.51
CA LYS B 369 1.23 -15.97 22.46
C LYS B 369 2.52 -16.15 23.23
N ALA B 370 3.46 -15.23 23.06
CA ALA B 370 4.73 -15.36 23.74
C ALA B 370 4.57 -15.17 25.22
N LEU B 371 3.66 -14.30 25.63
CA LEU B 371 3.35 -14.11 27.04
C LEU B 371 2.89 -15.42 27.66
N ALA B 372 1.85 -16.00 27.07
CA ALA B 372 1.24 -17.19 27.63
C ALA B 372 2.25 -18.32 27.69
N LYS B 373 3.07 -18.46 26.65
CA LYS B 373 4.08 -19.50 26.65
C LYS B 373 5.18 -19.20 27.66
N GLU B 374 5.41 -17.92 27.97
CA GLU B 374 6.43 -17.57 28.92
C GLU B 374 6.02 -17.96 30.32
N LEU B 375 4.77 -17.70 30.68
CA LEU B 375 4.32 -17.90 32.05
C LEU B 375 3.69 -19.26 32.29
N ASN B 376 3.60 -20.10 31.26
CA ASN B 376 2.93 -21.40 31.38
C ASN B 376 1.50 -21.22 31.87
N VAL B 377 0.71 -20.52 31.06
CA VAL B 377 -0.68 -20.23 31.39
C VAL B 377 -1.59 -20.37 30.17
N PRO B 378 -2.89 -20.33 30.38
CA PRO B 378 -3.81 -20.01 29.28
C PRO B 378 -3.96 -18.50 29.15
N VAL B 379 -4.68 -18.12 28.11
CA VAL B 379 -5.07 -16.75 27.86
C VAL B 379 -6.47 -16.83 27.26
N VAL B 380 -7.24 -15.77 27.48
CA VAL B 380 -8.59 -15.67 26.95
C VAL B 380 -8.73 -14.29 26.37
N ALA B 381 -8.99 -14.22 25.07
CA ALA B 381 -9.01 -12.97 24.34
C ALA B 381 -10.24 -12.90 23.46
N LEU B 382 -11.16 -12.02 23.81
CA LEU B 382 -12.36 -11.82 23.03
C LEU B 382 -12.04 -11.15 21.70
N SER B 383 -13.00 -11.20 20.79
CA SER B 383 -12.85 -10.60 19.48
C SER B 383 -14.24 -10.27 18.92
N GLN B 384 -14.28 -9.91 17.65
CA GLN B 384 -15.52 -9.51 16.99
C GLN B 384 -15.51 -10.02 15.57
N LEU B 385 -16.65 -9.87 14.90
CA LEU B 385 -16.89 -10.49 13.60
C LEU B 385 -17.44 -9.48 12.60
N ASN B 386 -17.23 -9.80 11.32
CA ASN B 386 -17.66 -8.97 10.21
C ASN B 386 -19.07 -9.35 9.79
N ARG B 387 -19.83 -8.36 9.31
CA ARG B 387 -21.25 -8.52 9.06
C ARG B 387 -21.55 -9.00 7.66
N SER B 388 -20.59 -9.62 6.99
CA SER B 388 -20.89 -10.32 5.77
C SER B 388 -21.51 -11.69 6.00
N LEU B 389 -21.82 -12.03 7.26
CA LEU B 389 -22.47 -13.31 7.56
C LEU B 389 -23.98 -13.20 7.58
N GLU B 390 -24.53 -12.02 7.88
CA GLU B 390 -25.97 -11.90 8.06
C GLU B 390 -26.71 -12.19 6.77
N GLN B 391 -26.17 -11.75 5.64
CA GLN B 391 -26.86 -11.97 4.38
C GLN B 391 -26.81 -13.42 3.93
N ARG B 392 -26.06 -14.28 4.63
CA ARG B 392 -26.00 -15.68 4.23
C ARG B 392 -27.34 -16.38 4.44
N ALA B 393 -28.16 -15.89 5.36
CA ALA B 393 -29.49 -16.41 5.68
C ALA B 393 -29.45 -17.73 6.45
N ASP B 394 -28.27 -18.23 6.84
CA ASP B 394 -28.14 -19.33 7.78
C ASP B 394 -27.64 -18.89 9.15
N LYS B 395 -26.58 -18.09 9.19
CA LYS B 395 -26.14 -17.28 10.33
C LYS B 395 -25.43 -18.05 11.44
N ARG B 396 -24.98 -19.27 11.18
CA ARG B 396 -23.97 -19.89 12.03
C ARG B 396 -22.58 -19.37 11.62
N PRO B 397 -21.71 -19.01 12.56
CA PRO B 397 -20.36 -18.61 12.19
C PRO B 397 -19.44 -19.78 11.87
N VAL B 398 -18.39 -19.47 11.11
CA VAL B 398 -17.34 -20.42 10.76
C VAL B 398 -16.01 -19.68 10.65
N ASN B 399 -14.96 -20.42 10.28
CA ASN B 399 -13.60 -19.89 10.33
C ASN B 399 -13.42 -18.66 9.45
N SER B 400 -13.98 -18.68 8.23
CA SER B 400 -13.70 -17.65 7.24
C SER B 400 -14.59 -16.42 7.39
N ASP B 401 -15.19 -16.20 8.56
CA ASP B 401 -16.12 -15.10 8.76
C ASP B 401 -15.48 -13.88 9.38
N LEU B 402 -14.53 -14.08 10.29
CA LEU B 402 -13.83 -12.95 10.90
C LEU B 402 -12.79 -12.45 9.93
N ARG B 403 -12.86 -11.15 9.62
CA ARG B 403 -11.94 -10.52 8.69
C ARG B 403 -11.20 -9.41 9.43
N GLU B 404 -10.14 -9.82 10.10
CA GLU B 404 -9.11 -8.95 10.65
C GLU B 404 -7.77 -9.45 10.17
N SER B 405 -7.70 -9.70 8.86
CA SER B 405 -6.55 -10.27 8.17
C SER B 405 -6.37 -11.76 8.43
N GLY B 406 -7.17 -12.34 9.33
CA GLY B 406 -6.94 -13.72 9.69
C GLY B 406 -5.65 -13.92 10.44
N SER B 407 -5.10 -12.85 11.02
CA SER B 407 -3.82 -12.96 11.70
C SER B 407 -3.91 -13.75 12.99
N ILE B 408 -5.10 -13.95 13.54
CA ILE B 408 -5.28 -14.62 14.81
C ILE B 408 -5.68 -16.07 14.56
N GLU B 409 -6.34 -16.32 13.43
CA GLU B 409 -6.65 -17.69 13.03
C GLU B 409 -5.40 -18.53 12.94
N GLN B 410 -4.28 -17.94 12.57
CA GLN B 410 -3.04 -18.70 12.43
C GLN B 410 -2.29 -18.81 13.74
N ASP B 411 -2.45 -17.85 14.64
CA ASP B 411 -1.70 -17.82 15.87
C ASP B 411 -2.31 -18.67 16.97
N ALA B 412 -3.60 -18.94 16.90
CA ALA B 412 -4.33 -19.42 18.05
C ALA B 412 -4.14 -20.92 18.25
N ASP B 413 -4.78 -21.42 19.30
CA ASP B 413 -4.78 -22.82 19.67
C ASP B 413 -6.19 -23.34 19.88
N LEU B 414 -7.08 -22.46 20.29
CA LEU B 414 -8.46 -22.82 20.54
C LEU B 414 -9.35 -21.62 20.23
N ILE B 415 -10.49 -21.89 19.62
CA ILE B 415 -11.46 -20.88 19.27
C ILE B 415 -12.82 -21.40 19.71
N MET B 416 -13.71 -20.48 20.07
CA MET B 416 -15.09 -20.87 20.35
C MET B 416 -16.02 -19.74 19.92
N PHE B 417 -16.52 -19.86 18.70
CA PHE B 417 -17.61 -19.02 18.27
C PHE B 417 -18.84 -19.29 19.10
N ILE B 418 -19.79 -18.37 19.03
CA ILE B 418 -21.06 -18.49 19.73
C ILE B 418 -22.19 -18.19 18.77
N TYR B 419 -23.30 -18.94 18.93
CA TYR B 419 -24.55 -18.69 18.25
C TYR B 419 -25.65 -18.83 19.27
N ARG B 420 -26.75 -18.10 19.05
CA ARG B 420 -27.85 -18.10 20.00
C ARG B 420 -29.10 -17.68 19.24
N ASP B 421 -30.03 -18.62 19.08
CA ASP B 421 -31.08 -18.46 18.08
C ASP B 421 -32.11 -17.43 18.51
N GLU B 422 -32.28 -17.19 19.80
CA GLU B 422 -33.34 -16.32 20.26
C GLU B 422 -33.01 -14.83 20.14
N VAL B 423 -32.00 -14.49 19.35
CA VAL B 423 -31.73 -13.10 18.98
C VAL B 423 -32.31 -12.86 17.61
N TYR B 424 -31.78 -13.58 16.62
CA TYR B 424 -32.19 -13.46 15.24
C TYR B 424 -33.58 -14.00 14.96
N HIS B 425 -34.21 -14.63 15.95
CA HIS B 425 -35.62 -14.99 15.84
C HIS B 425 -36.24 -14.90 17.22
N GLU B 426 -37.52 -14.55 17.26
CA GLU B 426 -38.27 -14.54 18.50
C GLU B 426 -38.98 -15.86 18.75
N ASN B 427 -39.56 -16.43 17.70
CA ASN B 427 -40.40 -17.61 17.83
C ASN B 427 -39.62 -18.91 17.63
N SER B 428 -38.32 -18.84 17.36
CA SER B 428 -37.58 -20.06 17.08
C SER B 428 -37.50 -20.92 18.32
N ASP B 429 -37.65 -22.23 18.14
CA ASP B 429 -37.82 -23.15 19.26
C ASP B 429 -36.45 -23.64 19.75
N LEU B 430 -35.61 -22.68 20.09
CA LEU B 430 -34.39 -22.91 20.84
C LEU B 430 -34.21 -21.82 21.87
N LYS B 431 -35.32 -21.42 22.47
CA LYS B 431 -35.31 -20.37 23.47
C LYS B 431 -34.42 -20.76 24.64
N GLY B 432 -33.74 -19.76 25.21
CA GLY B 432 -32.90 -20.00 26.36
C GLY B 432 -31.75 -20.95 26.11
N ILE B 433 -31.27 -21.01 24.87
CA ILE B 433 -30.15 -21.86 24.51
C ILE B 433 -29.16 -21.06 23.69
N ALA B 434 -27.89 -21.24 23.99
CA ALA B 434 -26.80 -20.87 23.12
C ALA B 434 -26.02 -22.13 22.79
N GLU B 435 -25.01 -21.97 21.95
CA GLU B 435 -24.23 -23.09 21.50
C GLU B 435 -22.84 -22.61 21.16
N ILE B 436 -21.89 -23.52 21.27
CA ILE B 436 -20.47 -23.21 21.28
C ILE B 436 -19.88 -23.85 20.04
N ILE B 437 -19.87 -23.12 18.93
CA ILE B 437 -19.31 -23.66 17.70
C ILE B 437 -17.80 -23.51 17.79
N ILE B 438 -17.13 -24.62 17.97
CA ILE B 438 -15.68 -24.66 17.87
C ILE B 438 -15.30 -24.76 16.41
N GLY B 439 -14.23 -24.07 16.04
CA GLY B 439 -13.79 -23.97 14.67
C GLY B 439 -12.31 -24.24 14.48
N LYS B 440 -11.60 -24.52 15.57
CA LYS B 440 -10.18 -24.82 15.49
C LYS B 440 -9.74 -25.44 16.78
N GLN B 441 -8.91 -26.47 16.65
CA GLN B 441 -8.39 -27.19 17.80
C GLN B 441 -6.97 -27.61 17.44
N ARG B 442 -6.00 -27.10 18.18
CA ARG B 442 -4.61 -27.39 17.84
C ARG B 442 -4.20 -28.78 18.28
N ASN B 443 -4.69 -29.22 19.44
CA ASN B 443 -4.32 -30.51 20.02
C ASN B 443 -5.45 -31.52 20.04
N GLY B 444 -6.58 -31.21 19.41
CA GLY B 444 -7.72 -32.10 19.46
C GLY B 444 -8.63 -31.98 18.27
N PRO B 445 -9.82 -32.53 18.40
CA PRO B 445 -10.84 -32.38 17.37
C PRO B 445 -11.77 -31.22 17.62
N ILE B 446 -12.75 -31.07 16.74
CA ILE B 446 -13.74 -30.02 16.80
C ILE B 446 -15.04 -30.62 17.34
N GLY B 447 -16.01 -29.74 17.56
CA GLY B 447 -17.32 -30.22 17.95
C GLY B 447 -18.36 -29.14 17.94
N THR B 448 -19.31 -29.26 18.88
CA THR B 448 -20.38 -28.30 19.08
C THR B 448 -21.08 -28.71 20.36
N VAL B 449 -21.48 -27.70 21.13
CA VAL B 449 -21.99 -27.91 22.48
C VAL B 449 -23.22 -27.03 22.66
N ARG B 450 -24.08 -27.45 23.59
CA ARG B 450 -25.32 -26.77 23.88
C ARG B 450 -25.28 -26.24 25.31
N LEU B 451 -25.55 -24.95 25.47
CA LEU B 451 -25.63 -24.33 26.78
C LEU B 451 -26.75 -23.30 26.79
N THR B 452 -27.15 -22.94 28.00
CA THR B 452 -28.30 -22.09 28.23
C THR B 452 -27.86 -20.68 28.56
N PHE B 453 -28.85 -19.80 28.70
CA PHE B 453 -28.58 -18.40 28.99
C PHE B 453 -29.78 -17.77 29.67
N ASN B 454 -29.55 -17.18 30.84
CA ASN B 454 -30.57 -16.48 31.62
C ASN B 454 -30.01 -15.10 31.90
N GLY B 455 -30.18 -14.20 30.94
CA GLY B 455 -29.37 -13.02 30.86
C GLY B 455 -29.56 -12.00 31.96
N GLN B 456 -30.46 -12.23 32.91
CA GLN B 456 -30.70 -11.24 33.95
C GLN B 456 -29.83 -11.45 35.17
N TRP B 457 -29.29 -12.66 35.38
CA TRP B 457 -28.19 -12.86 36.31
C TRP B 457 -26.97 -13.51 35.66
N SER B 458 -26.91 -13.56 34.33
CA SER B 458 -25.67 -13.59 33.57
C SER B 458 -24.79 -14.79 33.92
N ARG B 459 -25.27 -15.97 33.58
CA ARG B 459 -24.45 -17.17 33.74
C ARG B 459 -24.98 -18.28 32.85
N PHE B 460 -24.14 -18.76 31.93
CA PHE B 460 -24.43 -19.99 31.22
C PHE B 460 -24.44 -21.17 32.19
N ASP B 461 -25.21 -22.20 31.85
CA ASP B 461 -25.25 -23.43 32.63
C ASP B 461 -25.23 -24.62 31.67
N ASN B 462 -24.91 -25.77 32.24
CA ASN B 462 -24.86 -27.00 31.47
C ASN B 462 -26.25 -27.40 30.98
N TYR B 463 -26.30 -27.95 29.77
CA TYR B 463 -27.54 -28.40 29.16
C TYR B 463 -27.66 -29.90 29.37
N ALA B 464 -28.39 -30.29 30.41
CA ALA B 464 -28.64 -31.71 30.70
C ALA B 464 -29.88 -32.10 29.93
N GLY B 465 -29.67 -32.61 28.72
CA GLY B 465 -30.78 -32.95 27.86
C GLY B 465 -30.34 -33.84 26.72
N PRO B 466 -31.12 -33.89 25.64
CA PRO B 466 -30.71 -34.66 24.46
C PRO B 466 -29.47 -34.11 23.79
N GLN B 467 -29.02 -34.79 22.75
CA GLN B 467 -27.87 -34.34 21.97
C GLN B 467 -28.34 -33.24 21.03
N TYR B 468 -27.46 -32.81 20.13
CA TYR B 468 -27.80 -31.82 19.11
C TYR B 468 -28.13 -32.49 17.79
N PRO C 19 54.99 19.03 21.86
CA PRO C 19 54.05 19.76 21.00
C PRO C 19 53.24 18.83 20.11
N GLN C 20 52.45 19.40 19.21
CA GLN C 20 51.47 18.67 18.42
C GLN C 20 51.90 18.43 16.98
N VAL C 21 52.76 19.29 16.43
CA VAL C 21 53.23 19.11 15.06
C VAL C 21 53.92 17.77 14.90
N ALA C 22 54.87 17.48 15.78
CA ALA C 22 55.53 16.19 15.78
C ALA C 22 54.57 15.06 16.14
N GLY C 23 53.38 15.36 16.64
CA GLY C 23 52.31 14.40 16.77
C GLY C 23 51.59 14.06 15.49
N LEU C 24 52.02 14.59 14.34
CA LEU C 24 51.43 14.28 13.05
C LEU C 24 52.17 13.20 12.29
N LYS C 25 53.48 13.13 12.45
CA LYS C 25 54.26 12.09 11.79
C LYS C 25 54.04 10.71 12.40
N VAL C 26 53.46 10.64 13.59
CA VAL C 26 53.21 9.35 14.23
C VAL C 26 52.25 8.54 13.36
N PRO C 27 52.42 7.23 13.22
CA PRO C 27 51.38 6.45 12.58
C PRO C 27 50.16 6.39 13.46
N PRO C 28 48.95 6.43 12.89
CA PRO C 28 47.76 6.46 13.75
C PRO C 28 47.56 5.15 14.47
N HIS C 29 47.05 5.25 15.68
CA HIS C 29 46.93 4.11 16.56
C HIS C 29 45.89 4.42 17.63
N SER C 30 45.36 3.36 18.22
CA SER C 30 44.59 3.46 19.44
C SER C 30 45.10 2.43 20.42
N ILE C 31 45.07 2.80 21.69
CA ILE C 31 45.65 1.98 22.75
C ILE C 31 44.60 1.73 23.83
N GLU C 32 43.70 2.69 24.02
CA GLU C 32 42.67 2.52 25.03
C GLU C 32 41.62 1.52 24.57
N ALA C 33 41.22 1.61 23.30
CA ALA C 33 40.36 0.59 22.74
C ALA C 33 41.03 -0.77 22.79
N GLU C 34 42.34 -0.79 22.59
CA GLU C 34 43.05 -2.05 22.56
C GLU C 34 43.11 -2.69 23.93
N GLN C 35 43.18 -1.88 24.98
CA GLN C 35 43.05 -2.42 26.33
C GLN C 35 41.62 -2.88 26.59
N SER C 36 40.65 -2.08 26.15
CA SER C 36 39.26 -2.33 26.54
C SER C 36 38.71 -3.59 25.89
N VAL C 37 39.07 -3.84 24.63
CA VAL C 37 38.65 -5.05 23.95
C VAL C 37 39.06 -6.27 24.75
N LEU C 38 40.36 -6.40 25.00
CA LEU C 38 40.87 -7.54 25.73
C LEU C 38 40.32 -7.57 27.14
N GLY C 39 40.03 -6.41 27.72
CA GLY C 39 39.41 -6.39 29.04
C GLY C 39 38.05 -7.03 29.03
N GLY C 40 37.32 -6.86 27.93
CA GLY C 40 36.00 -7.45 27.82
C GLY C 40 36.07 -8.93 27.48
N LEU C 41 36.98 -9.30 26.59
CA LEU C 41 37.06 -10.69 26.17
C LEU C 41 37.56 -11.57 27.30
N MET C 42 38.60 -11.10 28.01
CA MET C 42 39.08 -11.81 29.18
C MET C 42 38.00 -11.89 30.25
N LEU C 43 37.07 -10.95 30.23
CA LEU C 43 35.95 -10.91 31.14
C LEU C 43 34.72 -11.64 30.59
N ASP C 44 34.73 -12.04 29.32
CA ASP C 44 33.57 -12.69 28.73
C ASP C 44 33.92 -13.34 27.39
N ASN C 45 33.55 -14.60 27.22
CA ASN C 45 33.92 -15.38 26.06
C ASN C 45 32.83 -15.45 25.00
N GLU C 46 31.66 -14.90 25.27
CA GLU C 46 30.52 -15.06 24.38
C GLU C 46 30.67 -14.30 23.07
N ARG C 47 31.64 -13.39 22.96
CA ARG C 47 31.70 -12.46 21.86
C ARG C 47 32.77 -12.79 20.81
N TRP C 48 33.59 -13.80 21.06
CA TRP C 48 34.77 -14.05 20.23
C TRP C 48 34.42 -14.20 18.76
N ASP C 49 33.19 -14.65 18.47
CA ASP C 49 32.73 -14.74 17.08
C ASP C 49 32.80 -13.39 16.39
N ASP C 50 32.14 -12.38 16.98
CA ASP C 50 32.07 -11.07 16.35
C ASP C 50 33.45 -10.47 16.16
N VAL C 51 34.28 -10.53 17.20
CA VAL C 51 35.57 -9.88 17.15
C VAL C 51 36.48 -10.56 16.14
N ALA C 52 36.58 -11.88 16.21
CA ALA C 52 37.35 -12.61 15.21
C ALA C 52 36.79 -12.42 13.81
N GLU C 53 35.53 -12.00 13.68
CA GLU C 53 34.98 -11.61 12.40
C GLU C 53 35.21 -10.13 12.07
N ARG C 54 36.08 -9.45 12.82
CA ARG C 54 36.48 -8.08 12.51
C ARG C 54 37.96 -7.79 12.66
N VAL C 55 38.73 -8.63 13.32
CA VAL C 55 40.07 -8.30 13.76
C VAL C 55 40.96 -9.51 13.57
N VAL C 56 42.25 -9.25 13.38
CA VAL C 56 43.27 -10.27 13.21
C VAL C 56 44.47 -9.81 14.03
N ALA C 57 45.40 -10.75 14.26
CA ALA C 57 46.63 -10.51 15.00
C ALA C 57 47.33 -9.20 14.65
N ASP C 58 47.74 -9.06 13.39
CA ASP C 58 48.52 -7.89 12.99
C ASP C 58 47.75 -6.59 13.06
N ASP C 59 46.42 -6.64 13.18
CA ASP C 59 45.63 -5.42 13.27
C ASP C 59 45.95 -4.61 14.51
N PHE C 60 46.50 -5.24 15.54
CA PHE C 60 46.98 -4.51 16.69
C PHE C 60 48.29 -3.82 16.36
N TYR C 61 48.77 -3.03 17.30
CA TYR C 61 49.98 -2.24 17.09
C TYR C 61 51.23 -3.10 17.28
N THR C 62 51.42 -3.64 18.47
CA THR C 62 52.69 -4.22 18.89
C THR C 62 52.58 -5.74 19.02
N ARG C 63 53.65 -6.34 19.54
CA ARG C 63 53.82 -7.79 19.63
C ARG C 63 53.10 -8.43 20.83
N PRO C 64 53.12 -7.83 22.03
CA PRO C 64 52.46 -8.49 23.17
C PRO C 64 50.97 -8.71 22.97
N HIS C 65 50.25 -7.62 22.70
CA HIS C 65 48.81 -7.73 22.50
C HIS C 65 48.47 -8.64 21.33
N ARG C 66 49.32 -8.63 20.31
CA ARG C 66 49.18 -9.57 19.21
C ARG C 66 49.21 -11.00 19.70
N HIS C 67 50.25 -11.38 20.44
CA HIS C 67 50.36 -12.76 20.90
C HIS C 67 49.22 -13.12 21.83
N ILE C 68 48.77 -12.14 22.62
CA ILE C 68 47.64 -12.38 23.50
C ILE C 68 46.42 -12.75 22.69
N PHE C 69 46.12 -11.97 21.64
CA PHE C 69 44.98 -12.30 20.80
C PHE C 69 45.18 -13.64 20.10
N THR C 70 46.42 -13.96 19.74
CA THR C 70 46.71 -15.24 19.13
C THR C 70 46.25 -16.38 20.02
N GLU C 71 46.60 -16.31 21.31
CA GLU C 71 46.16 -17.34 22.23
C GLU C 71 44.64 -17.31 22.40
N MET C 72 44.08 -16.11 22.54
CA MET C 72 42.65 -15.98 22.79
C MET C 72 41.80 -16.37 21.59
N ALA C 73 42.41 -16.68 20.46
CA ALA C 73 41.72 -17.33 19.35
C ALA C 73 42.07 -18.81 19.22
N ARG C 74 43.35 -19.14 19.38
CA ARG C 74 43.80 -20.50 19.13
C ARG C 74 43.30 -21.47 20.19
N LEU C 75 43.01 -20.98 21.39
CA LEU C 75 42.41 -21.84 22.40
C LEU C 75 40.95 -22.09 22.08
N GLN C 76 40.20 -21.02 21.80
CA GLN C 76 38.78 -21.13 21.53
C GLN C 76 38.50 -21.92 20.26
N GLU C 77 39.51 -22.13 19.41
CA GLU C 77 39.44 -23.21 18.43
C GLU C 77 38.99 -24.51 19.08
N SER C 78 39.77 -25.01 20.04
CA SER C 78 39.47 -26.26 20.74
C SER C 78 39.17 -26.05 22.22
N GLY C 79 40.10 -25.44 22.96
CA GLY C 79 39.89 -25.22 24.37
C GLY C 79 39.13 -23.92 24.60
N SER C 80 37.81 -24.05 24.77
CA SER C 80 36.95 -22.87 24.83
C SER C 80 37.34 -21.85 25.89
N PRO C 81 37.56 -22.21 27.16
CA PRO C 81 37.63 -21.18 28.19
C PRO C 81 38.92 -20.36 28.10
N ILE C 82 38.76 -19.05 28.05
CA ILE C 82 39.87 -18.11 28.03
C ILE C 82 39.49 -16.90 28.88
N ASP C 83 39.98 -16.83 30.11
CA ASP C 83 39.72 -15.63 30.92
C ASP C 83 40.98 -14.94 31.45
N LEU C 84 41.67 -15.52 32.43
CA LEU C 84 42.82 -14.88 33.05
C LEU C 84 43.93 -15.87 33.36
N ILE C 85 43.51 -17.02 33.90
CA ILE C 85 44.43 -18.01 34.43
C ILE C 85 44.39 -19.29 33.61
N THR C 86 43.21 -19.67 33.12
CA THR C 86 43.16 -20.72 32.10
C THR C 86 43.90 -20.31 30.85
N LEU C 87 44.06 -19.01 30.61
CA LEU C 87 44.92 -18.54 29.54
C LEU C 87 46.38 -18.65 29.94
N ALA C 88 46.73 -18.15 31.12
CA ALA C 88 48.12 -18.13 31.55
C ALA C 88 48.69 -19.54 31.68
N GLU C 89 47.86 -20.52 32.02
CA GLU C 89 48.33 -21.89 32.15
C GLU C 89 48.76 -22.48 30.83
N SER C 90 48.22 -21.97 29.71
CA SER C 90 48.71 -22.34 28.39
C SER C 90 49.86 -21.44 27.96
N LEU C 91 49.72 -20.15 28.24
CA LEU C 91 50.72 -19.16 27.86
C LEU C 91 52.09 -19.51 28.45
N GLU C 92 52.11 -20.08 29.65
CA GLU C 92 53.36 -20.49 30.28
C GLU C 92 54.05 -21.56 29.46
N ARG C 93 53.31 -22.54 28.97
CA ARG C 93 53.92 -23.67 28.29
C ARG C 93 54.56 -23.31 26.97
N GLN C 94 54.35 -22.09 26.46
CA GLN C 94 55.17 -21.52 25.40
C GLN C 94 56.19 -20.52 25.93
N GLY C 95 56.38 -20.48 27.25
CA GLY C 95 57.38 -19.63 27.87
C GLY C 95 57.23 -18.16 27.55
N GLN C 96 56.12 -17.55 27.97
CA GLN C 96 55.86 -16.15 27.67
C GLN C 96 55.27 -15.37 28.82
N LEU C 97 55.17 -15.94 30.02
CA LEU C 97 54.91 -15.11 31.18
C LEU C 97 56.05 -14.13 31.36
N ASP C 98 55.75 -13.04 32.08
CA ASP C 98 56.63 -11.89 32.36
C ASP C 98 57.49 -11.52 31.15
N SER C 99 56.89 -11.65 29.97
CA SER C 99 57.55 -11.39 28.69
C SER C 99 56.68 -10.66 27.69
N VAL C 100 55.37 -10.61 27.87
CA VAL C 100 54.44 -9.89 27.01
C VAL C 100 53.69 -8.88 27.87
N GLY C 101 54.35 -8.39 28.93
CA GLY C 101 53.73 -7.53 29.92
C GLY C 101 53.67 -8.21 31.27
N GLY C 102 53.42 -9.52 31.26
CA GLY C 102 53.44 -10.31 32.46
C GLY C 102 52.11 -10.31 33.20
N PHE C 103 52.07 -11.13 34.25
CA PHE C 103 50.82 -11.39 34.96
C PHE C 103 50.32 -10.15 35.68
N ALA C 104 51.22 -9.41 36.33
CA ALA C 104 50.82 -8.25 37.11
C ALA C 104 50.20 -7.19 36.22
N TYR C 105 50.84 -6.89 35.10
CA TYR C 105 50.27 -5.93 34.16
C TYR C 105 48.99 -6.47 33.53
N LEU C 106 49.03 -7.73 33.09
CA LEU C 106 47.87 -8.36 32.48
C LEU C 106 46.64 -8.30 33.38
N ALA C 107 46.85 -8.29 34.70
CA ALA C 107 45.73 -8.11 35.62
C ALA C 107 45.03 -6.77 35.40
N GLU C 108 45.76 -5.75 34.95
CA GLU C 108 45.17 -4.44 34.74
C GLU C 108 44.02 -4.52 33.74
N LEU C 109 44.19 -5.34 32.72
CA LEU C 109 43.20 -5.41 31.65
C LEU C 109 41.89 -5.98 32.17
N SER C 110 41.95 -6.89 33.13
CA SER C 110 40.76 -7.47 33.70
C SER C 110 40.20 -6.61 34.82
N LYS C 111 41.04 -5.80 35.46
CA LYS C 111 40.58 -4.94 36.53
C LYS C 111 39.63 -3.86 35.98
N ASN C 112 40.14 -3.01 35.12
CA ASN C 112 39.36 -1.89 34.61
C ASN C 112 38.31 -2.37 33.62
N THR C 113 37.47 -1.43 33.18
CA THR C 113 36.33 -1.63 32.30
C THR C 113 35.55 -2.93 32.55
N PRO C 114 35.08 -3.15 33.78
CA PRO C 114 34.45 -4.43 34.11
C PRO C 114 33.03 -4.61 33.59
N SER C 115 32.55 -3.76 32.69
CA SER C 115 31.22 -3.94 32.14
C SER C 115 31.22 -4.93 30.97
N ALA C 116 32.24 -4.87 30.13
CA ALA C 116 32.17 -5.43 28.79
C ALA C 116 30.92 -4.92 28.09
N ALA C 117 30.70 -3.61 28.23
CA ALA C 117 29.48 -3.00 27.75
C ALA C 117 29.49 -2.86 26.23
N ASN C 118 30.62 -2.45 25.65
CA ASN C 118 30.77 -2.35 24.22
C ASN C 118 32.14 -2.84 23.82
N ILE C 119 32.18 -3.67 22.80
CA ILE C 119 33.39 -4.29 22.31
C ILE C 119 33.48 -4.04 20.81
N SER C 120 32.37 -4.35 20.15
CA SER C 120 32.28 -4.33 18.70
C SER C 120 32.70 -2.97 18.13
N ALA C 121 32.21 -1.89 18.71
CA ALA C 121 32.67 -0.57 18.32
C ALA C 121 34.16 -0.39 18.62
N TYR C 122 34.62 -0.90 19.77
CA TYR C 122 36.03 -0.80 20.15
C TYR C 122 36.91 -1.80 19.40
N ALA C 123 36.35 -2.54 18.44
CA ALA C 123 37.14 -3.31 17.50
C ALA C 123 36.96 -2.86 16.07
N ASP C 124 35.95 -2.04 15.77
CA ASP C 124 35.86 -1.46 14.44
C ASP C 124 37.03 -0.50 14.19
N ILE C 125 37.26 0.40 15.14
CA ILE C 125 38.20 1.49 14.91
C ILE C 125 39.61 0.94 14.78
N VAL C 126 39.91 -0.16 15.46
CA VAL C 126 41.23 -0.76 15.33
C VAL C 126 41.45 -1.20 13.89
N ARG C 127 40.46 -1.85 13.29
CA ARG C 127 40.59 -2.27 11.91
C ARG C 127 40.77 -1.06 11.00
N GLU C 128 40.02 0.01 11.28
CA GLU C 128 40.16 1.23 10.50
C GLU C 128 41.59 1.73 10.53
N ARG C 129 42.10 2.05 11.72
CA ARG C 129 43.46 2.55 11.85
C ARG C 129 44.49 1.57 11.30
N ALA C 130 44.22 0.27 11.38
CA ALA C 130 45.17 -0.71 10.91
C ALA C 130 45.31 -0.64 9.40
N VAL C 131 44.18 -0.56 8.71
CA VAL C 131 44.22 -0.34 7.27
C VAL C 131 44.95 0.96 6.96
N VAL C 132 44.55 2.03 7.65
CA VAL C 132 45.08 3.36 7.37
C VAL C 132 46.59 3.39 7.56
N ARG C 133 47.12 2.52 8.41
CA ARG C 133 48.54 2.47 8.70
C ARG C 133 49.29 1.53 7.77
N GLU C 134 48.70 0.39 7.45
CA GLU C 134 49.36 -0.57 6.57
C GLU C 134 49.28 -0.15 5.11
N MET C 135 48.50 0.88 4.81
CA MET C 135 48.55 1.48 3.49
C MET C 135 49.66 2.52 3.40
N ILE C 136 49.86 3.29 4.46
CA ILE C 136 50.84 4.37 4.45
C ILE C 136 52.26 3.81 4.57
N SER C 137 52.43 2.80 5.41
CA SER C 137 53.71 2.11 5.50
C SER C 137 54.10 1.48 4.18
N VAL C 138 53.14 1.27 3.28
CA VAL C 138 53.40 0.76 1.96
C VAL C 138 53.69 1.88 0.98
N ALA C 139 52.97 2.99 1.11
CA ALA C 139 53.20 4.12 0.21
C ALA C 139 54.62 4.63 0.36
N ASN C 140 55.09 4.78 1.59
CA ASN C 140 56.45 5.27 1.79
C ASN C 140 57.48 4.29 1.25
N GLU C 141 57.21 3.00 1.43
CA GLU C 141 58.14 1.96 1.01
C GLU C 141 58.13 1.74 -0.49
N ILE C 142 57.09 2.21 -1.17
CA ILE C 142 57.09 2.25 -2.63
C ILE C 142 57.85 3.48 -3.12
N ALA C 143 57.62 4.63 -2.48
CA ALA C 143 58.24 5.86 -2.96
C ALA C 143 59.75 5.79 -2.83
N GLU C 144 60.25 5.38 -1.66
CA GLU C 144 61.69 5.37 -1.44
C GLU C 144 62.39 4.46 -2.44
N ALA C 145 61.75 3.37 -2.84
CA ALA C 145 62.33 2.49 -3.83
C ALA C 145 62.15 3.05 -5.23
N GLY C 146 61.11 3.85 -5.45
CA GLY C 146 60.97 4.54 -6.71
C GLY C 146 62.03 5.58 -6.93
N PHE C 147 62.64 6.08 -5.86
CA PHE C 147 63.78 6.98 -5.95
C PHE C 147 65.12 6.28 -5.80
N ASP C 148 65.13 5.06 -5.23
CA ASP C 148 66.34 4.25 -5.10
C ASP C 148 66.18 3.01 -5.96
N PRO C 149 66.18 3.15 -7.29
CA PRO C 149 65.76 2.04 -8.14
C PRO C 149 66.68 0.84 -8.12
N GLN C 150 67.89 0.93 -7.55
CA GLN C 150 68.80 -0.21 -7.43
C GLN C 150 69.17 -0.77 -8.81
N GLY C 151 69.10 0.05 -9.85
CA GLY C 151 69.28 -0.45 -11.20
C GLY C 151 68.22 -1.43 -11.65
N ARG C 152 67.10 -1.51 -10.93
CA ARG C 152 66.02 -2.40 -11.30
C ARG C 152 65.36 -1.93 -12.59
N THR C 153 64.35 -2.68 -13.02
CA THR C 153 63.55 -2.38 -14.18
C THR C 153 62.09 -2.53 -13.78
N SER C 154 61.23 -1.84 -14.53
CA SER C 154 59.82 -1.70 -14.15
C SER C 154 59.15 -3.06 -13.95
N GLU C 155 59.42 -4.00 -14.86
CA GLU C 155 58.84 -5.34 -14.74
C GLU C 155 59.18 -5.99 -13.41
N ASP C 156 60.41 -5.76 -12.92
CA ASP C 156 60.83 -6.25 -11.62
C ASP C 156 60.45 -5.30 -10.49
N LEU C 157 59.66 -4.27 -10.77
CA LEU C 157 59.39 -3.20 -9.82
C LEU C 157 57.93 -3.00 -9.51
N LEU C 158 57.02 -3.45 -10.37
CA LEU C 158 55.59 -3.22 -10.16
C LEU C 158 54.86 -4.44 -9.63
N ASP C 159 55.33 -5.65 -9.96
CA ASP C 159 54.72 -6.84 -9.40
C ASP C 159 54.88 -6.90 -7.90
N LEU C 160 55.99 -6.40 -7.38
CA LEU C 160 56.14 -6.31 -5.93
C LEU C 160 55.10 -5.38 -5.34
N ALA C 161 54.79 -4.30 -6.05
CA ALA C 161 53.80 -3.36 -5.54
C ALA C 161 52.41 -3.98 -5.56
N GLU C 162 52.09 -4.70 -6.64
CA GLU C 162 50.87 -5.48 -6.70
C GLU C 162 50.73 -6.37 -5.47
N SER C 163 51.72 -7.25 -5.28
CA SER C 163 51.66 -8.23 -4.21
C SER C 163 51.62 -7.55 -2.85
N ARG C 164 52.32 -6.43 -2.73
CA ARG C 164 52.30 -5.67 -1.49
C ARG C 164 50.91 -5.19 -1.16
N VAL C 165 50.29 -4.48 -2.09
CA VAL C 165 48.97 -3.91 -1.84
C VAL C 165 47.96 -5.03 -1.58
N PHE C 166 48.10 -6.15 -2.29
CA PHE C 166 47.14 -7.23 -2.12
C PHE C 166 47.35 -8.00 -0.83
N LYS C 167 48.58 -8.00 -0.30
CA LYS C 167 48.85 -8.70 0.95
C LYS C 167 48.02 -8.12 2.09
N ILE C 168 47.68 -6.85 1.99
CA ILE C 168 46.84 -6.21 3.01
C ILE C 168 45.54 -6.98 3.15
N ALA C 169 44.77 -7.05 2.07
CA ALA C 169 43.51 -7.77 2.12
C ALA C 169 43.71 -9.25 2.38
N GLU C 170 44.84 -9.82 1.97
CA GLU C 170 45.07 -11.22 2.26
C GLU C 170 45.28 -11.47 3.75
N SER C 171 45.76 -10.47 4.48
CA SER C 171 45.98 -10.66 5.92
C SER C 171 44.67 -10.90 6.67
N ARG C 172 43.56 -10.37 6.16
CA ARG C 172 42.27 -10.51 6.83
C ARG C 172 41.53 -11.78 6.44
N ALA C 173 41.61 -12.15 5.17
CA ALA C 173 40.70 -13.15 4.63
C ALA C 173 40.91 -14.50 5.28
N ASN C 174 39.81 -15.13 5.69
CA ASN C 174 39.88 -16.50 6.19
C ASN C 174 40.43 -17.41 5.11
N LYS C 175 41.18 -18.42 5.54
CA LYS C 175 42.00 -19.19 4.63
C LYS C 175 41.18 -20.09 3.69
N ASP C 176 39.92 -20.35 4.02
CA ASP C 176 39.11 -21.33 3.29
C ASP C 176 37.73 -20.77 2.99
N GLU C 177 37.70 -19.57 2.43
CA GLU C 177 36.47 -19.00 1.88
C GLU C 177 36.62 -18.49 0.45
N GLY C 178 37.81 -18.57 -0.13
CA GLY C 178 38.05 -18.05 -1.45
C GLY C 178 37.47 -18.91 -2.55
N PRO C 179 37.77 -18.53 -3.81
CA PRO C 179 37.21 -19.25 -4.95
C PRO C 179 38.05 -20.42 -5.41
N LYS C 180 37.41 -21.57 -5.53
CA LYS C 180 38.11 -22.80 -5.82
C LYS C 180 38.28 -23.01 -7.32
N ASN C 181 39.28 -23.80 -7.66
CA ASN C 181 39.52 -24.22 -9.02
C ASN C 181 38.57 -25.35 -9.39
N ILE C 182 38.50 -25.63 -10.68
CA ILE C 182 37.61 -26.65 -11.20
C ILE C 182 38.05 -28.03 -10.72
N ALA C 183 39.35 -28.30 -10.70
CA ALA C 183 39.82 -29.66 -10.54
C ALA C 183 39.59 -30.18 -9.12
N ASP C 184 39.74 -29.32 -8.12
CA ASP C 184 39.48 -29.74 -6.74
C ASP C 184 38.01 -30.07 -6.54
N VAL C 185 37.14 -29.18 -7.04
CA VAL C 185 35.70 -29.42 -6.98
C VAL C 185 35.37 -30.74 -7.64
N LEU C 186 35.99 -30.98 -8.78
CA LEU C 186 35.69 -32.18 -9.53
C LEU C 186 36.14 -33.42 -8.79
N ASP C 187 37.30 -33.33 -8.13
CA ASP C 187 37.75 -34.42 -7.28
C ASP C 187 36.72 -34.71 -6.20
N ALA C 188 36.18 -33.67 -5.58
CA ALA C 188 35.14 -33.87 -4.58
C ALA C 188 33.94 -34.60 -5.17
N THR C 189 33.55 -34.21 -6.38
CA THR C 189 32.38 -34.83 -7.01
C THR C 189 32.62 -36.31 -7.28
N VAL C 190 33.76 -36.64 -7.88
CA VAL C 190 34.01 -38.03 -8.22
C VAL C 190 34.18 -38.84 -6.95
N ALA C 191 34.71 -38.24 -5.89
CA ALA C 191 34.82 -38.94 -4.63
C ALA C 191 33.44 -39.22 -4.06
N ARG C 192 32.50 -38.29 -4.26
CA ARG C 192 31.14 -38.52 -3.82
C ARG C 192 30.54 -39.71 -4.53
N ILE C 193 30.64 -39.73 -5.87
CA ILE C 193 30.05 -40.81 -6.64
C ILE C 193 30.71 -42.14 -6.27
N GLU C 194 32.04 -42.12 -6.06
CA GLU C 194 32.75 -43.30 -5.60
C GLU C 194 32.18 -43.81 -4.29
N GLN C 195 32.11 -42.92 -3.29
CA GLN C 195 31.59 -43.28 -1.99
C GLN C 195 30.16 -43.77 -2.07
N LEU C 196 29.42 -43.34 -3.09
CA LEU C 196 28.09 -43.90 -3.30
C LEU C 196 28.19 -45.32 -3.81
N PHE C 197 28.98 -45.55 -4.87
CA PHE C 197 29.06 -46.88 -5.46
C PHE C 197 29.76 -47.90 -4.58
N GLN C 198 30.33 -47.49 -3.44
CA GLN C 198 30.83 -48.46 -2.46
C GLN C 198 29.71 -49.08 -1.60
N GLN C 199 28.44 -48.89 -1.95
CA GLN C 199 27.32 -49.11 -1.04
C GLN C 199 26.03 -48.94 -1.85
N PRO C 200 24.91 -49.53 -1.44
CA PRO C 200 23.67 -49.32 -2.21
C PRO C 200 23.24 -47.87 -2.19
N HIS C 201 22.33 -47.56 -3.11
CA HIS C 201 21.91 -46.19 -3.37
C HIS C 201 20.51 -45.87 -2.86
N ASP C 202 19.55 -46.77 -3.02
CA ASP C 202 18.19 -46.62 -2.52
C ASP C 202 17.43 -45.47 -3.18
N GLY C 203 18.00 -44.81 -4.20
CA GLY C 203 17.44 -43.59 -4.75
C GLY C 203 17.77 -42.35 -3.95
N VAL C 204 18.34 -42.51 -2.77
CA VAL C 204 18.55 -41.41 -1.83
C VAL C 204 19.93 -40.82 -2.06
N THR C 205 20.01 -39.51 -1.88
CA THR C 205 21.22 -38.71 -2.09
C THR C 205 21.42 -37.76 -0.94
N GLY C 206 21.31 -38.29 0.26
CA GLY C 206 21.27 -37.46 1.44
C GLY C 206 20.39 -38.07 2.51
N VAL C 207 19.38 -37.34 2.91
CA VAL C 207 18.53 -37.73 4.02
C VAL C 207 17.35 -38.53 3.50
N ASN C 208 16.90 -39.47 4.32
CA ASN C 208 15.72 -40.27 4.10
C ASN C 208 14.59 -39.76 4.99
N THR C 209 13.37 -40.12 4.63
CA THR C 209 12.18 -39.66 5.32
C THR C 209 11.33 -40.79 5.87
N GLY C 210 11.16 -41.86 5.10
CA GLY C 210 10.23 -42.92 5.41
C GLY C 210 9.11 -43.07 4.40
N TYR C 211 8.95 -42.10 3.51
CA TYR C 211 7.89 -42.11 2.51
C TYR C 211 8.52 -42.38 1.15
N ASP C 212 8.48 -43.65 0.73
CA ASP C 212 9.11 -44.03 -0.53
C ASP C 212 8.46 -43.35 -1.71
N ASP C 213 7.17 -42.98 -1.59
CA ASP C 213 6.52 -42.24 -2.66
C ASP C 213 7.16 -40.88 -2.90
N LEU C 214 7.89 -40.36 -1.91
CA LEU C 214 8.39 -39.00 -1.91
C LEU C 214 9.83 -38.90 -2.40
N ASN C 215 10.65 -39.89 -2.08
CA ASN C 215 12.06 -39.83 -2.43
C ASN C 215 12.27 -39.86 -3.94
N LYS C 216 11.32 -40.36 -4.71
CA LYS C 216 11.53 -40.45 -6.15
C LYS C 216 11.45 -39.07 -6.81
N LYS C 217 10.42 -38.30 -6.46
CA LYS C 217 10.27 -36.96 -6.99
C LYS C 217 11.24 -35.96 -6.35
N THR C 218 12.00 -36.39 -5.34
CA THR C 218 12.75 -35.49 -4.48
C THR C 218 14.20 -35.91 -4.31
N ALA C 219 14.48 -37.20 -4.46
CA ALA C 219 15.81 -37.75 -4.24
C ALA C 219 16.32 -37.46 -2.84
N GLY C 220 15.43 -37.43 -1.87
CA GLY C 220 15.78 -37.15 -0.50
C GLY C 220 15.90 -35.66 -0.26
N LEU C 221 15.94 -35.30 1.02
CA LEU C 221 16.17 -33.91 1.38
C LEU C 221 17.62 -33.58 1.11
N GLN C 222 17.86 -32.69 0.18
CA GLN C 222 19.23 -32.43 -0.21
C GLN C 222 19.88 -31.52 0.82
N PRO C 223 21.20 -31.55 0.93
CA PRO C 223 21.86 -31.06 2.14
C PRO C 223 22.23 -29.58 2.18
N SER C 224 21.83 -28.74 1.24
CA SER C 224 22.26 -27.34 1.26
C SER C 224 21.15 -26.39 0.82
N ASP C 225 19.95 -26.59 1.35
CA ASP C 225 18.76 -26.04 0.74
C ASP C 225 17.84 -25.43 1.79
N LEU C 226 16.74 -24.85 1.30
CA LEU C 226 15.72 -24.22 2.12
C LEU C 226 14.38 -24.78 1.70
N ILE C 227 13.98 -25.85 2.35
CA ILE C 227 12.67 -26.44 2.15
C ILE C 227 11.62 -25.56 2.81
N ILE C 228 10.42 -25.55 2.23
CA ILE C 228 9.28 -24.87 2.78
C ILE C 228 8.08 -25.81 2.74
N VAL C 229 7.24 -25.69 3.75
CA VAL C 229 6.07 -26.53 3.91
C VAL C 229 4.92 -25.64 4.34
N ALA C 230 4.09 -25.24 3.39
CA ALA C 230 3.08 -24.24 3.60
C ALA C 230 1.69 -24.84 3.49
N ALA C 231 0.72 -24.20 4.14
CA ALA C 231 -0.64 -24.71 4.14
C ALA C 231 -1.56 -23.72 4.82
N ARG C 232 -2.82 -24.07 4.83
CA ARG C 232 -3.84 -23.39 5.60
C ARG C 232 -3.64 -23.82 7.05
N PRO C 233 -4.43 -23.28 7.97
CA PRO C 233 -4.14 -23.55 9.39
C PRO C 233 -4.17 -25.01 9.79
N SER C 234 -5.22 -25.75 9.44
CA SER C 234 -5.48 -27.04 10.04
C SER C 234 -5.13 -28.22 9.13
N MET C 235 -4.26 -28.03 8.14
CA MET C 235 -3.91 -29.16 7.28
C MET C 235 -3.02 -30.15 8.00
N GLY C 236 -2.10 -29.67 8.81
CA GLY C 236 -1.22 -30.50 9.59
C GLY C 236 0.23 -30.46 9.23
N LYS C 237 0.70 -29.38 8.60
CA LYS C 237 2.11 -29.19 8.27
C LYS C 237 3.03 -29.47 9.45
N THR C 238 2.65 -29.00 10.63
CA THR C 238 3.49 -29.17 11.81
C THR C 238 3.74 -30.64 12.08
N THR C 239 2.69 -31.43 11.94
CA THR C 239 2.81 -32.87 12.11
C THR C 239 3.79 -33.45 11.11
N PHE C 240 3.75 -32.96 9.88
CA PHE C 240 4.60 -33.50 8.83
C PHE C 240 6.06 -33.21 9.12
N ALA C 241 6.37 -31.98 9.51
CA ALA C 241 7.75 -31.64 9.80
C ALA C 241 8.27 -32.44 10.99
N MET C 242 7.42 -32.60 12.00
CA MET C 242 7.83 -33.40 13.14
C MET C 242 8.08 -34.84 12.73
N ASN C 243 7.25 -35.38 11.84
CA ASN C 243 7.48 -36.73 11.36
C ASN C 243 8.80 -36.85 10.64
N LEU C 244 9.15 -35.82 9.87
CA LEU C 244 10.40 -35.84 9.13
C LEU C 244 11.58 -35.91 10.08
N VAL C 245 11.63 -34.99 11.05
CA VAL C 245 12.79 -34.98 11.94
C VAL C 245 12.80 -36.22 12.81
N GLU C 246 11.61 -36.65 13.24
CA GLU C 246 11.44 -37.88 14.00
C GLU C 246 12.03 -39.07 13.28
N ASN C 247 11.78 -39.18 11.97
CA ASN C 247 12.32 -40.29 11.20
C ASN C 247 13.82 -40.17 11.01
N ALA C 248 14.26 -38.98 10.59
CA ALA C 248 15.69 -38.77 10.38
C ALA C 248 16.51 -38.85 11.65
N ALA C 249 15.86 -38.89 12.82
CA ALA C 249 16.57 -39.21 14.03
C ALA C 249 17.06 -40.65 14.01
N MET C 250 16.12 -41.59 13.96
CA MET C 250 16.47 -43.00 14.01
C MET C 250 17.15 -43.49 12.76
N LEU C 251 17.00 -42.78 11.65
CA LEU C 251 17.68 -43.13 10.41
C LEU C 251 19.05 -42.50 10.29
N GLN C 252 19.62 -42.01 11.40
CA GLN C 252 20.92 -41.35 11.36
C GLN C 252 21.61 -41.50 12.69
N ASP C 253 22.90 -41.22 12.67
CA ASP C 253 23.75 -41.15 13.85
C ASP C 253 24.29 -39.74 14.01
N LYS C 254 23.42 -38.76 13.81
CA LYS C 254 23.83 -37.36 13.69
C LYS C 254 22.69 -36.47 14.16
N PRO C 255 22.98 -35.30 14.76
CA PRO C 255 21.93 -34.52 15.43
C PRO C 255 20.83 -33.95 14.58
N VAL C 256 19.93 -33.24 15.26
CA VAL C 256 18.90 -32.41 14.66
C VAL C 256 18.66 -31.23 15.58
N LEU C 257 17.76 -30.33 15.17
CA LEU C 257 17.29 -29.23 15.99
C LEU C 257 15.81 -29.08 15.76
N ILE C 258 15.15 -28.42 16.69
CA ILE C 258 13.79 -27.95 16.50
C ILE C 258 13.66 -26.61 17.20
N PHE C 259 12.97 -25.67 16.55
CA PHE C 259 12.62 -24.38 17.13
C PHE C 259 11.11 -24.28 17.15
N SER C 260 10.52 -24.80 18.23
CA SER C 260 9.07 -24.82 18.37
C SER C 260 8.61 -23.46 18.89
N LEU C 261 8.71 -22.48 18.00
CA LEU C 261 8.17 -21.15 18.30
C LEU C 261 6.67 -21.16 18.50
N GLU C 262 5.99 -22.21 18.05
CA GLU C 262 4.55 -22.29 18.16
C GLU C 262 4.12 -22.66 19.56
N MET C 263 4.58 -23.81 20.05
CA MET C 263 4.15 -24.33 21.34
C MET C 263 5.31 -25.06 22.00
N PRO C 264 5.27 -25.23 23.31
CA PRO C 264 6.46 -25.62 24.06
C PRO C 264 6.68 -27.13 24.10
N SER C 265 7.73 -27.51 24.82
CA SER C 265 8.28 -28.86 24.72
C SER C 265 7.28 -29.90 25.19
N GLU C 266 6.56 -29.61 26.27
CA GLU C 266 5.76 -30.64 26.93
C GLU C 266 4.61 -31.13 26.07
N GLN C 267 4.26 -30.41 25.00
CA GLN C 267 3.29 -30.88 24.04
C GLN C 267 3.97 -31.55 22.85
N ILE C 268 5.10 -30.99 22.42
CA ILE C 268 5.81 -31.54 21.28
C ILE C 268 6.20 -32.97 21.55
N MET C 269 6.78 -33.22 22.71
CA MET C 269 7.32 -34.54 22.96
C MET C 269 6.20 -35.55 23.19
N MET C 270 5.08 -35.13 23.77
CA MET C 270 3.90 -35.98 23.82
C MET C 270 3.48 -36.41 22.43
N ARG C 271 3.36 -35.44 21.53
CA ARG C 271 2.98 -35.74 20.15
C ARG C 271 3.97 -36.70 19.51
N SER C 272 5.26 -36.45 19.69
CA SER C 272 6.28 -37.22 19.00
C SER C 272 6.33 -38.65 19.50
N LEU C 273 6.51 -38.80 20.82
CA LEU C 273 6.35 -40.06 21.51
C LEU C 273 5.15 -40.85 21.03
N ALA C 274 3.99 -40.20 21.03
CA ALA C 274 2.74 -40.85 20.65
C ALA C 274 2.79 -41.35 19.23
N SER C 275 3.21 -40.49 18.30
CA SER C 275 3.31 -40.86 16.91
C SER C 275 4.22 -42.06 16.73
N LEU C 276 5.37 -42.03 17.38
CA LEU C 276 6.31 -43.14 17.29
C LEU C 276 5.68 -44.42 17.80
N SER C 277 4.78 -44.35 18.77
CA SER C 277 4.22 -45.54 19.38
C SER C 277 2.80 -45.86 18.94
N ARG C 278 2.24 -45.16 17.97
CA ARG C 278 0.89 -45.46 17.44
C ARG C 278 -0.18 -45.51 18.52
N VAL C 279 -0.19 -44.51 19.38
CA VAL C 279 -1.23 -44.36 20.38
C VAL C 279 -1.71 -42.92 20.36
N ASP C 280 -2.99 -42.74 20.67
CA ASP C 280 -3.53 -41.40 20.69
C ASP C 280 -3.08 -40.65 21.93
N GLN C 281 -2.99 -39.33 21.80
CA GLN C 281 -2.63 -38.49 22.93
C GLN C 281 -3.60 -38.67 24.08
N THR C 282 -4.88 -38.83 23.75
CA THR C 282 -5.93 -38.81 24.77
C THR C 282 -5.92 -40.03 25.67
N LYS C 283 -5.09 -41.03 25.38
CA LYS C 283 -4.87 -42.15 26.29
C LYS C 283 -3.64 -41.97 27.16
N ILE C 284 -2.86 -40.89 26.96
CA ILE C 284 -1.71 -40.62 27.78
C ILE C 284 -2.13 -39.71 28.92
N ARG C 285 -2.53 -38.50 28.55
CA ARG C 285 -2.88 -37.48 29.52
C ARG C 285 -4.17 -37.81 30.26
N THR C 286 -4.94 -38.78 29.79
CA THR C 286 -6.07 -39.33 30.52
C THR C 286 -5.61 -40.43 31.47
N GLY C 287 -4.98 -41.48 30.94
CA GLY C 287 -4.55 -42.61 31.73
C GLY C 287 -5.55 -43.74 31.75
N GLN C 288 -5.93 -44.21 30.56
CA GLN C 288 -6.89 -45.29 30.39
C GLN C 288 -6.36 -46.31 29.39
N LEU C 289 -5.14 -46.76 29.62
CA LEU C 289 -4.33 -47.39 28.58
C LEU C 289 -3.92 -48.81 28.97
N ASP C 290 -3.39 -49.52 27.98
CA ASP C 290 -3.18 -50.95 28.04
C ASP C 290 -1.73 -51.26 28.40
N ASP C 291 -1.42 -52.54 28.49
CA ASP C 291 -0.07 -52.98 28.75
C ASP C 291 0.76 -52.97 27.46
N GLU C 292 0.15 -53.41 26.37
CA GLU C 292 0.75 -53.27 25.04
C GLU C 292 1.15 -51.83 24.79
N ASP C 293 0.31 -50.88 25.22
CA ASP C 293 0.62 -49.47 25.10
C ASP C 293 1.95 -49.15 25.76
N TRP C 294 2.04 -49.33 27.09
CA TRP C 294 3.25 -49.00 27.82
C TRP C 294 4.47 -49.71 27.27
N ALA C 295 4.28 -50.91 26.72
CA ALA C 295 5.41 -51.59 26.08
C ALA C 295 5.93 -50.77 24.91
N ARG C 296 5.03 -50.40 24.01
CA ARG C 296 5.44 -49.63 22.85
C ARG C 296 5.93 -48.24 23.24
N ILE C 297 5.52 -47.74 24.41
CA ILE C 297 6.06 -46.49 24.93
C ILE C 297 7.51 -46.66 25.35
N SER C 298 7.76 -47.64 26.22
CA SER C 298 9.10 -47.81 26.76
C SER C 298 10.10 -48.11 25.66
N GLY C 299 9.66 -48.75 24.60
CA GLY C 299 10.58 -49.03 23.51
C GLY C 299 11.11 -47.79 22.83
N THR C 300 10.20 -46.96 22.33
CA THR C 300 10.64 -45.75 21.66
C THR C 300 11.36 -44.82 22.62
N MET C 301 10.96 -44.83 23.89
CA MET C 301 11.68 -44.07 24.90
C MET C 301 13.14 -44.48 24.95
N GLY C 302 13.37 -45.74 25.31
CA GLY C 302 14.73 -46.26 25.43
C GLY C 302 15.51 -46.26 24.15
N ILE C 303 14.85 -46.05 23.01
CA ILE C 303 15.58 -45.88 21.76
C ILE C 303 15.96 -44.43 21.54
N LEU C 304 15.14 -43.49 22.01
CA LEU C 304 15.53 -42.09 21.92
C LEU C 304 16.67 -41.77 22.86
N LEU C 305 16.67 -42.39 24.04
CA LEU C 305 17.59 -41.99 25.09
C LEU C 305 18.93 -42.70 25.03
N GLU C 306 19.03 -43.79 24.29
CA GLU C 306 20.32 -44.40 24.00
C GLU C 306 21.07 -43.70 22.88
N LYS C 307 20.50 -42.64 22.31
CA LYS C 307 21.01 -42.04 21.08
C LYS C 307 21.42 -40.59 21.25
N ARG C 308 20.57 -39.76 21.87
CA ARG C 308 20.91 -38.38 22.18
C ARG C 308 21.17 -37.55 20.92
N ASN C 309 20.31 -37.72 19.93
CA ASN C 309 20.39 -36.90 18.73
C ASN C 309 19.74 -35.54 18.94
N ILE C 310 18.46 -35.55 19.32
CA ILE C 310 17.59 -34.38 19.16
C ILE C 310 17.95 -33.29 20.17
N TYR C 311 17.65 -32.05 19.79
CA TYR C 311 17.77 -30.89 20.65
C TYR C 311 16.63 -29.94 20.30
N ILE C 312 16.01 -29.36 21.32
CA ILE C 312 14.76 -28.63 21.17
C ILE C 312 14.93 -27.27 21.84
N ASP C 313 14.14 -26.30 21.38
CA ASP C 313 14.20 -24.93 21.87
C ASP C 313 12.79 -24.36 21.92
N ASP C 314 12.21 -24.33 23.12
CA ASP C 314 10.86 -23.81 23.31
C ASP C 314 10.88 -22.30 23.53
N SER C 315 11.49 -21.59 22.60
CA SER C 315 11.66 -20.15 22.73
C SER C 315 10.33 -19.44 22.48
N SER C 316 10.40 -18.12 22.41
CA SER C 316 9.25 -17.24 22.30
C SER C 316 9.28 -16.38 21.05
N GLY C 317 10.37 -15.65 20.83
CA GLY C 317 10.56 -14.84 19.65
C GLY C 317 12.04 -14.71 19.37
N LEU C 318 12.43 -14.68 18.11
CA LEU C 318 13.82 -14.89 17.74
C LEU C 318 14.20 -14.03 16.54
N THR C 319 15.46 -14.13 16.17
CA THR C 319 16.09 -13.46 15.04
C THR C 319 17.07 -14.44 14.42
N PRO C 320 17.34 -14.30 13.12
CA PRO C 320 18.39 -15.14 12.52
C PRO C 320 19.74 -14.97 13.17
N THR C 321 20.01 -13.78 13.72
CA THR C 321 21.30 -13.52 14.34
C THR C 321 21.52 -14.39 15.56
N GLU C 322 20.44 -14.71 16.29
CA GLU C 322 20.54 -15.60 17.43
C GLU C 322 20.46 -17.06 17.02
N VAL C 323 19.70 -17.33 15.97
CA VAL C 323 19.59 -18.69 15.44
C VAL C 323 20.96 -19.21 15.03
N ARG C 324 21.71 -18.38 14.30
CA ARG C 324 23.04 -18.79 13.87
C ARG C 324 23.92 -19.12 15.07
N SER C 325 23.84 -18.30 16.12
CA SER C 325 24.68 -18.54 17.29
C SER C 325 24.29 -19.84 17.99
N ARG C 326 22.99 -20.04 18.21
CA ARG C 326 22.52 -21.24 18.87
C ARG C 326 22.88 -22.49 18.08
N ALA C 327 22.89 -22.38 16.76
CA ALA C 327 23.22 -23.53 15.92
C ALA C 327 24.71 -23.79 15.90
N ARG C 328 25.50 -22.75 15.72
CA ARG C 328 26.93 -22.93 15.61
C ARG C 328 27.54 -23.38 16.92
N ARG C 329 26.94 -23.02 18.05
CA ARG C 329 27.36 -23.59 19.32
C ARG C 329 27.28 -25.11 19.25
N ILE C 330 26.17 -25.62 18.72
CA ILE C 330 26.01 -27.06 18.60
C ILE C 330 27.03 -27.63 17.63
N ALA C 331 27.27 -26.93 16.53
CA ALA C 331 28.17 -27.46 15.51
C ALA C 331 29.60 -27.55 16.04
N ARG C 332 30.01 -26.58 16.85
CA ARG C 332 31.38 -26.57 17.34
C ARG C 332 31.54 -27.43 18.58
N GLU C 333 30.47 -27.68 19.32
CA GLU C 333 30.56 -28.59 20.45
C GLU C 333 30.86 -29.99 19.97
N HIS C 334 30.06 -30.51 19.06
CA HIS C 334 30.15 -31.91 18.69
C HIS C 334 29.49 -32.13 17.34
N GLY C 335 30.19 -32.84 16.47
CA GLY C 335 29.65 -33.23 15.18
C GLY C 335 29.24 -32.08 14.31
N GLY C 336 28.67 -32.42 13.16
CA GLY C 336 28.03 -31.47 12.29
C GLY C 336 26.58 -31.85 12.15
N ILE C 337 25.67 -30.90 12.28
CA ILE C 337 24.25 -31.21 12.31
C ILE C 337 23.83 -31.69 10.93
N GLY C 338 22.62 -32.24 10.84
CA GLY C 338 22.13 -32.85 9.63
C GLY C 338 20.67 -32.59 9.36
N LEU C 339 20.00 -31.83 10.23
CA LEU C 339 18.65 -31.40 9.94
C LEU C 339 18.25 -30.33 10.94
N ILE C 340 17.32 -29.49 10.52
CA ILE C 340 16.76 -28.41 11.30
C ILE C 340 15.27 -28.38 10.98
N MET C 341 14.49 -27.85 11.90
CA MET C 341 13.10 -27.54 11.65
C MET C 341 12.79 -26.22 12.34
N ILE C 342 12.04 -25.39 11.65
CA ILE C 342 11.54 -24.15 12.18
C ILE C 342 10.05 -24.11 11.91
N ASP C 343 9.29 -23.59 12.86
CA ASP C 343 7.86 -23.74 12.91
C ASP C 343 7.22 -22.37 12.92
N TYR C 344 6.13 -22.26 12.16
CA TYR C 344 5.27 -21.08 12.08
C TYR C 344 6.12 -19.81 11.98
N LEU C 345 6.78 -19.74 10.84
CA LEU C 345 7.85 -18.77 10.57
C LEU C 345 7.47 -17.35 10.94
N GLN C 346 6.20 -16.99 10.78
CA GLN C 346 5.80 -15.59 10.82
C GLN C 346 6.18 -14.90 12.12
N LEU C 347 6.33 -15.65 13.21
CA LEU C 347 6.68 -15.05 14.48
C LEU C 347 8.11 -14.53 14.53
N MET C 348 8.96 -14.95 13.61
CA MET C 348 10.35 -14.54 13.67
C MET C 348 10.43 -13.05 13.41
N ARG C 349 10.70 -12.29 14.47
CA ARG C 349 10.86 -10.86 14.37
C ARG C 349 12.29 -10.54 13.96
N VAL C 350 12.44 -9.53 13.12
CA VAL C 350 13.72 -8.86 12.96
C VAL C 350 13.37 -7.37 13.10
N PRO C 351 13.58 -6.77 14.28
CA PRO C 351 12.78 -5.59 14.64
C PRO C 351 13.01 -4.35 13.79
N ALA C 352 14.17 -4.20 13.16
CA ALA C 352 14.44 -2.97 12.41
C ALA C 352 13.44 -2.72 11.30
N LEU C 353 12.79 -3.77 10.80
CA LEU C 353 11.91 -3.67 9.65
C LEU C 353 10.43 -3.74 10.02
N SER C 354 10.09 -3.95 11.29
CA SER C 354 8.72 -4.23 11.71
C SER C 354 7.73 -3.14 11.29
N ASP C 355 8.23 -1.96 10.91
CA ASP C 355 7.40 -0.99 10.19
C ASP C 355 6.75 -1.64 8.97
N ASN C 356 7.48 -2.51 8.29
CA ASN C 356 7.03 -3.24 7.12
C ASN C 356 7.14 -4.73 7.39
N ARG C 357 6.63 -5.54 6.47
CA ARG C 357 6.57 -6.99 6.57
C ARG C 357 7.17 -7.70 5.37
N THR C 358 6.94 -7.17 4.17
CA THR C 358 7.51 -7.74 2.95
C THR C 358 9.03 -7.86 3.05
N LEU C 359 9.68 -6.73 3.31
CA LEU C 359 11.13 -6.74 3.49
C LEU C 359 11.54 -7.64 4.64
N GLU C 360 10.69 -7.74 5.66
CA GLU C 360 11.01 -8.60 6.80
C GLU C 360 11.18 -10.04 6.36
N ILE C 361 10.19 -10.55 5.63
CA ILE C 361 10.26 -11.92 5.16
C ILE C 361 11.43 -12.11 4.22
N ALA C 362 11.68 -11.12 3.37
CA ALA C 362 12.83 -11.23 2.47
C ALA C 362 14.12 -11.38 3.25
N GLU C 363 14.27 -10.58 4.31
CA GLU C 363 15.44 -10.68 5.18
C GLU C 363 15.58 -12.07 5.77
N ILE C 364 14.49 -12.58 6.33
CA ILE C 364 14.56 -13.88 7.01
C ILE C 364 14.96 -14.97 6.03
N SER C 365 14.31 -14.99 4.87
CA SER C 365 14.58 -16.04 3.90
C SER C 365 16.02 -15.99 3.44
N ARG C 366 16.48 -14.80 3.06
CA ARG C 366 17.88 -14.56 2.72
C ARG C 366 18.82 -15.11 3.78
N SER C 367 18.53 -14.80 5.04
CA SER C 367 19.45 -15.15 6.11
C SER C 367 19.45 -16.65 6.39
N LEU C 368 18.29 -17.29 6.30
CA LEU C 368 18.23 -18.71 6.57
C LEU C 368 18.91 -19.51 5.46
N LYS C 369 18.71 -19.10 4.22
CA LYS C 369 19.45 -19.70 3.11
C LYS C 369 20.94 -19.60 3.36
N ALA C 370 21.40 -18.41 3.74
CA ALA C 370 22.81 -18.22 4.00
C ALA C 370 23.32 -19.11 5.12
N LEU C 371 22.54 -19.23 6.19
CA LEU C 371 22.89 -20.15 7.28
C LEU C 371 23.08 -21.56 6.77
N ALA C 372 22.01 -22.11 6.17
CA ALA C 372 22.01 -23.49 5.71
C ALA C 372 23.20 -23.78 4.83
N LYS C 373 23.55 -22.84 3.97
CA LYS C 373 24.71 -23.06 3.13
C LYS C 373 26.01 -22.87 3.89
N GLU C 374 26.01 -22.00 4.89
CA GLU C 374 27.19 -21.82 5.72
C GLU C 374 27.51 -23.08 6.51
N LEU C 375 26.55 -23.99 6.65
CA LEU C 375 26.76 -25.24 7.35
C LEU C 375 26.55 -26.48 6.50
N ASN C 376 26.09 -26.33 5.26
CA ASN C 376 25.80 -27.47 4.38
C ASN C 376 24.83 -28.43 5.05
N VAL C 377 23.64 -27.92 5.37
CA VAL C 377 22.58 -28.74 5.94
C VAL C 377 21.19 -28.30 5.47
N PRO C 378 20.18 -29.14 5.59
CA PRO C 378 18.83 -28.74 5.19
C PRO C 378 18.13 -27.92 6.26
N VAL C 379 17.08 -27.25 5.81
CA VAL C 379 16.26 -26.39 6.67
C VAL C 379 14.81 -26.52 6.28
N VAL C 380 14.05 -27.32 7.02
CA VAL C 380 12.61 -27.20 6.96
C VAL C 380 12.21 -25.86 7.52
N ALA C 381 11.10 -25.32 7.03
CA ALA C 381 10.61 -24.05 7.52
C ALA C 381 9.16 -23.86 7.08
N LEU C 382 8.29 -23.61 8.03
CA LEU C 382 6.87 -23.64 7.76
C LEU C 382 6.37 -22.24 7.44
N SER C 383 5.09 -22.12 7.18
CA SER C 383 4.53 -20.87 6.69
C SER C 383 3.02 -20.95 6.79
N GLN C 384 2.36 -19.95 6.22
CA GLN C 384 0.92 -19.89 6.12
C GLN C 384 0.57 -19.27 4.79
N LEU C 385 -0.66 -19.49 4.36
CA LEU C 385 -1.14 -18.98 3.09
C LEU C 385 -2.27 -18.00 3.31
N ASN C 386 -2.22 -16.89 2.58
CA ASN C 386 -3.29 -15.93 2.59
C ASN C 386 -4.56 -16.58 2.06
N ARG C 387 -5.69 -16.08 2.57
CA ARG C 387 -6.99 -16.73 2.36
C ARG C 387 -7.70 -16.21 1.11
N SER C 388 -6.98 -16.13 0.00
CA SER C 388 -7.56 -15.68 -1.25
C SER C 388 -8.18 -16.83 -2.03
N LEU C 389 -7.57 -18.01 -1.94
CA LEU C 389 -8.02 -19.17 -2.69
C LEU C 389 -9.47 -19.54 -2.39
N GLU C 390 -9.94 -19.23 -1.17
CA GLU C 390 -11.27 -19.65 -0.73
C GLU C 390 -12.35 -19.28 -1.72
N GLN C 391 -12.21 -18.11 -2.34
CA GLN C 391 -13.19 -17.63 -3.32
C GLN C 391 -12.83 -18.09 -4.73
N ARG C 392 -12.56 -19.39 -4.88
CA ARG C 392 -12.27 -19.98 -6.18
C ARG C 392 -12.95 -21.31 -6.44
N ALA C 393 -13.34 -22.05 -5.40
CA ALA C 393 -14.03 -23.33 -5.50
C ALA C 393 -13.18 -24.45 -6.09
N ASP C 394 -11.87 -24.25 -6.26
CA ASP C 394 -10.94 -25.33 -6.54
C ASP C 394 -10.06 -25.61 -5.32
N LYS C 395 -9.36 -24.60 -4.82
CA LYS C 395 -8.70 -24.57 -3.52
C LYS C 395 -7.46 -25.43 -3.43
N ARG C 396 -7.06 -26.09 -4.51
CA ARG C 396 -5.77 -26.75 -4.52
C ARG C 396 -4.70 -25.66 -4.57
N PRO C 397 -3.91 -25.44 -3.53
CA PRO C 397 -3.01 -24.28 -3.51
C PRO C 397 -1.98 -24.30 -4.62
N VAL C 398 -1.49 -23.10 -4.94
CA VAL C 398 -0.52 -22.90 -6.00
C VAL C 398 0.45 -21.80 -5.60
N ASN C 399 1.46 -21.59 -6.42
CA ASN C 399 2.56 -20.66 -6.13
C ASN C 399 2.11 -19.22 -5.96
N SER C 400 0.88 -18.88 -6.33
CA SER C 400 0.45 -17.49 -6.43
C SER C 400 -0.30 -16.99 -5.21
N ASP C 401 -0.70 -17.87 -4.30
CA ASP C 401 -1.59 -17.50 -3.21
C ASP C 401 -0.85 -17.17 -1.92
N LEU C 402 0.44 -17.46 -1.84
CA LEU C 402 1.24 -17.05 -0.69
C LEU C 402 1.81 -15.66 -0.94
N ARG C 403 1.47 -14.72 -0.07
CA ARG C 403 1.79 -13.31 -0.22
C ARG C 403 2.62 -12.89 0.99
N GLU C 404 3.91 -13.17 0.89
CA GLU C 404 4.87 -12.93 1.95
C GLU C 404 6.15 -12.40 1.31
N SER C 405 5.96 -11.46 0.40
CA SER C 405 6.94 -10.87 -0.51
C SER C 405 7.21 -11.78 -1.69
N GLY C 406 6.74 -13.02 -1.70
CA GLY C 406 7.12 -13.92 -2.76
C GLY C 406 8.60 -14.15 -2.87
N SER C 407 9.37 -13.84 -1.82
CA SER C 407 10.79 -14.14 -1.80
C SER C 407 11.01 -15.61 -1.47
N ILE C 408 10.22 -16.11 -0.53
CA ILE C 408 10.15 -17.53 -0.22
C ILE C 408 9.83 -18.34 -1.45
N GLU C 409 9.09 -17.76 -2.40
CA GLU C 409 8.84 -18.38 -3.69
C GLU C 409 10.06 -18.34 -4.60
N GLN C 410 11.14 -17.66 -4.20
CA GLN C 410 12.35 -17.53 -4.98
C GLN C 410 13.55 -18.24 -4.35
N ASP C 411 13.82 -17.97 -3.08
CA ASP C 411 14.95 -18.58 -2.40
C ASP C 411 14.87 -20.09 -2.41
N ALA C 412 13.70 -20.61 -2.09
CA ALA C 412 13.54 -22.03 -1.79
C ALA C 412 13.97 -22.93 -2.94
N ASP C 413 14.69 -23.99 -2.58
CA ASP C 413 14.95 -25.09 -3.48
C ASP C 413 13.86 -26.13 -3.44
N LEU C 414 12.81 -25.91 -2.67
CA LEU C 414 11.69 -26.84 -2.62
C LEU C 414 10.54 -26.19 -1.88
N ILE C 415 9.34 -26.50 -2.34
CA ILE C 415 8.10 -26.07 -1.72
C ILE C 415 7.14 -27.23 -1.86
N MET C 416 6.45 -27.57 -0.79
CA MET C 416 5.52 -28.69 -0.81
C MET C 416 4.29 -28.33 0.02
N PHE C 417 3.28 -27.83 -0.67
CA PHE C 417 2.00 -27.52 -0.06
C PHE C 417 1.31 -28.79 0.39
N ILE C 418 0.19 -28.58 1.07
CA ILE C 418 -0.57 -29.65 1.71
C ILE C 418 -2.05 -29.32 1.52
N TYR C 419 -2.79 -30.24 0.90
CA TYR C 419 -4.24 -30.15 0.80
C TYR C 419 -4.84 -31.45 1.31
N ARG C 420 -6.04 -31.32 1.88
CA ARG C 420 -6.67 -32.42 2.60
C ARG C 420 -8.18 -32.17 2.58
N ASP C 421 -8.88 -32.88 1.71
CA ASP C 421 -10.25 -32.51 1.34
C ASP C 421 -11.20 -32.57 2.52
N GLU C 422 -10.94 -33.41 3.50
CA GLU C 422 -11.95 -33.69 4.52
C GLU C 422 -12.08 -32.59 5.55
N VAL C 423 -11.56 -31.39 5.29
CA VAL C 423 -11.90 -30.19 6.06
C VAL C 423 -13.00 -29.44 5.33
N TYR C 424 -12.72 -29.04 4.10
CA TYR C 424 -13.64 -28.20 3.34
C TYR C 424 -14.97 -28.92 3.10
N HIS C 425 -14.93 -29.97 2.30
CA HIS C 425 -16.07 -30.83 2.14
C HIS C 425 -16.19 -31.77 3.33
N GLU C 426 -17.36 -32.41 3.43
CA GLU C 426 -17.58 -33.50 4.36
C GLU C 426 -18.28 -34.69 3.72
N ASN C 427 -18.75 -34.57 2.49
CA ASN C 427 -19.35 -35.66 1.74
C ASN C 427 -18.30 -36.49 1.01
N SER C 428 -17.06 -36.44 1.45
CA SER C 428 -15.94 -36.75 0.59
C SER C 428 -15.90 -38.20 0.15
N ASP C 429 -15.49 -38.41 -1.10
CA ASP C 429 -15.01 -39.69 -1.58
C ASP C 429 -13.51 -39.85 -1.34
N LEU C 430 -12.92 -38.98 -0.53
CA LEU C 430 -11.49 -38.77 -0.44
C LEU C 430 -11.11 -38.56 1.02
N LYS C 431 -11.62 -39.42 1.89
CA LYS C 431 -11.51 -39.23 3.33
C LYS C 431 -10.28 -39.92 3.89
N GLY C 432 -9.66 -39.29 4.87
CA GLY C 432 -8.46 -39.83 5.47
C GLY C 432 -7.33 -39.88 4.50
N ILE C 433 -7.21 -38.87 3.66
CA ILE C 433 -6.23 -38.81 2.58
C ILE C 433 -5.72 -37.38 2.52
N ALA C 434 -4.40 -37.22 2.53
CA ALA C 434 -3.78 -35.92 2.39
C ALA C 434 -2.77 -35.99 1.27
N GLU C 435 -2.89 -35.05 0.34
CA GLU C 435 -2.04 -34.98 -0.82
C GLU C 435 -1.05 -33.85 -0.67
N ILE C 436 0.08 -33.99 -1.35
CA ILE C 436 1.20 -33.09 -1.23
C ILE C 436 1.41 -32.45 -2.59
N ILE C 437 1.01 -31.19 -2.72
CA ILE C 437 1.12 -30.47 -3.97
C ILE C 437 2.46 -29.77 -3.94
N ILE C 438 3.47 -30.43 -4.51
CA ILE C 438 4.72 -29.74 -4.78
C ILE C 438 4.44 -28.66 -5.81
N GLY C 439 5.12 -27.54 -5.66
CA GLY C 439 4.88 -26.37 -6.48
C GLY C 439 6.13 -25.70 -6.98
N LYS C 440 7.29 -26.24 -6.61
CA LYS C 440 8.54 -25.70 -7.09
C LYS C 440 9.62 -26.70 -6.79
N GLN C 441 10.68 -26.62 -7.58
CA GLN C 441 11.81 -27.50 -7.42
C GLN C 441 12.96 -26.87 -8.17
N ARG C 442 14.16 -27.03 -7.63
CA ARG C 442 15.36 -26.47 -8.20
C ARG C 442 16.26 -27.51 -8.83
N ASN C 443 16.08 -28.78 -8.48
CA ASN C 443 16.89 -29.87 -9.02
C ASN C 443 16.07 -30.93 -9.73
N GLY C 444 15.04 -31.47 -9.10
CA GLY C 444 14.21 -32.49 -9.72
C GLY C 444 13.05 -31.89 -10.47
N PRO C 445 12.08 -32.72 -10.81
CA PRO C 445 10.80 -32.23 -11.33
C PRO C 445 9.69 -32.14 -10.30
N ILE C 446 8.57 -31.52 -10.69
CA ILE C 446 7.36 -31.44 -9.87
C ILE C 446 6.56 -32.72 -9.97
N GLY C 447 5.51 -32.80 -9.17
CA GLY C 447 4.60 -33.92 -9.22
C GLY C 447 3.40 -33.71 -8.33
N THR C 448 3.01 -34.77 -7.63
CA THR C 448 1.97 -34.74 -6.63
C THR C 448 1.98 -36.09 -5.94
N VAL C 449 1.92 -36.08 -4.62
CA VAL C 449 1.98 -37.29 -3.81
C VAL C 449 0.68 -37.42 -3.05
N ARG C 450 0.34 -38.65 -2.74
CA ARG C 450 -0.93 -39.00 -2.11
C ARG C 450 -0.61 -39.77 -0.85
N LEU C 451 -0.93 -39.17 0.30
CA LEU C 451 -0.67 -39.75 1.60
C LEU C 451 -1.95 -39.81 2.39
N THR C 452 -1.90 -40.57 3.47
CA THR C 452 -3.04 -40.81 4.33
C THR C 452 -2.79 -40.22 5.70
N PHE C 453 -3.89 -39.89 6.36
CA PHE C 453 -3.86 -39.12 7.59
C PHE C 453 -4.72 -39.83 8.63
N ASN C 454 -4.17 -40.01 9.81
CA ASN C 454 -4.91 -40.55 10.94
C ASN C 454 -4.44 -39.80 12.16
N GLY C 455 -5.10 -38.69 12.44
CA GLY C 455 -4.55 -37.68 13.30
C GLY C 455 -4.86 -37.76 14.76
N GLN C 456 -5.57 -38.80 15.22
CA GLN C 456 -5.76 -38.91 16.66
C GLN C 456 -4.48 -39.31 17.36
N TRP C 457 -3.42 -39.65 16.63
CA TRP C 457 -2.06 -39.72 17.15
C TRP C 457 -1.07 -38.93 16.30
N SER C 458 -1.54 -38.14 15.33
CA SER C 458 -0.73 -37.17 14.61
C SER C 458 0.43 -37.83 13.87
N ARG C 459 0.10 -38.60 12.83
CA ARG C 459 1.12 -39.06 11.91
C ARG C 459 0.55 -39.33 10.52
N PHE C 460 1.34 -38.99 9.50
CA PHE C 460 1.10 -39.35 8.11
C PHE C 460 1.69 -40.71 7.80
N ASP C 461 1.18 -41.33 6.75
CA ASP C 461 1.67 -42.64 6.32
C ASP C 461 1.66 -42.78 4.82
N ASN C 462 2.34 -43.82 4.36
CA ASN C 462 2.37 -44.18 2.96
C ASN C 462 0.98 -44.56 2.49
N TYR C 463 0.83 -44.61 1.17
CA TYR C 463 -0.43 -44.98 0.53
C TYR C 463 -0.11 -45.86 -0.66
N ALA C 464 -0.04 -47.16 -0.42
CA ALA C 464 0.03 -48.12 -1.51
C ALA C 464 -1.35 -48.20 -2.14
N GLY C 465 -1.49 -47.61 -3.31
CA GLY C 465 -2.79 -47.46 -3.92
C GLY C 465 -2.72 -47.25 -5.41
N PRO C 466 -3.85 -46.89 -6.01
CA PRO C 466 -3.89 -46.66 -7.46
C PRO C 466 -2.97 -45.52 -7.87
N GLN C 467 -2.65 -45.50 -9.17
CA GLN C 467 -1.87 -44.41 -9.73
C GLN C 467 -2.70 -43.12 -9.74
N TYR C 468 -2.03 -42.03 -10.09
CA TYR C 468 -2.70 -40.75 -10.27
C TYR C 468 -2.48 -40.26 -11.70
N LEU D 24 69.42 14.83 -4.65
CA LEU D 24 69.67 13.47 -4.19
C LEU D 24 68.41 12.61 -4.36
N LYS D 25 67.27 13.23 -4.09
CA LYS D 25 65.97 12.57 -4.16
C LYS D 25 65.09 13.39 -5.08
N VAL D 26 65.02 12.99 -6.35
CA VAL D 26 64.40 13.78 -7.40
C VAL D 26 63.46 12.91 -8.22
N PRO D 27 62.38 13.44 -8.79
CA PRO D 27 61.66 12.71 -9.83
C PRO D 27 62.53 12.57 -11.06
N PRO D 28 62.81 11.34 -11.50
CA PRO D 28 63.89 11.16 -12.49
C PRO D 28 63.43 11.48 -13.90
N HIS D 29 64.10 12.46 -14.51
CA HIS D 29 63.92 12.79 -15.91
C HIS D 29 65.29 12.95 -16.57
N SER D 30 65.39 12.48 -17.80
CA SER D 30 66.61 12.60 -18.60
C SER D 30 66.39 13.69 -19.63
N ILE D 31 66.62 14.94 -19.19
CA ILE D 31 66.40 16.10 -20.05
C ILE D 31 67.33 16.09 -21.24
N GLU D 32 68.53 15.56 -21.06
CA GLU D 32 69.51 15.52 -22.15
C GLU D 32 69.03 14.63 -23.29
N ALA D 33 68.74 13.36 -22.98
CA ALA D 33 68.35 12.40 -24.00
C ALA D 33 67.05 12.79 -24.67
N GLU D 34 66.15 13.43 -23.92
CA GLU D 34 64.89 13.92 -24.49
C GLU D 34 65.17 14.88 -25.65
N GLN D 35 65.90 15.96 -25.36
CA GLN D 35 66.28 16.91 -26.40
C GLN D 35 67.06 16.23 -27.52
N SER D 36 67.87 15.22 -27.18
CA SER D 36 68.57 14.48 -28.22
C SER D 36 67.59 13.84 -29.19
N VAL D 37 66.53 13.23 -28.65
CA VAL D 37 65.49 12.65 -29.48
C VAL D 37 64.86 13.72 -30.36
N LEU D 38 64.53 14.86 -29.77
CA LEU D 38 63.86 15.93 -30.52
C LEU D 38 64.70 16.34 -31.73
N GLY D 39 65.93 16.75 -31.49
CA GLY D 39 66.77 17.20 -32.59
C GLY D 39 67.11 16.10 -33.57
N GLY D 40 67.15 14.85 -33.10
CA GLY D 40 67.33 13.75 -34.03
C GLY D 40 66.13 13.57 -34.94
N LEU D 41 64.93 13.86 -34.42
CA LEU D 41 63.75 13.80 -35.27
C LEU D 41 63.71 14.97 -36.24
N MET D 42 64.32 16.09 -35.88
CA MET D 42 64.27 17.26 -36.74
C MET D 42 64.92 16.99 -38.10
N LEU D 43 66.20 16.59 -38.10
CA LEU D 43 66.90 16.33 -39.35
C LEU D 43 66.64 14.94 -39.90
N ASP D 44 65.73 14.16 -39.29
CA ASP D 44 65.35 12.83 -39.80
C ASP D 44 63.84 12.71 -39.63
N ASN D 45 63.11 13.06 -40.67
CA ASN D 45 61.66 12.90 -40.69
C ASN D 45 61.24 11.48 -41.06
N GLU D 46 62.18 10.60 -41.36
CA GLU D 46 61.87 9.22 -41.72
C GLU D 46 61.71 8.36 -40.47
N ARG D 47 62.75 8.29 -39.65
CA ARG D 47 62.73 7.46 -38.44
C ARG D 47 61.89 8.16 -37.37
N TRP D 48 60.58 8.12 -37.59
CA TRP D 48 59.62 8.74 -36.70
C TRP D 48 58.55 7.77 -36.22
N ASP D 49 58.13 6.84 -37.08
CA ASP D 49 57.17 5.83 -36.62
C ASP D 49 57.78 4.92 -35.57
N ASP D 50 59.04 4.54 -35.77
CA ASP D 50 59.70 3.66 -34.81
C ASP D 50 59.78 4.30 -33.43
N VAL D 51 60.13 5.58 -33.39
CA VAL D 51 60.08 6.33 -32.14
C VAL D 51 58.65 6.40 -31.63
N ALA D 52 57.70 6.63 -32.53
CA ALA D 52 56.29 6.77 -32.15
C ALA D 52 55.73 5.51 -31.53
N GLU D 53 56.37 4.37 -31.74
CA GLU D 53 55.98 3.16 -31.03
C GLU D 53 56.23 3.22 -29.53
N ARG D 54 56.96 4.23 -29.06
CA ARG D 54 57.48 4.23 -27.70
C ARG D 54 57.17 5.51 -26.91
N VAL D 55 57.16 6.65 -27.60
CA VAL D 55 57.09 7.95 -26.94
C VAL D 55 55.72 8.58 -27.19
N VAL D 56 55.26 9.33 -26.18
CA VAL D 56 53.96 10.01 -26.21
C VAL D 56 54.13 11.36 -25.54
N ALA D 57 53.23 12.29 -25.88
CA ALA D 57 53.31 13.64 -25.34
C ALA D 57 53.29 13.65 -23.81
N ASP D 58 52.44 12.82 -23.20
CA ASP D 58 52.40 12.74 -21.73
C ASP D 58 53.69 12.21 -21.13
N ASP D 59 54.56 11.61 -21.94
CA ASP D 59 55.77 10.95 -21.47
C ASP D 59 56.87 11.94 -21.14
N PHE D 60 56.84 13.13 -21.75
CA PHE D 60 57.82 14.16 -21.44
C PHE D 60 57.49 14.81 -20.10
N TYR D 61 58.26 15.84 -19.76
CA TYR D 61 58.36 16.41 -18.43
C TYR D 61 57.93 17.87 -18.39
N THR D 62 58.50 18.69 -19.26
CA THR D 62 58.12 20.09 -19.38
C THR D 62 57.10 20.27 -20.51
N ARG D 63 56.55 21.48 -20.59
CA ARG D 63 55.49 21.78 -21.54
C ARG D 63 55.97 22.06 -22.96
N PRO D 64 57.02 22.90 -23.15
CA PRO D 64 57.44 23.21 -24.53
C PRO D 64 57.77 21.99 -25.36
N HIS D 65 58.42 21.00 -24.75
CA HIS D 65 58.71 19.77 -25.47
C HIS D 65 57.43 19.06 -25.90
N ARG D 66 56.39 19.11 -25.06
CA ARG D 66 55.12 18.50 -25.44
C ARG D 66 54.49 19.23 -26.62
N HIS D 67 54.44 20.56 -26.55
CA HIS D 67 53.92 21.35 -27.66
C HIS D 67 54.66 21.00 -28.95
N ILE D 68 55.99 20.96 -28.85
CA ILE D 68 56.82 20.60 -30.01
C ILE D 68 56.40 19.25 -30.55
N PHE D 69 56.33 18.24 -29.69
CA PHE D 69 56.11 16.89 -30.17
C PHE D 69 54.73 16.74 -30.82
N THR D 70 53.71 17.29 -30.18
CA THR D 70 52.36 17.11 -30.72
C THR D 70 52.20 17.89 -32.02
N GLU D 71 52.82 19.06 -32.14
CA GLU D 71 52.79 19.76 -33.42
C GLU D 71 53.55 19.00 -34.48
N MET D 72 54.70 18.43 -34.11
CA MET D 72 55.45 17.60 -35.05
C MET D 72 54.59 16.48 -35.59
N ALA D 73 53.78 15.87 -34.74
CA ALA D 73 52.97 14.75 -35.20
C ALA D 73 51.81 15.21 -36.07
N ARG D 74 51.13 16.27 -35.62
CA ARG D 74 50.07 16.87 -36.42
C ARG D 74 50.56 17.23 -37.81
N LEU D 75 51.83 17.63 -37.93
CA LEU D 75 52.39 18.02 -39.23
C LEU D 75 52.89 16.82 -40.03
N GLN D 76 53.48 15.83 -39.37
CA GLN D 76 53.86 14.61 -40.07
C GLN D 76 52.65 13.89 -40.64
N GLU D 77 51.45 14.22 -40.16
CA GLU D 77 50.27 13.85 -40.95
C GLU D 77 50.39 14.45 -42.34
N SER D 78 50.32 15.78 -42.46
CA SER D 78 50.29 16.44 -43.77
C SER D 78 51.66 16.91 -44.22
N GLY D 79 52.27 17.86 -43.51
CA GLY D 79 53.53 18.43 -43.93
C GLY D 79 54.70 17.63 -43.39
N SER D 80 55.18 16.70 -44.19
CA SER D 80 56.18 15.76 -43.73
C SER D 80 57.59 16.31 -43.77
N PRO D 81 58.08 16.90 -44.89
CA PRO D 81 59.46 17.40 -44.85
C PRO D 81 59.56 18.63 -43.97
N ILE D 82 60.05 18.42 -42.76
CA ILE D 82 60.08 19.44 -41.72
C ILE D 82 61.36 19.24 -40.92
N ASP D 83 62.21 20.27 -40.88
CA ASP D 83 63.44 20.21 -40.10
C ASP D 83 63.52 21.30 -39.05
N LEU D 84 63.37 22.56 -39.43
CA LEU D 84 63.72 23.71 -38.62
C LEU D 84 62.65 24.78 -38.57
N ILE D 85 61.97 25.01 -39.69
CA ILE D 85 61.26 26.27 -39.95
C ILE D 85 59.77 26.05 -40.12
N THR D 86 59.38 24.95 -40.78
CA THR D 86 57.98 24.64 -40.97
C THR D 86 57.26 24.51 -39.64
N LEU D 87 57.96 24.01 -38.62
CA LEU D 87 57.37 23.95 -37.29
C LEU D 87 57.07 25.34 -36.78
N ALA D 88 57.98 26.29 -36.98
CA ALA D 88 57.75 27.65 -36.52
C ALA D 88 56.59 28.28 -37.28
N GLU D 89 56.48 27.98 -38.58
CA GLU D 89 55.36 28.49 -39.36
C GLU D 89 54.03 27.97 -38.83
N SER D 90 53.92 26.64 -38.65
CA SER D 90 52.68 26.07 -38.13
C SER D 90 52.39 26.61 -36.73
N LEU D 91 53.43 26.73 -35.92
CA LEU D 91 53.29 27.29 -34.58
C LEU D 91 52.81 28.73 -34.64
N GLU D 92 53.12 29.44 -35.73
CA GLU D 92 52.58 30.78 -35.96
C GLU D 92 51.12 30.73 -36.39
N ARG D 93 50.75 29.73 -37.20
CA ARG D 93 49.40 29.68 -37.75
C ARG D 93 48.34 29.59 -36.67
N GLN D 94 48.70 29.13 -35.46
CA GLN D 94 47.84 29.24 -34.29
C GLN D 94 48.32 30.29 -33.29
N GLY D 95 49.49 30.88 -33.52
CA GLY D 95 49.90 32.06 -32.78
C GLY D 95 50.41 31.73 -31.39
N GLN D 96 51.51 30.99 -31.32
CA GLN D 96 52.10 30.57 -30.06
C GLN D 96 53.60 30.86 -29.99
N LEU D 97 54.16 31.56 -30.98
CA LEU D 97 55.57 31.95 -30.93
C LEU D 97 55.86 32.68 -29.63
N ASP D 98 57.05 32.42 -29.08
CA ASP D 98 57.56 33.03 -27.86
C ASP D 98 56.88 32.50 -26.60
N SER D 99 55.85 31.67 -26.73
CA SER D 99 55.23 31.04 -25.58
C SER D 99 56.00 29.81 -25.11
N VAL D 100 56.90 29.29 -25.93
CA VAL D 100 57.59 28.03 -25.68
C VAL D 100 59.08 28.22 -25.85
N GLY D 101 59.57 29.43 -25.60
CA GLY D 101 60.91 29.82 -25.96
C GLY D 101 60.90 30.73 -27.15
N GLY D 102 61.19 30.17 -28.32
CA GLY D 102 61.05 30.92 -29.55
C GLY D 102 61.93 30.32 -30.64
N PHE D 103 62.04 31.07 -31.72
CA PHE D 103 62.86 30.65 -32.85
C PHE D 103 64.33 30.55 -32.46
N ALA D 104 64.80 31.54 -31.70
CA ALA D 104 66.18 31.52 -31.22
C ALA D 104 66.42 30.35 -30.29
N TYR D 105 65.44 30.05 -29.44
CA TYR D 105 65.53 28.87 -28.60
C TYR D 105 65.63 27.61 -29.46
N LEU D 106 64.80 27.53 -30.50
CA LEU D 106 64.75 26.34 -31.33
C LEU D 106 66.04 26.13 -32.12
N ALA D 107 66.76 27.21 -32.41
CA ALA D 107 68.02 27.11 -33.14
C ALA D 107 68.97 26.14 -32.46
N GLU D 108 69.08 26.23 -31.13
CA GLU D 108 69.99 25.34 -30.41
C GLU D 108 69.49 23.91 -30.42
N LEU D 109 68.17 23.73 -30.33
CA LEU D 109 67.59 22.40 -30.46
C LEU D 109 67.90 21.80 -31.82
N SER D 110 68.03 22.65 -32.83
CA SER D 110 68.38 22.20 -34.17
C SER D 110 69.84 21.78 -34.23
N LYS D 111 70.73 22.63 -33.73
CA LYS D 111 72.17 22.40 -33.92
C LYS D 111 72.62 21.10 -33.29
N ASN D 112 72.13 20.80 -32.09
CA ASN D 112 72.68 19.72 -31.29
C ASN D 112 72.26 18.37 -31.87
N THR D 113 72.60 17.30 -31.14
CA THR D 113 72.37 15.89 -31.44
C THR D 113 72.69 15.51 -32.88
N PRO D 114 73.97 15.35 -33.21
CA PRO D 114 74.34 14.77 -34.50
C PRO D 114 74.23 13.24 -34.57
N SER D 115 73.46 12.65 -33.65
CA SER D 115 73.48 11.20 -33.44
C SER D 115 72.98 10.44 -34.65
N ALA D 116 73.50 9.22 -34.80
CA ALA D 116 73.05 8.27 -35.82
C ALA D 116 72.54 6.97 -35.23
N ALA D 117 73.33 6.31 -34.37
CA ALA D 117 73.06 4.93 -34.00
C ALA D 117 71.98 4.81 -32.94
N ASN D 118 72.07 5.58 -31.85
CA ASN D 118 71.24 5.38 -30.68
C ASN D 118 70.26 6.54 -30.52
N ILE D 119 68.99 6.26 -30.81
CA ILE D 119 67.90 7.19 -30.56
C ILE D 119 66.82 6.45 -29.79
N SER D 120 66.44 5.28 -30.29
CA SER D 120 65.28 4.57 -29.75
C SER D 120 65.52 4.08 -28.33
N ALA D 121 66.78 3.84 -27.95
CA ALA D 121 67.07 3.45 -26.57
C ALA D 121 66.73 4.58 -25.61
N TYR D 122 67.01 5.82 -26.02
CA TYR D 122 66.61 6.97 -25.22
C TYR D 122 65.11 6.98 -25.02
N ALA D 123 64.34 6.73 -26.07
CA ALA D 123 62.89 6.65 -25.94
C ALA D 123 62.48 5.57 -24.96
N ASP D 124 63.11 4.40 -25.06
CA ASP D 124 62.82 3.30 -24.14
C ASP D 124 62.98 3.73 -22.70
N ILE D 125 64.13 4.33 -22.38
CA ILE D 125 64.39 4.68 -21.00
C ILE D 125 63.47 5.80 -20.54
N VAL D 126 63.11 6.72 -21.43
CA VAL D 126 62.24 7.83 -21.01
C VAL D 126 60.86 7.30 -20.68
N ARG D 127 60.32 6.41 -21.52
CA ARG D 127 59.05 5.77 -21.20
C ARG D 127 59.13 5.04 -19.87
N GLU D 128 60.26 4.38 -19.62
CA GLU D 128 60.48 3.73 -18.34
C GLU D 128 60.40 4.73 -17.19
N ARG D 129 61.09 5.86 -17.34
CA ARG D 129 61.07 6.90 -16.31
C ARG D 129 59.66 7.39 -16.04
N ALA D 130 58.84 7.46 -17.09
CA ALA D 130 57.47 7.92 -16.89
C ALA D 130 56.68 6.92 -16.07
N VAL D 131 56.87 5.63 -16.35
CA VAL D 131 56.20 4.62 -15.54
C VAL D 131 56.57 4.78 -14.08
N VAL D 132 57.87 5.00 -13.82
CA VAL D 132 58.34 5.22 -12.45
C VAL D 132 57.59 6.40 -11.83
N ARG D 133 57.71 7.57 -12.46
CA ARG D 133 57.08 8.80 -11.96
C ARG D 133 55.61 8.60 -11.67
N GLU D 134 54.93 7.85 -12.53
CA GLU D 134 53.52 7.56 -12.33
C GLU D 134 53.31 6.78 -11.05
N MET D 135 54.15 5.77 -10.83
CA MET D 135 54.04 4.98 -9.61
C MET D 135 54.19 5.85 -8.37
N ILE D 136 55.14 6.78 -8.41
CA ILE D 136 55.35 7.65 -7.26
C ILE D 136 54.11 8.51 -7.00
N SER D 137 53.59 9.14 -8.06
CA SER D 137 52.42 10.01 -7.90
C SER D 137 51.24 9.24 -7.34
N VAL D 138 51.05 8.01 -7.80
CA VAL D 138 49.94 7.20 -7.31
C VAL D 138 50.13 6.87 -5.84
N ALA D 139 51.34 6.48 -5.45
CA ALA D 139 51.62 6.22 -4.04
C ALA D 139 51.28 7.45 -3.20
N ASN D 140 51.55 8.63 -3.74
CA ASN D 140 51.25 9.85 -3.01
C ASN D 140 49.75 10.04 -2.85
N GLU D 141 48.97 9.78 -3.90
CA GLU D 141 47.52 9.90 -3.77
C GLU D 141 46.98 8.90 -2.77
N ILE D 142 47.57 7.70 -2.73
CA ILE D 142 47.13 6.69 -1.78
C ILE D 142 47.33 7.20 -0.36
N ALA D 143 48.52 7.71 -0.06
CA ALA D 143 48.77 8.20 1.29
C ALA D 143 47.86 9.38 1.63
N GLU D 144 47.59 10.24 0.65
CA GLU D 144 46.66 11.35 0.85
C GLU D 144 45.31 10.83 1.32
N ALA D 145 44.68 9.98 0.51
CA ALA D 145 43.38 9.45 0.89
C ALA D 145 43.44 8.65 2.19
N GLY D 146 44.62 8.16 2.56
CA GLY D 146 44.77 7.58 3.89
C GLY D 146 44.59 8.59 4.99
N PHE D 147 45.31 9.71 4.92
CA PHE D 147 45.21 10.71 5.97
C PHE D 147 43.87 11.43 5.91
N ASP D 148 43.34 11.65 4.71
CA ASP D 148 42.07 12.31 4.48
C ASP D 148 41.08 11.27 3.98
N PRO D 149 40.55 10.41 4.86
CA PRO D 149 39.61 9.40 4.39
C PRO D 149 38.34 9.99 3.81
N GLN D 150 37.95 11.18 4.27
CA GLN D 150 36.83 11.93 3.70
C GLN D 150 35.54 11.14 3.88
N GLY D 151 35.31 10.69 5.12
CA GLY D 151 34.11 9.96 5.44
C GLY D 151 34.00 8.70 4.63
N ARG D 152 34.89 7.75 4.90
CA ARG D 152 35.05 6.60 4.03
C ARG D 152 35.48 5.40 4.84
N THR D 153 35.07 4.23 4.39
CA THR D 153 35.38 2.97 5.04
C THR D 153 36.71 2.43 4.53
N SER D 154 37.16 1.34 5.15
CA SER D 154 38.33 0.63 4.64
C SER D 154 37.98 -0.12 3.37
N GLU D 155 36.77 -0.68 3.30
CA GLU D 155 36.38 -1.48 2.16
C GLU D 155 36.42 -0.66 0.87
N ASP D 156 35.97 0.59 0.94
CA ASP D 156 36.00 1.49 -0.20
C ASP D 156 37.34 2.20 -0.36
N LEU D 157 38.38 1.73 0.32
CA LEU D 157 39.70 2.35 0.37
C LEU D 157 40.76 1.40 -0.17
N LEU D 158 40.75 0.16 0.32
CA LEU D 158 41.56 -0.88 -0.28
C LEU D 158 41.24 -1.02 -1.76
N ASP D 159 39.96 -0.90 -2.13
CA ASP D 159 39.58 -1.04 -3.53
C ASP D 159 40.19 0.05 -4.37
N LEU D 160 40.14 1.28 -3.89
CA LEU D 160 40.81 2.40 -4.54
C LEU D 160 42.26 2.06 -4.81
N ALA D 161 42.97 1.65 -3.76
CA ALA D 161 44.39 1.38 -3.89
C ALA D 161 44.66 0.26 -4.90
N GLU D 162 43.94 -0.85 -4.74
CA GLU D 162 44.17 -2.02 -5.58
C GLU D 162 43.91 -1.69 -7.04
N SER D 163 42.81 -1.00 -7.32
CA SER D 163 42.46 -0.68 -8.69
C SER D 163 43.49 0.26 -9.29
N ARG D 164 43.92 1.24 -8.51
CA ARG D 164 44.82 2.24 -9.06
C ARG D 164 46.21 1.66 -9.33
N VAL D 165 46.61 0.62 -8.60
CA VAL D 165 47.86 -0.05 -8.94
C VAL D 165 47.67 -0.96 -10.14
N PHE D 166 46.58 -1.73 -10.14
CA PHE D 166 46.40 -2.72 -11.19
C PHE D 166 46.25 -2.04 -12.55
N LYS D 167 45.70 -0.84 -12.57
CA LYS D 167 45.56 -0.12 -13.82
C LYS D 167 46.91 0.23 -14.44
N ILE D 168 47.95 0.32 -13.63
CA ILE D 168 49.30 0.53 -14.16
C ILE D 168 49.93 -0.80 -14.54
N ALA D 169 49.70 -1.81 -13.71
CA ALA D 169 50.30 -3.12 -13.98
C ALA D 169 49.81 -3.68 -15.31
N GLU D 170 48.55 -3.44 -15.63
CA GLU D 170 47.98 -3.77 -16.92
C GLU D 170 48.43 -2.70 -17.91
N SER D 171 47.82 -2.66 -19.09
CA SER D 171 47.84 -1.45 -19.90
C SER D 171 49.22 -1.12 -20.42
N ARG D 172 49.68 -1.93 -21.38
CA ARG D 172 50.86 -1.69 -22.21
C ARG D 172 51.06 -0.21 -22.52
N ALA D 173 49.97 0.46 -22.88
CA ALA D 173 49.91 1.91 -23.02
C ALA D 173 48.77 2.37 -22.13
N ASN D 174 48.24 3.57 -22.34
CA ASN D 174 47.02 4.01 -21.65
C ASN D 174 47.24 4.10 -20.13
N LYS D 175 48.03 5.11 -19.75
CA LYS D 175 48.36 5.40 -18.35
C LYS D 175 47.13 5.73 -17.53
N ASP D 176 47.33 6.01 -16.24
CA ASP D 176 46.30 5.92 -15.22
C ASP D 176 45.23 7.01 -15.39
N GLU D 177 44.36 7.12 -14.37
CA GLU D 177 43.20 8.00 -14.39
C GLU D 177 43.55 9.41 -14.86
N GLY D 178 42.56 10.07 -15.41
CA GLY D 178 42.70 11.38 -15.97
C GLY D 178 42.22 11.35 -17.40
N PRO D 179 41.90 12.49 -17.98
CA PRO D 179 41.44 12.50 -19.36
C PRO D 179 42.56 12.19 -20.32
N LYS D 180 42.17 11.99 -21.57
CA LYS D 180 43.08 11.65 -22.64
C LYS D 180 42.67 12.39 -23.89
N ASN D 181 43.65 12.72 -24.70
CA ASN D 181 43.42 13.34 -26.00
C ASN D 181 42.84 12.27 -26.93
N ILE D 182 42.68 12.61 -28.19
CA ILE D 182 41.86 11.83 -29.11
C ILE D 182 42.67 10.80 -29.85
N ALA D 183 43.77 11.21 -30.47
CA ALA D 183 44.58 10.33 -31.29
C ALA D 183 44.97 9.05 -30.54
N ASP D 184 45.31 9.19 -29.27
CA ASP D 184 45.63 8.04 -28.42
C ASP D 184 44.43 7.13 -28.17
N VAL D 185 43.22 7.57 -28.51
CA VAL D 185 42.03 6.72 -28.44
C VAL D 185 41.69 6.15 -29.81
N LEU D 186 41.89 6.94 -30.85
CA LEU D 186 41.68 6.43 -32.20
C LEU D 186 42.62 5.29 -32.51
N ASP D 187 43.81 5.29 -31.92
CA ASP D 187 44.69 4.13 -32.04
C ASP D 187 43.99 2.86 -31.60
N ALA D 188 43.49 2.84 -30.36
CA ALA D 188 42.85 1.65 -29.83
C ALA D 188 41.59 1.30 -30.60
N THR D 189 40.85 2.30 -31.06
CA THR D 189 39.60 2.02 -31.75
C THR D 189 39.87 1.45 -33.14
N VAL D 190 40.84 2.01 -33.87
CA VAL D 190 41.20 1.43 -35.15
C VAL D 190 41.81 0.05 -34.94
N ALA D 191 42.44 -0.19 -33.80
CA ALA D 191 42.91 -1.55 -33.50
C ALA D 191 41.74 -2.50 -33.31
N ARG D 192 40.68 -2.03 -32.65
CA ARG D 192 39.51 -2.87 -32.45
C ARG D 192 38.81 -3.16 -33.76
N ILE D 193 38.84 -2.21 -34.69
CA ILE D 193 38.27 -2.47 -36.02
C ILE D 193 39.18 -3.40 -36.81
N GLU D 194 40.50 -3.25 -36.64
CA GLU D 194 41.47 -3.95 -37.46
C GLU D 194 41.70 -5.38 -37.00
N GLN D 195 41.42 -5.68 -35.74
CA GLN D 195 41.46 -7.07 -35.30
C GLN D 195 40.45 -7.91 -36.06
N LEU D 196 39.34 -7.31 -36.48
CA LEU D 196 38.31 -8.07 -37.18
C LEU D 196 38.83 -8.57 -38.52
N PHE D 197 39.27 -7.65 -39.38
CA PHE D 197 39.62 -7.98 -40.75
C PHE D 197 40.80 -8.95 -40.90
N GLN D 198 41.45 -9.31 -39.79
CA GLN D 198 42.38 -10.43 -39.80
C GLN D 198 41.66 -11.78 -39.73
N GLN D 199 40.33 -11.80 -39.74
CA GLN D 199 39.55 -13.03 -39.64
C GLN D 199 38.16 -12.72 -40.17
N PRO D 200 37.32 -13.74 -40.41
CA PRO D 200 35.96 -13.43 -40.83
C PRO D 200 35.20 -12.72 -39.72
N HIS D 201 34.25 -11.89 -40.13
CA HIS D 201 33.50 -11.10 -39.16
C HIS D 201 32.79 -11.99 -38.16
N ASP D 202 32.19 -13.09 -38.62
CA ASP D 202 31.54 -14.10 -37.80
C ASP D 202 30.25 -13.59 -37.13
N GLY D 203 29.88 -12.32 -37.31
CA GLY D 203 28.75 -11.73 -36.64
C GLY D 203 29.04 -11.16 -35.28
N VAL D 204 30.16 -11.55 -34.68
CA VAL D 204 30.47 -11.24 -33.31
C VAL D 204 31.45 -10.09 -33.27
N THR D 205 31.34 -9.28 -32.22
CA THR D 205 32.22 -8.15 -31.95
C THR D 205 32.55 -8.12 -30.48
N GLY D 206 32.88 -9.28 -29.94
CA GLY D 206 32.85 -9.53 -28.51
C GLY D 206 33.01 -11.00 -28.23
N VAL D 207 32.10 -11.56 -27.44
CA VAL D 207 32.12 -12.97 -27.06
C VAL D 207 31.03 -13.69 -27.81
N ASN D 208 31.30 -14.96 -28.13
CA ASN D 208 30.35 -15.83 -28.81
C ASN D 208 29.60 -16.66 -27.78
N THR D 209 28.28 -16.70 -27.92
CA THR D 209 27.43 -17.41 -26.99
C THR D 209 27.18 -18.86 -27.39
N GLY D 210 27.44 -19.22 -28.63
CA GLY D 210 27.05 -20.50 -29.16
C GLY D 210 25.67 -20.54 -29.78
N TYR D 211 24.93 -19.45 -29.73
CA TYR D 211 23.57 -19.37 -30.25
C TYR D 211 23.54 -18.38 -31.41
N ASP D 212 23.34 -18.89 -32.61
CA ASP D 212 23.35 -18.05 -33.80
C ASP D 212 22.13 -17.17 -33.89
N ASP D 213 21.03 -17.57 -33.26
CA ASP D 213 19.86 -16.70 -33.19
C ASP D 213 20.14 -15.43 -32.39
N LEU D 214 21.11 -15.48 -31.48
CA LEU D 214 21.33 -14.43 -30.50
C LEU D 214 22.55 -13.58 -30.76
N ASN D 215 23.55 -14.09 -31.47
CA ASN D 215 24.71 -13.29 -31.84
C ASN D 215 24.29 -12.01 -32.53
N LYS D 216 23.23 -12.07 -33.33
CA LYS D 216 22.88 -10.96 -34.19
C LYS D 216 22.29 -9.80 -33.42
N LYS D 217 21.13 -10.01 -32.81
CA LYS D 217 20.44 -8.92 -32.11
C LYS D 217 21.20 -8.46 -30.88
N THR D 218 22.18 -9.22 -30.43
CA THR D 218 23.11 -8.78 -29.40
C THR D 218 24.39 -8.21 -29.98
N ALA D 219 24.72 -8.58 -31.22
CA ALA D 219 26.05 -8.31 -31.79
C ALA D 219 27.15 -8.86 -30.90
N GLY D 220 26.85 -9.97 -30.24
CA GLY D 220 27.80 -10.57 -29.32
C GLY D 220 27.90 -9.77 -28.03
N LEU D 221 28.21 -10.44 -26.93
CA LEU D 221 28.42 -9.75 -25.67
C LEU D 221 29.56 -8.76 -25.80
N GLN D 222 29.27 -7.48 -25.72
CA GLN D 222 30.33 -6.50 -25.79
C GLN D 222 31.08 -6.47 -24.46
N PRO D 223 32.41 -6.48 -24.45
CA PRO D 223 33.15 -6.74 -23.22
C PRO D 223 33.42 -5.50 -22.37
N SER D 224 32.37 -4.76 -22.05
CA SER D 224 32.50 -3.75 -21.01
C SER D 224 31.24 -3.56 -20.20
N ASP D 225 30.23 -4.40 -20.36
CA ASP D 225 28.86 -4.04 -20.06
C ASP D 225 28.27 -4.91 -18.96
N LEU D 226 27.31 -4.32 -18.26
CA LEU D 226 26.50 -5.02 -17.29
C LEU D 226 25.31 -5.63 -18.01
N ILE D 227 25.07 -6.91 -17.75
CA ILE D 227 23.94 -7.64 -18.29
C ILE D 227 23.07 -8.04 -17.12
N ILE D 228 21.78 -8.12 -17.39
CA ILE D 228 20.81 -8.64 -16.43
C ILE D 228 19.96 -9.67 -17.15
N VAL D 229 19.71 -10.77 -16.45
CA VAL D 229 19.01 -11.93 -17.01
C VAL D 229 17.88 -12.22 -16.04
N ALA D 230 16.75 -11.60 -16.25
CA ALA D 230 15.70 -11.55 -15.25
C ALA D 230 14.52 -12.41 -15.66
N ALA D 231 13.86 -12.95 -14.65
CA ALA D 231 12.71 -13.79 -14.88
C ALA D 231 12.08 -14.15 -13.55
N ARG D 232 10.82 -14.54 -13.65
CA ARG D 232 10.19 -15.21 -12.56
C ARG D 232 10.89 -16.55 -12.33
N PRO D 233 10.71 -17.14 -11.15
CA PRO D 233 11.67 -18.11 -10.63
C PRO D 233 12.05 -19.29 -11.52
N SER D 234 11.05 -20.04 -11.96
CA SER D 234 11.29 -21.29 -12.69
C SER D 234 11.10 -21.03 -14.17
N MET D 235 12.11 -20.44 -14.78
CA MET D 235 12.16 -20.21 -16.20
C MET D 235 13.49 -20.58 -16.82
N GLY D 236 14.50 -20.89 -16.02
CA GLY D 236 15.75 -21.38 -16.53
C GLY D 236 16.83 -20.35 -16.66
N LYS D 237 16.70 -19.22 -15.97
CA LYS D 237 17.68 -18.15 -16.10
C LYS D 237 19.04 -18.60 -15.60
N THR D 238 19.08 -19.25 -14.45
CA THR D 238 20.33 -19.79 -13.94
C THR D 238 20.91 -20.79 -14.92
N THR D 239 20.07 -21.67 -15.44
CA THR D 239 20.51 -22.64 -16.43
C THR D 239 21.04 -21.94 -17.67
N PHE D 240 20.38 -20.85 -18.06
CA PHE D 240 20.82 -20.10 -19.23
C PHE D 240 22.21 -19.53 -19.04
N ALA D 241 22.42 -18.84 -17.93
CA ALA D 241 23.71 -18.21 -17.71
C ALA D 241 24.81 -19.25 -17.54
N MET D 242 24.50 -20.37 -16.89
CA MET D 242 25.46 -21.45 -16.81
C MET D 242 25.84 -21.94 -18.19
N ASN D 243 24.86 -22.04 -19.08
CA ASN D 243 25.17 -22.45 -20.45
C ASN D 243 26.07 -21.43 -21.13
N LEU D 244 25.83 -20.15 -20.88
CA LEU D 244 26.66 -19.12 -21.51
C LEU D 244 28.10 -19.23 -21.05
N VAL D 245 28.32 -19.30 -19.74
CA VAL D 245 29.70 -19.32 -19.26
C VAL D 245 30.37 -20.61 -19.70
N GLU D 246 29.60 -21.69 -19.71
CA GLU D 246 30.11 -22.96 -20.20
C GLU D 246 30.61 -22.82 -21.63
N ASN D 247 29.76 -22.36 -22.53
CA ASN D 247 30.13 -22.28 -23.94
C ASN D 247 31.29 -21.33 -24.14
N ALA D 248 31.28 -20.20 -23.43
CA ALA D 248 32.35 -19.24 -23.57
C ALA D 248 33.61 -19.67 -22.85
N ALA D 249 33.57 -20.79 -22.11
CA ALA D 249 34.80 -21.39 -21.63
C ALA D 249 35.56 -22.07 -22.74
N MET D 250 34.84 -22.64 -23.71
CA MET D 250 35.43 -23.47 -24.74
C MET D 250 35.53 -22.81 -26.10
N LEU D 251 34.88 -21.67 -26.29
CA LEU D 251 35.20 -20.81 -27.42
C LEU D 251 36.26 -19.76 -27.08
N GLN D 252 37.02 -19.97 -26.01
CA GLN D 252 38.07 -19.06 -25.59
C GLN D 252 39.17 -19.88 -24.92
N ASP D 253 40.14 -19.20 -24.33
CA ASP D 253 41.18 -19.84 -23.53
C ASP D 253 41.46 -19.04 -22.26
N LYS D 254 40.48 -18.28 -21.80
CA LYS D 254 40.61 -17.41 -20.64
C LYS D 254 39.83 -17.95 -19.45
N PRO D 255 39.99 -17.35 -18.28
CA PRO D 255 39.16 -17.74 -17.15
C PRO D 255 37.72 -17.33 -17.32
N VAL D 256 36.92 -17.84 -16.39
CA VAL D 256 35.61 -17.31 -16.06
C VAL D 256 35.40 -17.53 -14.58
N LEU D 257 34.33 -16.95 -14.05
CA LEU D 257 33.93 -17.12 -12.67
C LEU D 257 32.47 -17.50 -12.62
N ILE D 258 32.13 -18.17 -11.52
CA ILE D 258 30.75 -18.52 -11.24
C ILE D 258 30.54 -18.23 -9.76
N PHE D 259 30.03 -17.04 -9.46
CA PHE D 259 29.57 -16.74 -8.12
C PHE D 259 28.22 -17.38 -7.90
N SER D 260 28.01 -17.90 -6.71
CA SER D 260 26.85 -18.73 -6.43
C SER D 260 26.38 -18.45 -5.00
N LEU D 261 25.47 -17.48 -4.88
CA LEU D 261 24.77 -17.22 -3.63
C LEU D 261 23.52 -18.09 -3.47
N GLU D 262 23.30 -19.03 -4.38
CA GLU D 262 22.05 -19.76 -4.49
C GLU D 262 22.21 -21.25 -4.21
N MET D 263 23.32 -21.83 -4.60
CA MET D 263 23.55 -23.25 -4.34
C MET D 263 25.02 -23.55 -4.57
N PRO D 264 25.54 -24.60 -3.94
CA PRO D 264 26.99 -24.79 -3.88
C PRO D 264 27.56 -25.53 -5.07
N SER D 265 28.88 -25.72 -5.03
CA SER D 265 29.64 -26.18 -6.17
C SER D 265 29.19 -27.54 -6.70
N GLU D 266 28.54 -28.35 -5.88
CA GLU D 266 28.24 -29.70 -6.29
C GLU D 266 27.09 -29.73 -7.30
N GLN D 267 25.96 -29.13 -6.95
CA GLN D 267 24.85 -29.02 -7.88
C GLN D 267 25.27 -28.29 -9.13
N ILE D 268 26.13 -27.28 -8.98
CA ILE D 268 26.62 -26.52 -10.12
C ILE D 268 27.39 -27.43 -11.06
N MET D 269 28.33 -28.20 -10.52
CA MET D 269 29.14 -29.09 -11.34
C MET D 269 28.27 -30.09 -12.06
N MET D 270 27.38 -30.77 -11.32
CA MET D 270 26.50 -31.75 -11.93
C MET D 270 25.73 -31.13 -13.07
N ARG D 271 25.16 -29.95 -12.86
CA ARG D 271 24.30 -29.36 -13.86
C ARG D 271 25.09 -28.95 -15.09
N SER D 272 26.26 -28.35 -14.90
CA SER D 272 27.04 -27.90 -16.05
C SER D 272 27.56 -29.10 -16.83
N LEU D 273 28.06 -30.09 -16.11
CA LEU D 273 28.52 -31.34 -16.68
C LEU D 273 27.43 -32.00 -17.52
N ALA D 274 26.20 -31.98 -17.02
CA ALA D 274 25.12 -32.65 -17.70
C ALA D 274 24.58 -31.84 -18.87
N SER D 275 24.59 -30.53 -18.74
CA SER D 275 24.32 -29.66 -19.88
C SER D 275 25.27 -29.97 -21.02
N LEU D 276 26.49 -30.34 -20.68
CA LEU D 276 27.43 -30.74 -21.73
C LEU D 276 27.12 -32.13 -22.27
N SER D 277 27.25 -33.13 -21.42
CA SER D 277 27.21 -34.49 -21.90
C SER D 277 25.80 -34.98 -22.26
N ARG D 278 24.76 -34.18 -22.05
CA ARG D 278 23.42 -34.52 -22.50
C ARG D 278 22.92 -35.85 -21.90
N VAL D 279 23.08 -35.98 -20.59
CA VAL D 279 22.40 -37.03 -19.83
C VAL D 279 21.74 -36.39 -18.62
N ASP D 280 20.53 -36.81 -18.33
CA ASP D 280 19.75 -36.17 -17.29
C ASP D 280 20.39 -36.38 -15.93
N GLN D 281 20.19 -35.40 -15.04
CA GLN D 281 20.76 -35.45 -13.70
C GLN D 281 20.32 -36.69 -12.94
N THR D 282 19.13 -37.21 -13.24
CA THR D 282 18.59 -38.34 -12.53
C THR D 282 19.48 -39.57 -12.67
N LYS D 283 20.22 -39.66 -13.78
CA LYS D 283 21.13 -40.77 -14.04
C LYS D 283 22.56 -40.47 -13.60
N ILE D 284 22.76 -39.57 -12.66
CA ILE D 284 24.08 -39.19 -12.19
C ILE D 284 24.16 -39.42 -10.69
N ARG D 285 23.38 -38.65 -9.94
CA ARG D 285 23.36 -38.80 -8.49
C ARG D 285 22.87 -40.19 -8.09
N THR D 286 22.11 -40.85 -8.95
CA THR D 286 21.65 -42.21 -8.69
C THR D 286 22.72 -43.24 -9.06
N GLY D 287 22.99 -43.35 -10.37
CA GLY D 287 23.92 -44.34 -10.88
C GLY D 287 23.31 -45.45 -11.72
N GLN D 288 22.26 -45.15 -12.48
CA GLN D 288 21.66 -46.09 -13.42
C GLN D 288 22.14 -45.86 -14.85
N LEU D 289 23.31 -45.29 -15.03
CA LEU D 289 23.73 -44.80 -16.34
C LEU D 289 24.39 -45.91 -17.16
N ASP D 290 24.36 -45.72 -18.48
CA ASP D 290 24.79 -46.71 -19.46
C ASP D 290 26.16 -46.37 -20.04
N ASP D 291 26.68 -47.30 -20.84
CA ASP D 291 28.00 -47.14 -21.44
C ASP D 291 28.06 -45.92 -22.35
N GLU D 292 27.05 -45.77 -23.21
CA GLU D 292 27.01 -44.67 -24.16
C GLU D 292 27.00 -43.31 -23.47
N ASP D 293 26.57 -43.25 -22.21
CA ASP D 293 26.64 -42.02 -21.44
C ASP D 293 28.04 -41.75 -20.93
N TRP D 294 28.66 -42.74 -20.28
CA TRP D 294 30.04 -42.62 -19.85
C TRP D 294 30.96 -42.22 -20.98
N ALA D 295 30.63 -42.65 -22.20
CA ALA D 295 31.41 -42.25 -23.37
C ALA D 295 31.45 -40.74 -23.49
N ARG D 296 30.30 -40.11 -23.33
CA ARG D 296 30.23 -38.65 -23.34
C ARG D 296 30.95 -38.05 -22.13
N ILE D 297 30.75 -38.63 -20.95
CA ILE D 297 31.31 -38.02 -19.72
C ILE D 297 32.80 -37.97 -19.74
N SER D 298 33.46 -39.07 -20.11
CA SER D 298 34.92 -39.05 -20.14
C SER D 298 35.42 -37.92 -21.01
N GLY D 299 34.73 -37.66 -22.09
CA GLY D 299 35.19 -36.65 -23.02
C GLY D 299 35.01 -35.25 -22.47
N THR D 300 33.80 -34.94 -22.00
CA THR D 300 33.59 -33.60 -21.48
C THR D 300 34.47 -33.34 -20.27
N MET D 301 34.75 -34.40 -19.50
CA MET D 301 35.66 -34.29 -18.38
C MET D 301 37.05 -33.91 -18.86
N GLY D 302 37.67 -34.80 -19.65
CA GLY D 302 39.00 -34.56 -20.16
C GLY D 302 39.15 -33.27 -20.94
N ILE D 303 38.05 -32.69 -21.39
CA ILE D 303 38.08 -31.41 -22.08
C ILE D 303 37.85 -30.24 -21.13
N LEU D 304 37.32 -30.48 -19.93
CA LEU D 304 37.34 -29.45 -18.91
C LEU D 304 38.67 -29.42 -18.16
N LEU D 305 39.37 -30.55 -18.10
CA LEU D 305 40.58 -30.61 -17.28
C LEU D 305 41.79 -30.08 -18.03
N GLU D 306 41.86 -30.32 -19.33
CA GLU D 306 42.99 -29.90 -20.14
C GLU D 306 42.93 -28.44 -20.54
N LYS D 307 42.08 -27.64 -19.91
CA LYS D 307 42.01 -26.21 -20.14
C LYS D 307 42.13 -25.40 -18.87
N ARG D 308 41.49 -25.82 -17.79
CA ARG D 308 41.56 -25.15 -16.49
C ARG D 308 41.14 -23.69 -16.60
N ASN D 309 40.05 -23.44 -17.33
CA ASN D 309 39.54 -22.09 -17.43
C ASN D 309 38.77 -21.71 -16.18
N ILE D 310 37.78 -22.54 -15.82
CA ILE D 310 36.74 -22.10 -14.92
C ILE D 310 37.27 -22.01 -13.50
N TYR D 311 36.83 -20.98 -12.80
CA TYR D 311 37.00 -20.83 -11.37
C TYR D 311 35.61 -20.60 -10.78
N ILE D 312 35.44 -20.98 -9.52
CA ILE D 312 34.12 -20.99 -8.87
C ILE D 312 34.24 -20.30 -7.53
N ASP D 313 33.12 -19.72 -7.08
CA ASP D 313 33.04 -19.03 -5.80
C ASP D 313 31.67 -19.29 -5.19
N ASP D 314 31.63 -20.20 -4.21
CA ASP D 314 30.39 -20.63 -3.57
C ASP D 314 30.20 -19.96 -2.21
N SER D 315 30.06 -18.64 -2.21
CA SER D 315 29.96 -17.92 -0.96
C SER D 315 28.55 -18.01 -0.38
N SER D 316 28.36 -17.30 0.73
CA SER D 316 27.10 -17.23 1.44
C SER D 316 26.51 -15.83 1.42
N GLY D 317 27.26 -14.85 1.91
CA GLY D 317 26.88 -13.46 1.86
C GLY D 317 28.04 -12.61 1.42
N LEU D 318 27.91 -11.96 0.27
CA LEU D 318 28.99 -11.22 -0.34
C LEU D 318 28.71 -9.73 -0.29
N THR D 319 29.79 -8.96 -0.38
CA THR D 319 29.76 -7.57 -0.75
C THR D 319 30.39 -7.40 -2.12
N PRO D 320 30.05 -6.32 -2.83
CA PRO D 320 30.70 -6.09 -4.12
C PRO D 320 32.20 -5.90 -4.02
N THR D 321 32.65 -5.33 -2.90
CA THR D 321 34.07 -5.15 -2.66
C THR D 321 34.82 -6.47 -2.79
N GLU D 322 34.34 -7.48 -2.07
CA GLU D 322 34.97 -8.79 -2.11
C GLU D 322 34.99 -9.34 -3.53
N VAL D 323 33.87 -9.17 -4.24
CA VAL D 323 33.78 -9.62 -5.63
C VAL D 323 34.92 -9.05 -6.45
N ARG D 324 35.08 -7.73 -6.36
CA ARG D 324 36.13 -7.06 -7.10
C ARG D 324 37.49 -7.58 -6.70
N SER D 325 37.70 -7.81 -5.40
CA SER D 325 38.99 -8.31 -4.92
C SER D 325 39.34 -9.63 -5.59
N ARG D 326 38.42 -10.59 -5.50
CA ARG D 326 38.66 -11.90 -6.09
C ARG D 326 38.94 -11.77 -7.57
N ALA D 327 38.19 -10.91 -8.25
CA ALA D 327 38.41 -10.74 -9.68
C ALA D 327 39.80 -10.22 -9.98
N ARG D 328 40.29 -9.25 -9.20
CA ARG D 328 41.60 -8.71 -9.49
C ARG D 328 42.68 -9.75 -9.28
N ARG D 329 42.55 -10.58 -8.25
CA ARG D 329 43.57 -11.61 -8.05
C ARG D 329 43.56 -12.60 -9.19
N ILE D 330 42.38 -13.04 -9.61
CA ILE D 330 42.31 -14.06 -10.64
C ILE D 330 42.80 -13.50 -11.96
N ALA D 331 42.62 -12.20 -12.19
CA ALA D 331 43.21 -11.59 -13.36
C ALA D 331 44.70 -11.40 -13.21
N ARG D 332 45.18 -11.23 -11.98
CA ARG D 332 46.61 -11.09 -11.75
C ARG D 332 47.33 -12.38 -12.07
N GLU D 333 46.70 -13.51 -11.79
CA GLU D 333 47.31 -14.80 -12.09
C GLU D 333 47.70 -14.89 -13.55
N HIS D 334 46.72 -14.76 -14.43
CA HIS D 334 47.00 -14.91 -15.86
C HIS D 334 45.85 -14.32 -16.67
N GLY D 335 46.17 -13.35 -17.52
CA GLY D 335 45.21 -12.81 -18.45
C GLY D 335 44.10 -12.01 -17.80
N GLY D 336 43.56 -11.06 -18.56
CA GLY D 336 42.34 -10.39 -18.16
C GLY D 336 41.16 -11.26 -18.53
N ILE D 337 40.28 -11.50 -17.57
CA ILE D 337 39.26 -12.51 -17.74
C ILE D 337 38.24 -12.05 -18.76
N GLY D 338 37.36 -12.95 -19.17
CA GLY D 338 36.48 -12.71 -20.29
C GLY D 338 35.01 -12.85 -19.98
N LEU D 339 34.66 -13.42 -18.82
CA LEU D 339 33.27 -13.56 -18.48
C LEU D 339 33.12 -13.88 -17.00
N ILE D 340 32.00 -13.43 -16.45
CA ILE D 340 31.65 -13.59 -15.04
C ILE D 340 30.17 -13.94 -15.00
N MET D 341 29.76 -14.59 -13.92
CA MET D 341 28.36 -14.80 -13.63
C MET D 341 28.12 -14.58 -12.15
N ILE D 342 27.00 -13.96 -11.84
CA ILE D 342 26.56 -13.72 -10.47
C ILE D 342 25.13 -14.21 -10.36
N ASP D 343 24.79 -14.76 -9.22
CA ASP D 343 23.58 -15.55 -9.06
C ASP D 343 22.65 -14.87 -8.08
N TYR D 344 21.45 -14.54 -8.55
CA TYR D 344 20.32 -14.18 -7.70
C TYR D 344 20.69 -13.02 -6.80
N LEU D 345 20.96 -11.91 -7.48
CA LEU D 345 21.57 -10.70 -6.94
C LEU D 345 20.88 -10.16 -5.68
N GLN D 346 19.63 -10.51 -5.44
CA GLN D 346 18.91 -9.96 -4.31
C GLN D 346 19.47 -10.42 -2.97
N LEU D 347 20.34 -11.42 -2.95
CA LEU D 347 21.00 -11.84 -1.72
C LEU D 347 22.23 -11.03 -1.38
N MET D 348 22.69 -10.15 -2.27
CA MET D 348 23.93 -9.44 -2.03
C MET D 348 23.69 -8.33 -1.03
N ARG D 349 24.46 -8.36 0.06
CA ARG D 349 24.29 -7.44 1.17
C ARG D 349 25.54 -6.61 1.37
N VAL D 350 25.36 -5.42 1.93
CA VAL D 350 26.42 -4.72 2.63
C VAL D 350 25.86 -4.25 3.97
N PRO D 351 26.48 -4.55 5.11
CA PRO D 351 25.88 -4.15 6.39
C PRO D 351 25.82 -2.65 6.62
N ALA D 352 26.59 -1.86 5.87
CA ALA D 352 26.65 -0.42 6.10
C ALA D 352 25.28 0.21 5.91
N LEU D 353 24.62 -0.11 4.81
CA LEU D 353 23.32 0.44 4.45
C LEU D 353 22.23 -0.62 4.59
N SER D 354 22.34 -1.44 5.63
CA SER D 354 21.30 -2.40 5.93
C SER D 354 19.99 -1.74 6.34
N ASP D 355 20.03 -0.46 6.72
CA ASP D 355 18.81 0.25 7.09
C ASP D 355 17.84 0.34 5.92
N ASN D 356 18.33 0.78 4.75
CA ASN D 356 17.52 0.92 3.56
C ASN D 356 18.09 0.08 2.43
N ARG D 357 17.20 -0.46 1.62
CA ARG D 357 17.53 -1.45 0.60
C ARG D 357 17.74 -0.86 -0.78
N THR D 358 17.07 0.25 -1.08
CA THR D 358 17.14 0.82 -2.41
C THR D 358 18.54 1.30 -2.72
N LEU D 359 19.10 2.13 -1.84
CA LEU D 359 20.45 2.62 -2.03
C LEU D 359 21.45 1.47 -2.08
N GLU D 360 21.13 0.37 -1.40
CA GLU D 360 21.99 -0.81 -1.44
C GLU D 360 22.04 -1.36 -2.86
N ILE D 361 20.87 -1.54 -3.48
CA ILE D 361 20.83 -1.99 -4.87
C ILE D 361 21.62 -1.04 -5.76
N ALA D 362 21.48 0.25 -5.50
CA ALA D 362 22.14 1.25 -6.34
C ALA D 362 23.66 1.11 -6.25
N GLU D 363 24.18 1.03 -5.03
CA GLU D 363 25.62 0.93 -4.84
C GLU D 363 26.15 -0.33 -5.47
N ILE D 364 25.39 -1.43 -5.36
CA ILE D 364 25.77 -2.67 -6.03
C ILE D 364 25.99 -2.40 -7.51
N SER D 365 24.92 -1.95 -8.19
CA SER D 365 24.95 -1.78 -9.62
C SER D 365 26.08 -0.86 -10.06
N ARG D 366 26.34 0.19 -9.29
CA ARG D 366 27.49 1.04 -9.53
C ARG D 366 28.78 0.23 -9.53
N SER D 367 29.00 -0.55 -8.46
CA SER D 367 30.23 -1.31 -8.35
C SER D 367 30.39 -2.26 -9.52
N LEU D 368 29.32 -2.94 -9.89
CA LEU D 368 29.38 -3.88 -11.00
C LEU D 368 29.77 -3.18 -12.30
N LYS D 369 29.15 -2.04 -12.56
CA LYS D 369 29.43 -1.33 -13.81
C LYS D 369 30.87 -0.87 -13.85
N ALA D 370 31.38 -0.37 -12.73
CA ALA D 370 32.76 0.07 -12.72
C ALA D 370 33.72 -1.09 -12.87
N LEU D 371 33.33 -2.27 -12.36
CA LEU D 371 34.16 -3.45 -12.55
C LEU D 371 34.25 -3.81 -14.02
N ALA D 372 33.09 -3.92 -14.67
CA ALA D 372 33.03 -4.26 -16.08
C ALA D 372 33.84 -3.29 -16.91
N LYS D 373 33.85 -2.03 -16.50
CA LYS D 373 34.61 -1.02 -17.23
C LYS D 373 36.07 -1.03 -16.85
N GLU D 374 36.41 -1.55 -15.67
CA GLU D 374 37.78 -1.61 -15.23
C GLU D 374 38.55 -2.67 -15.99
N LEU D 375 38.10 -3.91 -15.89
CA LEU D 375 38.84 -5.01 -16.50
C LEU D 375 38.52 -5.18 -17.97
N ASN D 376 37.62 -4.37 -18.54
CA ASN D 376 37.23 -4.50 -19.93
C ASN D 376 36.66 -5.89 -20.18
N VAL D 377 35.59 -6.19 -19.45
CA VAL D 377 34.93 -7.49 -19.50
C VAL D 377 33.42 -7.35 -19.53
N PRO D 378 32.69 -8.43 -19.75
CA PRO D 378 31.26 -8.45 -19.49
C PRO D 378 30.95 -8.97 -18.09
N VAL D 379 29.69 -8.83 -17.72
CA VAL D 379 29.18 -9.30 -16.44
C VAL D 379 27.77 -9.77 -16.67
N VAL D 380 27.40 -10.87 -16.02
CA VAL D 380 26.06 -11.42 -16.08
C VAL D 380 25.55 -11.49 -14.65
N ALA D 381 24.57 -10.66 -14.34
CA ALA D 381 24.02 -10.52 -13.00
C ALA D 381 22.53 -10.81 -13.04
N LEU D 382 22.16 -12.00 -12.62
CA LEU D 382 20.78 -12.43 -12.58
C LEU D 382 19.96 -11.54 -11.66
N SER D 383 18.65 -11.71 -11.72
CA SER D 383 17.74 -10.94 -10.90
C SER D 383 16.41 -11.67 -10.79
N GLN D 384 15.41 -10.94 -10.29
CA GLN D 384 14.06 -11.43 -10.08
C GLN D 384 13.11 -10.34 -10.51
N LEU D 385 11.82 -10.67 -10.51
CA LEU D 385 10.78 -9.74 -10.90
C LEU D 385 9.64 -9.80 -9.92
N ASN D 386 9.10 -8.64 -9.58
CA ASN D 386 7.95 -8.59 -8.69
C ASN D 386 6.73 -9.12 -9.42
N ARG D 387 5.98 -9.95 -8.74
CA ARG D 387 4.96 -10.79 -9.35
C ARG D 387 3.74 -10.04 -9.78
N SER D 388 3.66 -8.73 -9.71
CA SER D 388 2.43 -8.04 -10.09
C SER D 388 2.08 -8.24 -11.56
N LEU D 389 2.99 -8.78 -12.35
CA LEU D 389 2.71 -9.26 -13.70
C LEU D 389 1.87 -10.54 -13.72
N GLU D 390 1.51 -11.11 -12.57
CA GLU D 390 0.63 -12.27 -12.57
C GLU D 390 -0.77 -11.91 -13.08
N GLN D 391 -1.33 -10.81 -12.58
CA GLN D 391 -2.75 -10.55 -12.73
C GLN D 391 -3.07 -9.73 -13.98
N ARG D 392 -2.24 -9.84 -15.01
CA ARG D 392 -2.42 -9.12 -16.26
C ARG D 392 -2.99 -10.00 -17.36
N ALA D 393 -2.74 -11.31 -17.30
CA ALA D 393 -3.25 -12.33 -18.20
C ALA D 393 -2.54 -12.36 -19.56
N ASP D 394 -1.63 -11.43 -19.84
CA ASP D 394 -0.73 -11.53 -20.98
C ASP D 394 0.64 -12.05 -20.57
N LYS D 395 1.22 -11.45 -19.53
CA LYS D 395 2.35 -11.97 -18.77
C LYS D 395 3.66 -11.90 -19.53
N ARG D 396 3.70 -11.31 -20.71
CA ARG D 396 4.99 -11.03 -21.34
C ARG D 396 5.65 -9.93 -20.52
N PRO D 397 6.79 -10.15 -19.88
CA PRO D 397 7.37 -9.11 -19.05
C PRO D 397 7.82 -7.90 -19.84
N VAL D 398 7.84 -6.75 -19.18
CA VAL D 398 8.43 -5.54 -19.70
C VAL D 398 9.10 -4.79 -18.56
N ASN D 399 9.73 -3.67 -18.88
CA ASN D 399 10.76 -3.06 -18.05
C ASN D 399 10.20 -2.28 -16.87
N SER D 400 8.91 -2.40 -16.57
CA SER D 400 8.31 -1.73 -15.42
C SER D 400 7.89 -2.69 -14.33
N ASP D 401 7.80 -3.99 -14.62
CA ASP D 401 7.34 -4.94 -13.61
C ASP D 401 8.40 -5.14 -12.56
N LEU D 402 9.68 -5.03 -12.92
CA LEU D 402 10.74 -5.09 -11.94
C LEU D 402 10.72 -3.82 -11.10
N ARG D 403 10.65 -4.00 -9.78
CA ARG D 403 10.48 -2.90 -8.84
C ARG D 403 11.61 -2.97 -7.83
N GLU D 404 12.73 -2.36 -8.21
CA GLU D 404 13.91 -2.19 -7.40
C GLU D 404 14.42 -0.78 -7.57
N SER D 405 13.49 0.18 -7.58
CA SER D 405 13.73 1.60 -7.83
C SER D 405 14.03 1.91 -9.29
N GLY D 406 14.15 0.88 -10.13
CA GLY D 406 14.64 1.12 -11.47
C GLY D 406 16.10 1.48 -11.52
N SER D 407 16.83 1.34 -10.42
CA SER D 407 18.25 1.67 -10.40
C SER D 407 19.10 0.68 -11.20
N ILE D 408 18.50 -0.39 -11.71
CA ILE D 408 19.17 -1.30 -12.62
C ILE D 408 18.53 -1.31 -14.00
N GLU D 409 17.36 -0.68 -14.14
CA GLU D 409 16.82 -0.30 -15.43
C GLU D 409 17.62 0.84 -16.07
N GLN D 410 18.58 1.43 -15.35
CA GLN D 410 19.37 2.56 -15.81
C GLN D 410 20.82 2.19 -16.03
N ASP D 411 21.48 1.67 -15.00
CA ASP D 411 22.91 1.37 -15.07
C ASP D 411 23.23 0.40 -16.18
N ALA D 412 22.33 -0.54 -16.43
CA ALA D 412 22.64 -1.71 -17.23
C ALA D 412 22.84 -1.33 -18.69
N ASP D 413 23.11 -2.35 -19.49
CA ASP D 413 23.31 -2.23 -20.92
C ASP D 413 22.54 -3.25 -21.72
N LEU D 414 22.13 -4.35 -21.13
CA LEU D 414 21.45 -5.42 -21.86
C LEU D 414 20.59 -6.17 -20.88
N ILE D 415 19.31 -6.27 -21.20
CA ILE D 415 18.33 -6.91 -20.34
C ILE D 415 17.57 -7.88 -21.21
N MET D 416 17.55 -9.15 -20.81
CA MET D 416 16.92 -10.22 -21.57
C MET D 416 15.98 -10.99 -20.66
N PHE D 417 14.74 -10.54 -20.60
CA PHE D 417 13.73 -11.28 -19.87
C PHE D 417 13.45 -12.61 -20.54
N ILE D 418 12.65 -13.43 -19.88
CA ILE D 418 12.31 -14.77 -20.37
C ILE D 418 10.82 -15.01 -20.15
N TYR D 419 10.23 -15.81 -21.04
CA TYR D 419 8.84 -16.22 -20.90
C TYR D 419 8.69 -17.63 -21.48
N ARG D 420 8.74 -18.61 -20.60
CA ARG D 420 8.53 -20.01 -20.95
C ARG D 420 7.06 -20.32 -20.69
N ASP D 421 6.25 -20.31 -21.76
CA ASP D 421 4.81 -20.19 -21.63
C ASP D 421 4.17 -21.39 -20.97
N GLU D 422 4.72 -22.58 -21.16
CA GLU D 422 4.06 -23.78 -20.69
C GLU D 422 4.21 -24.00 -19.19
N VAL D 423 4.57 -22.98 -18.43
CA VAL D 423 4.42 -22.98 -16.98
C VAL D 423 3.07 -22.43 -16.57
N TYR D 424 2.64 -21.33 -17.20
CA TYR D 424 1.39 -20.70 -16.80
C TYR D 424 0.19 -21.42 -17.40
N HIS D 425 0.08 -21.35 -18.71
CA HIS D 425 -0.85 -22.22 -19.42
C HIS D 425 -0.36 -23.65 -19.34
N GLU D 426 -1.26 -24.58 -19.61
CA GLU D 426 -0.93 -26.00 -19.68
C GLU D 426 -1.19 -26.57 -21.05
N ASN D 427 -2.38 -26.37 -21.59
CA ASN D 427 -2.73 -26.98 -22.87
C ASN D 427 -2.37 -26.10 -24.07
N SER D 428 -1.14 -25.62 -24.12
CA SER D 428 -0.73 -24.70 -25.18
C SER D 428 -0.03 -25.45 -26.32
N ASP D 429 -0.03 -24.82 -27.49
CA ASP D 429 0.71 -25.28 -28.66
C ASP D 429 2.16 -24.86 -28.65
N LEU D 430 2.60 -24.27 -27.55
CA LEU D 430 3.85 -23.53 -27.48
C LEU D 430 4.71 -24.22 -26.44
N LYS D 431 4.79 -25.53 -26.54
CA LYS D 431 5.45 -26.38 -25.56
C LYS D 431 6.87 -26.68 -26.00
N GLY D 432 7.75 -26.84 -25.02
CA GLY D 432 9.15 -27.05 -25.33
C GLY D 432 9.79 -25.80 -25.90
N ILE D 433 9.36 -24.63 -25.43
CA ILE D 433 9.80 -23.35 -25.95
C ILE D 433 10.01 -22.43 -24.76
N ALA D 434 11.00 -21.56 -24.87
CA ALA D 434 11.24 -20.50 -23.90
C ALA D 434 11.80 -19.35 -24.73
N GLU D 435 10.96 -18.39 -25.04
CA GLU D 435 11.34 -17.28 -25.88
C GLU D 435 11.95 -16.17 -25.05
N ILE D 436 13.07 -15.66 -25.52
CA ILE D 436 13.70 -14.48 -24.95
C ILE D 436 12.91 -13.24 -25.34
N ILE D 437 12.95 -12.25 -24.47
CA ILE D 437 12.50 -10.91 -24.77
C ILE D 437 13.60 -9.95 -24.35
N ILE D 438 13.90 -8.99 -25.20
CA ILE D 438 14.92 -7.99 -24.93
C ILE D 438 14.22 -6.66 -24.75
N GLY D 439 14.58 -5.94 -23.69
CA GLY D 439 13.93 -4.70 -23.33
C GLY D 439 14.77 -3.47 -23.61
N LYS D 440 16.05 -3.52 -23.24
CA LYS D 440 16.93 -2.37 -23.32
C LYS D 440 18.27 -2.81 -23.88
N GLN D 441 18.75 -2.07 -24.87
CA GLN D 441 20.06 -2.28 -25.45
C GLN D 441 20.71 -0.91 -25.62
N ARG D 442 21.88 -0.73 -25.04
CA ARG D 442 22.49 0.59 -25.04
C ARG D 442 23.09 0.93 -26.38
N ASN D 443 23.70 -0.05 -27.04
CA ASN D 443 24.43 0.18 -28.29
C ASN D 443 23.71 -0.33 -29.53
N GLY D 444 22.48 -0.78 -29.41
CA GLY D 444 21.81 -1.37 -30.55
C GLY D 444 20.30 -1.39 -30.45
N PRO D 445 19.66 -2.29 -31.22
CA PRO D 445 18.21 -2.38 -31.22
C PRO D 445 17.66 -3.29 -30.14
N ILE D 446 16.35 -3.49 -30.13
CA ILE D 446 15.71 -4.52 -29.33
C ILE D 446 15.15 -5.57 -30.28
N GLY D 447 14.53 -6.59 -29.74
CA GLY D 447 13.92 -7.61 -30.57
C GLY D 447 13.15 -8.61 -29.76
N THR D 448 13.18 -9.86 -30.23
CA THR D 448 12.54 -10.98 -29.57
C THR D 448 13.05 -12.23 -30.25
N VAL D 449 13.36 -13.25 -29.46
CA VAL D 449 14.06 -14.42 -29.95
C VAL D 449 13.43 -15.67 -29.36
N ARG D 450 13.56 -16.78 -30.08
CA ARG D 450 12.94 -18.04 -29.73
C ARG D 450 13.99 -19.08 -29.45
N LEU D 451 13.78 -19.85 -28.39
CA LEU D 451 14.64 -20.94 -28.00
C LEU D 451 13.81 -21.99 -27.29
N THR D 452 14.37 -23.19 -27.23
CA THR D 452 13.70 -24.33 -26.63
C THR D 452 14.29 -24.68 -25.28
N PHE D 453 13.62 -25.57 -24.58
CA PHE D 453 14.00 -25.97 -23.24
C PHE D 453 13.65 -27.42 -23.02
N ASN D 454 14.62 -28.19 -22.54
CA ASN D 454 14.42 -29.58 -22.15
C ASN D 454 15.03 -29.77 -20.78
N GLY D 455 14.26 -29.46 -19.75
CA GLY D 455 14.84 -29.27 -18.45
C GLY D 455 15.32 -30.51 -17.75
N GLN D 456 15.21 -31.68 -18.36
CA GLN D 456 15.66 -32.87 -17.66
C GLN D 456 17.17 -33.04 -17.72
N TRP D 457 17.86 -32.26 -18.57
CA TRP D 457 19.31 -32.14 -18.50
C TRP D 457 19.79 -30.71 -18.63
N SER D 458 18.90 -29.71 -18.58
CA SER D 458 19.26 -28.31 -18.35
C SER D 458 20.18 -27.74 -19.42
N ARG D 459 19.63 -27.57 -20.62
CA ARG D 459 20.31 -26.78 -21.63
C ARG D 459 19.32 -26.28 -22.66
N PHE D 460 19.48 -25.02 -23.07
CA PHE D 460 18.74 -24.47 -24.19
C PHE D 460 19.37 -24.88 -25.51
N ASP D 461 18.57 -24.80 -26.56
CA ASP D 461 19.02 -25.10 -27.91
C ASP D 461 18.36 -24.15 -28.88
N ASN D 462 18.97 -24.01 -30.04
CA ASN D 462 18.40 -23.16 -31.08
C ASN D 462 17.11 -23.76 -31.62
N TYR D 463 16.42 -22.97 -32.43
CA TYR D 463 15.10 -23.32 -32.97
C TYR D 463 15.08 -22.96 -34.44
N ALA D 464 15.52 -23.90 -35.28
CA ALA D 464 15.44 -23.74 -36.72
C ALA D 464 14.01 -24.06 -37.14
N GLY D 465 13.15 -23.07 -36.97
CA GLY D 465 11.72 -23.23 -37.12
C GLY D 465 11.08 -22.15 -37.96
N PRO D 466 9.75 -21.93 -37.78
CA PRO D 466 9.04 -20.96 -38.63
C PRO D 466 9.50 -19.52 -38.46
N GLN D 467 8.83 -18.63 -39.18
CA GLN D 467 9.17 -17.22 -39.14
C GLN D 467 8.85 -16.62 -37.78
N TYR D 468 9.49 -15.48 -37.50
CA TYR D 468 9.24 -14.72 -36.29
C TYR D 468 10.01 -13.40 -36.36
N VAL E 26 59.00 34.82 23.10
CA VAL E 26 59.28 34.31 21.77
C VAL E 26 58.06 34.51 20.88
N PRO E 27 58.26 34.73 19.58
CA PRO E 27 57.13 34.65 18.65
C PRO E 27 56.91 33.22 18.20
N PRO E 28 55.68 32.73 18.16
CA PRO E 28 55.48 31.34 17.72
C PRO E 28 55.72 31.19 16.23
N HIS E 29 56.51 30.18 15.88
CA HIS E 29 56.79 29.88 14.49
C HIS E 29 57.39 28.49 14.41
N SER E 30 56.94 27.71 13.44
CA SER E 30 57.32 26.32 13.31
C SER E 30 58.40 26.17 12.24
N ILE E 31 59.14 25.06 12.35
CA ILE E 31 60.28 24.80 11.48
C ILE E 31 60.19 23.43 10.85
N GLU E 32 59.53 22.47 11.50
CA GLU E 32 59.36 21.16 10.90
C GLU E 32 58.38 21.22 9.75
N ALA E 33 57.21 21.81 10.00
CA ALA E 33 56.23 22.04 8.95
C ALA E 33 56.86 22.76 7.77
N GLU E 34 57.72 23.73 8.08
CA GLU E 34 58.39 24.52 7.06
C GLU E 34 59.22 23.64 6.14
N GLN E 35 60.18 22.91 6.72
CA GLN E 35 61.03 22.04 5.93
C GLN E 35 60.20 21.02 5.17
N SER E 36 59.16 20.48 5.80
CA SER E 36 58.38 19.42 5.17
C SER E 36 57.62 19.96 3.97
N VAL E 37 56.96 21.10 4.12
CA VAL E 37 56.22 21.71 3.01
C VAL E 37 57.17 21.97 1.85
N LEU E 38 58.31 22.58 2.13
CA LEU E 38 59.19 22.97 1.05
C LEU E 38 59.76 21.74 0.36
N GLY E 39 60.08 20.69 1.12
CA GLY E 39 60.59 19.49 0.51
C GLY E 39 59.54 18.77 -0.31
N GLY E 40 58.31 18.74 0.19
CA GLY E 40 57.24 18.04 -0.52
C GLY E 40 56.92 18.71 -1.83
N LEU E 41 56.79 20.03 -1.82
CA LEU E 41 56.62 20.75 -3.09
C LEU E 41 57.86 20.60 -3.96
N MET E 42 59.02 20.38 -3.36
CA MET E 42 60.22 20.04 -4.12
C MET E 42 60.26 18.58 -4.52
N LEU E 43 59.20 17.85 -4.30
CA LEU E 43 59.10 16.43 -4.57
C LEU E 43 57.89 16.05 -5.39
N ASP E 44 56.75 16.69 -5.16
CA ASP E 44 55.50 16.40 -5.85
C ASP E 44 54.91 17.71 -6.36
N ASN E 45 55.06 17.95 -7.66
CA ASN E 45 54.67 19.20 -8.27
C ASN E 45 53.21 19.24 -8.69
N GLU E 46 52.37 18.39 -8.10
CA GLU E 46 50.93 18.52 -8.20
C GLU E 46 50.39 19.50 -7.18
N ARG E 47 51.00 19.54 -6.00
CA ARG E 47 50.38 20.09 -4.81
C ARG E 47 50.37 21.62 -4.76
N TRP E 48 50.91 22.30 -5.77
CA TRP E 48 51.05 23.75 -5.65
C TRP E 48 49.70 24.42 -5.48
N ASP E 49 48.67 23.87 -6.11
CA ASP E 49 47.32 24.36 -5.89
C ASP E 49 46.90 24.16 -4.44
N ASP E 50 46.94 22.91 -3.98
CA ASP E 50 46.39 22.57 -2.68
C ASP E 50 47.11 23.26 -1.53
N VAL E 51 48.33 23.76 -1.77
CA VAL E 51 49.06 24.52 -0.76
C VAL E 51 48.72 26.00 -0.94
N ALA E 52 48.99 26.53 -2.14
CA ALA E 52 48.86 27.97 -2.37
C ALA E 52 47.45 28.49 -2.11
N GLU E 53 46.43 27.62 -2.16
CA GLU E 53 45.11 28.06 -1.73
C GLU E 53 45.08 28.49 -0.28
N ARG E 54 45.99 27.97 0.53
CA ARG E 54 45.96 28.16 1.98
C ARG E 54 47.04 29.08 2.51
N VAL E 55 48.09 29.34 1.74
CA VAL E 55 49.36 29.83 2.27
C VAL E 55 49.84 30.99 1.43
N VAL E 56 50.59 31.87 2.08
CA VAL E 56 51.08 33.11 1.50
C VAL E 56 52.57 33.21 1.81
N ALA E 57 53.33 33.80 0.88
CA ALA E 57 54.78 33.84 1.00
C ALA E 57 55.24 34.53 2.27
N ASP E 58 54.46 35.48 2.76
CA ASP E 58 54.76 36.20 3.99
C ASP E 58 54.39 35.43 5.26
N ASP E 59 54.10 34.13 5.15
CA ASP E 59 53.75 33.33 6.32
C ASP E 59 54.96 32.69 6.97
N PHE E 60 56.06 32.54 6.25
CA PHE E 60 57.27 31.99 6.83
C PHE E 60 58.01 33.05 7.64
N TYR E 61 58.49 32.65 8.81
CA TYR E 61 59.18 33.58 9.69
C TYR E 61 60.50 34.05 9.08
N THR E 62 61.11 33.22 8.24
CA THR E 62 62.43 33.49 7.68
C THR E 62 62.32 33.84 6.21
N ARG E 63 63.35 34.54 5.71
CA ARG E 63 63.40 35.10 4.37
C ARG E 63 63.82 34.15 3.24
N PRO E 64 64.83 33.29 3.44
CA PRO E 64 65.23 32.39 2.35
C PRO E 64 64.09 31.56 1.80
N HIS E 65 63.35 30.93 2.70
CA HIS E 65 62.24 30.10 2.27
C HIS E 65 61.15 30.92 1.61
N ARG E 66 61.04 32.21 1.96
CA ARG E 66 60.13 33.08 1.24
C ARG E 66 60.60 33.28 -0.20
N HIS E 67 61.90 33.52 -0.40
CA HIS E 67 62.43 33.58 -1.77
C HIS E 67 62.08 32.31 -2.53
N ILE E 68 62.26 31.18 -1.86
CA ILE E 68 62.07 29.88 -2.50
C ILE E 68 60.61 29.72 -2.91
N PHE E 69 59.70 30.06 -2.02
CA PHE E 69 58.27 29.94 -2.30
C PHE E 69 57.86 30.87 -3.44
N THR E 70 58.41 32.08 -3.46
CA THR E 70 58.18 32.99 -4.58
C THR E 70 58.58 32.35 -5.89
N GLU E 71 59.79 31.78 -5.95
CA GLU E 71 60.25 31.10 -7.15
C GLU E 71 59.31 29.98 -7.54
N MET E 72 58.86 29.20 -6.56
CA MET E 72 57.96 28.10 -6.84
C MET E 72 56.70 28.58 -7.54
N ALA E 73 56.08 29.62 -6.98
CA ALA E 73 54.83 30.09 -7.56
C ALA E 73 55.07 30.66 -8.96
N ARG E 74 56.14 31.41 -9.15
CA ARG E 74 56.38 32.03 -10.44
C ARG E 74 56.68 30.98 -11.51
N LEU E 75 57.37 29.90 -11.14
CA LEU E 75 57.64 28.87 -12.13
C LEU E 75 56.40 28.06 -12.43
N GLN E 76 55.68 27.64 -11.38
CA GLN E 76 54.48 26.84 -11.60
C GLN E 76 53.41 27.62 -12.35
N GLU E 77 53.49 28.95 -12.37
CA GLU E 77 52.69 29.72 -13.31
C GLU E 77 52.87 29.19 -14.73
N SER E 78 54.13 28.99 -15.15
CA SER E 78 54.45 28.43 -16.46
C SER E 78 55.14 27.07 -16.35
N GLY E 79 56.29 27.01 -15.69
CA GLY E 79 57.04 25.78 -15.60
C GLY E 79 56.60 24.93 -14.43
N SER E 80 55.93 23.82 -14.74
CA SER E 80 55.50 22.89 -13.71
C SER E 80 56.65 22.28 -12.92
N PRO E 81 57.74 21.82 -13.52
CA PRO E 81 58.71 21.07 -12.72
C PRO E 81 59.52 21.96 -11.80
N ILE E 82 59.22 21.89 -10.51
CA ILE E 82 59.97 22.59 -9.48
C ILE E 82 60.31 21.56 -8.42
N ASP E 83 61.45 20.87 -8.60
CA ASP E 83 61.88 19.87 -7.61
C ASP E 83 63.24 20.22 -7.00
N LEU E 84 64.34 20.15 -7.74
CA LEU E 84 65.61 20.65 -7.27
C LEU E 84 66.41 21.29 -8.39
N ILE E 85 66.44 20.61 -9.53
CA ILE E 85 67.41 20.89 -10.58
C ILE E 85 66.88 21.96 -11.51
N THR E 86 65.61 21.89 -11.89
CA THR E 86 64.98 23.02 -12.55
C THR E 86 65.00 24.24 -11.64
N LEU E 87 64.69 24.03 -10.37
CA LEU E 87 64.66 25.13 -9.42
C LEU E 87 66.04 25.73 -9.24
N ALA E 88 67.04 24.87 -8.96
CA ALA E 88 68.40 25.35 -8.79
C ALA E 88 68.89 26.07 -10.03
N GLU E 89 68.66 25.49 -11.21
CA GLU E 89 69.27 26.01 -12.42
C GLU E 89 68.58 27.29 -12.89
N SER E 90 67.25 27.39 -12.74
CA SER E 90 66.59 28.64 -13.09
C SER E 90 66.91 29.72 -12.08
N LEU E 91 66.91 29.37 -10.80
CA LEU E 91 67.26 30.30 -9.75
C LEU E 91 68.70 30.81 -9.90
N GLU E 92 69.56 30.01 -10.54
CA GLU E 92 70.94 30.43 -10.79
C GLU E 92 71.02 31.77 -11.50
N ARG E 93 70.11 32.02 -12.43
CA ARG E 93 70.21 33.19 -13.28
C ARG E 93 70.01 34.47 -12.49
N GLN E 94 69.17 34.43 -11.46
CA GLN E 94 68.97 35.58 -10.59
C GLN E 94 70.09 35.74 -9.57
N GLY E 95 71.10 34.87 -9.59
CA GLY E 95 72.24 35.00 -8.70
C GLY E 95 71.84 34.93 -7.24
N GLN E 96 71.29 33.77 -6.85
CA GLN E 96 70.76 33.60 -5.50
C GLN E 96 71.17 32.28 -4.86
N LEU E 97 72.12 31.55 -5.47
CA LEU E 97 72.71 30.42 -4.78
C LEU E 97 73.58 30.91 -3.63
N ASP E 98 74.03 29.94 -2.81
CA ASP E 98 74.78 30.11 -1.57
C ASP E 98 74.29 31.32 -0.77
N SER E 99 72.97 31.50 -0.77
CA SER E 99 72.29 32.61 -0.13
C SER E 99 71.02 32.20 0.58
N VAL E 100 70.48 31.00 0.31
CA VAL E 100 69.33 30.46 1.02
C VAL E 100 69.76 29.15 1.67
N GLY E 101 71.02 29.10 2.09
CA GLY E 101 71.66 27.85 2.45
C GLY E 101 72.37 27.17 1.32
N GLY E 102 72.16 27.62 0.08
CA GLY E 102 72.88 27.08 -1.04
C GLY E 102 72.50 25.65 -1.38
N PHE E 103 73.38 25.03 -2.16
CA PHE E 103 73.05 23.78 -2.83
C PHE E 103 72.82 22.65 -1.85
N ALA E 104 73.74 22.47 -0.90
CA ALA E 104 73.67 21.29 -0.04
C ALA E 104 72.49 21.37 0.92
N TYR E 105 72.20 22.54 1.46
CA TYR E 105 71.03 22.70 2.31
C TYR E 105 69.74 22.51 1.52
N LEU E 106 69.68 23.16 0.35
CA LEU E 106 68.55 22.99 -0.55
C LEU E 106 68.32 21.52 -0.88
N ALA E 107 69.39 20.73 -0.90
CA ALA E 107 69.27 19.29 -1.10
C ALA E 107 68.87 18.58 0.19
N GLU E 108 69.27 19.13 1.34
CA GLU E 108 68.86 18.55 2.61
C GLU E 108 67.36 18.56 2.74
N LEU E 109 66.69 19.51 2.07
CA LEU E 109 65.24 19.39 1.96
C LEU E 109 64.84 18.06 1.33
N SER E 110 65.50 17.68 0.24
CA SER E 110 65.20 16.43 -0.43
C SER E 110 65.71 15.22 0.34
N LYS E 111 66.56 15.41 1.34
CA LYS E 111 67.05 14.28 2.13
C LYS E 111 65.91 13.57 2.84
N ASN E 112 65.24 14.28 3.75
CA ASN E 112 64.20 13.71 4.60
C ASN E 112 62.86 13.70 3.87
N THR E 113 61.78 13.43 4.61
CA THR E 113 60.37 13.55 4.23
C THR E 113 60.06 12.90 2.88
N PRO E 114 60.06 11.56 2.84
CA PRO E 114 59.82 10.87 1.55
C PRO E 114 58.38 10.89 1.11
N SER E 115 57.44 10.63 2.01
CA SER E 115 56.06 10.41 1.63
C SER E 115 55.28 11.71 1.46
N ALA E 116 55.75 12.80 2.04
CA ALA E 116 54.99 14.04 2.12
C ALA E 116 53.62 13.74 2.74
N ALA E 117 53.68 13.32 4.00
CA ALA E 117 52.57 12.67 4.70
C ALA E 117 51.29 13.47 4.59
N ASN E 118 51.28 14.66 5.19
CA ASN E 118 50.18 15.60 4.98
C ASN E 118 50.80 16.98 4.84
N ILE E 119 51.13 17.31 3.59
CA ILE E 119 51.48 18.67 3.22
C ILE E 119 50.38 19.63 3.63
N SER E 120 49.14 19.17 3.60
CA SER E 120 47.99 20.02 3.84
C SER E 120 47.98 20.57 5.27
N ALA E 121 48.13 19.70 6.27
CA ALA E 121 47.98 20.13 7.66
C ALA E 121 49.13 21.01 8.11
N TYR E 122 50.36 20.62 7.77
CA TYR E 122 51.52 21.47 7.99
C TYR E 122 51.27 22.86 7.42
N ALA E 123 50.81 22.89 6.17
CA ALA E 123 50.52 24.15 5.51
C ALA E 123 49.38 24.91 6.16
N ASP E 124 48.53 24.23 6.92
CA ASP E 124 47.50 24.91 7.68
C ASP E 124 48.10 25.62 8.89
N ILE E 125 48.90 24.89 9.66
CA ILE E 125 49.42 25.44 10.91
C ILE E 125 50.40 26.57 10.63
N VAL E 126 51.12 26.50 9.50
CA VAL E 126 52.00 27.60 9.11
C VAL E 126 51.20 28.90 9.05
N ARG E 127 50.12 28.88 8.27
CA ARG E 127 49.26 30.06 8.15
C ARG E 127 48.71 30.47 9.51
N GLU E 128 48.25 29.49 10.28
CA GLU E 128 47.71 29.77 11.61
C GLU E 128 48.67 30.59 12.45
N ARG E 129 49.86 30.03 12.72
CA ARG E 129 50.83 30.71 13.56
C ARG E 129 51.29 32.02 12.94
N ALA E 130 51.36 32.09 11.61
CA ALA E 130 51.78 33.33 10.96
C ALA E 130 50.80 34.44 11.23
N VAL E 131 49.51 34.15 11.11
CA VAL E 131 48.50 35.16 11.35
C VAL E 131 48.51 35.58 12.81
N VAL E 132 48.65 34.61 13.72
CA VAL E 132 48.72 34.92 15.14
C VAL E 132 49.87 35.89 15.42
N ARG E 133 51.05 35.55 14.91
CA ARG E 133 52.24 36.38 15.11
C ARG E 133 52.03 37.78 14.56
N GLU E 134 51.47 37.89 13.35
CA GLU E 134 51.27 39.21 12.76
C GLU E 134 50.34 40.05 13.61
N MET E 135 49.22 39.47 14.03
CA MET E 135 48.24 40.22 14.79
C MET E 135 48.80 40.66 16.13
N ILE E 136 49.57 39.79 16.78
CA ILE E 136 50.17 40.15 18.06
C ILE E 136 51.16 41.28 17.89
N SER E 137 51.95 41.23 16.81
CA SER E 137 52.85 42.33 16.49
C SER E 137 52.09 43.63 16.37
N VAL E 138 50.99 43.62 15.60
CA VAL E 138 50.22 44.84 15.36
C VAL E 138 49.69 45.38 16.67
N ALA E 139 49.20 44.50 17.55
CA ALA E 139 48.72 44.96 18.85
C ALA E 139 49.83 45.63 19.65
N ASN E 140 51.04 45.05 19.62
CA ASN E 140 52.16 45.65 20.32
C ASN E 140 52.47 47.05 19.77
N GLU E 141 52.43 47.19 18.44
CA GLU E 141 52.72 48.51 17.87
C GLU E 141 51.63 49.51 18.21
N ILE E 142 50.37 49.05 18.31
CA ILE E 142 49.29 49.93 18.76
C ILE E 142 49.62 50.46 20.14
N ALA E 143 50.01 49.56 21.05
CA ALA E 143 50.25 50.00 22.42
C ALA E 143 51.43 50.96 22.50
N GLU E 144 52.52 50.67 21.79
CA GLU E 144 53.69 51.54 21.90
C GLU E 144 53.41 52.91 21.30
N ALA E 145 52.70 52.96 20.17
CA ALA E 145 52.30 54.27 19.67
C ALA E 145 51.25 54.93 20.54
N GLY E 146 50.53 54.14 21.35
CA GLY E 146 49.58 54.73 22.27
C GLY E 146 50.26 55.45 23.41
N PHE E 147 51.33 54.86 23.95
CA PHE E 147 52.14 55.51 24.96
C PHE E 147 53.28 56.35 24.37
N ASP E 148 53.37 56.45 23.05
CA ASP E 148 54.35 57.31 22.38
C ASP E 148 53.67 57.95 21.19
N PRO E 149 52.91 59.02 21.41
CA PRO E 149 52.13 59.60 20.31
C PRO E 149 52.98 60.22 19.22
N GLN E 150 53.99 61.01 19.61
CA GLN E 150 54.81 61.76 18.66
C GLN E 150 53.95 62.73 17.83
N GLY E 151 53.37 63.69 18.54
CA GLY E 151 52.61 64.76 17.90
C GLY E 151 51.47 64.28 17.05
N ARG E 152 50.74 63.26 17.50
CA ARG E 152 49.65 62.67 16.74
C ARG E 152 48.30 63.03 17.35
N THR E 153 47.30 63.13 16.48
CA THR E 153 45.90 63.16 16.85
C THR E 153 45.48 61.74 17.26
N SER E 154 44.19 61.56 17.55
CA SER E 154 43.56 60.25 17.64
C SER E 154 42.68 59.94 16.45
N GLU E 155 41.86 60.89 16.01
CA GLU E 155 41.00 60.68 14.84
C GLU E 155 41.83 60.42 13.59
N ASP E 156 42.82 61.28 13.33
CA ASP E 156 43.73 61.04 12.21
C ASP E 156 44.68 59.88 12.47
N LEU E 157 44.77 59.41 13.72
CA LEU E 157 45.57 58.23 14.03
C LEU E 157 44.86 56.97 13.56
N LEU E 158 43.69 56.69 14.14
CA LEU E 158 43.05 55.37 14.06
C LEU E 158 42.92 54.80 12.65
N ASP E 159 42.98 55.65 11.63
CA ASP E 159 43.05 55.14 10.26
C ASP E 159 44.25 54.21 10.09
N LEU E 160 45.35 54.47 10.79
CA LEU E 160 46.50 53.59 10.67
C LEU E 160 46.23 52.26 11.36
N ALA E 161 45.52 52.28 12.48
CA ALA E 161 45.14 51.02 13.12
C ALA E 161 44.26 50.20 12.18
N GLU E 162 43.24 50.83 11.62
CA GLU E 162 42.35 50.15 10.70
C GLU E 162 43.11 49.56 9.52
N SER E 163 43.94 50.38 8.87
CA SER E 163 44.63 49.94 7.67
C SER E 163 45.69 48.89 8.00
N ARG E 164 46.36 49.03 9.14
CA ARG E 164 47.33 48.04 9.58
C ARG E 164 46.67 46.69 9.78
N VAL E 165 45.48 46.68 10.38
CA VAL E 165 44.80 45.42 10.64
C VAL E 165 44.25 44.84 9.34
N PHE E 166 43.68 45.68 8.49
CA PHE E 166 43.13 45.21 7.22
C PHE E 166 44.20 44.81 6.22
N LYS E 167 45.45 45.19 6.43
CA LYS E 167 46.53 44.79 5.53
C LYS E 167 46.70 43.26 5.51
N ILE E 168 46.22 42.57 6.53
CA ILE E 168 46.45 41.14 6.66
C ILE E 168 45.92 40.41 5.45
N ALA E 169 44.61 40.47 5.23
CA ALA E 169 44.01 39.75 4.13
C ALA E 169 44.36 40.37 2.78
N GLU E 170 44.71 41.65 2.76
CA GLU E 170 45.16 42.25 1.51
C GLU E 170 46.49 41.68 1.07
N SER E 171 47.32 41.25 2.02
CA SER E 171 48.51 40.48 1.68
C SER E 171 48.20 39.10 1.14
N ARG E 172 46.95 38.65 1.26
CA ARG E 172 46.54 37.30 0.89
C ARG E 172 45.72 37.24 -0.39
N ALA E 173 45.22 38.38 -0.88
CA ALA E 173 44.14 38.45 -1.86
C ALA E 173 44.36 37.53 -3.05
N ASN E 174 43.42 36.61 -3.25
CA ASN E 174 43.59 35.51 -4.20
C ASN E 174 43.45 36.08 -5.61
N LYS E 175 44.52 36.73 -6.05
CA LYS E 175 44.67 37.19 -7.42
C LYS E 175 43.60 38.22 -7.77
N ASP E 176 43.45 39.21 -6.89
CA ASP E 176 42.68 40.41 -7.15
C ASP E 176 41.21 40.09 -7.39
N GLU E 177 40.62 39.36 -6.45
CA GLU E 177 39.18 39.11 -6.43
C GLU E 177 38.55 40.00 -5.37
N GLY E 178 37.34 40.49 -5.65
CA GLY E 178 36.62 41.27 -4.70
C GLY E 178 35.43 41.99 -5.30
N PRO E 179 34.84 42.91 -4.54
CA PRO E 179 33.68 43.64 -5.05
C PRO E 179 34.06 44.67 -6.08
N LYS E 180 33.74 44.39 -7.34
CA LYS E 180 34.04 45.31 -8.41
C LYS E 180 33.14 46.52 -8.35
N ASN E 181 33.54 47.56 -9.06
CA ASN E 181 32.79 48.80 -9.15
C ASN E 181 31.97 48.79 -10.44
N ILE E 182 30.93 49.62 -10.46
CA ILE E 182 29.96 49.62 -11.54
C ILE E 182 30.60 49.89 -12.89
N ALA E 183 31.63 50.73 -12.91
CA ALA E 183 32.22 51.12 -14.20
C ALA E 183 32.93 49.94 -14.85
N ASP E 184 33.65 49.14 -14.07
CA ASP E 184 34.32 47.97 -14.62
C ASP E 184 33.31 46.98 -15.18
N VAL E 185 32.24 46.71 -14.43
CA VAL E 185 31.20 45.80 -14.89
C VAL E 185 30.58 46.32 -16.18
N LEU E 186 30.22 47.59 -16.17
CA LEU E 186 29.57 48.19 -17.31
C LEU E 186 30.48 48.15 -18.53
N ASP E 187 31.77 48.38 -18.34
CA ASP E 187 32.66 48.32 -19.48
C ASP E 187 32.81 46.90 -19.99
N ALA E 188 32.75 45.91 -19.11
CA ALA E 188 32.72 44.53 -19.57
C ALA E 188 31.52 44.29 -20.48
N THR E 189 30.36 44.82 -20.08
CA THR E 189 29.16 44.65 -20.89
C THR E 189 29.26 45.38 -22.23
N VAL E 190 29.75 46.61 -22.20
CA VAL E 190 29.90 47.36 -23.45
C VAL E 190 30.92 46.68 -24.34
N ALA E 191 31.93 46.05 -23.76
CA ALA E 191 32.89 45.29 -24.55
C ALA E 191 32.22 44.11 -25.22
N ARG E 192 31.30 43.45 -24.50
CA ARG E 192 30.52 42.37 -25.08
C ARG E 192 29.79 42.86 -26.33
N ILE E 193 28.99 43.91 -26.17
CA ILE E 193 28.22 44.44 -27.29
C ILE E 193 29.15 44.93 -28.40
N GLU E 194 30.32 45.46 -28.03
CA GLU E 194 31.24 46.02 -28.99
C GLU E 194 31.80 44.93 -29.89
N GLN E 195 32.33 43.87 -29.28
CA GLN E 195 32.83 42.75 -30.08
C GLN E 195 31.71 42.10 -30.88
N LEU E 196 30.48 42.11 -30.34
CA LEU E 196 29.41 41.36 -30.96
C LEU E 196 28.80 42.08 -32.15
N PHE E 197 28.78 43.41 -32.14
CA PHE E 197 27.92 44.14 -33.08
C PHE E 197 28.42 44.04 -34.50
N GLN E 198 29.69 44.44 -34.73
CA GLN E 198 30.19 44.54 -36.10
C GLN E 198 30.19 43.19 -36.80
N GLN E 199 30.57 42.14 -36.08
CA GLN E 199 30.51 40.81 -36.63
C GLN E 199 29.05 40.42 -36.84
N PRO E 200 28.77 39.47 -37.74
CA PRO E 200 27.36 39.16 -38.02
C PRO E 200 26.69 38.61 -36.78
N HIS E 201 25.47 39.09 -36.52
CA HIS E 201 24.76 38.75 -35.29
C HIS E 201 24.62 37.24 -35.14
N ASP E 202 24.27 36.56 -36.23
CA ASP E 202 24.20 35.10 -36.32
C ASP E 202 23.23 34.47 -35.30
N GLY E 203 22.43 35.27 -34.58
CA GLY E 203 21.52 34.74 -33.59
C GLY E 203 22.15 34.39 -32.26
N VAL E 204 23.33 33.78 -32.32
CA VAL E 204 23.98 33.25 -31.13
C VAL E 204 24.34 34.35 -30.15
N THR E 205 24.26 34.01 -28.86
CA THR E 205 24.66 34.88 -27.76
C THR E 205 25.58 34.12 -26.82
N GLY E 206 26.60 33.49 -27.40
CA GLY E 206 27.40 32.53 -26.67
C GLY E 206 27.84 31.37 -27.54
N VAL E 207 27.48 30.17 -27.13
CA VAL E 207 27.90 28.93 -27.79
C VAL E 207 26.76 28.42 -28.66
N ASN E 208 27.14 27.76 -29.75
CA ASN E 208 26.22 27.34 -30.79
C ASN E 208 25.92 25.84 -30.65
N THR E 209 24.88 25.40 -31.36
CA THR E 209 24.55 23.98 -31.49
C THR E 209 24.19 23.56 -32.90
N GLY E 210 23.95 24.48 -33.82
CA GLY E 210 23.51 24.17 -35.17
C GLY E 210 22.01 24.13 -35.35
N TYR E 211 21.29 23.63 -34.35
CA TYR E 211 19.84 23.58 -34.43
C TYR E 211 19.23 24.96 -34.38
N ASP E 212 18.98 25.53 -35.56
CA ASP E 212 18.50 26.91 -35.67
C ASP E 212 17.09 27.10 -35.15
N ASP E 213 16.37 26.03 -34.84
CA ASP E 213 15.11 26.14 -34.12
C ASP E 213 15.31 26.20 -32.61
N LEU E 214 16.44 25.70 -32.12
CA LEU E 214 16.70 25.62 -30.70
C LEU E 214 17.46 26.81 -30.17
N ASN E 215 18.29 27.43 -31.00
CA ASN E 215 18.99 28.63 -30.58
C ASN E 215 18.05 29.79 -30.28
N LYS E 216 16.80 29.73 -30.73
CA LYS E 216 15.89 30.85 -30.54
C LYS E 216 15.34 30.88 -29.12
N LYS E 217 14.95 29.73 -28.58
CA LYS E 217 14.48 29.65 -27.20
C LYS E 217 15.61 29.68 -26.19
N THR E 218 16.86 29.70 -26.64
CA THR E 218 18.03 29.57 -25.78
C THR E 218 19.02 30.70 -26.00
N ALA E 219 19.16 31.17 -27.23
CA ALA E 219 20.13 32.20 -27.62
C ALA E 219 21.57 31.74 -27.44
N GLY E 220 21.79 30.45 -27.29
CA GLY E 220 23.10 29.87 -27.13
C GLY E 220 23.31 29.38 -25.71
N LEU E 221 24.09 28.32 -25.58
CA LEU E 221 24.50 27.89 -24.26
C LEU E 221 25.35 28.99 -23.67
N GLN E 222 24.80 29.70 -22.69
CA GLN E 222 25.48 30.87 -22.17
C GLN E 222 26.81 30.45 -21.55
N PRO E 223 27.82 31.31 -21.59
CA PRO E 223 29.18 30.83 -21.36
C PRO E 223 29.49 30.46 -19.93
N SER E 224 28.56 30.60 -18.98
CA SER E 224 28.87 30.41 -17.58
C SER E 224 27.74 29.72 -16.82
N ASP E 225 27.08 28.75 -17.44
CA ASP E 225 25.79 28.26 -16.97
C ASP E 225 25.75 26.74 -16.79
N LEU E 226 25.01 26.31 -15.78
CA LEU E 226 24.68 24.90 -15.61
C LEU E 226 23.51 24.54 -16.52
N ILE E 227 23.73 23.57 -17.39
CA ILE E 227 22.66 22.96 -18.18
C ILE E 227 22.50 21.53 -17.71
N ILE E 228 21.26 21.07 -17.76
CA ILE E 228 20.91 19.71 -17.38
C ILE E 228 20.01 19.13 -18.46
N VAL E 229 20.17 17.84 -18.70
CA VAL E 229 19.41 17.10 -19.67
C VAL E 229 18.98 15.82 -18.96
N ALA E 230 17.72 15.44 -19.12
CA ALA E 230 17.20 14.37 -18.29
C ALA E 230 15.95 13.79 -18.90
N ALA E 231 16.01 12.53 -19.29
CA ALA E 231 14.80 11.77 -19.57
C ALA E 231 15.08 10.31 -19.32
N ARG E 232 13.99 9.54 -19.25
CA ARG E 232 13.99 8.13 -18.94
C ARG E 232 14.95 7.37 -19.84
N PRO E 233 15.35 6.15 -19.46
CA PRO E 233 16.56 5.54 -20.04
C PRO E 233 16.64 5.45 -21.55
N SER E 234 15.65 4.88 -22.19
CA SER E 234 15.76 4.57 -23.60
C SER E 234 15.55 5.78 -24.49
N MET E 235 15.28 6.96 -23.93
CA MET E 235 14.98 8.13 -24.75
C MET E 235 16.20 8.76 -25.36
N GLY E 236 17.39 8.26 -25.08
CA GLY E 236 18.54 8.62 -25.88
C GLY E 236 18.97 10.06 -25.73
N LYS E 237 19.58 10.36 -24.59
CA LYS E 237 20.05 11.69 -24.25
C LYS E 237 21.56 11.81 -24.27
N THR E 238 22.25 10.76 -23.85
CA THR E 238 23.69 10.67 -24.04
C THR E 238 24.04 10.91 -25.50
N THR E 239 23.20 10.40 -26.40
CA THR E 239 23.29 10.73 -27.81
C THR E 239 23.27 12.24 -28.02
N PHE E 240 22.29 12.91 -27.41
CA PHE E 240 22.14 14.34 -27.64
C PHE E 240 23.35 15.11 -27.14
N ALA E 241 23.94 14.69 -26.03
CA ALA E 241 25.09 15.40 -25.52
C ALA E 241 26.29 15.19 -26.41
N MET E 242 26.48 13.96 -26.89
CA MET E 242 27.51 13.71 -27.88
C MET E 242 27.29 14.57 -29.11
N ASN E 243 26.04 14.76 -29.51
CA ASN E 243 25.75 15.60 -30.67
C ASN E 243 26.19 17.03 -30.43
N LEU E 244 25.91 17.55 -29.24
CA LEU E 244 26.28 18.92 -28.94
C LEU E 244 27.78 19.11 -28.99
N VAL E 245 28.54 18.26 -28.30
CA VAL E 245 29.99 18.42 -28.32
C VAL E 245 30.52 18.23 -29.73
N GLU E 246 29.95 17.28 -30.46
CA GLU E 246 30.39 16.94 -31.79
C GLU E 246 30.21 18.10 -32.75
N ASN E 247 29.16 18.89 -32.57
CA ASN E 247 28.97 20.10 -33.38
C ASN E 247 29.88 21.23 -32.90
N ALA E 248 29.84 21.51 -31.61
CA ALA E 248 30.52 22.66 -31.06
C ALA E 248 32.03 22.56 -31.23
N ALA E 249 32.57 21.36 -31.41
CA ALA E 249 33.96 21.23 -31.76
C ALA E 249 34.26 21.91 -33.08
N MET E 250 33.65 21.41 -34.14
CA MET E 250 33.95 21.92 -35.48
C MET E 250 33.49 23.35 -35.69
N LEU E 251 32.55 23.84 -34.87
CA LEU E 251 32.22 25.24 -34.96
C LEU E 251 33.25 26.14 -34.28
N GLN E 252 33.98 25.61 -33.31
CA GLN E 252 35.04 26.31 -32.60
C GLN E 252 36.40 25.84 -33.10
N ASP E 253 37.46 26.30 -32.42
CA ASP E 253 38.77 25.65 -32.40
C ASP E 253 39.28 25.57 -30.98
N LYS E 254 38.36 25.47 -30.01
CA LYS E 254 38.60 25.58 -28.59
C LYS E 254 38.11 24.31 -27.87
N PRO E 255 38.73 23.91 -26.75
CA PRO E 255 38.46 22.56 -26.23
C PRO E 255 37.06 22.28 -25.73
N VAL E 256 36.89 21.02 -25.34
CA VAL E 256 35.69 20.51 -24.70
C VAL E 256 36.17 19.44 -23.73
N LEU E 257 35.23 18.85 -23.00
CA LEU E 257 35.52 17.69 -22.17
C LEU E 257 34.35 16.72 -22.28
N ILE E 258 34.63 15.48 -21.95
CA ILE E 258 33.62 14.44 -21.83
C ILE E 258 34.01 13.55 -20.67
N PHE E 259 33.09 13.33 -19.75
CA PHE E 259 33.25 12.35 -18.69
C PHE E 259 32.21 11.27 -18.89
N SER E 260 32.67 10.11 -19.31
CA SER E 260 31.83 8.98 -19.63
C SER E 260 31.93 8.03 -18.45
N LEU E 261 31.06 8.25 -17.47
CA LEU E 261 30.87 7.33 -16.35
C LEU E 261 29.93 6.19 -16.69
N GLU E 262 29.60 6.04 -17.96
CA GLU E 262 28.61 5.10 -18.44
C GLU E 262 29.18 4.10 -19.43
N MET E 263 30.24 4.44 -20.14
CA MET E 263 30.85 3.50 -21.07
C MET E 263 32.18 4.07 -21.54
N PRO E 264 33.10 3.21 -21.97
CA PRO E 264 34.45 3.66 -22.27
C PRO E 264 34.55 4.35 -23.62
N SER E 265 35.71 4.96 -23.84
CA SER E 265 35.94 5.74 -25.04
C SER E 265 35.76 4.92 -26.31
N GLU E 266 36.10 3.65 -26.27
CA GLU E 266 36.13 2.84 -27.49
C GLU E 266 34.76 2.62 -28.08
N GLN E 267 33.69 2.91 -27.33
CA GLN E 267 32.35 3.00 -27.90
C GLN E 267 31.99 4.43 -28.25
N ILE E 268 32.47 5.39 -27.45
CA ILE E 268 32.12 6.78 -27.67
C ILE E 268 32.58 7.22 -29.05
N MET E 269 33.82 6.88 -29.39
CA MET E 269 34.38 7.39 -30.63
C MET E 269 33.75 6.72 -31.84
N MET E 270 33.49 5.41 -31.75
CA MET E 270 32.73 4.73 -32.79
C MET E 270 31.39 5.42 -33.01
N ARG E 271 30.68 5.72 -31.91
CA ARG E 271 29.38 6.36 -32.03
C ARG E 271 29.49 7.73 -32.68
N SER E 272 30.43 8.54 -32.22
CA SER E 272 30.52 9.91 -32.70
C SER E 272 30.96 9.96 -34.15
N LEU E 273 31.94 9.14 -34.49
CA LEU E 273 32.38 8.94 -35.85
C LEU E 273 31.22 8.53 -36.74
N ALA E 274 30.43 7.57 -36.27
CA ALA E 274 29.24 7.15 -37.01
C ALA E 274 28.25 8.30 -37.17
N SER E 275 28.13 9.13 -36.15
CA SER E 275 27.19 10.23 -36.21
C SER E 275 27.59 11.24 -37.26
N LEU E 276 28.89 11.53 -37.35
CA LEU E 276 29.36 12.48 -38.34
C LEU E 276 29.25 11.90 -39.74
N SER E 277 29.79 10.72 -39.94
CA SER E 277 29.86 10.11 -41.26
C SER E 277 28.53 9.54 -41.76
N ARG E 278 27.45 9.64 -40.97
CA ARG E 278 26.12 9.18 -41.38
C ARG E 278 26.13 7.72 -41.83
N VAL E 279 26.71 6.86 -41.01
CA VAL E 279 26.68 5.43 -41.21
C VAL E 279 26.49 4.74 -39.87
N ASP E 280 25.74 3.65 -39.87
CA ASP E 280 25.32 3.04 -38.63
C ASP E 280 26.50 2.44 -37.87
N GLN E 281 26.29 2.27 -36.57
CA GLN E 281 27.28 1.58 -35.75
C GLN E 281 27.50 0.15 -36.21
N THR E 282 26.45 -0.48 -36.73
CA THR E 282 26.49 -1.92 -36.93
C THR E 282 27.46 -2.29 -38.04
N LYS E 283 27.39 -1.61 -39.17
CA LYS E 283 28.25 -1.94 -40.29
C LYS E 283 29.71 -1.73 -39.94
N ILE E 284 30.01 -0.76 -39.09
CA ILE E 284 31.39 -0.51 -38.68
C ILE E 284 31.91 -1.73 -37.93
N ARG E 285 31.24 -2.07 -36.83
CA ARG E 285 31.70 -3.17 -36.00
C ARG E 285 31.65 -4.51 -36.73
N THR E 286 30.92 -4.61 -37.84
CA THR E 286 30.97 -5.78 -38.70
C THR E 286 31.97 -5.61 -39.85
N GLY E 287 31.74 -4.61 -40.71
CA GLY E 287 32.66 -4.28 -41.78
C GLY E 287 32.17 -4.62 -43.17
N GLN E 288 30.89 -4.36 -43.45
CA GLN E 288 30.28 -4.62 -44.74
C GLN E 288 30.01 -3.33 -45.53
N LEU E 289 30.78 -2.28 -45.26
CA LEU E 289 30.47 -0.95 -45.75
C LEU E 289 31.31 -0.59 -46.99
N ASP E 290 30.77 0.33 -47.79
CA ASP E 290 31.24 0.63 -49.12
C ASP E 290 32.09 1.90 -49.16
N ASP E 291 32.78 2.08 -50.28
CA ASP E 291 33.67 3.22 -50.46
C ASP E 291 32.94 4.54 -50.29
N GLU E 292 31.65 4.58 -50.67
CA GLU E 292 30.82 5.73 -50.39
C GLU E 292 30.86 6.08 -48.91
N ASP E 293 30.90 5.06 -48.05
CA ASP E 293 31.00 5.31 -46.61
C ASP E 293 32.43 5.64 -46.21
N TRP E 294 33.41 4.87 -46.68
CA TRP E 294 34.80 5.07 -46.30
C TRP E 294 35.26 6.50 -46.57
N ALA E 295 34.73 7.11 -47.62
CA ALA E 295 35.07 8.50 -47.89
C ALA E 295 34.64 9.40 -46.74
N ARG E 296 33.41 9.22 -46.28
CA ARG E 296 32.90 10.07 -45.20
C ARG E 296 33.67 9.80 -43.90
N ILE E 297 34.04 8.53 -43.69
CA ILE E 297 34.85 8.18 -42.53
C ILE E 297 36.17 8.93 -42.57
N SER E 298 36.87 8.86 -43.70
CA SER E 298 38.18 9.46 -43.80
C SER E 298 38.09 10.95 -43.63
N GLY E 299 37.05 11.55 -44.17
CA GLY E 299 36.81 12.97 -44.01
C GLY E 299 36.69 13.37 -42.57
N THR E 300 35.72 12.79 -41.85
CA THR E 300 35.50 13.21 -40.46
C THR E 300 36.71 12.88 -39.59
N MET E 301 37.37 11.76 -39.88
CA MET E 301 38.58 11.40 -39.15
C MET E 301 39.63 12.48 -39.30
N GLY E 302 40.10 12.68 -40.54
CA GLY E 302 41.15 13.66 -40.78
C GLY E 302 40.76 15.06 -40.37
N ILE E 303 39.46 15.36 -40.35
CA ILE E 303 39.03 16.69 -39.95
C ILE E 303 38.99 16.84 -38.44
N LEU E 304 38.85 15.75 -37.70
CA LEU E 304 39.12 15.81 -36.26
C LEU E 304 40.61 15.91 -35.99
N LEU E 305 41.43 15.20 -36.78
CA LEU E 305 42.84 15.01 -36.45
C LEU E 305 43.72 16.10 -37.03
N GLU E 306 43.19 17.31 -37.19
CA GLU E 306 43.99 18.51 -37.34
C GLU E 306 43.51 19.60 -36.39
N LYS E 307 42.78 19.23 -35.34
CA LYS E 307 42.23 20.17 -34.38
C LYS E 307 42.51 19.79 -32.93
N ARG E 308 42.45 18.50 -32.59
CA ARG E 308 42.74 18.02 -31.24
C ARG E 308 41.89 18.70 -30.18
N ASN E 309 40.66 19.06 -30.52
CA ASN E 309 39.80 19.74 -29.56
C ASN E 309 39.48 18.84 -28.38
N ILE E 310 38.92 17.69 -28.66
CA ILE E 310 38.15 16.95 -27.67
C ILE E 310 39.10 16.26 -26.70
N TYR E 311 38.59 16.04 -25.49
CA TYR E 311 39.29 15.32 -24.44
C TYR E 311 38.28 14.47 -23.70
N ILE E 312 38.61 13.21 -23.49
CA ILE E 312 37.68 12.21 -23.00
C ILE E 312 38.26 11.60 -21.74
N ASP E 313 37.37 11.13 -20.85
CA ASP E 313 37.76 10.39 -19.67
C ASP E 313 36.75 9.29 -19.42
N ASP E 314 37.23 8.04 -19.39
CA ASP E 314 36.39 6.87 -19.18
C ASP E 314 36.42 6.38 -17.74
N SER E 315 36.58 7.29 -16.79
CA SER E 315 36.68 6.90 -15.40
C SER E 315 35.37 6.31 -14.89
N SER E 316 35.41 5.82 -13.65
CA SER E 316 34.27 5.16 -13.03
C SER E 316 33.77 5.90 -11.79
N GLY E 317 34.65 6.08 -10.80
CA GLY E 317 34.28 6.68 -9.53
C GLY E 317 34.98 8.00 -9.38
N LEU E 318 34.21 9.02 -9.02
CA LEU E 318 34.69 10.38 -8.98
C LEU E 318 34.23 11.07 -7.71
N THR E 319 34.90 12.17 -7.43
CA THR E 319 34.42 13.21 -6.56
C THR E 319 34.48 14.52 -7.33
N PRO E 320 33.65 15.51 -6.98
CA PRO E 320 33.73 16.80 -7.67
C PRO E 320 35.09 17.46 -7.58
N THR E 321 35.81 17.23 -6.48
CA THR E 321 37.15 17.80 -6.33
C THR E 321 38.08 17.23 -7.39
N GLU E 322 38.04 15.92 -7.58
CA GLU E 322 38.81 15.27 -8.62
C GLU E 322 38.52 15.89 -9.98
N VAL E 323 37.24 16.12 -10.25
CA VAL E 323 36.80 16.72 -11.50
C VAL E 323 37.44 18.09 -11.68
N ARG E 324 37.34 18.94 -10.65
CA ARG E 324 37.92 20.26 -10.71
C ARG E 324 39.41 20.18 -10.99
N SER E 325 40.09 19.21 -10.38
CA SER E 325 41.53 19.07 -10.59
C SER E 325 41.84 18.81 -12.04
N ARG E 326 41.17 17.82 -12.65
CA ARG E 326 41.47 17.49 -14.04
C ARG E 326 41.15 18.67 -14.95
N ALA E 327 40.03 19.33 -14.71
CA ALA E 327 39.62 20.41 -15.58
C ALA E 327 40.59 21.58 -15.51
N ARG E 328 40.97 21.97 -14.30
CA ARG E 328 41.94 23.03 -14.15
C ARG E 328 43.29 22.63 -14.73
N ARG E 329 43.63 21.35 -14.68
CA ARG E 329 44.86 20.91 -15.34
C ARG E 329 44.79 21.23 -16.82
N ILE E 330 43.68 20.86 -17.46
CA ILE E 330 43.52 21.15 -18.89
C ILE E 330 43.66 22.64 -19.14
N ALA E 331 42.95 23.45 -18.35
CA ALA E 331 42.91 24.87 -18.65
C ALA E 331 44.25 25.53 -18.38
N ARG E 332 45.07 24.98 -17.48
CA ARG E 332 46.39 25.53 -17.23
C ARG E 332 47.37 25.09 -18.31
N GLU E 333 47.16 23.91 -18.90
CA GLU E 333 48.09 23.45 -19.92
C GLU E 333 48.02 24.32 -21.16
N HIS E 334 46.83 24.75 -21.55
CA HIS E 334 46.72 25.67 -22.68
C HIS E 334 45.35 26.34 -22.68
N GLY E 335 45.36 27.67 -22.65
CA GLY E 335 44.15 28.42 -22.98
C GLY E 335 43.03 28.18 -22.00
N GLY E 336 41.83 28.06 -22.54
CA GLY E 336 40.64 27.87 -21.74
C GLY E 336 39.60 27.03 -22.44
N ILE E 337 38.93 26.19 -21.68
CA ILE E 337 37.95 25.26 -22.24
C ILE E 337 36.71 26.04 -22.61
N GLY E 338 35.79 25.39 -23.31
CA GLY E 338 34.58 26.02 -23.76
C GLY E 338 33.35 25.18 -23.52
N LEU E 339 33.50 24.01 -22.93
CA LEU E 339 32.37 23.11 -22.76
C LEU E 339 32.72 21.97 -21.84
N ILE E 340 31.69 21.37 -21.26
CA ILE E 340 31.79 20.16 -20.46
C ILE E 340 30.56 19.32 -20.77
N MET E 341 30.71 18.01 -20.67
CA MET E 341 29.60 17.07 -20.80
C MET E 341 29.84 15.96 -19.80
N ILE E 342 29.30 16.10 -18.62
CA ILE E 342 29.24 15.01 -17.67
C ILE E 342 28.12 14.08 -18.08
N ASP E 343 28.24 12.81 -17.71
CA ASP E 343 27.35 11.75 -18.17
C ASP E 343 26.88 10.94 -16.99
N TYR E 344 25.56 10.80 -16.84
CA TYR E 344 24.95 9.90 -15.89
C TYR E 344 25.41 10.25 -14.45
N LEU E 345 24.97 11.43 -14.06
CA LEU E 345 25.47 12.12 -12.88
C LEU E 345 25.33 11.33 -11.58
N GLN E 346 24.46 10.32 -11.52
CA GLN E 346 24.18 9.67 -10.25
C GLN E 346 25.43 9.03 -9.66
N LEU E 347 26.30 8.49 -10.51
CA LEU E 347 27.46 7.77 -10.02
C LEU E 347 28.47 8.69 -9.34
N MET E 348 28.39 9.99 -9.54
CA MET E 348 29.27 10.92 -8.87
C MET E 348 29.00 10.87 -7.38
N ARG E 349 29.95 10.34 -6.63
CA ARG E 349 29.86 10.23 -5.18
C ARG E 349 30.78 11.25 -4.52
N VAL E 350 30.37 11.71 -3.36
CA VAL E 350 31.26 12.19 -2.34
C VAL E 350 31.00 11.35 -1.10
N PRO E 351 31.80 10.31 -0.85
CA PRO E 351 31.31 9.18 -0.02
C PRO E 351 30.98 9.52 1.41
N ALA E 352 31.31 10.73 1.87
CA ALA E 352 31.06 11.08 3.26
C ALA E 352 29.58 10.97 3.61
N LEU E 353 28.70 11.17 2.63
CA LEU E 353 27.26 11.24 2.86
C LEU E 353 26.50 10.12 2.18
N SER E 354 27.17 9.07 1.71
CA SER E 354 26.50 8.00 0.97
C SER E 354 25.43 7.28 1.79
N ASP E 355 25.38 7.50 3.11
CA ASP E 355 24.24 7.07 3.89
C ASP E 355 22.95 7.77 3.47
N ASN E 356 23.07 8.93 2.81
CA ASN E 356 21.94 9.76 2.43
C ASN E 356 22.12 10.20 0.99
N ARG E 357 21.02 10.66 0.39
CA ARG E 357 20.96 10.93 -1.04
C ARG E 357 20.76 12.39 -1.37
N THR E 358 19.80 13.05 -0.73
CA THR E 358 19.46 14.41 -1.10
C THR E 358 20.62 15.36 -0.86
N LEU E 359 21.23 15.26 0.32
CA LEU E 359 22.39 16.09 0.63
C LEU E 359 23.51 15.84 -0.38
N GLU E 360 23.71 14.58 -0.74
CA GLU E 360 24.72 14.21 -1.72
C GLU E 360 24.50 14.98 -3.02
N ILE E 361 23.31 14.85 -3.60
CA ILE E 361 23.02 15.49 -4.89
C ILE E 361 23.15 17.00 -4.77
N ALA E 362 22.73 17.56 -3.64
CA ALA E 362 22.93 18.99 -3.42
C ALA E 362 24.39 19.35 -3.51
N GLU E 363 25.26 18.51 -2.95
CA GLU E 363 26.68 18.81 -2.94
C GLU E 363 27.23 18.81 -4.36
N ILE E 364 26.86 17.81 -5.17
CA ILE E 364 27.36 17.81 -6.55
C ILE E 364 26.87 19.04 -7.28
N SER E 365 25.61 19.42 -7.08
CA SER E 365 25.05 20.53 -7.81
C SER E 365 25.80 21.82 -7.49
N ARG E 366 26.00 22.10 -6.21
CA ARG E 366 26.71 23.29 -5.81
C ARG E 366 28.15 23.28 -6.32
N SER E 367 28.80 22.12 -6.28
CA SER E 367 30.19 22.07 -6.71
C SER E 367 30.32 22.33 -8.20
N LEU E 368 29.41 21.76 -9.00
CA LEU E 368 29.45 22.00 -10.43
C LEU E 368 29.16 23.45 -10.75
N LYS E 369 28.20 24.05 -10.05
CA LYS E 369 27.91 25.45 -10.26
C LYS E 369 29.14 26.31 -9.96
N ALA E 370 29.87 25.94 -8.90
CA ALA E 370 31.09 26.65 -8.56
C ALA E 370 32.10 26.56 -9.68
N LEU E 371 32.39 25.34 -10.12
CA LEU E 371 33.31 25.13 -11.22
C LEU E 371 32.90 25.94 -12.45
N ALA E 372 31.61 25.92 -12.74
CA ALA E 372 31.11 26.53 -13.96
C ALA E 372 31.33 28.02 -13.94
N LYS E 373 30.89 28.68 -12.87
CA LYS E 373 31.12 30.11 -12.75
C LYS E 373 32.61 30.42 -12.64
N GLU E 374 33.41 29.49 -12.14
CA GLU E 374 34.83 29.75 -11.97
C GLU E 374 35.51 29.91 -13.31
N LEU E 375 35.44 28.87 -14.13
CA LEU E 375 36.18 28.91 -15.38
C LEU E 375 35.46 29.68 -16.48
N ASN E 376 34.29 30.25 -16.20
CA ASN E 376 33.46 30.87 -17.23
C ASN E 376 33.18 29.86 -18.35
N VAL E 377 32.52 28.77 -17.96
CA VAL E 377 32.22 27.65 -18.85
C VAL E 377 30.77 27.27 -18.69
N PRO E 378 30.15 26.67 -19.70
CA PRO E 378 28.91 25.95 -19.47
C PRO E 378 29.19 24.59 -18.83
N VAL E 379 28.10 23.93 -18.47
CA VAL E 379 28.14 22.56 -18.00
C VAL E 379 26.91 21.86 -18.54
N VAL E 380 27.07 20.59 -18.90
CA VAL E 380 26.00 19.78 -19.46
C VAL E 380 26.03 18.49 -18.64
N ALA E 381 25.17 18.41 -17.65
CA ALA E 381 25.17 17.33 -16.68
C ALA E 381 23.92 16.51 -16.87
N LEU E 382 24.08 15.32 -17.43
CA LEU E 382 22.97 14.44 -17.64
C LEU E 382 22.51 13.84 -16.31
N SER E 383 21.30 13.29 -16.33
CA SER E 383 20.62 12.86 -15.11
C SER E 383 19.75 11.68 -15.46
N GLN E 384 18.77 11.40 -14.61
CA GLN E 384 17.76 10.39 -14.86
C GLN E 384 16.50 10.85 -14.17
N LEU E 385 15.40 10.16 -14.44
CA LEU E 385 14.11 10.47 -13.84
C LEU E 385 13.56 9.23 -13.17
N ASN E 386 12.63 9.47 -12.25
CA ASN E 386 11.95 8.40 -11.55
C ASN E 386 10.75 7.96 -12.36
N ARG E 387 10.45 6.67 -12.28
CA ARG E 387 9.48 6.05 -13.17
C ARG E 387 8.03 6.33 -12.77
N SER E 388 7.77 7.13 -11.75
CA SER E 388 6.41 7.36 -11.29
C SER E 388 5.51 7.87 -12.39
N LEU E 389 6.06 8.63 -13.34
CA LEU E 389 5.25 9.26 -14.38
C LEU E 389 4.46 8.26 -15.21
N GLU E 390 4.90 7.01 -15.27
CA GLU E 390 4.17 5.98 -15.99
C GLU E 390 2.73 5.89 -15.54
N GLN E 391 2.47 6.19 -14.26
CA GLN E 391 1.13 6.20 -13.70
C GLN E 391 0.49 7.57 -13.81
N ARG E 392 0.53 8.19 -15.00
CA ARG E 392 -0.06 9.50 -15.21
C ARG E 392 -0.87 9.64 -16.50
N ALA E 393 -0.64 8.80 -17.50
CA ALA E 393 -1.39 8.74 -18.76
C ALA E 393 -1.04 9.87 -19.73
N ASP E 394 -0.17 10.81 -19.36
CA ASP E 394 0.32 11.83 -20.26
C ASP E 394 1.79 11.63 -20.63
N LYS E 395 2.63 11.39 -19.64
CA LYS E 395 4.04 11.01 -19.79
C LYS E 395 4.88 12.12 -20.38
N ARG E 396 4.38 13.35 -20.45
CA ARG E 396 5.19 14.50 -20.78
C ARG E 396 5.78 15.04 -19.48
N PRO E 397 7.08 14.87 -19.22
CA PRO E 397 7.61 15.20 -17.90
C PRO E 397 7.47 16.67 -17.55
N VAL E 398 7.59 16.94 -16.26
CA VAL E 398 7.57 18.28 -15.72
C VAL E 398 8.61 18.38 -14.60
N ASN E 399 8.70 19.55 -13.99
CA ASN E 399 9.73 19.86 -13.01
C ASN E 399 9.63 19.02 -11.74
N SER E 400 8.54 18.29 -11.54
CA SER E 400 8.28 17.58 -10.29
C SER E 400 8.71 16.13 -10.30
N ASP E 401 8.63 15.47 -11.45
CA ASP E 401 8.83 14.02 -11.49
C ASP E 401 10.22 13.62 -11.01
N LEU E 402 11.23 14.44 -11.29
CA LEU E 402 12.54 14.21 -10.69
C LEU E 402 12.49 14.62 -9.22
N ARG E 403 12.85 13.68 -8.35
CA ARG E 403 12.67 13.81 -6.91
C ARG E 403 14.03 13.75 -6.24
N GLU E 404 14.67 14.91 -6.15
CA GLU E 404 15.94 15.10 -5.48
C GLU E 404 15.87 16.36 -4.63
N SER E 405 14.71 16.55 -4.00
CA SER E 405 14.32 17.81 -3.33
C SER E 405 14.52 19.01 -4.26
N GLY E 406 14.43 18.78 -5.56
CA GLY E 406 14.73 19.82 -6.54
C GLY E 406 16.06 20.49 -6.32
N SER E 407 17.06 19.74 -5.85
CA SER E 407 18.35 20.33 -5.56
C SER E 407 18.97 20.93 -6.82
N ILE E 408 18.95 20.16 -7.91
CA ILE E 408 19.44 20.67 -9.18
C ILE E 408 18.45 21.64 -9.78
N GLU E 409 17.16 21.44 -9.50
CA GLU E 409 16.12 22.34 -10.02
C GLU E 409 16.38 23.77 -9.59
N GLN E 410 16.65 23.98 -8.31
CA GLN E 410 16.90 25.32 -7.81
C GLN E 410 18.22 25.88 -8.32
N ASP E 411 19.14 25.03 -8.75
CA ASP E 411 20.50 25.44 -9.07
C ASP E 411 20.74 25.65 -10.56
N ALA E 412 19.89 25.11 -11.42
CA ALA E 412 20.10 25.20 -12.85
C ALA E 412 20.14 26.65 -13.32
N ASP E 413 20.66 26.81 -14.52
CA ASP E 413 20.39 27.97 -15.36
C ASP E 413 19.70 27.56 -16.65
N LEU E 414 19.36 26.28 -16.77
CA LEU E 414 18.56 25.75 -17.86
C LEU E 414 18.25 24.31 -17.53
N ILE E 415 17.09 23.86 -17.98
CA ILE E 415 16.75 22.44 -18.00
C ILE E 415 16.03 22.18 -19.29
N MET E 416 16.25 21.00 -19.87
CA MET E 416 15.45 20.59 -21.01
C MET E 416 15.34 19.09 -21.05
N PHE E 417 14.11 18.61 -20.97
CA PHE E 417 13.76 17.21 -20.95
C PHE E 417 13.69 16.66 -22.37
N ILE E 418 13.38 15.37 -22.46
CA ILE E 418 13.21 14.68 -23.73
C ILE E 418 11.98 13.81 -23.62
N TYR E 419 11.32 13.57 -24.76
CA TYR E 419 10.21 12.63 -24.81
C TYR E 419 10.07 12.13 -26.23
N ARG E 420 10.46 10.89 -26.46
CA ARG E 420 10.28 10.23 -27.76
C ARG E 420 9.06 9.33 -27.65
N ASP E 421 8.05 9.61 -28.48
CA ASP E 421 6.74 9.01 -28.28
C ASP E 421 6.75 7.53 -28.61
N GLU E 422 7.38 7.14 -29.70
CA GLU E 422 7.18 5.82 -30.28
C GLU E 422 7.73 4.69 -29.42
N VAL E 423 8.23 4.94 -28.22
CA VAL E 423 8.47 3.87 -27.26
C VAL E 423 7.15 3.36 -26.73
N TYR E 424 6.43 4.24 -26.04
CA TYR E 424 5.26 3.82 -25.28
C TYR E 424 4.10 3.45 -26.21
N HIS E 425 3.60 4.42 -26.96
CA HIS E 425 2.47 4.21 -27.85
C HIS E 425 3.01 3.87 -29.22
N GLU E 426 3.19 2.57 -29.46
CA GLU E 426 3.79 2.10 -30.71
C GLU E 426 2.98 2.53 -31.92
N ASN E 427 1.66 2.63 -31.78
CA ASN E 427 0.77 2.96 -32.88
C ASN E 427 0.59 4.47 -33.05
N SER E 428 1.49 5.28 -32.50
CA SER E 428 1.30 6.70 -32.51
C SER E 428 1.79 7.29 -33.81
N ASP E 429 1.14 8.38 -34.24
CA ASP E 429 1.48 9.03 -35.50
C ASP E 429 2.63 10.01 -35.30
N LEU E 430 3.69 9.55 -34.66
CA LEU E 430 4.87 10.36 -34.35
C LEU E 430 6.01 9.36 -34.27
N LYS E 431 6.71 9.20 -35.38
CA LYS E 431 7.76 8.20 -35.53
C LYS E 431 9.08 8.94 -35.71
N GLY E 432 10.01 8.71 -34.80
CA GLY E 432 11.27 9.40 -34.83
C GLY E 432 11.04 10.89 -34.75
N ILE E 433 10.27 11.31 -33.76
CA ILE E 433 9.95 12.72 -33.53
C ILE E 433 10.17 12.96 -32.04
N ALA E 434 11.37 13.43 -31.69
CA ALA E 434 11.72 13.73 -30.32
C ALA E 434 11.50 15.21 -30.08
N GLU E 435 10.66 15.53 -29.12
CA GLU E 435 10.49 16.89 -28.68
C GLU E 435 11.39 17.16 -27.49
N ILE E 436 11.59 18.44 -27.22
CA ILE E 436 12.49 18.92 -26.18
C ILE E 436 11.70 19.89 -25.33
N ILE E 437 11.28 19.45 -24.16
CA ILE E 437 10.42 20.24 -23.29
C ILE E 437 11.33 20.99 -22.33
N ILE E 438 11.50 22.28 -22.56
CA ILE E 438 12.27 23.14 -21.69
C ILE E 438 11.39 23.47 -20.49
N GLY E 439 11.77 22.97 -19.32
CA GLY E 439 10.97 23.11 -18.13
C GLY E 439 11.45 24.19 -17.18
N LYS E 440 12.62 24.74 -17.44
CA LYS E 440 13.11 25.86 -16.65
C LYS E 440 14.24 26.52 -17.42
N GLN E 441 14.25 27.84 -17.37
CA GLN E 441 15.26 28.64 -18.04
C GLN E 441 15.40 29.93 -17.25
N ARG E 442 16.63 30.24 -16.85
CA ARG E 442 16.83 31.36 -15.96
C ARG E 442 16.70 32.69 -16.67
N ASN E 443 17.22 32.80 -17.89
CA ASN E 443 17.27 34.06 -18.61
C ASN E 443 16.18 34.21 -19.66
N GLY E 444 16.00 33.21 -20.52
CA GLY E 444 14.89 33.21 -21.45
C GLY E 444 13.61 32.64 -20.85
N PRO E 445 12.60 32.42 -21.70
CA PRO E 445 11.33 31.83 -21.24
C PRO E 445 11.22 30.33 -21.44
N ILE E 446 10.13 29.73 -20.94
CA ILE E 446 9.85 28.33 -21.24
C ILE E 446 9.59 28.20 -22.73
N GLY E 447 9.58 26.98 -23.22
CA GLY E 447 9.32 26.76 -24.62
C GLY E 447 9.10 25.30 -24.90
N THR E 448 9.23 24.95 -26.17
CA THR E 448 9.09 23.58 -26.64
C THR E 448 9.68 23.53 -28.03
N VAL E 449 10.24 22.36 -28.37
CA VAL E 449 10.87 22.14 -29.66
C VAL E 449 10.50 20.75 -30.12
N ARG E 450 10.51 20.56 -31.43
CA ARG E 450 10.38 19.26 -32.06
C ARG E 450 11.68 18.90 -32.75
N LEU E 451 12.05 17.63 -32.64
CA LEU E 451 13.23 17.13 -33.31
C LEU E 451 13.00 15.67 -33.67
N THR E 452 13.89 15.14 -34.49
CA THR E 452 13.75 13.83 -35.08
C THR E 452 14.90 12.95 -34.62
N PHE E 453 14.60 11.74 -34.17
CA PHE E 453 15.57 10.79 -33.68
C PHE E 453 15.65 9.62 -34.65
N ASN E 454 16.87 9.24 -35.00
CA ASN E 454 17.12 8.07 -35.84
C ASN E 454 18.26 7.26 -35.24
N GLY E 455 17.92 6.35 -34.36
CA GLY E 455 18.92 5.66 -33.59
C GLY E 455 19.83 4.73 -34.38
N GLN E 456 19.71 4.64 -35.70
CA GLN E 456 20.64 3.79 -36.44
C GLN E 456 22.06 4.29 -36.35
N TRP E 457 22.24 5.60 -36.16
CA TRP E 457 23.57 6.17 -35.97
C TRP E 457 23.60 7.18 -34.85
N SER E 458 22.59 7.24 -34.00
CA SER E 458 22.59 8.06 -32.79
C SER E 458 22.83 9.53 -33.10
N ARG E 459 21.84 10.12 -33.76
CA ARG E 459 21.91 11.54 -34.07
C ARG E 459 20.52 12.13 -34.26
N PHE E 460 20.35 13.33 -33.73
CA PHE E 460 19.19 14.17 -33.99
C PHE E 460 19.42 15.04 -35.22
N ASP E 461 18.33 15.46 -35.83
CA ASP E 461 18.38 16.44 -36.91
C ASP E 461 17.30 17.49 -36.68
N ASN E 462 17.35 18.56 -37.47
CA ASN E 462 16.32 19.57 -37.44
C ASN E 462 14.99 18.99 -37.90
N TYR E 463 13.95 19.81 -37.80
CA TYR E 463 12.60 19.45 -38.27
C TYR E 463 12.06 20.62 -39.07
N ALA E 464 12.34 20.62 -40.36
CA ALA E 464 11.74 21.59 -41.28
C ALA E 464 10.38 21.08 -41.75
N GLY E 465 9.50 20.93 -40.77
CA GLY E 465 8.14 20.48 -41.01
C GLY E 465 7.15 21.46 -40.41
N PRO E 466 5.90 21.04 -40.26
CA PRO E 466 4.87 21.94 -39.72
C PRO E 466 5.14 22.42 -38.30
N GLN E 467 4.22 23.24 -37.80
CA GLN E 467 4.39 24.01 -36.57
C GLN E 467 4.54 23.12 -35.35
N TYR E 468 4.71 23.75 -34.19
CA TYR E 468 4.66 23.06 -32.91
C TYR E 468 3.85 23.85 -31.89
N LEU F 24 56.07 57.96 32.45
CA LEU F 24 57.11 57.21 31.77
C LEU F 24 56.43 56.24 30.79
N LYS F 25 55.71 55.24 31.31
CA LYS F 25 54.73 54.49 30.52
C LYS F 25 53.37 54.69 31.20
N VAL F 26 53.05 55.95 31.50
CA VAL F 26 51.89 56.28 32.33
C VAL F 26 50.62 55.88 31.60
N PRO F 27 49.59 55.37 32.29
CA PRO F 27 48.27 55.29 31.65
C PRO F 27 47.78 56.67 31.26
N PRO F 28 47.44 56.91 30.00
CA PRO F 28 47.23 58.29 29.53
C PRO F 28 46.00 58.90 30.18
N HIS F 29 46.21 60.04 30.85
CA HIS F 29 45.12 60.77 31.48
C HIS F 29 45.60 62.17 31.83
N SER F 30 44.86 63.18 31.40
CA SER F 30 45.14 64.56 31.76
C SER F 30 44.23 64.97 32.92
N ILE F 31 44.56 64.47 34.11
CA ILE F 31 43.73 64.73 35.28
C ILE F 31 43.77 66.20 35.65
N GLU F 32 44.90 66.86 35.39
CA GLU F 32 44.99 68.30 35.65
C GLU F 32 44.01 69.06 34.78
N ALA F 33 43.87 68.65 33.52
CA ALA F 33 42.84 69.20 32.65
C ALA F 33 41.45 68.82 33.13
N GLU F 34 41.29 67.54 33.52
CA GLU F 34 40.05 67.08 34.12
C GLU F 34 39.67 67.97 35.29
N GLN F 35 40.54 68.03 36.32
CA GLN F 35 40.27 68.85 37.50
C GLN F 35 40.04 70.30 37.15
N SER F 36 40.74 70.81 36.12
CA SER F 36 40.53 72.17 35.67
C SER F 36 39.08 72.38 35.25
N VAL F 37 38.57 71.49 34.42
CA VAL F 37 37.18 71.64 33.98
C VAL F 37 36.21 71.34 35.13
N LEU F 38 36.56 70.43 36.04
CA LEU F 38 35.75 70.19 37.23
C LEU F 38 35.53 71.47 38.01
N GLY F 39 36.61 72.04 38.53
CA GLY F 39 36.51 73.26 39.31
C GLY F 39 35.95 74.43 38.52
N GLY F 40 36.20 74.46 37.21
CA GLY F 40 35.63 75.53 36.40
C GLY F 40 34.11 75.44 36.32
N LEU F 41 33.58 74.24 36.14
CA LEU F 41 32.15 74.08 35.96
C LEU F 41 31.38 73.96 37.27
N MET F 42 32.05 73.70 38.39
CA MET F 42 31.38 73.81 39.68
C MET F 42 30.94 75.25 39.92
N LEU F 43 31.85 76.20 39.72
CA LEU F 43 31.56 77.62 39.88
C LEU F 43 31.03 78.28 38.60
N ASP F 44 30.55 77.49 37.65
CA ASP F 44 30.04 78.02 36.38
C ASP F 44 28.77 77.26 36.03
N ASN F 45 27.62 77.94 36.14
CA ASN F 45 26.32 77.38 35.80
C ASN F 45 25.91 77.69 34.37
N GLU F 46 26.10 78.95 33.95
CA GLU F 46 25.58 79.40 32.67
C GLU F 46 26.18 78.61 31.52
N ARG F 47 27.48 78.74 31.32
CA ARG F 47 28.19 78.11 30.20
C ARG F 47 28.43 76.64 30.54
N TRP F 48 27.47 75.78 30.15
CA TRP F 48 27.47 74.36 30.47
C TRP F 48 27.28 73.47 29.25
N ASP F 49 26.43 73.87 28.31
CA ASP F 49 26.11 72.99 27.19
C ASP F 49 27.29 72.83 26.25
N ASP F 50 28.15 73.85 26.15
CA ASP F 50 29.27 73.80 25.22
C ASP F 50 30.20 72.65 25.56
N VAL F 51 30.63 72.55 26.81
CA VAL F 51 31.44 71.41 27.24
C VAL F 51 30.58 70.15 27.34
N ALA F 52 29.28 70.29 27.59
CA ALA F 52 28.40 69.13 27.60
C ALA F 52 28.39 68.41 26.24
N GLU F 53 28.70 69.13 25.15
CA GLU F 53 28.75 68.50 23.84
C GLU F 53 29.75 67.34 23.78
N ARG F 54 30.86 67.46 24.50
CA ARG F 54 32.02 66.58 24.31
C ARG F 54 32.46 65.94 25.61
N VAL F 55 31.52 65.54 26.47
CA VAL F 55 31.86 64.81 27.69
C VAL F 55 30.78 63.77 27.97
N VAL F 56 31.22 62.66 28.56
CA VAL F 56 30.39 61.52 28.93
C VAL F 56 30.85 61.06 30.31
N ALA F 57 30.04 60.23 30.96
CA ALA F 57 30.38 59.67 32.26
C ALA F 57 31.73 58.94 32.22
N ASP F 58 31.83 57.89 31.41
CA ASP F 58 33.06 57.12 31.32
C ASP F 58 34.13 57.80 30.47
N ASP F 59 33.88 59.01 29.98
CA ASP F 59 34.93 59.82 29.38
C ASP F 59 35.95 60.32 30.41
N PHE F 60 35.67 60.15 31.70
CA PHE F 60 36.57 60.57 32.77
C PHE F 60 37.48 59.42 33.19
N TYR F 61 38.41 59.74 34.09
CA TYR F 61 39.46 58.83 34.53
C TYR F 61 39.19 58.24 35.89
N THR F 62 38.90 59.08 36.88
CA THR F 62 38.81 58.68 38.28
C THR F 62 37.37 58.80 38.76
N ARG F 63 36.95 57.84 39.58
CA ARG F 63 35.56 57.77 40.01
C ARG F 63 35.03 59.01 40.71
N PRO F 64 35.79 59.73 41.55
CA PRO F 64 35.22 60.96 42.14
C PRO F 64 34.69 61.93 41.11
N HIS F 65 35.47 62.20 40.06
CA HIS F 65 35.02 63.08 39.00
C HIS F 65 33.85 62.49 38.24
N ARG F 66 33.80 61.15 38.12
CA ARG F 66 32.66 60.51 37.48
C ARG F 66 31.37 60.78 38.25
N HIS F 67 31.35 60.40 39.54
CA HIS F 67 30.24 60.73 40.43
C HIS F 67 29.84 62.19 40.29
N ILE F 68 30.82 63.08 40.43
CA ILE F 68 30.55 64.51 40.51
C ILE F 68 29.88 65.00 39.23
N PHE F 69 30.52 64.76 38.07
CA PHE F 69 29.97 65.31 36.85
C PHE F 69 28.63 64.66 36.49
N THR F 70 28.48 63.35 36.70
CA THR F 70 27.23 62.72 36.27
C THR F 70 26.08 63.16 37.18
N GLU F 71 26.33 63.34 38.47
CA GLU F 71 25.27 63.85 39.34
C GLU F 71 25.03 65.34 39.11
N MET F 72 26.03 66.08 38.62
CA MET F 72 25.79 67.46 38.23
C MET F 72 24.89 67.52 37.02
N ALA F 73 25.10 66.62 36.06
CA ALA F 73 24.17 66.53 34.93
C ALA F 73 22.77 66.16 35.41
N ARG F 74 22.68 65.22 36.36
CA ARG F 74 21.40 64.86 36.96
C ARG F 74 20.69 66.07 37.54
N LEU F 75 21.39 66.84 38.38
CA LEU F 75 20.80 68.04 38.97
C LEU F 75 20.40 69.05 37.91
N GLN F 76 21.32 69.35 36.99
CA GLN F 76 21.06 70.37 35.97
C GLN F 76 19.95 69.97 35.02
N GLU F 77 19.60 68.68 34.97
CA GLU F 77 18.38 68.28 34.26
C GLU F 77 17.15 69.00 34.81
N SER F 78 16.99 69.01 36.14
CA SER F 78 15.81 69.55 36.79
C SER F 78 16.06 70.92 37.43
N GLY F 79 17.11 71.04 38.24
CA GLY F 79 17.40 72.26 38.97
C GLY F 79 18.70 72.89 38.47
N SER F 80 18.61 74.17 38.11
CA SER F 80 19.74 74.95 37.65
C SER F 80 20.66 75.43 38.79
N PRO F 81 20.15 76.06 39.87
CA PRO F 81 21.06 76.73 40.79
C PRO F 81 21.90 75.77 41.61
N ILE F 82 23.18 75.68 41.26
CA ILE F 82 24.18 74.90 41.99
C ILE F 82 25.50 75.63 41.85
N ASP F 83 26.25 75.76 42.94
CA ASP F 83 27.69 75.83 42.77
C ASP F 83 28.38 74.81 43.68
N LEU F 84 28.05 74.84 44.97
CA LEU F 84 28.78 74.08 45.97
C LEU F 84 27.85 73.40 46.98
N ILE F 85 26.80 74.11 47.40
CA ILE F 85 26.03 73.68 48.57
C ILE F 85 24.84 72.80 48.16
N THR F 86 24.15 73.15 47.09
CA THR F 86 23.05 72.33 46.62
C THR F 86 23.56 70.96 46.20
N LEU F 87 24.70 70.92 45.50
CA LEU F 87 25.40 69.66 45.26
C LEU F 87 25.69 68.95 46.57
N ALA F 88 26.07 69.70 47.61
CA ALA F 88 26.40 69.10 48.90
C ALA F 88 25.22 68.35 49.46
N GLU F 89 24.08 69.03 49.59
CA GLU F 89 22.91 68.38 50.17
C GLU F 89 22.36 67.30 49.24
N SER F 90 22.53 67.43 47.93
CA SER F 90 22.14 66.35 47.03
C SER F 90 22.93 65.09 47.33
N LEU F 91 24.26 65.18 47.25
CA LEU F 91 25.12 64.04 47.56
C LEU F 91 24.86 63.53 48.97
N GLU F 92 24.49 64.43 49.89
CA GLU F 92 24.09 64.00 51.23
C GLU F 92 22.83 63.15 51.17
N ARG F 93 21.89 63.50 50.31
CA ARG F 93 20.69 62.67 50.16
C ARG F 93 21.04 61.31 49.60
N GLN F 94 21.83 61.26 48.52
CA GLN F 94 22.18 59.98 47.91
C GLN F 94 23.06 59.11 48.81
N GLY F 95 23.57 59.64 49.91
CA GLY F 95 24.26 58.84 50.90
C GLY F 95 25.62 58.34 50.47
N GLN F 96 26.58 59.26 50.33
CA GLN F 96 27.97 58.92 50.03
C GLN F 96 28.92 59.71 50.90
N LEU F 97 28.51 60.03 52.13
CA LEU F 97 29.40 60.69 53.07
C LEU F 97 30.53 59.77 53.46
N ASP F 98 31.76 60.30 53.41
CA ASP F 98 32.95 59.55 53.81
C ASP F 98 33.10 58.27 53.00
N SER F 99 32.84 58.37 51.69
CA SER F 99 33.00 57.24 50.78
C SER F 99 33.82 57.63 49.55
N VAL F 100 33.73 58.91 49.13
CA VAL F 100 34.56 59.46 48.07
C VAL F 100 35.46 60.54 48.65
N GLY F 101 35.86 60.35 49.91
CA GLY F 101 36.60 61.37 50.63
C GLY F 101 35.67 62.20 51.50
N GLY F 102 35.29 63.38 51.04
CA GLY F 102 34.36 64.20 51.79
C GLY F 102 34.07 65.48 51.04
N PHE F 103 32.93 66.08 51.38
CA PHE F 103 32.59 67.39 50.81
C PHE F 103 33.55 68.47 51.30
N ALA F 104 34.10 68.31 52.51
CA ALA F 104 35.12 69.23 52.96
C ALA F 104 36.37 69.12 52.10
N TYR F 105 36.65 67.93 51.58
CA TYR F 105 37.71 67.76 50.59
C TYR F 105 37.28 68.30 49.24
N LEU F 106 35.97 68.28 48.96
CA LEU F 106 35.44 68.82 47.71
C LEU F 106 35.56 70.34 47.65
N ALA F 107 35.59 71.00 48.81
CA ALA F 107 35.69 72.45 48.88
C ALA F 107 36.85 72.98 48.04
N GLU F 108 38.01 72.35 48.14
CA GLU F 108 39.16 72.81 47.38
C GLU F 108 39.03 72.47 45.89
N LEU F 109 38.38 71.35 45.56
CA LEU F 109 38.09 71.06 44.17
C LEU F 109 37.21 72.15 43.57
N SER F 110 36.33 72.72 44.37
CA SER F 110 35.43 73.77 43.92
C SER F 110 36.08 75.15 43.91
N LYS F 111 37.11 75.36 44.72
CA LYS F 111 37.71 76.70 44.83
C LYS F 111 38.42 77.09 43.54
N ASN F 112 39.29 76.23 43.03
CA ASN F 112 40.39 76.65 42.17
C ASN F 112 39.91 76.96 40.76
N THR F 113 40.87 77.11 39.83
CA THR F 113 40.73 77.19 38.37
C THR F 113 39.71 78.24 37.91
N PRO F 114 40.08 79.53 37.94
CA PRO F 114 39.17 80.58 37.41
C PRO F 114 39.16 80.70 35.88
N SER F 115 39.56 79.64 35.17
CA SER F 115 39.84 79.72 33.74
C SER F 115 38.65 80.25 32.94
N ALA F 116 38.98 81.04 31.91
CA ALA F 116 38.03 81.71 31.04
C ALA F 116 37.76 80.83 29.82
N ALA F 117 37.24 81.41 28.73
CA ALA F 117 36.64 80.72 27.60
C ALA F 117 37.46 79.58 26.98
N ASN F 118 38.75 79.49 27.29
CA ASN F 118 39.57 78.37 26.79
C ASN F 118 39.35 77.09 27.62
N ILE F 119 38.10 76.64 27.64
CA ILE F 119 37.71 75.43 28.35
C ILE F 119 37.60 74.27 27.35
N SER F 120 37.27 74.59 26.10
CA SER F 120 36.98 73.55 25.12
C SER F 120 38.17 72.63 24.89
N ALA F 121 39.38 73.19 24.90
CA ALA F 121 40.57 72.39 24.62
C ALA F 121 40.77 71.33 25.69
N TYR F 122 40.39 71.62 26.93
CA TYR F 122 40.55 70.63 28.00
C TYR F 122 39.66 69.42 27.77
N ALA F 123 38.36 69.64 27.56
CA ALA F 123 37.46 68.52 27.26
C ALA F 123 37.87 67.82 25.99
N ASP F 124 38.43 68.56 25.02
CA ASP F 124 38.92 67.96 23.79
C ASP F 124 40.03 66.94 24.10
N ILE F 125 41.00 67.33 24.91
CA ILE F 125 42.10 66.42 25.19
C ILE F 125 41.65 65.29 26.11
N VAL F 126 40.61 65.51 26.92
CA VAL F 126 40.07 64.39 27.70
C VAL F 126 39.46 63.36 26.75
N ARG F 127 38.70 63.82 25.75
CA ARG F 127 38.17 62.92 24.74
C ARG F 127 39.30 62.16 24.05
N GLU F 128 40.36 62.88 23.67
CA GLU F 128 41.55 62.28 23.07
C GLU F 128 42.09 61.14 23.92
N ARG F 129 42.41 61.44 25.18
CA ARG F 129 43.00 60.44 26.06
C ARG F 129 42.05 59.27 26.29
N ALA F 130 40.74 59.54 26.28
CA ALA F 130 39.76 58.47 26.47
C ALA F 130 39.81 57.50 25.29
N VAL F 131 39.83 58.05 24.07
CA VAL F 131 39.92 57.19 22.89
C VAL F 131 41.19 56.37 22.92
N VAL F 132 42.30 57.00 23.35
CA VAL F 132 43.56 56.27 23.36
C VAL F 132 43.54 55.15 24.38
N ARG F 133 42.91 55.40 25.53
CA ARG F 133 42.79 54.36 26.55
C ARG F 133 41.97 53.19 26.03
N GLU F 134 40.86 53.50 25.35
CA GLU F 134 40.07 52.47 24.70
C GLU F 134 40.93 51.64 23.75
N MET F 135 41.65 52.31 22.85
CA MET F 135 42.47 51.64 21.85
C MET F 135 43.50 50.71 22.50
N ILE F 136 44.18 51.21 23.53
CA ILE F 136 45.23 50.42 24.17
C ILE F 136 44.65 49.19 24.84
N SER F 137 43.53 49.35 25.56
CA SER F 137 42.90 48.19 26.19
C SER F 137 42.47 47.17 25.15
N VAL F 138 41.95 47.64 24.01
CA VAL F 138 41.54 46.73 22.95
C VAL F 138 42.73 45.96 22.42
N ALA F 139 43.85 46.66 22.19
CA ALA F 139 45.04 45.98 21.69
C ALA F 139 45.53 44.93 22.67
N ASN F 140 45.45 45.23 23.96
CA ASN F 140 45.81 44.26 24.98
C ASN F 140 44.91 43.02 24.89
N GLU F 141 43.61 43.24 24.74
CA GLU F 141 42.69 42.12 24.59
C GLU F 141 43.05 41.26 23.38
N ILE F 142 43.33 41.93 22.25
CA ILE F 142 43.62 41.22 21.01
C ILE F 142 44.85 40.34 21.18
N ALA F 143 45.94 40.92 21.68
CA ALA F 143 47.18 40.15 21.82
C ALA F 143 47.02 39.03 22.84
N GLU F 144 46.31 39.29 23.94
CA GLU F 144 46.12 38.26 24.95
C GLU F 144 45.36 37.07 24.37
N ALA F 145 44.30 37.34 23.62
CA ALA F 145 43.58 36.26 22.95
C ALA F 145 44.47 35.57 21.93
N GLY F 146 45.38 36.31 21.31
CA GLY F 146 46.31 35.69 20.37
C GLY F 146 47.23 34.70 21.04
N PHE F 147 47.67 34.99 22.26
CA PHE F 147 48.49 34.03 23.00
C PHE F 147 47.70 32.76 23.26
N ASP F 148 46.56 32.87 23.94
CA ASP F 148 45.68 31.75 24.23
C ASP F 148 44.53 31.75 23.24
N PRO F 149 44.60 31.01 22.13
CA PRO F 149 43.46 30.98 21.20
C PRO F 149 42.22 30.37 21.79
N GLN F 150 42.36 29.53 22.83
CA GLN F 150 41.23 28.89 23.50
C GLN F 150 40.49 27.96 22.52
N GLY F 151 41.25 27.02 21.96
CA GLY F 151 40.72 26.04 21.02
C GLY F 151 39.97 26.68 19.87
N ARG F 152 40.69 27.40 19.01
CA ARG F 152 40.05 28.33 18.10
C ARG F 152 40.93 28.52 16.86
N THR F 153 40.32 29.06 15.81
CA THR F 153 40.99 29.31 14.55
C THR F 153 41.68 30.68 14.59
N SER F 154 42.13 31.14 13.42
CA SER F 154 42.58 32.51 13.23
C SER F 154 41.45 33.41 12.74
N GLU F 155 40.68 32.94 11.75
CA GLU F 155 39.58 33.73 11.20
C GLU F 155 38.58 34.13 12.27
N ASP F 156 38.23 33.18 13.16
CA ASP F 156 37.30 33.47 14.23
C ASP F 156 37.80 34.56 15.17
N LEU F 157 39.10 34.82 15.17
CA LEU F 157 39.73 35.83 16.00
C LEU F 157 39.86 37.16 15.26
N LEU F 158 40.23 37.11 13.98
CA LEU F 158 40.31 38.31 13.18
C LEU F 158 38.93 38.92 12.96
N ASP F 159 37.88 38.11 13.04
CA ASP F 159 36.53 38.66 13.08
C ASP F 159 36.41 39.68 14.19
N LEU F 160 36.71 39.26 15.42
CA LEU F 160 36.70 40.16 16.56
C LEU F 160 37.61 41.35 16.31
N ALA F 161 38.78 41.10 15.75
CA ALA F 161 39.77 42.15 15.54
C ALA F 161 39.19 43.27 14.67
N GLU F 162 38.85 42.95 13.42
CA GLU F 162 38.36 43.96 12.50
C GLU F 162 37.05 44.56 12.98
N SER F 163 36.19 43.74 13.59
CA SER F 163 34.91 44.23 14.08
C SER F 163 35.12 45.31 15.13
N ARG F 164 35.95 45.01 16.14
CA ARG F 164 36.19 45.96 17.20
C ARG F 164 36.91 47.21 16.70
N VAL F 165 37.92 47.04 15.84
CA VAL F 165 38.67 48.19 15.38
C VAL F 165 37.79 49.10 14.54
N PHE F 166 36.94 48.53 13.69
CA PHE F 166 35.99 49.34 12.95
C PHE F 166 34.97 49.97 13.89
N LYS F 167 34.63 49.28 14.98
CA LYS F 167 33.71 49.86 15.96
C LYS F 167 34.32 51.08 16.63
N ILE F 168 35.64 51.12 16.75
CA ILE F 168 36.29 52.28 17.35
C ILE F 168 36.03 53.52 16.51
N ALA F 169 36.02 53.37 15.18
CA ALA F 169 35.67 54.49 14.31
C ALA F 169 34.17 54.71 14.25
N GLU F 170 33.39 53.64 14.43
CA GLU F 170 31.95 53.72 14.64
C GLU F 170 31.61 53.92 16.13
N SER F 171 32.60 54.18 16.98
CA SER F 171 32.32 54.49 18.38
C SER F 171 31.32 55.62 18.50
N ARG F 172 31.68 56.80 17.97
CA ARG F 172 30.73 57.82 17.53
C ARG F 172 29.68 58.15 18.59
N ALA F 173 30.18 58.72 19.69
CA ALA F 173 29.35 59.00 20.87
C ALA F 173 28.77 57.70 21.45
N ASN F 174 29.58 56.65 21.49
CA ASN F 174 29.21 55.38 22.08
C ASN F 174 30.46 54.51 22.21
N LYS F 175 30.50 53.71 23.27
CA LYS F 175 31.65 52.85 23.53
C LYS F 175 31.57 51.60 22.64
N ASP F 176 32.70 50.87 22.58
CA ASP F 176 32.81 49.74 21.68
C ASP F 176 31.89 48.59 22.10
N GLU F 177 31.87 48.25 23.38
CA GLU F 177 31.00 47.19 23.88
C GLU F 177 30.59 47.51 25.31
N GLY F 178 29.44 46.96 25.71
CA GLY F 178 28.91 47.13 27.04
C GLY F 178 27.54 47.76 27.03
N PRO F 179 26.89 47.84 28.20
CA PRO F 179 25.55 48.45 28.26
C PRO F 179 25.59 49.95 28.12
N LYS F 180 24.42 50.59 28.19
CA LYS F 180 24.29 52.04 28.09
C LYS F 180 23.38 52.55 29.19
N ASN F 181 23.38 53.86 29.37
CA ASN F 181 22.46 54.51 30.30
C ASN F 181 21.08 54.63 29.66
N ILE F 182 20.07 54.78 30.52
CA ILE F 182 18.70 54.98 30.05
C ILE F 182 18.62 56.25 29.20
N ALA F 183 19.02 57.38 29.78
CA ALA F 183 18.90 58.67 29.07
C ALA F 183 19.72 58.69 27.79
N ASP F 184 20.87 58.02 27.76
CA ASP F 184 21.70 58.01 26.56
C ASP F 184 20.96 57.39 25.38
N VAL F 185 20.06 56.45 25.64
CA VAL F 185 19.25 55.83 24.58
C VAL F 185 17.97 56.61 24.33
N LEU F 186 17.32 57.09 25.40
CA LEU F 186 16.04 57.78 25.22
C LEU F 186 16.22 59.13 24.54
N ASP F 187 17.36 59.80 24.74
CA ASP F 187 17.59 61.05 24.03
C ASP F 187 17.77 60.80 22.53
N ALA F 188 18.48 59.73 22.16
CA ALA F 188 18.59 59.36 20.75
C ALA F 188 17.22 58.98 20.19
N THR F 189 16.38 58.34 21.00
CA THR F 189 15.03 58.00 20.55
C THR F 189 14.22 59.26 20.27
N VAL F 190 14.24 60.22 21.20
CA VAL F 190 13.52 61.48 21.00
C VAL F 190 14.09 62.23 19.80
N ALA F 191 15.39 62.11 19.55
CA ALA F 191 15.98 62.71 18.37
C ALA F 191 15.43 62.07 17.10
N ARG F 192 15.35 60.74 17.08
CA ARG F 192 14.79 60.04 15.93
C ARG F 192 13.31 60.39 15.73
N ILE F 193 12.60 60.70 16.81
CA ILE F 193 11.19 61.08 16.68
C ILE F 193 11.07 62.49 16.12
N GLU F 194 11.83 63.43 16.69
CA GLU F 194 11.85 64.80 16.18
C GLU F 194 12.37 64.88 14.75
N GLN F 195 13.15 63.89 14.32
CA GLN F 195 13.64 63.83 12.95
C GLN F 195 12.51 63.88 11.93
N LEU F 196 11.33 63.34 12.27
CA LEU F 196 10.29 63.13 11.28
C LEU F 196 9.65 64.44 10.83
N PHE F 197 9.11 65.21 11.78
CA PHE F 197 8.36 66.40 11.42
C PHE F 197 9.21 67.46 10.73
N GLN F 198 10.53 67.39 10.84
CA GLN F 198 11.37 68.34 10.12
C GLN F 198 11.32 68.08 8.62
N GLN F 199 11.47 66.82 8.22
CA GLN F 199 11.44 66.43 6.81
C GLN F 199 10.01 66.16 6.38
N PRO F 200 9.78 65.97 5.07
CA PRO F 200 8.49 65.42 4.65
C PRO F 200 8.42 63.93 4.98
N HIS F 201 7.27 63.50 5.50
CA HIS F 201 7.16 62.17 6.12
C HIS F 201 7.47 61.06 5.12
N ASP F 202 6.84 61.10 3.95
CA ASP F 202 6.90 60.07 2.90
C ASP F 202 6.25 58.75 3.32
N GLY F 203 5.81 58.62 4.58
CA GLY F 203 5.45 57.33 5.14
C GLY F 203 6.63 56.49 5.56
N VAL F 204 7.80 56.75 5.02
CA VAL F 204 8.98 55.90 5.17
C VAL F 204 9.64 56.20 6.51
N THR F 205 10.19 55.15 7.10
CA THR F 205 10.94 55.21 8.35
C THR F 205 12.27 54.49 8.15
N GLY F 206 12.94 54.82 7.05
CA GLY F 206 13.99 53.98 6.52
C GLY F 206 14.15 54.14 5.01
N VAL F 207 14.03 53.04 4.29
CA VAL F 207 14.33 52.96 2.87
C VAL F 207 13.06 53.19 2.08
N ASN F 208 13.21 53.75 0.87
CA ASN F 208 12.16 53.76 -0.13
C ASN F 208 12.34 52.58 -1.06
N THR F 209 11.32 51.73 -1.13
CA THR F 209 11.31 50.59 -2.04
C THR F 209 10.82 50.94 -3.44
N GLY F 210 10.28 52.14 -3.63
CA GLY F 210 9.60 52.48 -4.86
C GLY F 210 8.17 52.00 -4.96
N TYR F 211 7.74 51.09 -4.08
CA TYR F 211 6.44 50.45 -4.19
C TYR F 211 5.55 50.89 -3.03
N ASP F 212 4.44 51.55 -3.37
CA ASP F 212 3.62 52.24 -2.39
C ASP F 212 3.04 51.28 -1.36
N ASP F 213 2.23 50.31 -1.83
CA ASP F 213 1.53 49.42 -0.91
C ASP F 213 2.47 48.60 -0.05
N LEU F 214 3.74 48.48 -0.44
CA LEU F 214 4.73 47.89 0.43
C LEU F 214 5.33 48.91 1.39
N ASN F 215 5.40 50.18 0.96
CA ASN F 215 5.82 51.23 1.90
C ASN F 215 4.84 51.33 3.05
N LYS F 216 3.54 51.23 2.76
CA LYS F 216 2.52 51.33 3.79
C LYS F 216 2.66 50.20 4.81
N LYS F 217 2.79 48.97 4.33
CA LYS F 217 2.80 47.80 5.18
C LYS F 217 4.18 47.47 5.72
N THR F 218 5.20 48.25 5.39
CA THR F 218 6.53 48.12 5.95
C THR F 218 7.08 49.42 6.50
N ALA F 219 6.53 50.57 6.14
CA ALA F 219 7.04 51.88 6.53
C ALA F 219 8.41 52.14 5.94
N GLY F 220 8.72 51.48 4.84
CA GLY F 220 10.08 51.40 4.35
C GLY F 220 10.88 50.40 5.18
N LEU F 221 11.93 49.87 4.58
CA LEU F 221 12.75 48.92 5.31
C LEU F 221 13.40 49.62 6.50
N GLN F 222 13.09 49.15 7.70
CA GLN F 222 13.74 49.67 8.88
C GLN F 222 15.22 49.29 8.78
N PRO F 223 16.14 50.23 8.56
CA PRO F 223 17.52 49.82 8.25
C PRO F 223 18.29 49.30 9.47
N SER F 224 17.71 48.31 10.18
CA SER F 224 18.37 47.75 11.35
C SER F 224 18.10 46.26 11.51
N ASP F 225 17.62 45.56 10.48
CA ASP F 225 16.99 44.25 10.64
C ASP F 225 17.43 43.35 9.50
N LEU F 226 16.76 42.20 9.37
CA LEU F 226 17.16 41.12 8.48
C LEU F 226 15.99 40.75 7.58
N ILE F 227 16.07 41.11 6.32
CA ILE F 227 15.02 40.85 5.35
C ILE F 227 15.29 39.53 4.67
N ILE F 228 14.22 38.78 4.41
CA ILE F 228 14.28 37.47 3.78
C ILE F 228 13.24 37.41 2.70
N VAL F 229 13.58 36.71 1.63
CA VAL F 229 12.68 36.42 0.52
C VAL F 229 12.82 34.93 0.24
N ALA F 230 11.69 34.27 0.01
CA ALA F 230 11.69 32.83 -0.13
C ALA F 230 10.57 32.41 -1.06
N ALA F 231 10.92 31.69 -2.12
CA ALA F 231 9.93 31.18 -3.05
C ALA F 231 10.46 29.96 -3.77
N ARG F 232 9.53 29.09 -4.12
CA ARG F 232 9.75 28.12 -5.17
C ARG F 232 10.24 28.89 -6.42
N PRO F 233 11.21 28.37 -7.19
CA PRO F 233 12.08 29.23 -7.99
C PRO F 233 11.45 30.17 -9.01
N SER F 234 10.73 29.64 -9.99
CA SER F 234 10.37 30.49 -11.11
C SER F 234 9.30 31.48 -10.69
N MET F 235 9.69 32.45 -9.86
CA MET F 235 8.81 33.45 -9.29
C MET F 235 9.38 34.86 -9.36
N GLY F 236 10.68 35.01 -9.54
CA GLY F 236 11.27 36.32 -9.74
C GLY F 236 11.79 36.98 -8.50
N LYS F 237 12.00 36.22 -7.42
CA LYS F 237 12.52 36.81 -6.20
C LYS F 237 13.88 37.43 -6.43
N THR F 238 14.70 36.78 -7.26
CA THR F 238 15.92 37.39 -7.74
C THR F 238 15.62 38.76 -8.31
N THR F 239 14.67 38.81 -9.23
CA THR F 239 14.30 40.07 -9.87
C THR F 239 13.77 41.06 -8.84
N PHE F 240 13.05 40.58 -7.83
CA PHE F 240 12.50 41.47 -6.82
C PHE F 240 13.61 42.16 -6.05
N ALA F 241 14.51 41.39 -5.48
CA ALA F 241 15.60 41.97 -4.69
C ALA F 241 16.48 42.85 -5.57
N MET F 242 16.65 42.46 -6.83
CA MET F 242 17.42 43.28 -7.75
C MET F 242 16.80 44.66 -7.89
N ASN F 243 15.48 44.70 -8.13
CA ASN F 243 14.82 45.99 -8.28
C ASN F 243 14.83 46.79 -6.99
N LEU F 244 14.71 46.10 -5.85
CA LEU F 244 14.81 46.77 -4.56
C LEU F 244 16.11 47.54 -4.45
N VAL F 245 17.23 46.82 -4.52
CA VAL F 245 18.53 47.45 -4.29
C VAL F 245 18.80 48.47 -5.37
N GLU F 246 18.34 48.22 -6.58
CA GLU F 246 18.54 49.17 -7.66
C GLU F 246 17.83 50.48 -7.34
N ASN F 247 16.59 50.41 -6.87
CA ASN F 247 15.85 51.63 -6.59
C ASN F 247 16.45 52.37 -5.40
N ALA F 248 16.78 51.64 -4.34
CA ALA F 248 17.43 52.25 -3.20
C ALA F 248 18.85 52.70 -3.50
N ALA F 249 19.40 52.33 -4.65
CA ALA F 249 20.65 52.90 -5.12
C ALA F 249 20.43 54.21 -5.85
N MET F 250 19.36 54.26 -6.64
CA MET F 250 19.06 55.51 -7.35
C MET F 250 18.69 56.62 -6.38
N LEU F 251 17.84 56.30 -5.39
CA LEU F 251 17.36 57.36 -4.51
C LEU F 251 18.41 57.78 -3.48
N GLN F 252 18.82 56.86 -2.62
CA GLN F 252 19.84 57.17 -1.63
C GLN F 252 21.15 57.54 -2.31
N ASP F 253 22.07 58.03 -1.49
CA ASP F 253 23.45 58.30 -1.89
C ASP F 253 24.41 57.26 -1.37
N LYS F 254 23.95 56.31 -0.58
CA LYS F 254 24.84 55.35 0.04
C LYS F 254 25.29 54.32 -0.99
N PRO F 255 26.21 53.44 -0.61
CA PRO F 255 26.55 52.30 -1.46
C PRO F 255 25.54 51.17 -1.35
N VAL F 256 25.70 50.21 -2.25
CA VAL F 256 24.91 48.98 -2.25
C VAL F 256 25.80 47.86 -2.75
N LEU F 257 25.64 46.68 -2.15
CA LEU F 257 26.40 45.50 -2.51
C LEU F 257 25.50 44.44 -3.11
N ILE F 258 26.09 43.66 -4.01
CA ILE F 258 25.37 42.70 -4.83
C ILE F 258 26.18 41.40 -4.77
N PHE F 259 25.84 40.53 -3.83
CA PHE F 259 26.51 39.24 -3.67
C PHE F 259 25.74 38.20 -4.47
N SER F 260 26.40 37.68 -5.50
CA SER F 260 25.75 36.96 -6.59
C SER F 260 26.42 35.59 -6.71
N LEU F 261 25.93 34.63 -5.92
CA LEU F 261 26.42 33.27 -5.93
C LEU F 261 25.59 32.37 -6.84
N GLU F 262 24.85 32.96 -7.76
CA GLU F 262 23.98 32.27 -8.66
C GLU F 262 24.30 32.53 -10.12
N MET F 263 24.85 33.70 -10.44
CA MET F 263 25.30 34.00 -11.78
C MET F 263 26.17 35.26 -11.73
N PRO F 264 26.95 35.50 -12.78
CA PRO F 264 27.94 36.58 -12.71
C PRO F 264 27.44 37.92 -13.23
N SER F 265 28.30 38.93 -13.04
CA SER F 265 27.93 40.31 -13.28
C SER F 265 27.44 40.57 -14.71
N GLU F 266 27.95 39.80 -15.67
CA GLU F 266 27.62 40.06 -17.06
C GLU F 266 26.14 39.89 -17.34
N GLN F 267 25.48 39.01 -16.59
CA GLN F 267 24.04 38.87 -16.67
C GLN F 267 23.31 39.85 -15.76
N ILE F 268 23.94 40.16 -14.63
CA ILE F 268 23.34 41.06 -13.65
C ILE F 268 23.07 42.41 -14.29
N MET F 269 24.10 42.98 -14.91
CA MET F 269 23.97 44.29 -15.52
C MET F 269 22.88 44.30 -16.57
N MET F 270 22.85 43.26 -17.42
CA MET F 270 21.85 43.19 -18.47
C MET F 270 20.46 43.20 -17.88
N ARG F 271 20.23 42.33 -16.90
CA ARG F 271 18.92 42.22 -16.28
C ARG F 271 18.47 43.53 -15.65
N SER F 272 19.38 44.20 -14.95
CA SER F 272 18.99 45.43 -14.25
C SER F 272 18.70 46.54 -15.24
N LEU F 273 19.64 46.75 -16.15
CA LEU F 273 19.50 47.74 -17.18
C LEU F 273 18.22 47.53 -17.99
N ALA F 274 17.82 46.27 -18.17
CA ALA F 274 16.60 45.99 -18.91
C ALA F 274 15.36 46.18 -18.05
N SER F 275 15.47 45.92 -16.75
CA SER F 275 14.39 46.26 -15.84
C SER F 275 14.08 47.73 -15.90
N LEU F 276 15.10 48.56 -16.14
CA LEU F 276 14.93 50.01 -16.14
C LEU F 276 14.52 50.55 -17.50
N SER F 277 15.32 50.30 -18.51
CA SER F 277 15.02 50.88 -19.81
C SER F 277 13.79 50.26 -20.48
N ARG F 278 13.11 49.29 -19.85
CA ARG F 278 11.85 48.74 -20.35
C ARG F 278 12.01 48.16 -21.75
N VAL F 279 13.04 47.32 -21.89
CA VAL F 279 13.32 46.61 -23.12
C VAL F 279 13.69 45.19 -22.76
N ASP F 280 13.16 44.23 -23.50
CA ASP F 280 13.43 42.82 -23.17
C ASP F 280 14.87 42.47 -23.48
N GLN F 281 15.41 41.57 -22.65
CA GLN F 281 16.82 41.16 -22.77
C GLN F 281 17.14 40.64 -24.16
N THR F 282 16.17 40.05 -24.83
CA THR F 282 16.44 39.35 -26.08
C THR F 282 16.89 40.31 -27.17
N LYS F 283 16.50 41.58 -27.08
CA LYS F 283 16.93 42.55 -28.08
C LYS F 283 18.37 42.95 -27.87
N ILE F 284 18.74 43.21 -26.61
CA ILE F 284 20.06 43.75 -26.30
C ILE F 284 21.15 42.80 -26.73
N ARG F 285 21.19 41.61 -26.13
CA ARG F 285 22.26 40.66 -26.37
C ARG F 285 22.36 40.29 -27.84
N THR F 286 21.22 40.32 -28.55
CA THR F 286 21.24 40.21 -30.00
C THR F 286 21.68 41.49 -30.68
N GLY F 287 21.41 42.65 -30.06
CA GLY F 287 21.91 43.91 -30.53
C GLY F 287 21.32 44.39 -31.85
N GLN F 288 20.00 44.60 -31.88
CA GLN F 288 19.32 45.19 -33.03
C GLN F 288 18.27 46.21 -32.58
N LEU F 289 18.50 46.85 -31.44
CA LEU F 289 17.51 47.65 -30.76
C LEU F 289 17.17 48.93 -31.55
N ASP F 290 16.19 49.66 -31.02
CA ASP F 290 15.52 50.77 -31.71
C ASP F 290 15.77 52.08 -30.98
N ASP F 291 15.49 53.20 -31.67
CA ASP F 291 15.90 54.54 -31.23
C ASP F 291 15.51 54.84 -29.78
N GLU F 292 14.22 54.75 -29.47
CA GLU F 292 13.77 55.01 -28.10
C GLU F 292 14.46 54.07 -27.12
N ASP F 293 14.68 52.82 -27.54
CA ASP F 293 15.40 51.90 -26.68
C ASP F 293 16.80 52.43 -26.40
N TRP F 294 17.55 52.82 -27.44
CA TRP F 294 18.87 53.41 -27.26
C TRP F 294 18.84 54.57 -26.28
N ALA F 295 17.80 55.40 -26.39
CA ALA F 295 17.68 56.55 -25.51
C ALA F 295 17.60 56.12 -24.06
N ARG F 296 16.77 55.11 -23.80
CA ARG F 296 16.61 54.67 -22.42
C ARG F 296 17.87 53.99 -21.91
N ILE F 297 18.58 53.28 -22.79
CA ILE F 297 19.90 52.73 -22.43
C ILE F 297 20.79 53.85 -21.93
N SER F 298 20.98 54.87 -22.77
CA SER F 298 21.93 55.93 -22.47
C SER F 298 21.51 56.70 -21.23
N GLY F 299 20.21 56.84 -21.01
CA GLY F 299 19.74 57.46 -19.81
C GLY F 299 20.16 56.69 -18.59
N THR F 300 19.60 55.48 -18.42
CA THR F 300 19.86 54.72 -17.20
C THR F 300 21.35 54.49 -17.00
N MET F 301 22.10 54.41 -18.10
CA MET F 301 23.55 54.47 -18.06
C MET F 301 24.04 55.70 -17.31
N GLY F 302 23.67 56.88 -17.80
CA GLY F 302 24.18 58.10 -17.20
C GLY F 302 23.77 58.26 -15.74
N ILE F 303 22.59 57.76 -15.38
CA ILE F 303 22.19 57.85 -13.98
C ILE F 303 23.05 56.92 -13.13
N LEU F 304 23.24 55.68 -13.57
CA LEU F 304 23.91 54.70 -12.72
C LEU F 304 25.41 54.95 -12.63
N LEU F 305 26.01 55.48 -13.69
CA LEU F 305 27.46 55.57 -13.75
C LEU F 305 27.99 56.81 -13.04
N GLU F 306 27.25 57.91 -13.06
CA GLU F 306 27.69 59.14 -12.44
C GLU F 306 27.68 59.09 -10.93
N LYS F 307 27.14 58.05 -10.32
CA LYS F 307 26.98 57.94 -8.88
C LYS F 307 27.93 56.94 -8.25
N ARG F 308 28.12 55.78 -8.89
CA ARG F 308 29.04 54.76 -8.40
C ARG F 308 28.67 54.25 -7.02
N ASN F 309 27.37 54.22 -6.72
CA ASN F 309 26.91 53.57 -5.49
C ASN F 309 27.10 52.07 -5.52
N ILE F 310 27.19 51.49 -6.71
CA ILE F 310 26.91 50.08 -6.90
C ILE F 310 28.23 49.34 -7.02
N TYR F 311 28.47 48.43 -6.08
CA TYR F 311 29.54 47.45 -6.16
C TYR F 311 28.92 46.06 -6.27
N ILE F 312 29.60 45.18 -6.99
CA ILE F 312 29.12 43.84 -7.27
C ILE F 312 30.22 42.85 -6.94
N ASP F 313 29.82 41.69 -6.44
CA ASP F 313 30.73 40.59 -6.12
C ASP F 313 30.26 39.35 -6.85
N ASP F 314 30.92 39.03 -7.96
CA ASP F 314 30.57 37.87 -8.77
C ASP F 314 31.34 36.63 -8.33
N SER F 315 31.27 36.33 -7.05
CA SER F 315 32.10 35.31 -6.45
C SER F 315 31.59 33.92 -6.79
N SER F 316 32.30 32.91 -6.29
CA SER F 316 31.95 31.51 -6.46
C SER F 316 31.28 30.94 -5.22
N GLY F 317 31.97 31.01 -4.08
CA GLY F 317 31.43 30.53 -2.83
C GLY F 317 32.13 31.21 -1.69
N LEU F 318 31.39 31.43 -0.60
CA LEU F 318 31.83 32.30 0.46
C LEU F 318 31.42 31.75 1.82
N THR F 319 32.30 31.91 2.79
CA THR F 319 31.90 31.82 4.19
C THR F 319 31.21 33.12 4.57
N PRO F 320 30.61 33.18 5.76
CA PRO F 320 30.16 34.47 6.28
C PRO F 320 31.32 35.41 6.57
N THR F 321 32.53 34.87 6.80
CA THR F 321 33.65 35.71 7.19
C THR F 321 34.01 36.69 6.08
N GLU F 322 34.12 36.21 4.85
CA GLU F 322 34.53 37.07 3.74
C GLU F 322 33.44 38.07 3.41
N VAL F 323 32.18 37.65 3.53
CA VAL F 323 31.04 38.53 3.45
C VAL F 323 31.24 39.72 4.38
N ARG F 324 31.40 39.42 5.66
CA ARG F 324 31.49 40.48 6.66
C ARG F 324 32.75 41.32 6.46
N SER F 325 33.84 40.69 6.04
CA SER F 325 35.08 41.42 5.83
C SER F 325 34.92 42.47 4.73
N ARG F 326 34.46 42.04 3.56
CA ARG F 326 34.29 42.96 2.46
C ARG F 326 33.26 44.03 2.80
N ALA F 327 32.24 43.67 3.59
CA ALA F 327 31.24 44.65 3.93
C ALA F 327 31.82 45.72 4.85
N ARG F 328 32.58 45.31 5.86
CA ARG F 328 33.22 46.26 6.76
C ARG F 328 34.18 47.16 5.99
N ARG F 329 34.87 46.60 5.00
CA ARG F 329 35.75 47.40 4.16
C ARG F 329 34.96 48.49 3.45
N ILE F 330 33.95 48.10 2.67
CA ILE F 330 33.19 49.07 1.89
C ILE F 330 32.57 50.12 2.80
N ALA F 331 32.16 49.71 3.99
CA ALA F 331 31.62 50.67 4.95
C ALA F 331 32.69 51.67 5.37
N ARG F 332 33.91 51.20 5.55
CA ARG F 332 34.99 52.10 5.93
C ARG F 332 35.33 53.06 4.81
N GLU F 333 35.21 52.61 3.55
CA GLU F 333 35.78 53.35 2.43
C GLU F 333 35.21 54.76 2.34
N HIS F 334 33.91 54.87 2.11
CA HIS F 334 33.29 56.18 1.93
C HIS F 334 31.83 56.08 2.32
N GLY F 335 31.42 56.99 3.21
CA GLY F 335 30.06 56.94 3.70
C GLY F 335 29.86 55.79 4.65
N GLY F 336 29.16 54.77 4.17
CA GLY F 336 28.76 53.64 4.97
C GLY F 336 27.53 53.02 4.36
N ILE F 337 27.47 51.71 4.29
CA ILE F 337 26.45 51.04 3.50
C ILE F 337 25.09 51.24 4.16
N GLY F 338 24.04 50.95 3.41
CA GLY F 338 22.71 50.87 3.97
C GLY F 338 21.87 49.79 3.34
N LEU F 339 22.46 48.93 2.51
CA LEU F 339 21.68 47.88 1.88
C LEU F 339 22.59 46.88 1.20
N ILE F 340 22.16 45.61 1.23
CA ILE F 340 22.93 44.49 0.72
C ILE F 340 21.99 43.56 -0.04
N MET F 341 22.52 42.88 -1.05
CA MET F 341 21.84 41.80 -1.75
C MET F 341 22.70 40.55 -1.65
N ILE F 342 22.18 39.52 -1.02
CA ILE F 342 22.78 38.19 -0.99
C ILE F 342 21.91 37.28 -1.83
N ASP F 343 22.46 36.79 -2.93
CA ASP F 343 21.70 36.01 -3.90
C ASP F 343 21.77 34.53 -3.55
N TYR F 344 20.62 33.92 -3.32
CA TYR F 344 20.46 32.48 -3.29
C TYR F 344 21.39 31.87 -2.24
N LEU F 345 21.02 32.19 -0.99
CA LEU F 345 21.78 31.90 0.22
C LEU F 345 22.49 30.56 0.24
N GLN F 346 21.76 29.49 -0.05
CA GLN F 346 22.14 28.13 0.36
C GLN F 346 23.55 27.72 -0.02
N LEU F 347 24.16 28.35 -1.02
CA LEU F 347 25.50 27.98 -1.44
C LEU F 347 26.49 28.11 -0.29
N MET F 348 26.44 29.24 0.41
CA MET F 348 27.53 29.65 1.27
C MET F 348 27.78 28.62 2.36
N ARG F 349 29.02 28.17 2.44
CA ARG F 349 29.43 27.10 3.31
C ARG F 349 30.44 27.62 4.32
N VAL F 350 30.31 27.19 5.56
CA VAL F 350 31.39 27.26 6.54
C VAL F 350 32.08 25.89 6.54
N PRO F 351 33.39 25.80 6.31
CA PRO F 351 34.00 24.46 6.25
C PRO F 351 33.98 23.70 7.55
N ALA F 352 33.83 24.39 8.69
CA ALA F 352 33.91 23.69 9.97
C ALA F 352 32.74 22.75 10.18
N LEU F 353 31.53 23.20 9.82
CA LEU F 353 30.31 22.41 9.99
C LEU F 353 29.98 21.59 8.75
N SER F 354 30.99 21.22 7.97
CA SER F 354 30.76 20.60 6.68
C SER F 354 30.11 19.23 6.76
N ASP F 355 29.94 18.66 7.95
CA ASP F 355 29.23 17.40 8.09
C ASP F 355 27.72 17.60 8.07
N ASN F 356 27.20 18.37 9.02
CA ASN F 356 25.78 18.67 9.07
C ASN F 356 25.45 19.87 8.18
N ARG F 357 24.18 19.97 7.84
CA ARG F 357 23.64 21.07 7.05
C ARG F 357 22.80 22.05 7.88
N THR F 358 22.03 21.55 8.84
CA THR F 358 21.11 22.42 9.54
C THR F 358 21.85 23.39 10.45
N LEU F 359 22.83 22.88 11.22
CA LEU F 359 23.64 23.76 12.04
C LEU F 359 24.46 24.72 11.18
N GLU F 360 24.85 24.28 9.99
CA GLU F 360 25.53 25.15 9.04
C GLU F 360 24.67 26.36 8.71
N ILE F 361 23.42 26.12 8.29
CA ILE F 361 22.52 27.22 7.99
C ILE F 361 22.29 28.06 9.24
N ALA F 362 22.23 27.43 10.39
CA ALA F 362 21.95 28.15 11.64
C ALA F 362 23.06 29.15 11.93
N GLU F 363 24.30 28.69 11.85
CA GLU F 363 25.42 29.58 12.11
C GLU F 363 25.49 30.70 11.08
N ILE F 364 25.15 30.40 9.82
CA ILE F 364 25.14 31.46 8.82
C ILE F 364 24.12 32.53 9.21
N SER F 365 22.92 32.09 9.59
CA SER F 365 21.87 33.02 9.99
C SER F 365 22.32 33.89 11.15
N ARG F 366 22.87 33.26 12.18
CA ARG F 366 23.37 34.02 13.33
C ARG F 366 24.40 35.04 12.91
N SER F 367 25.28 34.68 11.98
CA SER F 367 26.33 35.59 11.58
C SER F 367 25.75 36.79 10.84
N LEU F 368 24.77 36.56 9.99
CA LEU F 368 24.17 37.68 9.26
C LEU F 368 23.44 38.60 10.21
N LYS F 369 22.74 38.04 11.18
CA LYS F 369 22.04 38.85 12.17
C LYS F 369 23.03 39.71 12.95
N ALA F 370 24.15 39.12 13.34
CA ALA F 370 25.16 39.87 14.07
C ALA F 370 25.76 40.97 13.21
N LEU F 371 25.90 40.73 11.91
CA LEU F 371 26.39 41.77 11.02
C LEU F 371 25.45 42.95 10.99
N ALA F 372 24.15 42.67 10.82
CA ALA F 372 23.14 43.71 10.82
C ALA F 372 23.21 44.53 12.11
N LYS F 373 23.31 43.84 13.23
CA LYS F 373 23.46 44.52 14.51
C LYS F 373 24.76 45.29 14.61
N GLU F 374 25.78 44.88 13.85
CA GLU F 374 27.09 45.49 13.95
C GLU F 374 27.14 46.83 13.24
N LEU F 375 26.48 46.93 12.09
CA LEU F 375 26.48 48.17 11.33
C LEU F 375 25.16 48.95 11.44
N ASN F 376 24.13 48.37 12.06
CA ASN F 376 22.80 48.99 12.11
C ASN F 376 22.30 49.27 10.70
N VAL F 377 22.09 48.18 9.97
CA VAL F 377 21.75 48.24 8.55
C VAL F 377 20.71 47.17 8.24
N PRO F 378 20.09 47.21 7.06
CA PRO F 378 19.24 46.09 6.61
C PRO F 378 20.03 45.10 5.78
N VAL F 379 19.54 43.87 5.79
CA VAL F 379 20.15 42.79 5.03
C VAL F 379 19.06 41.95 4.39
N VAL F 380 19.05 41.91 3.08
CA VAL F 380 18.24 40.98 2.33
C VAL F 380 18.97 39.65 2.28
N ALA F 381 18.21 38.55 2.33
CA ALA F 381 18.81 37.22 2.23
C ALA F 381 17.76 36.29 1.63
N LEU F 382 17.92 35.99 0.34
CA LEU F 382 17.00 35.12 -0.36
C LEU F 382 17.09 33.70 0.20
N SER F 383 16.12 32.88 -0.18
CA SER F 383 16.12 31.47 0.21
C SER F 383 15.10 30.72 -0.64
N GLN F 384 14.93 29.44 -0.32
CA GLN F 384 14.16 28.49 -1.11
C GLN F 384 13.22 27.73 -0.20
N LEU F 385 12.31 26.99 -0.82
CA LEU F 385 11.27 26.26 -0.10
C LEU F 385 11.23 24.81 -0.53
N ASN F 386 11.07 23.94 0.45
CA ASN F 386 10.67 22.56 0.22
C ASN F 386 9.41 22.52 -0.63
N ARG F 387 9.34 21.52 -1.51
CA ARG F 387 8.11 21.11 -2.18
C ARG F 387 7.04 20.54 -1.26
N SER F 388 7.31 20.44 0.05
CA SER F 388 6.31 19.97 0.99
C SER F 388 5.01 20.76 0.89
N LEU F 389 5.10 22.02 0.49
CA LEU F 389 3.93 22.85 0.25
C LEU F 389 3.06 22.36 -0.90
N GLU F 390 3.58 21.48 -1.77
CA GLU F 390 2.89 21.20 -3.03
C GLU F 390 1.56 20.50 -2.80
N GLN F 391 1.55 19.41 -2.05
CA GLN F 391 0.33 18.60 -1.92
C GLN F 391 -0.85 19.29 -1.24
N ARG F 392 -0.66 20.52 -0.74
CA ARG F 392 -1.69 21.21 0.02
C ARG F 392 -2.89 21.65 -0.83
N ALA F 393 -2.78 21.62 -2.15
CA ALA F 393 -3.83 21.91 -3.12
C ALA F 393 -4.10 23.41 -3.28
N ASP F 394 -3.48 24.29 -2.48
CA ASP F 394 -3.57 25.73 -2.65
C ASP F 394 -2.21 26.36 -2.93
N LYS F 395 -1.17 25.88 -2.26
CA LYS F 395 0.22 26.18 -2.63
C LYS F 395 0.55 27.68 -2.50
N ARG F 396 -0.08 28.35 -1.57
CA ARG F 396 0.36 29.64 -1.07
C ARG F 396 1.24 29.43 0.16
N PRO F 397 2.44 29.99 0.24
CA PRO F 397 3.30 29.70 1.39
C PRO F 397 2.77 30.25 2.71
N VAL F 398 3.27 29.68 3.81
CA VAL F 398 3.20 30.27 5.14
C VAL F 398 4.54 30.07 5.83
N ASN F 399 4.61 30.47 7.09
CA ASN F 399 5.84 30.31 7.86
C ASN F 399 6.16 28.84 8.08
N SER F 400 5.18 28.06 8.53
CA SER F 400 5.42 26.66 8.85
C SER F 400 5.84 25.84 7.64
N ASP F 401 5.55 26.32 6.43
CA ASP F 401 6.07 25.70 5.22
C ASP F 401 7.59 25.76 5.18
N LEU F 402 8.20 26.70 5.89
CA LEU F 402 9.64 26.89 5.90
C LEU F 402 10.26 25.87 6.84
N ARG F 403 10.69 24.74 6.28
CA ARG F 403 11.31 23.68 7.06
C ARG F 403 12.80 23.93 7.11
N GLU F 404 13.22 24.62 8.17
CA GLU F 404 14.62 24.96 8.41
C GLU F 404 14.94 24.83 9.89
N SER F 405 14.24 23.95 10.60
CA SER F 405 14.36 23.79 12.05
C SER F 405 14.17 25.12 12.78
N GLY F 406 13.32 25.98 12.23
CA GLY F 406 13.14 27.31 12.78
C GLY F 406 14.39 28.15 12.82
N SER F 407 15.42 27.81 12.04
CA SER F 407 16.71 28.47 12.18
C SER F 407 16.68 29.92 11.73
N ILE F 408 15.71 30.29 10.90
CA ILE F 408 15.52 31.67 10.50
C ILE F 408 14.10 32.14 10.70
N GLU F 409 13.14 31.23 10.88
CA GLU F 409 11.83 31.62 11.39
C GLU F 409 11.93 32.23 12.78
N GLN F 410 13.03 31.95 13.51
CA GLN F 410 13.30 32.52 14.82
C GLN F 410 14.33 33.64 14.77
N ASP F 411 15.35 33.49 13.93
CA ASP F 411 16.45 34.45 13.84
C ASP F 411 16.24 35.50 12.77
N ALA F 412 14.99 35.83 12.46
CA ALA F 412 14.67 36.84 11.48
C ALA F 412 13.84 37.94 12.12
N ASP F 413 13.60 38.99 11.32
CA ASP F 413 12.73 40.10 11.66
C ASP F 413 11.62 40.32 10.65
N LEU F 414 11.86 40.00 9.38
CA LEU F 414 10.85 40.14 8.35
C LEU F 414 10.99 39.00 7.35
N ILE F 415 9.84 38.61 6.80
CA ILE F 415 9.75 37.59 5.76
C ILE F 415 8.77 38.09 4.72
N MET F 416 9.01 37.75 3.45
CA MET F 416 8.03 38.00 2.40
C MET F 416 8.06 36.83 1.41
N PHE F 417 7.24 35.84 1.67
CA PHE F 417 7.03 34.78 0.69
C PHE F 417 6.35 35.34 -0.55
N ILE F 418 6.43 34.59 -1.64
CA ILE F 418 5.97 35.03 -2.95
C ILE F 418 5.21 33.88 -3.63
N TYR F 419 4.27 34.24 -4.49
CA TYR F 419 3.49 33.31 -5.29
C TYR F 419 3.19 33.97 -6.61
N ARG F 420 2.93 33.15 -7.62
CA ARG F 420 2.62 33.63 -8.96
C ARG F 420 1.80 32.55 -9.64
N ASP F 421 0.51 32.81 -9.84
CA ASP F 421 -0.45 31.79 -10.22
C ASP F 421 -0.35 31.37 -11.69
N GLU F 422 0.53 31.99 -12.46
CA GLU F 422 0.80 31.50 -13.81
C GLU F 422 1.57 30.18 -13.81
N VAL F 423 2.04 29.71 -12.67
CA VAL F 423 2.90 28.54 -12.59
C VAL F 423 2.08 27.29 -12.44
N TYR F 424 1.33 27.21 -11.35
CA TYR F 424 0.68 25.96 -10.97
C TYR F 424 -0.57 25.66 -11.78
N HIS F 425 -1.20 26.68 -12.36
CA HIS F 425 -2.47 26.51 -13.06
C HIS F 425 -2.51 27.45 -14.26
N GLU F 426 -3.11 26.98 -15.35
CA GLU F 426 -3.31 27.81 -16.54
C GLU F 426 -4.66 28.52 -16.52
N ASN F 427 -5.71 27.84 -16.09
CA ASN F 427 -7.04 28.45 -16.08
C ASN F 427 -7.24 29.43 -14.93
N SER F 428 -6.21 29.72 -14.15
CA SER F 428 -6.31 30.77 -13.15
C SER F 428 -6.39 32.12 -13.85
N ASP F 429 -7.39 32.91 -13.48
CA ASP F 429 -7.59 34.23 -14.06
C ASP F 429 -6.77 35.28 -13.29
N LEU F 430 -5.46 35.05 -13.30
CA LEU F 430 -4.48 35.97 -12.76
C LEU F 430 -3.28 36.06 -13.67
N LYS F 431 -3.53 36.12 -14.97
CA LYS F 431 -2.44 36.25 -15.94
C LYS F 431 -1.70 37.55 -15.68
N GLY F 432 -0.42 37.43 -15.38
CA GLY F 432 0.40 38.60 -15.13
C GLY F 432 0.16 39.20 -13.75
N ILE F 433 0.21 38.36 -12.73
CA ILE F 433 -0.03 38.76 -11.35
C ILE F 433 1.08 38.23 -10.48
N ALA F 434 1.46 39.01 -9.47
CA ALA F 434 2.42 38.59 -8.46
C ALA F 434 1.98 39.18 -7.14
N GLU F 435 1.87 38.34 -6.12
CA GLU F 435 1.43 38.75 -4.80
C GLU F 435 2.53 38.52 -3.78
N ILE F 436 2.70 39.49 -2.89
CA ILE F 436 3.70 39.44 -1.83
C ILE F 436 2.97 38.97 -0.57
N ILE F 437 3.04 37.68 -0.31
CA ILE F 437 2.50 37.15 0.94
C ILE F 437 3.52 37.37 2.03
N ILE F 438 3.05 37.89 3.17
CA ILE F 438 3.89 38.17 4.32
C ILE F 438 3.36 37.34 5.47
N GLY F 439 4.08 36.29 5.83
CA GLY F 439 3.73 35.53 7.00
C GLY F 439 4.18 36.14 8.31
N LYS F 440 4.92 37.25 8.28
CA LYS F 440 5.46 37.78 9.52
C LYS F 440 5.98 39.19 9.32
N GLN F 441 5.85 39.99 10.36
CA GLN F 441 6.53 41.27 10.49
C GLN F 441 6.67 41.53 11.98
N ARG F 442 7.91 41.59 12.46
CA ARG F 442 8.13 41.77 13.90
C ARG F 442 7.59 43.11 14.37
N ASN F 443 7.91 44.17 13.66
CA ASN F 443 7.72 45.53 14.15
C ASN F 443 6.37 46.13 13.74
N GLY F 444 5.43 45.32 13.28
CA GLY F 444 4.22 45.85 12.71
C GLY F 444 3.20 44.79 12.35
N PRO F 445 2.22 45.16 11.53
CA PRO F 445 1.17 44.21 11.14
C PRO F 445 1.48 43.41 9.88
N ILE F 446 0.90 42.21 9.84
CA ILE F 446 0.98 41.33 8.69
C ILE F 446 0.05 41.84 7.59
N GLY F 447 0.12 41.21 6.44
CA GLY F 447 -0.74 41.59 5.35
C GLY F 447 -0.71 40.57 4.24
N THR F 448 -1.12 41.02 3.05
CA THR F 448 -1.12 40.23 1.84
C THR F 448 -1.35 41.19 0.69
N VAL F 449 -0.45 41.20 -0.29
CA VAL F 449 -0.27 42.33 -1.17
C VAL F 449 -0.25 41.85 -2.61
N ARG F 450 -0.56 42.76 -3.52
CA ARG F 450 -0.69 42.48 -4.95
C ARG F 450 0.28 43.33 -5.75
N LEU F 451 0.89 42.71 -6.75
CA LEU F 451 1.73 43.37 -7.72
C LEU F 451 1.47 42.71 -9.07
N THR F 452 2.27 43.08 -10.06
CA THR F 452 2.19 42.52 -11.40
C THR F 452 3.50 41.83 -11.73
N PHE F 453 3.65 41.47 -13.00
CA PHE F 453 4.88 40.81 -13.45
C PHE F 453 4.94 40.87 -14.97
N ASN F 454 6.03 41.40 -15.49
CA ASN F 454 6.33 41.34 -16.91
C ASN F 454 7.76 40.83 -17.04
N GLY F 455 7.92 39.52 -16.97
CA GLY F 455 9.24 38.96 -16.90
C GLY F 455 10.02 39.04 -18.17
N GLN F 456 9.43 39.52 -19.26
CA GLN F 456 10.16 39.63 -20.51
C GLN F 456 11.27 40.67 -20.43
N TRP F 457 11.22 41.57 -19.43
CA TRP F 457 12.37 42.37 -19.04
C TRP F 457 12.56 42.45 -17.53
N SER F 458 11.89 41.59 -16.75
CA SER F 458 12.17 41.41 -15.33
C SER F 458 11.98 42.70 -14.52
N ARG F 459 10.73 43.15 -14.42
CA ARG F 459 10.41 44.17 -13.43
C ARG F 459 8.97 44.01 -12.94
N PHE F 460 8.78 44.34 -11.67
CA PHE F 460 7.48 44.50 -11.04
C PHE F 460 6.97 45.94 -11.13
N ASP F 461 5.64 46.09 -11.12
CA ASP F 461 4.99 47.39 -10.97
C ASP F 461 3.93 47.32 -9.89
N ASN F 462 3.30 48.46 -9.66
CA ASN F 462 2.19 48.55 -8.72
C ASN F 462 0.89 48.14 -9.41
N TYR F 463 -0.07 47.77 -8.59
CA TYR F 463 -1.34 47.22 -9.04
C TYR F 463 -2.43 48.26 -8.83
N ALA F 464 -3.07 48.69 -9.92
CA ALA F 464 -4.18 49.63 -9.88
C ALA F 464 -5.36 48.89 -10.51
N GLY F 465 -6.06 48.12 -9.68
CA GLY F 465 -7.20 47.36 -10.11
C GLY F 465 -8.16 47.20 -8.95
N PRO F 466 -8.95 46.13 -8.96
CA PRO F 466 -9.77 45.82 -7.79
C PRO F 466 -8.92 45.66 -6.54
N GLN F 467 -9.57 45.76 -5.39
CA GLN F 467 -8.87 45.69 -4.12
C GLN F 467 -8.57 44.24 -3.80
N TYR F 468 -8.11 43.98 -2.57
CA TYR F 468 -7.87 42.63 -2.08
C TYR F 468 -8.52 42.46 -0.71
N MET G 1 -15.25 31.93 25.53
CA MET G 1 -15.95 32.13 24.22
C MET G 1 -17.07 31.11 24.01
N LYS G 2 -17.29 30.26 25.01
CA LYS G 2 -17.99 29.00 24.84
C LYS G 2 -18.96 28.77 25.99
N ASN G 3 -19.78 29.76 26.29
CA ASN G 3 -20.58 29.76 27.51
C ASN G 3 -21.97 30.33 27.17
N VAL G 4 -22.73 30.67 28.20
CA VAL G 4 -24.16 30.88 28.16
C VAL G 4 -24.47 32.38 28.15
N GLY G 5 -23.62 33.15 28.84
CA GLY G 5 -23.73 34.59 28.87
C GLY G 5 -23.88 35.19 27.49
N ASP G 6 -22.83 35.08 26.66
CA ASP G 6 -22.86 35.59 25.29
C ASP G 6 -24.05 35.10 24.49
N LEU G 7 -24.66 33.98 24.88
CA LEU G 7 -25.82 33.44 24.20
C LEU G 7 -27.13 34.04 24.70
N MET G 8 -27.13 34.60 25.92
CA MET G 8 -28.29 35.34 26.44
C MET G 8 -28.25 36.83 26.18
N GLN G 9 -27.04 37.42 26.21
CA GLN G 9 -26.86 38.87 26.24
C GLN G 9 -27.59 39.60 25.13
N ARG G 10 -27.88 38.93 24.01
CA ARG G 10 -28.64 39.56 22.94
C ARG G 10 -30.13 39.64 23.29
N LEU G 11 -30.67 38.54 23.83
CA LEU G 11 -32.11 38.47 24.05
C LEU G 11 -32.51 39.20 25.32
N GLN G 12 -31.59 39.31 26.29
CA GLN G 12 -31.87 40.05 27.51
C GLN G 12 -32.35 41.47 27.24
N LYS G 13 -31.96 42.04 26.10
CA LYS G 13 -32.40 43.38 25.74
C LYS G 13 -33.91 43.41 25.49
N MET G 14 -34.45 42.41 24.79
CA MET G 14 -35.81 42.47 24.31
C MET G 14 -36.84 42.41 25.43
N MET G 15 -36.48 41.87 26.58
CA MET G 15 -37.42 41.73 27.69
C MET G 15 -37.79 43.10 28.24
N PRO G 16 -39.05 43.57 28.12
CA PRO G 16 -39.41 44.82 28.79
C PRO G 16 -39.50 44.64 30.28
N ALA G 17 -39.80 45.72 31.01
CA ALA G 17 -39.82 45.64 32.46
C ALA G 17 -41.04 44.89 32.97
N HIS G 18 -42.19 45.10 32.32
CA HIS G 18 -43.45 44.51 32.77
C HIS G 18 -43.63 43.11 32.18
N ILE G 19 -42.70 42.23 32.54
CA ILE G 19 -42.86 40.79 32.39
C ILE G 19 -42.28 40.13 33.62
N LYS G 20 -43.05 39.25 34.26
CA LYS G 20 -42.74 38.73 35.58
C LYS G 20 -42.91 37.22 35.61
N PRO G 21 -41.80 36.43 35.51
CA PRO G 21 -41.95 34.98 35.35
C PRO G 21 -42.59 34.27 36.52
N ALA G 22 -42.03 34.41 37.72
CA ALA G 22 -42.55 33.79 38.93
C ALA G 22 -42.59 32.26 38.81
N PHE G 23 -41.38 31.67 38.70
CA PHE G 23 -41.20 30.22 38.68
C PHE G 23 -40.23 29.72 39.72
N LYS G 24 -39.13 30.43 39.96
CA LYS G 24 -38.29 30.35 41.15
C LYS G 24 -37.40 29.10 41.21
N THR G 25 -37.59 28.11 40.35
CA THR G 25 -36.82 26.88 40.46
C THR G 25 -37.06 26.00 39.23
N GLY G 26 -36.15 25.05 39.04
CA GLY G 26 -36.23 24.11 37.94
C GLY G 26 -36.84 22.79 38.33
N GLU G 27 -37.90 22.85 39.16
CA GLU G 27 -38.68 21.68 39.54
C GLU G 27 -40.14 21.85 39.23
N GLU G 28 -40.72 23.00 39.60
CA GLU G 28 -42.07 23.34 39.20
C GLU G 28 -42.20 23.27 37.69
N LEU G 29 -41.15 23.71 36.98
CA LEU G 29 -41.12 23.62 35.53
C LEU G 29 -41.36 22.18 35.07
N LEU G 30 -40.61 21.25 35.66
CA LEU G 30 -40.69 19.87 35.20
C LEU G 30 -42.05 19.27 35.51
N ALA G 31 -42.57 19.51 36.70
CA ALA G 31 -43.87 18.96 37.06
C ALA G 31 -44.95 19.51 36.13
N TRP G 32 -44.91 20.81 35.86
CA TRP G 32 -45.89 21.45 35.01
C TRP G 32 -45.82 20.91 33.59
N GLN G 33 -44.61 20.74 33.06
CA GLN G 33 -44.47 20.24 31.71
C GLN G 33 -44.89 18.78 31.60
N LYS G 34 -44.66 17.99 32.65
CA LYS G 34 -45.16 16.62 32.66
C LYS G 34 -46.68 16.59 32.60
N GLU G 35 -47.32 17.44 33.42
CA GLU G 35 -48.78 17.55 33.39
C GLU G 35 -49.28 17.87 31.99
N GLN G 36 -48.65 18.85 31.35
CA GLN G 36 -49.13 19.26 30.04
C GLN G 36 -48.88 18.18 28.99
N GLY G 37 -47.76 17.49 29.09
CA GLY G 37 -47.52 16.34 28.22
C GLY G 37 -48.65 15.34 28.30
N ALA G 38 -49.05 14.99 29.53
CA ALA G 38 -50.15 14.04 29.71
C ALA G 38 -51.44 14.57 29.11
N ILE G 39 -51.76 15.85 29.35
CA ILE G 39 -53.02 16.42 28.87
C ILE G 39 -53.06 16.39 27.34
N ARG G 40 -52.01 16.93 26.71
CA ARG G 40 -51.98 16.97 25.26
C ARG G 40 -51.97 15.57 24.68
N SER G 41 -51.37 14.61 25.38
CA SER G 41 -51.42 13.23 24.93
C SER G 41 -52.85 12.71 24.90
N ALA G 42 -53.62 13.03 25.95
CA ALA G 42 -55.01 12.61 25.97
C ALA G 42 -55.79 13.20 24.81
N ALA G 43 -55.56 14.48 24.55
CA ALA G 43 -56.26 15.13 23.44
C ALA G 43 -55.88 14.51 22.11
N LEU G 44 -54.59 14.23 21.93
CA LEU G 44 -54.12 13.61 20.69
C LEU G 44 -54.69 12.21 20.54
N GLU G 45 -54.89 11.50 21.65
CA GLU G 45 -55.49 10.17 21.60
C GLU G 45 -56.95 10.25 21.15
N ARG G 46 -57.71 11.17 21.75
CA ARG G 46 -59.08 11.37 21.30
C ARG G 46 -59.12 11.71 19.82
N GLU G 47 -58.16 12.52 19.35
CA GLU G 47 -58.11 12.84 17.94
C GLU G 47 -57.84 11.60 17.10
N ASN G 48 -56.91 10.75 17.54
CA ASN G 48 -56.63 9.52 16.81
C ASN G 48 -57.89 8.67 16.67
N ARG G 49 -58.63 8.53 17.77
CA ARG G 49 -59.84 7.72 17.73
C ARG G 49 -60.89 8.34 16.82
N ALA G 50 -60.99 9.68 16.84
CA ALA G 50 -61.90 10.38 15.94
C ALA G 50 -61.56 10.07 14.49
N MET G 51 -60.28 10.16 14.15
CA MET G 51 -59.84 9.80 12.81
C MET G 51 -60.28 8.39 12.48
N LYS G 52 -59.83 7.40 13.27
CA LYS G 52 -60.09 6.00 12.96
C LYS G 52 -61.57 5.72 12.75
N MET G 53 -62.42 6.31 13.58
CA MET G 53 -63.86 6.19 13.36
C MET G 53 -64.24 6.78 12.00
N GLN G 54 -63.68 7.95 11.65
CA GLN G 54 -64.00 8.54 10.36
C GLN G 54 -63.49 7.68 9.20
N ARG G 55 -62.39 6.95 9.40
CA ARG G 55 -61.88 6.09 8.34
C ARG G 55 -62.77 4.88 8.17
N THR G 56 -63.23 4.29 9.27
CA THR G 56 -64.22 3.21 9.18
C THR G 56 -65.45 3.70 8.44
N PHE G 57 -65.83 4.96 8.65
CA PHE G 57 -66.93 5.54 7.89
C PHE G 57 -66.56 5.74 6.43
N ASN G 58 -65.29 6.04 6.15
CA ASN G 58 -64.87 6.35 4.78
C ASN G 58 -64.95 5.12 3.90
N ARG G 59 -64.51 3.98 4.41
CA ARG G 59 -64.73 2.69 3.77
C ARG G 59 -66.23 2.42 3.73
N SER G 60 -66.62 1.32 3.06
CA SER G 60 -68.03 0.96 2.95
C SER G 60 -68.78 2.03 2.16
N GLY G 61 -68.52 2.04 0.86
CA GLY G 61 -68.99 3.12 0.01
C GLY G 61 -70.50 3.12 -0.18
N ILE G 62 -71.21 3.33 0.93
CA ILE G 62 -72.63 3.61 0.87
C ILE G 62 -72.81 4.92 0.13
N ARG G 63 -73.83 4.97 -0.70
CA ARG G 63 -74.05 6.17 -1.48
C ARG G 63 -74.48 7.31 -0.56
N PRO G 64 -74.33 8.56 -1.01
CA PRO G 64 -74.98 9.66 -0.27
C PRO G 64 -76.48 9.51 -0.21
N LEU G 65 -77.06 8.76 -1.14
CA LEU G 65 -78.43 8.29 -1.00
C LEU G 65 -78.65 7.62 0.34
N HIS G 66 -77.67 6.84 0.78
CA HIS G 66 -77.76 6.02 1.97
C HIS G 66 -76.73 6.37 3.03
N GLN G 67 -75.89 7.36 2.78
CA GLN G 67 -75.16 8.00 3.86
C GLN G 67 -76.13 8.52 4.91
N ASN G 68 -77.15 9.24 4.45
CA ASN G 68 -78.21 9.76 5.31
C ASN G 68 -79.26 8.67 5.43
N CYS G 69 -79.05 7.77 6.39
CA CYS G 69 -79.83 6.54 6.45
C CYS G 69 -79.78 5.97 7.86
N SER G 70 -80.94 5.60 8.38
CA SER G 70 -81.03 5.06 9.73
C SER G 70 -82.32 4.23 9.85
N PHE G 71 -82.69 3.89 11.08
CA PHE G 71 -83.94 3.19 11.35
C PHE G 71 -85.10 4.14 11.55
N GLU G 72 -84.83 5.37 12.00
CA GLU G 72 -85.91 6.33 12.21
C GLU G 72 -86.65 6.65 10.93
N ASN G 73 -85.96 6.62 9.79
CA ASN G 73 -86.52 7.04 8.51
C ASN G 73 -86.94 5.81 7.72
N TYR G 74 -88.16 5.33 7.99
CA TYR G 74 -88.73 4.25 7.20
C TYR G 74 -90.22 4.21 7.46
N ARG G 75 -91.00 4.06 6.39
CA ARG G 75 -92.44 4.27 6.41
C ARG G 75 -93.16 2.94 6.49
N VAL G 76 -93.72 2.64 7.66
CA VAL G 76 -94.59 1.49 7.83
C VAL G 76 -95.92 1.76 7.14
N GLU G 77 -96.47 0.72 6.53
CA GLU G 77 -97.82 0.74 5.97
C GLU G 77 -98.66 -0.44 6.44
N CYS G 78 -98.07 -1.61 6.59
CA CYS G 78 -98.76 -2.78 7.14
C CYS G 78 -97.78 -3.50 8.05
N GLU G 79 -98.08 -4.75 8.39
CA GLU G 79 -97.33 -5.47 9.42
C GLU G 79 -96.06 -6.12 8.89
N GLY G 80 -95.97 -6.36 7.59
CA GLY G 80 -94.83 -7.07 7.03
C GLY G 80 -93.51 -6.42 7.37
N GLN G 81 -93.34 -5.15 7.00
CA GLN G 81 -92.08 -4.50 7.27
C GLN G 81 -91.99 -3.94 8.68
N MET G 82 -93.13 -3.78 9.36
CA MET G 82 -93.09 -3.61 10.80
C MET G 82 -92.28 -4.74 11.43
N ASN G 83 -92.59 -5.97 11.03
CA ASN G 83 -91.86 -7.12 11.54
C ASN G 83 -90.45 -7.15 10.98
N ALA G 84 -90.24 -6.69 9.74
CA ALA G 84 -88.89 -6.58 9.21
C ALA G 84 -88.01 -5.72 10.09
N LEU G 85 -88.53 -4.58 10.53
CA LEU G 85 -87.74 -3.66 11.32
C LEU G 85 -87.57 -4.19 12.74
N SER G 86 -88.59 -4.85 13.27
CA SER G 86 -88.42 -5.57 14.54
C SER G 86 -87.25 -6.54 14.44
N LYS G 87 -87.20 -7.31 13.35
CA LYS G 87 -86.17 -8.31 13.18
C LYS G 87 -84.79 -7.68 13.02
N ALA G 88 -84.71 -6.57 12.29
CA ALA G 88 -83.43 -5.91 12.09
C ALA G 88 -82.92 -5.30 13.39
N ARG G 89 -83.80 -4.65 14.13
CA ARG G 89 -83.39 -4.06 15.41
C ARG G 89 -82.88 -5.14 16.35
N GLN G 90 -83.62 -6.25 16.47
CA GLN G 90 -83.13 -7.30 17.36
C GLN G 90 -81.85 -7.92 16.82
N TYR G 91 -81.69 -8.00 15.51
CA TYR G 91 -80.44 -8.51 14.94
C TYR G 91 -79.26 -7.66 15.38
N VAL G 92 -79.43 -6.34 15.34
CA VAL G 92 -78.38 -5.46 15.83
C VAL G 92 -78.18 -5.66 17.33
N GLU G 93 -79.27 -5.91 18.06
CA GLU G 93 -79.13 -6.23 19.47
C GLU G 93 -78.42 -7.56 19.69
N GLU G 94 -78.44 -8.45 18.70
CA GLU G 94 -77.92 -9.80 18.84
C GLU G 94 -76.52 -9.97 18.26
N PHE G 95 -75.85 -8.89 17.88
CA PHE G 95 -74.66 -9.04 17.04
C PHE G 95 -73.47 -9.57 17.83
N ASP G 96 -73.21 -8.99 19.00
CA ASP G 96 -71.95 -9.20 19.72
C ASP G 96 -71.69 -10.69 19.97
N GLY G 97 -70.62 -11.20 19.36
CA GLY G 97 -70.27 -12.60 19.45
C GLY G 97 -71.41 -13.51 19.04
N ASN G 98 -71.77 -13.48 17.76
CA ASN G 98 -72.95 -14.17 17.29
C ASN G 98 -72.74 -14.66 15.87
N ILE G 99 -73.14 -15.90 15.63
CA ILE G 99 -73.23 -16.48 14.30
C ILE G 99 -74.65 -16.22 13.81
N ALA G 100 -74.82 -15.16 13.03
CA ALA G 100 -76.17 -14.78 12.58
C ALA G 100 -76.03 -14.07 11.24
N SER G 101 -76.21 -14.82 10.17
CA SER G 101 -76.28 -14.27 8.83
C SER G 101 -77.72 -14.24 8.35
N PHE G 102 -78.03 -13.23 7.56
CA PHE G 102 -79.38 -12.98 7.07
C PHE G 102 -79.36 -12.88 5.57
N ILE G 103 -80.56 -12.90 4.98
CA ILE G 103 -80.77 -12.36 3.65
C ILE G 103 -82.11 -11.65 3.64
N PHE G 104 -82.14 -10.47 3.02
CA PHE G 104 -83.36 -9.81 2.61
C PHE G 104 -83.60 -10.09 1.13
N SER G 105 -84.86 -10.35 0.78
CA SER G 105 -85.27 -10.61 -0.59
C SER G 105 -86.49 -9.76 -0.92
N GLY G 106 -86.93 -9.86 -2.17
CA GLY G 106 -88.16 -9.23 -2.60
C GLY G 106 -88.13 -8.55 -3.96
N LYS G 107 -88.45 -7.25 -3.96
CA LYS G 107 -88.78 -6.51 -5.16
C LYS G 107 -88.31 -5.07 -4.96
N PRO G 108 -87.71 -4.42 -5.97
CA PRO G 108 -87.01 -3.16 -5.72
C PRO G 108 -87.98 -2.05 -5.29
N GLY G 109 -87.38 -0.91 -4.92
CA GLY G 109 -88.15 0.18 -4.36
C GLY G 109 -88.77 -0.14 -3.02
N THR G 110 -88.26 -1.16 -2.33
CA THR G 110 -88.80 -1.61 -1.05
C THR G 110 -87.75 -1.55 0.05
N GLY G 111 -86.85 -0.57 -0.03
CA GLY G 111 -85.97 -0.24 1.07
C GLY G 111 -85.03 -1.36 1.49
N LYS G 112 -84.38 -2.00 0.53
CA LYS G 112 -83.39 -3.03 0.84
C LYS G 112 -82.09 -2.40 1.28
N ASN G 113 -81.47 -1.63 0.37
CA ASN G 113 -80.23 -0.94 0.70
C ASN G 113 -80.42 0.04 1.85
N HIS G 114 -81.64 0.54 2.05
CA HIS G 114 -81.90 1.41 3.19
C HIS G 114 -81.66 0.68 4.50
N LEU G 115 -82.28 -0.48 4.66
CA LEU G 115 -82.07 -1.25 5.89
C LEU G 115 -80.63 -1.69 6.02
N ALA G 116 -80.04 -2.13 4.90
CA ALA G 116 -78.63 -2.53 4.90
C ALA G 116 -77.75 -1.41 5.45
N ALA G 117 -77.90 -0.21 4.90
CA ALA G 117 -77.04 0.90 5.26
C ALA G 117 -77.33 1.39 6.67
N ALA G 118 -78.60 1.35 7.10
CA ALA G 118 -78.91 1.78 8.46
C ALA G 118 -78.26 0.86 9.48
N ILE G 119 -78.40 -0.45 9.27
CA ILE G 119 -77.74 -1.42 10.14
C ILE G 119 -76.23 -1.19 10.11
N CYS G 120 -75.67 -1.04 8.92
CA CYS G 120 -74.23 -0.83 8.78
C CYS G 120 -73.78 0.40 9.56
N ASN G 121 -74.58 1.46 9.55
CA ASN G 121 -74.23 2.67 10.28
C ASN G 121 -74.26 2.42 11.78
N GLU G 122 -75.31 1.74 12.26
CA GLU G 122 -75.39 1.44 13.67
C GLU G 122 -74.22 0.59 14.13
N LEU G 123 -73.74 -0.31 13.27
CA LEU G 123 -72.63 -1.16 13.67
C LEU G 123 -71.30 -0.43 13.55
N LEU G 124 -71.20 0.55 12.66
CA LEU G 124 -70.08 1.48 12.73
C LEU G 124 -70.05 2.16 14.09
N LEU G 125 -71.22 2.51 14.61
CA LEU G 125 -71.29 3.14 15.92
C LEU G 125 -70.99 2.16 17.04
N ARG G 126 -71.26 0.88 16.82
CA ARG G 126 -70.83 -0.12 17.80
C ARG G 126 -69.32 -0.33 17.81
N GLY G 127 -68.58 0.28 16.89
CA GLY G 127 -67.15 0.07 16.80
C GLY G 127 -66.74 -1.12 15.96
N LYS G 128 -67.49 -1.43 14.92
CA LYS G 128 -67.22 -2.53 14.02
C LYS G 128 -67.07 -2.02 12.61
N SER G 129 -66.42 -2.84 11.79
CA SER G 129 -66.14 -2.52 10.40
C SER G 129 -67.10 -3.26 9.49
N VAL G 130 -67.53 -2.60 8.42
CA VAL G 130 -68.42 -3.20 7.44
C VAL G 130 -68.04 -2.68 6.05
N LEU G 131 -68.78 -3.15 5.05
CA LEU G 131 -68.54 -2.85 3.66
C LEU G 131 -69.78 -3.25 2.88
N ILE G 132 -69.99 -2.60 1.73
CA ILE G 132 -70.94 -3.06 0.74
C ILE G 132 -70.33 -2.85 -0.64
N ILE G 133 -70.93 -3.49 -1.65
CA ILE G 133 -70.33 -3.62 -2.96
C ILE G 133 -71.42 -3.73 -4.02
N THR G 134 -71.02 -3.51 -5.26
CA THR G 134 -71.66 -4.10 -6.43
C THR G 134 -70.80 -5.28 -6.83
N VAL G 135 -71.44 -6.41 -7.15
CA VAL G 135 -70.69 -7.65 -7.42
C VAL G 135 -69.65 -7.45 -8.51
N ALA G 136 -69.94 -6.55 -9.46
CA ALA G 136 -68.93 -6.12 -10.41
C ALA G 136 -67.70 -5.53 -9.74
N ASP G 137 -67.83 -5.01 -8.52
CA ASP G 137 -66.63 -4.56 -7.81
C ASP G 137 -65.77 -5.74 -7.39
N ILE G 138 -66.36 -6.89 -7.07
CA ILE G 138 -65.54 -8.08 -6.83
C ILE G 138 -64.88 -8.50 -8.13
N MET G 139 -65.62 -8.41 -9.24
CA MET G 139 -65.03 -8.70 -10.54
C MET G 139 -63.81 -7.82 -10.78
N SER G 140 -63.98 -6.51 -10.60
CA SER G 140 -62.91 -5.55 -10.84
C SER G 140 -61.77 -5.71 -9.85
N ALA G 141 -62.05 -6.22 -8.65
CA ALA G 141 -60.97 -6.47 -7.70
C ALA G 141 -60.15 -7.68 -8.12
N MET G 142 -60.80 -8.72 -8.62
CA MET G 142 -60.06 -9.84 -9.17
C MET G 142 -59.29 -9.43 -10.41
N LYS G 143 -59.77 -8.41 -11.11
CA LYS G 143 -58.96 -7.81 -12.17
C LYS G 143 -57.76 -7.05 -11.60
N ASP G 144 -57.95 -6.37 -10.46
CA ASP G 144 -56.89 -5.58 -9.85
C ASP G 144 -55.79 -6.47 -9.28
N THR G 145 -56.14 -7.70 -8.89
CA THR G 145 -55.12 -8.64 -8.42
C THR G 145 -54.04 -8.88 -9.48
N PHE G 146 -54.38 -8.74 -10.76
CA PHE G 146 -53.40 -8.97 -11.82
C PHE G 146 -52.32 -7.90 -11.80
N ARG G 147 -52.70 -6.65 -11.63
CA ARG G 147 -51.80 -5.50 -11.72
C ARG G 147 -50.65 -5.61 -10.72
N GLU G 154 -56.14 -8.48 -3.80
CA GLU G 154 -55.71 -9.43 -2.77
C GLU G 154 -55.82 -8.77 -1.42
N GLN G 155 -55.24 -7.57 -1.31
CA GLN G 155 -55.40 -6.76 -0.12
C GLN G 155 -56.87 -6.58 0.20
N LEU G 156 -57.64 -6.10 -0.78
CA LEU G 156 -59.07 -5.96 -0.59
C LEU G 156 -59.74 -7.33 -0.43
N LEU G 157 -59.20 -8.37 -1.06
CA LEU G 157 -59.77 -9.71 -0.90
C LEU G 157 -59.64 -10.18 0.55
N ASN G 158 -58.44 -10.09 1.10
CA ASN G 158 -58.25 -10.50 2.48
C ASN G 158 -58.94 -9.55 3.44
N ASP G 159 -59.23 -8.31 3.01
CA ASP G 159 -60.12 -7.47 3.77
C ASP G 159 -61.53 -8.07 3.82
N LEU G 160 -62.10 -8.35 2.64
CA LEU G 160 -63.41 -9.00 2.53
C LEU G 160 -63.52 -10.20 3.44
N SER G 161 -62.51 -11.04 3.42
CA SER G 161 -62.55 -12.28 4.18
C SER G 161 -62.29 -12.10 5.67
N ASN G 162 -62.27 -10.85 6.18
CA ASN G 162 -61.99 -10.58 7.59
C ASN G 162 -62.93 -9.60 8.26
N VAL G 163 -63.67 -8.79 7.51
CA VAL G 163 -64.53 -7.78 8.12
C VAL G 163 -65.69 -8.44 8.86
N ASP G 164 -66.15 -7.78 9.92
CA ASP G 164 -67.13 -8.38 10.84
C ASP G 164 -68.49 -8.56 10.21
N LEU G 165 -68.80 -7.84 9.14
CA LEU G 165 -70.08 -8.02 8.47
C LEU G 165 -70.02 -7.44 7.07
N LEU G 166 -70.72 -8.09 6.15
CA LEU G 166 -70.79 -7.72 4.75
C LEU G 166 -72.19 -7.97 4.24
N VAL G 167 -72.60 -7.16 3.28
CA VAL G 167 -73.86 -7.35 2.58
C VAL G 167 -73.64 -7.02 1.11
N ILE G 168 -74.22 -7.84 0.25
CA ILE G 168 -73.92 -7.85 -1.18
C ILE G 168 -75.14 -7.32 -1.93
N ASP G 169 -74.89 -6.53 -2.98
CA ASP G 169 -75.94 -5.86 -3.73
C ASP G 169 -75.90 -6.32 -5.18
N GLU G 170 -77.08 -6.48 -5.78
CA GLU G 170 -77.24 -6.89 -7.17
C GLU G 170 -76.58 -8.24 -7.44
N ILE G 171 -77.16 -9.26 -6.79
CA ILE G 171 -76.65 -10.62 -6.89
C ILE G 171 -77.33 -11.40 -8.02
N GLY G 172 -78.60 -11.11 -8.30
CA GLY G 172 -79.32 -11.92 -9.28
C GLY G 172 -78.88 -11.65 -10.70
N VAL G 173 -78.71 -10.39 -11.06
CA VAL G 173 -78.22 -9.99 -12.37
C VAL G 173 -76.75 -10.35 -12.49
N GLN G 174 -76.15 -10.06 -13.65
CA GLN G 174 -74.89 -10.65 -14.10
C GLN G 174 -75.06 -12.15 -14.33
N THR G 175 -75.77 -12.46 -15.40
CA THR G 175 -76.11 -13.79 -15.93
C THR G 175 -74.90 -14.53 -16.55
N GLU G 176 -73.67 -14.07 -16.33
CA GLU G 176 -72.46 -14.65 -16.87
C GLU G 176 -71.82 -15.62 -15.89
N SER G 177 -72.63 -16.42 -15.22
CA SER G 177 -72.18 -17.34 -14.19
C SER G 177 -71.29 -18.41 -14.80
N LYS G 178 -70.93 -19.41 -13.99
CA LYS G 178 -69.73 -20.25 -14.04
C LYS G 178 -68.56 -19.55 -13.35
N TYR G 179 -68.73 -18.31 -12.88
CA TYR G 179 -67.73 -17.62 -12.08
C TYR G 179 -68.30 -17.01 -10.80
N GLU G 180 -69.50 -16.43 -10.87
CA GLU G 180 -70.11 -15.81 -9.70
C GLU G 180 -70.28 -16.81 -8.58
N LYS G 181 -70.76 -18.00 -8.93
CA LYS G 181 -70.97 -19.07 -7.95
C LYS G 181 -69.68 -19.39 -7.21
N VAL G 182 -68.58 -19.58 -7.95
CA VAL G 182 -67.36 -20.05 -7.30
C VAL G 182 -66.79 -18.94 -6.43
N ILE G 183 -66.86 -17.69 -6.88
CA ILE G 183 -66.33 -16.58 -6.08
C ILE G 183 -67.10 -16.47 -4.78
N ILE G 184 -68.42 -16.41 -4.86
CA ILE G 184 -69.21 -16.21 -3.67
C ILE G 184 -69.08 -17.40 -2.73
N ASN G 185 -68.90 -18.60 -3.28
CA ASN G 185 -68.72 -19.76 -2.41
C ASN G 185 -67.41 -19.67 -1.65
N GLN G 186 -66.33 -19.28 -2.32
CA GLN G 186 -65.05 -19.13 -1.65
C GLN G 186 -65.15 -18.11 -0.52
N ILE G 187 -65.78 -16.97 -0.79
CA ILE G 187 -65.91 -15.92 0.22
C ILE G 187 -66.70 -16.44 1.41
N VAL G 188 -67.83 -17.09 1.14
CA VAL G 188 -68.68 -17.56 2.23
C VAL G 188 -67.96 -18.60 3.06
N ASP G 189 -67.13 -19.42 2.42
CA ASP G 189 -66.33 -20.38 3.16
C ASP G 189 -65.42 -19.67 4.15
N ARG G 190 -64.56 -18.79 3.63
CA ARG G 190 -63.61 -18.10 4.49
C ARG G 190 -64.30 -17.25 5.55
N ARG G 191 -65.54 -16.83 5.30
CA ARG G 191 -66.24 -16.01 6.27
C ARG G 191 -66.87 -16.86 7.36
N SER G 192 -67.81 -17.72 6.98
CA SER G 192 -68.53 -18.52 7.94
C SER G 192 -67.74 -19.69 8.45
N SER G 193 -66.43 -19.73 8.20
CA SER G 193 -65.54 -20.55 9.00
C SER G 193 -64.83 -19.77 10.09
N SER G 194 -64.74 -18.44 9.98
CA SER G 194 -64.07 -17.63 10.99
C SER G 194 -65.01 -17.18 12.11
N LYS G 195 -66.13 -17.87 12.30
CA LYS G 195 -67.18 -17.44 13.21
C LYS G 195 -67.63 -16.02 12.89
N ARG G 196 -67.89 -15.78 11.61
CA ARG G 196 -68.26 -14.47 11.12
C ARG G 196 -69.52 -14.59 10.25
N PRO G 197 -70.57 -13.80 10.51
CA PRO G 197 -71.71 -13.79 9.58
C PRO G 197 -71.56 -12.80 8.44
N THR G 198 -72.59 -12.77 7.59
CA THR G 198 -72.62 -11.92 6.40
C THR G 198 -74.09 -11.70 6.03
N GLY G 199 -74.30 -10.99 4.93
CA GLY G 199 -75.64 -10.81 4.42
C GLY G 199 -75.61 -10.67 2.91
N MET G 200 -76.81 -10.60 2.32
CA MET G 200 -76.96 -10.49 0.88
C MET G 200 -78.22 -9.69 0.56
N LEU G 201 -78.28 -9.20 -0.68
CA LEU G 201 -79.46 -8.56 -1.21
C LEU G 201 -79.68 -9.04 -2.63
N THR G 202 -80.95 -9.21 -2.99
CA THR G 202 -81.30 -9.88 -4.24
C THR G 202 -82.61 -9.32 -4.76
N ASN G 203 -83.18 -10.01 -5.74
CA ASN G 203 -84.43 -9.63 -6.38
C ASN G 203 -85.42 -10.79 -6.47
N SER G 204 -85.05 -11.98 -5.99
CA SER G 204 -85.81 -13.20 -6.28
C SER G 204 -86.19 -13.96 -5.02
N ASN G 205 -86.76 -15.15 -5.21
CA ASN G 205 -87.06 -16.09 -4.15
C ASN G 205 -85.89 -17.06 -4.00
N MET G 206 -85.90 -17.81 -2.89
CA MET G 206 -84.83 -18.77 -2.60
C MET G 206 -84.67 -19.77 -3.74
N GLU G 207 -85.77 -20.18 -4.36
CA GLU G 207 -85.69 -21.25 -5.35
C GLU G 207 -85.01 -20.78 -6.62
N GLU G 208 -85.31 -19.55 -7.06
CA GLU G 208 -84.64 -19.04 -8.25
C GLU G 208 -83.14 -18.92 -8.02
N MET G 209 -82.75 -18.59 -6.79
CA MET G 209 -81.36 -18.39 -6.45
C MET G 209 -80.63 -19.70 -6.17
N THR G 210 -81.35 -20.77 -5.87
CA THR G 210 -80.73 -22.02 -5.44
C THR G 210 -80.19 -22.84 -6.61
N LYS G 211 -80.64 -22.58 -7.84
CA LYS G 211 -80.05 -23.27 -8.97
C LYS G 211 -78.66 -22.71 -9.29
N LEU G 212 -78.49 -21.40 -9.18
CA LEU G 212 -77.15 -20.82 -9.16
C LEU G 212 -76.37 -21.33 -7.98
N LEU G 213 -76.87 -21.03 -6.79
CA LEU G 213 -76.15 -21.27 -5.55
C LEU G 213 -76.55 -22.62 -4.99
N GLY G 214 -75.58 -23.53 -4.94
CA GLY G 214 -75.83 -24.87 -4.46
C GLY G 214 -76.49 -24.92 -3.11
N GLU G 215 -77.14 -26.05 -2.80
CA GLU G 215 -77.77 -26.21 -1.49
C GLU G 215 -76.77 -25.99 -0.37
N ARG G 216 -75.49 -26.27 -0.61
CA ARG G 216 -74.46 -26.08 0.40
C ARG G 216 -74.44 -24.64 0.90
N VAL G 217 -74.68 -23.67 0.04
CA VAL G 217 -74.52 -22.28 0.43
C VAL G 217 -75.67 -21.84 1.32
N MET G 218 -76.91 -22.14 0.91
CA MET G 218 -78.04 -21.83 1.78
C MET G 218 -77.97 -22.66 3.06
N ASP G 219 -77.33 -23.82 3.00
CA ASP G 219 -76.95 -24.50 4.22
C ASP G 219 -76.06 -23.58 5.05
N ARG G 220 -74.94 -23.13 4.48
CA ARG G 220 -73.98 -22.25 5.16
C ARG G 220 -74.62 -20.98 5.70
N MET G 221 -75.78 -20.61 5.18
CA MET G 221 -76.45 -19.40 5.62
C MET G 221 -77.27 -19.64 6.87
N ARG G 222 -78.03 -20.73 6.89
CA ARG G 222 -79.03 -20.95 7.94
C ARG G 222 -78.36 -21.47 9.21
N LEU G 223 -77.72 -20.55 9.93
CA LEU G 223 -77.06 -20.84 11.19
C LEU G 223 -77.71 -20.07 12.33
N GLY G 224 -77.39 -20.51 13.55
CA GLY G 224 -77.92 -19.90 14.75
C GLY G 224 -79.43 -19.84 14.72
N ASN G 225 -79.94 -18.62 14.71
CA ASN G 225 -81.34 -18.34 14.36
C ASN G 225 -81.27 -17.35 13.21
N SER G 226 -81.06 -17.89 12.01
CA SER G 226 -80.84 -17.02 10.87
C SER G 226 -82.13 -16.30 10.50
N LEU G 227 -82.03 -15.49 9.46
CA LEU G 227 -83.02 -14.46 9.16
C LEU G 227 -83.21 -14.42 7.66
N TRP G 228 -84.16 -15.19 7.16
CA TRP G 228 -84.60 -15.12 5.78
C TRP G 228 -85.82 -14.22 5.72
N VAL G 229 -85.76 -13.22 4.86
CA VAL G 229 -86.82 -12.22 4.74
C VAL G 229 -87.07 -11.95 3.27
N ILE G 230 -88.34 -11.72 2.95
CA ILE G 230 -88.77 -11.42 1.59
C ILE G 230 -89.71 -10.23 1.67
N PHE G 231 -89.49 -9.24 0.80
CA PHE G 231 -90.33 -8.07 0.75
C PHE G 231 -91.44 -8.26 -0.28
N ASN G 232 -92.57 -7.60 -0.04
CA ASN G 232 -93.77 -7.83 -0.83
C ASN G 232 -94.52 -6.54 -1.17
N TRP G 233 -93.96 -5.37 -0.89
CA TRP G 233 -94.66 -4.11 -1.09
C TRP G 233 -94.33 -3.52 -2.46
N ASP G 234 -95.17 -2.56 -2.87
CA ASP G 234 -95.06 -1.99 -4.21
C ASP G 234 -93.88 -1.05 -4.31
N SER G 235 -93.88 0.02 -3.51
CA SER G 235 -92.82 1.01 -3.57
C SER G 235 -92.78 1.87 -2.31
N MET H 1 -8.46 -1.15 51.42
CA MET H 1 -8.78 0.18 52.02
C MET H 1 -9.56 0.06 53.33
N LYS H 2 -10.15 -1.12 53.58
CA LYS H 2 -10.86 -1.37 54.83
C LYS H 2 -10.69 -2.83 55.21
N ASN H 3 -10.71 -3.07 56.52
CA ASN H 3 -10.52 -4.42 57.05
C ASN H 3 -11.73 -5.30 56.73
N VAL H 4 -11.51 -6.61 56.87
CA VAL H 4 -12.56 -7.60 56.59
C VAL H 4 -13.73 -7.40 57.54
N GLY H 5 -13.48 -7.57 58.84
CA GLY H 5 -14.52 -7.37 59.84
C GLY H 5 -15.18 -6.02 59.73
N ASP H 6 -14.40 -4.98 59.43
CA ASP H 6 -14.98 -3.65 59.32
C ASP H 6 -15.72 -3.47 58.00
N LEU H 7 -15.28 -4.12 56.93
CA LEU H 7 -16.07 -4.16 55.71
C LEU H 7 -17.45 -4.75 56.01
N MET H 8 -17.47 -5.85 56.74
CA MET H 8 -18.75 -6.44 57.11
C MET H 8 -19.54 -5.53 58.04
N GLN H 9 -18.88 -4.82 58.95
CA GLN H 9 -19.60 -3.85 59.78
C GLN H 9 -20.17 -2.73 58.93
N ARG H 10 -19.56 -2.44 57.78
CA ARG H 10 -20.20 -1.57 56.80
C ARG H 10 -21.42 -2.27 56.22
N LEU H 11 -21.31 -3.57 56.01
CA LEU H 11 -22.38 -4.35 55.38
C LEU H 11 -23.64 -4.37 56.25
N GLN H 12 -23.48 -4.60 57.56
CA GLN H 12 -24.65 -4.75 58.46
C GLN H 12 -25.37 -3.47 58.74
N LYS H 13 -25.07 -2.36 58.06
CA LYS H 13 -25.92 -1.19 58.07
C LYS H 13 -27.05 -1.28 57.05
N MET H 14 -27.37 -2.48 56.55
CA MET H 14 -28.38 -2.70 55.52
C MET H 14 -29.54 -3.57 55.98
N MET H 15 -29.27 -4.78 56.50
CA MET H 15 -30.32 -5.72 56.84
C MET H 15 -30.24 -6.12 58.31
N PRO H 16 -31.19 -6.93 58.82
CA PRO H 16 -31.12 -7.34 60.22
C PRO H 16 -30.22 -8.54 60.44
N ALA H 17 -30.27 -9.11 61.64
CA ALA H 17 -29.70 -10.43 61.89
C ALA H 17 -30.62 -11.47 61.25
N HIS H 18 -30.33 -12.74 61.51
CA HIS H 18 -31.10 -13.86 60.95
C HIS H 18 -31.04 -13.86 59.41
N ILE H 19 -29.82 -13.67 58.88
CA ILE H 19 -29.60 -13.66 57.44
C ILE H 19 -28.39 -14.49 57.07
N LYS H 20 -28.04 -15.47 57.91
CA LYS H 20 -26.76 -16.15 57.83
C LYS H 20 -26.48 -16.74 56.45
N PRO H 21 -25.21 -16.80 56.01
CA PRO H 21 -24.94 -17.01 54.58
C PRO H 21 -24.96 -18.44 54.06
N ALA H 22 -24.62 -19.41 54.92
CA ALA H 22 -24.80 -20.84 54.64
C ALA H 22 -23.82 -21.45 53.64
N PHE H 23 -22.96 -20.65 53.01
CA PHE H 23 -22.05 -21.19 52.00
C PHE H 23 -20.89 -21.95 52.62
N LYS H 24 -20.04 -21.26 53.39
CA LYS H 24 -19.00 -21.84 54.23
C LYS H 24 -17.77 -22.30 53.42
N THR H 25 -17.82 -22.33 52.10
CA THR H 25 -16.69 -22.71 51.26
C THR H 25 -17.08 -22.39 49.82
N GLY H 26 -16.27 -22.84 48.86
CA GLY H 26 -16.54 -22.61 47.45
C GLY H 26 -17.18 -23.77 46.71
N GLU H 27 -16.57 -24.95 46.85
CA GLU H 27 -17.02 -26.11 46.08
C GLU H 27 -18.46 -26.47 46.42
N GLU H 28 -18.89 -26.20 47.66
CA GLU H 28 -20.28 -26.38 48.00
C GLU H 28 -21.15 -25.45 47.17
N LEU H 29 -20.66 -24.23 46.92
CA LEU H 29 -21.40 -23.32 46.07
C LEU H 29 -21.51 -23.88 44.66
N LEU H 30 -20.45 -24.52 44.18
CA LEU H 30 -20.52 -25.08 42.84
C LEU H 30 -21.56 -26.19 42.78
N ALA H 31 -21.63 -26.99 43.84
CA ALA H 31 -22.67 -28.01 43.90
C ALA H 31 -24.05 -27.38 43.85
N TRP H 32 -24.22 -26.26 44.56
CA TRP H 32 -25.50 -25.59 44.61
C TRP H 32 -25.90 -25.08 43.23
N GLN H 33 -24.95 -24.46 42.53
CA GLN H 33 -25.23 -23.97 41.18
C GLN H 33 -25.56 -25.12 40.25
N LYS H 34 -24.88 -26.24 40.42
CA LYS H 34 -25.15 -27.40 39.58
C LYS H 34 -26.57 -27.90 39.78
N GLU H 35 -27.02 -27.94 41.05
CA GLU H 35 -28.41 -28.29 41.34
C GLU H 35 -29.36 -27.38 40.58
N GLN H 36 -29.18 -26.08 40.76
CA GLN H 36 -30.11 -25.14 40.14
C GLN H 36 -30.07 -25.23 38.62
N GLY H 37 -28.91 -25.53 38.07
CA GLY H 37 -28.80 -25.67 36.62
C GLY H 37 -29.58 -26.87 36.11
N ALA H 38 -29.39 -28.03 36.75
CA ALA H 38 -30.11 -29.22 36.33
C ALA H 38 -31.62 -29.05 36.52
N ILE H 39 -32.03 -28.19 37.45
CA ILE H 39 -33.45 -27.91 37.61
C ILE H 39 -33.95 -27.08 36.45
N ARG H 40 -33.38 -25.89 36.32
CA ARG H 40 -33.91 -24.88 35.41
C ARG H 40 -33.80 -25.35 33.97
N SER H 41 -32.78 -26.15 33.64
CA SER H 41 -32.65 -26.64 32.27
C SER H 41 -33.82 -27.53 31.90
N ALA H 42 -34.18 -28.46 32.79
CA ALA H 42 -35.28 -29.38 32.48
C ALA H 42 -36.61 -28.63 32.41
N ALA H 43 -36.82 -27.68 33.32
CA ALA H 43 -38.05 -26.89 33.24
C ALA H 43 -38.11 -26.12 31.93
N LEU H 44 -36.97 -25.60 31.50
CA LEU H 44 -36.91 -24.88 30.24
C LEU H 44 -37.24 -25.80 29.07
N GLU H 45 -36.74 -27.03 29.14
CA GLU H 45 -37.04 -28.00 28.09
C GLU H 45 -38.53 -28.26 27.99
N ARG H 46 -39.19 -28.39 29.14
CA ARG H 46 -40.64 -28.53 29.17
C ARG H 46 -41.32 -27.38 28.43
N GLU H 47 -40.94 -26.15 28.78
CA GLU H 47 -41.57 -24.98 28.16
C GLU H 47 -41.30 -24.95 26.65
N ASN H 48 -40.08 -25.31 26.25
CA ASN H 48 -39.76 -25.35 24.82
C ASN H 48 -40.66 -26.34 24.10
N ARG H 49 -40.93 -27.48 24.73
CA ARG H 49 -41.82 -28.46 24.12
C ARG H 49 -43.20 -27.86 23.90
N ALA H 50 -43.73 -27.20 24.93
CA ALA H 50 -45.07 -26.62 24.80
C ALA H 50 -45.11 -25.58 23.69
N MET H 51 -44.04 -24.79 23.57
CA MET H 51 -43.97 -23.84 22.46
C MET H 51 -44.10 -24.57 21.13
N LYS H 52 -43.16 -25.48 20.84
CA LYS H 52 -43.14 -26.19 19.56
C LYS H 52 -44.50 -26.79 19.23
N MET H 53 -45.15 -27.34 20.25
CA MET H 53 -46.51 -27.84 20.11
C MET H 53 -47.46 -26.75 19.61
N GLN H 54 -47.42 -25.56 20.23
CA GLN H 54 -48.34 -24.52 19.78
C GLN H 54 -47.98 -24.00 18.39
N ARG H 55 -46.68 -23.99 18.06
CA ARG H 55 -46.27 -23.61 16.71
C ARG H 55 -46.87 -24.56 15.69
N THR H 56 -47.08 -25.81 16.07
CA THR H 56 -47.84 -26.71 15.21
C THR H 56 -49.30 -26.29 15.13
N PHE H 57 -49.95 -26.12 16.28
CA PHE H 57 -51.41 -25.95 16.26
C PHE H 57 -51.85 -24.67 15.58
N ASN H 58 -51.05 -23.61 15.65
CA ASN H 58 -51.37 -22.40 14.90
C ASN H 58 -51.06 -22.52 13.41
N ARG H 59 -50.29 -23.52 13.01
CA ARG H 59 -49.90 -23.69 11.63
C ARG H 59 -50.87 -24.58 10.87
N SER H 60 -51.45 -25.57 11.53
CA SER H 60 -52.45 -26.38 10.88
C SER H 60 -53.66 -25.50 10.69
N GLY H 61 -53.74 -24.84 9.54
CA GLY H 61 -54.77 -23.84 9.36
C GLY H 61 -56.13 -24.46 9.43
N ILE H 62 -56.76 -24.31 10.59
CA ILE H 62 -58.10 -24.77 10.84
C ILE H 62 -58.88 -23.60 11.38
N ARG H 63 -59.99 -23.48 10.98
CA ARG H 63 -60.81 -22.34 11.33
C ARG H 63 -61.55 -22.62 12.63
N PRO H 64 -61.83 -21.58 13.43
CA PRO H 64 -62.09 -21.80 14.86
C PRO H 64 -63.35 -22.59 15.17
N LEU H 65 -64.30 -22.71 14.24
CA LEU H 65 -65.49 -23.50 14.52
C LEU H 65 -65.14 -24.94 14.81
N HIS H 66 -64.23 -25.49 14.01
CA HIS H 66 -63.86 -26.89 14.09
C HIS H 66 -62.62 -27.10 14.95
N GLN H 67 -62.41 -26.23 15.94
CA GLN H 67 -61.26 -26.31 16.84
C GLN H 67 -61.63 -26.97 18.17
N ASN H 68 -62.68 -26.47 18.83
CA ASN H 68 -63.26 -27.14 20.00
C ASN H 68 -64.14 -28.29 19.52
N CYS H 69 -63.48 -29.26 18.91
CA CYS H 69 -64.11 -30.15 17.94
C CYS H 69 -63.54 -31.55 18.10
N SER H 70 -64.38 -32.50 18.47
CA SER H 70 -63.90 -33.82 18.86
C SER H 70 -64.96 -34.86 18.51
N PHE H 71 -64.61 -36.13 18.76
CA PHE H 71 -65.56 -37.22 18.55
C PHE H 71 -66.80 -37.04 19.43
N GLU H 72 -66.63 -36.42 20.59
CA GLU H 72 -67.65 -36.51 21.63
C GLU H 72 -68.75 -35.49 21.42
N ASN H 73 -68.42 -34.27 21.04
CA ASN H 73 -69.44 -33.25 20.74
C ASN H 73 -69.97 -33.47 19.32
N TYR H 74 -70.51 -34.67 19.11
CA TYR H 74 -71.02 -35.10 17.81
C TYR H 74 -72.28 -35.93 18.08
N ARG H 75 -73.42 -35.26 18.10
CA ARG H 75 -74.66 -35.87 18.58
C ARG H 75 -75.10 -36.93 17.59
N VAL H 76 -74.89 -38.19 17.94
CA VAL H 76 -75.34 -39.28 17.10
C VAL H 76 -76.86 -39.31 17.08
N GLU H 77 -77.42 -39.59 15.90
CA GLU H 77 -78.86 -39.68 15.73
C GLU H 77 -79.31 -40.87 14.90
N CYS H 78 -78.44 -41.47 14.09
CA CYS H 78 -78.72 -42.77 13.49
C CYS H 78 -77.40 -43.51 13.32
N GLU H 79 -77.49 -44.73 12.77
CA GLU H 79 -76.31 -45.57 12.61
C GLU H 79 -75.42 -45.11 11.46
N GLY H 80 -75.96 -44.31 10.54
CA GLY H 80 -75.28 -44.03 9.29
C GLY H 80 -73.90 -43.42 9.49
N GLN H 81 -73.72 -42.68 10.57
CA GLN H 81 -72.40 -42.22 10.98
C GLN H 81 -71.91 -42.83 12.27
N MET H 82 -72.75 -43.61 12.97
CA MET H 82 -72.18 -44.47 14.00
C MET H 82 -71.11 -45.35 13.38
N ASN H 83 -71.36 -45.84 12.18
CA ASN H 83 -70.32 -46.58 11.47
C ASN H 83 -69.15 -45.67 11.13
N ALA H 84 -69.43 -44.41 10.78
CA ALA H 84 -68.36 -43.47 10.46
C ALA H 84 -67.43 -43.29 11.66
N LEU H 85 -68.00 -43.22 12.86
CA LEU H 85 -67.17 -43.08 14.06
C LEU H 85 -66.43 -44.36 14.34
N SER H 86 -67.11 -45.51 14.20
CA SER H 86 -66.45 -46.79 14.41
C SER H 86 -65.28 -46.96 13.45
N LYS H 87 -65.33 -46.31 12.30
CA LYS H 87 -64.24 -46.35 11.34
C LYS H 87 -63.17 -45.30 11.62
N ALA H 88 -63.57 -44.09 12.00
CA ALA H 88 -62.61 -43.02 12.22
C ALA H 88 -61.78 -43.25 13.48
N ARG H 89 -62.42 -43.74 14.54
CA ARG H 89 -61.69 -44.10 15.74
C ARG H 89 -60.58 -45.10 15.43
N GLN H 90 -60.93 -46.20 14.75
CA GLN H 90 -59.92 -47.19 14.43
C GLN H 90 -58.93 -46.68 13.40
N TYR H 91 -59.32 -45.70 12.60
CA TYR H 91 -58.36 -45.07 11.71
C TYR H 91 -57.27 -44.38 12.50
N VAL H 92 -57.66 -43.62 13.51
CA VAL H 92 -56.67 -43.01 14.40
C VAL H 92 -55.83 -44.08 15.06
N GLU H 93 -56.49 -45.10 15.61
CA GLU H 93 -55.78 -46.16 16.30
C GLU H 93 -54.81 -46.90 15.37
N GLU H 94 -55.10 -46.91 14.07
CA GLU H 94 -54.27 -47.58 13.10
C GLU H 94 -53.31 -46.65 12.38
N PHE H 95 -53.38 -45.34 12.64
CA PHE H 95 -52.52 -44.40 11.94
C PHE H 95 -51.05 -44.62 12.26
N ASP H 96 -50.74 -45.26 13.39
CA ASP H 96 -49.36 -45.38 13.83
C ASP H 96 -48.61 -46.26 12.84
N GLY H 97 -47.80 -45.62 12.00
CA GLY H 97 -47.01 -46.32 11.02
C GLY H 97 -47.84 -47.15 10.06
N ASN H 98 -48.66 -46.50 9.24
CA ASN H 98 -49.46 -47.22 8.27
C ASN H 98 -49.71 -46.35 7.05
N ILE H 99 -49.92 -47.00 5.92
CA ILE H 99 -50.49 -46.36 4.74
C ILE H 99 -52.00 -46.49 4.89
N ALA H 100 -52.58 -45.57 5.65
CA ALA H 100 -54.00 -45.57 5.95
C ALA H 100 -54.56 -44.25 5.41
N SER H 101 -55.20 -44.32 4.26
CA SER H 101 -55.84 -43.18 3.63
C SER H 101 -57.35 -43.29 3.74
N PHE H 102 -58.01 -42.15 3.84
CA PHE H 102 -59.47 -42.09 3.89
C PHE H 102 -59.99 -41.08 2.90
N ILE H 103 -61.25 -41.28 2.53
CA ILE H 103 -62.03 -40.31 1.76
C ILE H 103 -63.38 -40.18 2.42
N PHE H 104 -63.92 -38.97 2.41
CA PHE H 104 -65.29 -38.70 2.76
C PHE H 104 -66.01 -38.12 1.55
N SER H 105 -67.31 -38.35 1.50
CA SER H 105 -68.16 -37.77 0.48
C SER H 105 -69.59 -37.79 0.97
N GLY H 106 -70.39 -36.92 0.42
CA GLY H 106 -71.80 -36.90 0.69
C GLY H 106 -72.36 -35.50 0.59
N LYS H 107 -73.26 -35.21 1.50
CA LYS H 107 -74.04 -34.00 1.51
C LYS H 107 -73.54 -33.05 2.60
N PRO H 108 -73.63 -31.73 2.43
CA PRO H 108 -73.20 -30.84 3.50
C PRO H 108 -74.14 -30.90 4.69
N GLY H 109 -73.68 -30.32 5.79
CA GLY H 109 -74.40 -30.41 7.03
C GLY H 109 -74.43 -31.81 7.61
N THR H 110 -73.36 -32.58 7.39
CA THR H 110 -73.31 -33.98 7.79
C THR H 110 -72.07 -34.33 8.57
N GLY H 111 -71.23 -33.36 8.91
CA GLY H 111 -70.06 -33.64 9.71
C GLY H 111 -68.92 -34.26 8.93
N LYS H 112 -68.39 -33.52 7.95
CA LYS H 112 -67.17 -33.91 7.27
C LYS H 112 -65.97 -33.27 7.95
N ASN H 113 -65.91 -31.94 7.91
CA ASN H 113 -64.80 -31.22 8.49
C ASN H 113 -64.77 -31.37 10.00
N HIS H 114 -65.92 -31.60 10.63
CA HIS H 114 -65.93 -31.81 12.07
C HIS H 114 -65.10 -33.02 12.45
N LEU H 115 -65.38 -34.15 11.82
CA LEU H 115 -64.61 -35.35 12.12
C LEU H 115 -63.18 -35.20 11.65
N ALA H 116 -62.96 -34.49 10.55
CA ALA H 116 -61.58 -34.28 10.08
C ALA H 116 -60.77 -33.53 11.12
N ALA H 117 -61.34 -32.46 11.65
CA ALA H 117 -60.61 -31.65 12.62
C ALA H 117 -60.45 -32.37 13.94
N ALA H 118 -61.43 -33.17 14.33
CA ALA H 118 -61.29 -33.98 15.54
C ALA H 118 -60.11 -34.94 15.39
N ILE H 119 -60.05 -35.60 14.23
CA ILE H 119 -58.94 -36.50 13.94
C ILE H 119 -57.62 -35.75 14.07
N CYS H 120 -57.52 -34.61 13.40
CA CYS H 120 -56.26 -33.87 13.39
C CYS H 120 -55.86 -33.45 14.80
N ASN H 121 -56.82 -33.03 15.61
CA ASN H 121 -56.54 -32.68 17.00
C ASN H 121 -55.92 -33.87 17.73
N GLU H 122 -56.55 -35.04 17.60
CA GLU H 122 -56.06 -36.20 18.32
C GLU H 122 -54.67 -36.60 17.86
N LEU H 123 -54.42 -36.50 16.55
CA LEU H 123 -53.12 -36.90 16.05
C LEU H 123 -52.04 -35.92 16.50
N LEU H 124 -52.39 -34.65 16.64
CA LEU H 124 -51.44 -33.70 17.19
C LEU H 124 -51.19 -33.94 18.66
N LEU H 125 -52.21 -34.40 19.40
CA LEU H 125 -51.97 -34.78 20.78
C LEU H 125 -51.02 -35.97 20.87
N ARG H 126 -51.09 -36.87 19.88
CA ARG H 126 -50.08 -37.92 19.81
C ARG H 126 -48.69 -37.37 19.54
N GLY H 127 -48.59 -36.15 19.01
CA GLY H 127 -47.32 -35.54 18.69
C GLY H 127 -46.90 -35.75 17.25
N LYS H 128 -47.77 -35.37 16.32
CA LYS H 128 -47.50 -35.43 14.89
C LYS H 128 -47.62 -34.02 14.31
N SER H 129 -47.51 -33.94 12.98
CA SER H 129 -47.69 -32.70 12.25
C SER H 129 -48.66 -32.95 11.11
N VAL H 130 -49.64 -32.06 10.96
CA VAL H 130 -50.67 -32.17 9.95
C VAL H 130 -50.95 -30.79 9.36
N LEU H 131 -51.88 -30.75 8.42
CA LEU H 131 -52.34 -29.50 7.83
C LEU H 131 -53.58 -29.78 7.01
N ILE H 132 -54.48 -28.81 6.97
CA ILE H 132 -55.60 -28.81 6.05
C ILE H 132 -55.52 -27.52 5.27
N ILE H 133 -56.24 -27.45 4.15
CA ILE H 133 -56.16 -26.30 3.25
C ILE H 133 -57.43 -26.19 2.45
N THR H 134 -57.60 -25.02 1.80
CA THR H 134 -58.56 -24.82 0.72
C THR H 134 -57.79 -24.82 -0.59
N VAL H 135 -58.29 -25.56 -1.59
CA VAL H 135 -57.58 -25.72 -2.86
C VAL H 135 -57.19 -24.37 -3.48
N ALA H 136 -58.02 -23.35 -3.28
CA ALA H 136 -57.69 -22.01 -3.72
C ALA H 136 -56.44 -21.48 -3.04
N ASP H 137 -56.17 -21.89 -1.80
CA ASP H 137 -54.93 -21.45 -1.17
C ASP H 137 -53.72 -22.08 -1.82
N ILE H 138 -53.85 -23.28 -2.37
CA ILE H 138 -52.74 -23.88 -3.11
C ILE H 138 -52.53 -23.11 -4.38
N MET H 139 -53.62 -22.79 -5.06
CA MET H 139 -53.51 -21.92 -6.22
C MET H 139 -52.76 -20.64 -5.86
N SER H 140 -53.17 -20.01 -4.76
CA SER H 140 -52.55 -18.76 -4.34
C SER H 140 -51.08 -18.94 -4.02
N ALA H 141 -50.70 -20.10 -3.49
CA ALA H 141 -49.30 -20.34 -3.19
C ALA H 141 -48.49 -20.46 -4.46
N MET H 142 -49.02 -21.20 -5.44
CA MET H 142 -48.31 -21.34 -6.70
C MET H 142 -48.22 -20.00 -7.43
N LYS H 143 -49.17 -19.08 -7.18
CA LYS H 143 -49.05 -17.74 -7.75
C LYS H 143 -48.03 -16.90 -6.99
N ASP H 144 -47.98 -17.03 -5.67
CA ASP H 144 -46.97 -16.33 -4.88
C ASP H 144 -45.56 -16.75 -5.30
N THR H 145 -45.41 -18.01 -5.72
CA THR H 145 -44.12 -18.45 -6.26
C THR H 145 -43.67 -17.58 -7.43
N PHE H 146 -44.62 -17.08 -8.23
CA PHE H 146 -44.32 -16.24 -9.38
C PHE H 146 -44.41 -14.75 -9.07
N ARG H 147 -44.28 -14.38 -7.80
CA ARG H 147 -44.20 -12.98 -7.42
C ARG H 147 -42.95 -12.36 -8.06
N GLU H 154 -42.24 -21.70 -1.38
CA GLU H 154 -41.31 -22.82 -1.27
C GLU H 154 -41.50 -23.57 0.03
N GLN H 155 -41.56 -22.82 1.13
CA GLN H 155 -41.79 -23.39 2.45
C GLN H 155 -43.11 -24.15 2.50
N LEU H 156 -44.21 -23.42 2.34
CA LEU H 156 -45.53 -24.04 2.31
C LEU H 156 -45.65 -25.02 1.16
N LEU H 157 -45.02 -24.70 0.03
CA LEU H 157 -45.03 -25.59 -1.13
C LEU H 157 -44.48 -26.97 -0.77
N ASN H 158 -43.35 -27.01 -0.08
CA ASN H 158 -42.68 -28.26 0.24
C ASN H 158 -43.20 -28.90 1.51
N ASP H 159 -43.89 -28.15 2.36
CA ASP H 159 -44.59 -28.76 3.49
C ASP H 159 -45.62 -29.78 3.01
N LEU H 160 -46.21 -29.55 1.84
CA LEU H 160 -47.21 -30.47 1.35
C LEU H 160 -46.64 -31.80 0.91
N SER H 161 -45.35 -32.04 1.08
CA SER H 161 -44.80 -33.38 1.03
C SER H 161 -43.91 -33.72 2.21
N ASN H 162 -43.47 -32.72 2.99
CA ASN H 162 -42.72 -32.99 4.21
C ASN H 162 -43.61 -33.31 5.40
N VAL H 163 -44.94 -33.22 5.26
CA VAL H 163 -45.86 -33.50 6.35
C VAL H 163 -46.24 -34.96 6.30
N ASP H 164 -46.55 -35.52 7.47
CA ASP H 164 -47.10 -36.86 7.54
C ASP H 164 -48.45 -36.95 6.84
N LEU H 165 -49.46 -36.27 7.40
CA LEU H 165 -50.81 -36.32 6.87
C LEU H 165 -51.22 -34.99 6.27
N LEU H 166 -51.96 -35.09 5.18
CA LEU H 166 -52.69 -33.97 4.60
C LEU H 166 -54.13 -34.40 4.46
N VAL H 167 -55.04 -33.43 4.52
CA VAL H 167 -56.44 -33.66 4.17
C VAL H 167 -56.92 -32.46 3.38
N ILE H 168 -57.66 -32.74 2.32
CA ILE H 168 -57.98 -31.77 1.29
C ILE H 168 -59.45 -31.45 1.35
N ASP H 169 -59.79 -30.23 0.91
CA ASP H 169 -61.08 -29.63 1.17
C ASP H 169 -61.57 -28.92 -0.08
N GLU H 170 -62.86 -29.06 -0.35
CA GLU H 170 -63.53 -28.34 -1.44
C GLU H 170 -62.88 -28.65 -2.78
N ILE H 171 -63.02 -29.91 -3.16
CA ILE H 171 -62.43 -30.43 -4.38
C ILE H 171 -63.32 -30.25 -5.60
N GLY H 172 -64.62 -30.14 -5.42
CA GLY H 172 -65.53 -30.10 -6.55
C GLY H 172 -65.58 -28.75 -7.24
N VAL H 173 -65.59 -27.69 -6.43
CA VAL H 173 -65.71 -26.32 -6.92
C VAL H 173 -64.43 -25.91 -7.63
N GLN H 174 -64.45 -24.71 -8.23
CA GLN H 174 -63.50 -24.28 -9.25
C GLN H 174 -63.60 -25.20 -10.46
N THR H 175 -64.76 -25.10 -11.10
CA THR H 175 -65.01 -25.77 -12.38
C THR H 175 -64.20 -25.17 -13.53
N GLU H 176 -63.31 -24.21 -13.25
CA GLU H 176 -62.18 -23.92 -14.12
C GLU H 176 -61.16 -25.05 -14.00
N SER H 177 -61.53 -26.23 -14.47
CA SER H 177 -60.77 -27.45 -14.22
C SER H 177 -59.58 -27.54 -15.16
N LYS H 178 -58.98 -28.73 -15.25
CA LYS H 178 -57.84 -29.08 -16.08
C LYS H 178 -56.52 -28.61 -15.48
N TYR H 179 -56.53 -27.82 -14.41
CA TYR H 179 -55.33 -27.44 -13.67
C TYR H 179 -55.32 -28.05 -12.27
N GLU H 180 -56.46 -27.95 -11.60
CA GLU H 180 -56.69 -28.62 -10.34
C GLU H 180 -56.23 -30.08 -10.39
N LYS H 181 -56.55 -30.76 -11.50
CA LYS H 181 -56.22 -32.17 -11.63
C LYS H 181 -54.72 -32.39 -11.65
N VAL H 182 -53.98 -31.60 -12.43
CA VAL H 182 -52.55 -31.84 -12.51
C VAL H 182 -51.88 -31.51 -11.19
N ILE H 183 -52.37 -30.50 -10.49
CA ILE H 183 -51.78 -30.13 -9.21
C ILE H 183 -51.97 -31.25 -8.20
N ILE H 184 -53.22 -31.68 -8.03
CA ILE H 184 -53.51 -32.71 -7.04
C ILE H 184 -52.80 -34.01 -7.39
N ASN H 185 -52.67 -34.31 -8.68
CA ASN H 185 -51.89 -35.47 -9.12
C ASN H 185 -50.45 -35.36 -8.64
N GLN H 186 -49.84 -34.20 -8.87
CA GLN H 186 -48.45 -33.98 -8.47
C GLN H 186 -48.28 -34.26 -6.99
N ILE H 187 -49.12 -33.64 -6.17
CA ILE H 187 -49.06 -33.83 -4.71
C ILE H 187 -49.15 -35.30 -4.38
N VAL H 188 -50.23 -35.95 -4.81
CA VAL H 188 -50.54 -37.27 -4.30
C VAL H 188 -49.53 -38.28 -4.81
N ASP H 189 -48.94 -38.08 -5.98
CA ASP H 189 -47.90 -38.99 -6.40
C ASP H 189 -46.68 -38.85 -5.51
N ARG H 190 -46.25 -37.60 -5.26
CA ARG H 190 -45.11 -37.40 -4.38
C ARG H 190 -45.35 -38.00 -3.01
N ARG H 191 -46.60 -37.99 -2.56
CA ARG H 191 -46.91 -38.46 -1.23
C ARG H 191 -46.99 -39.97 -1.19
N SER H 192 -47.89 -40.56 -1.98
CA SER H 192 -48.14 -41.98 -1.91
C SER H 192 -46.91 -42.78 -2.35
N SER H 193 -46.10 -42.24 -3.25
CA SER H 193 -44.82 -42.86 -3.51
C SER H 193 -43.90 -42.81 -2.30
N SER H 194 -44.13 -41.87 -1.38
CA SER H 194 -43.26 -41.67 -0.24
C SER H 194 -43.74 -42.39 1.01
N LYS H 195 -44.67 -43.33 0.88
CA LYS H 195 -45.21 -44.08 2.00
C LYS H 195 -45.79 -43.13 3.05
N ARG H 196 -46.83 -42.42 2.66
CA ARG H 196 -47.50 -41.52 3.58
C ARG H 196 -48.95 -41.39 3.17
N PRO H 197 -49.84 -41.10 4.11
CA PRO H 197 -51.26 -40.98 3.77
C PRO H 197 -51.63 -39.61 3.28
N THR H 198 -52.93 -39.43 3.08
CA THR H 198 -53.52 -38.16 2.73
C THR H 198 -54.99 -38.23 3.13
N GLY H 199 -55.79 -37.31 2.62
CA GLY H 199 -57.21 -37.32 2.85
C GLY H 199 -57.93 -36.38 1.94
N MET H 200 -59.15 -36.73 1.57
CA MET H 200 -59.97 -35.94 0.69
C MET H 200 -61.29 -35.60 1.34
N LEU H 201 -62.00 -34.69 0.69
CA LEU H 201 -63.32 -34.24 1.09
C LEU H 201 -64.00 -33.74 -0.17
N THR H 202 -65.30 -33.93 -0.26
CA THR H 202 -66.00 -33.62 -1.49
C THR H 202 -67.50 -33.60 -1.23
N ASN H 203 -68.25 -33.56 -2.32
CA ASN H 203 -69.70 -33.64 -2.30
C ASN H 203 -70.27 -34.64 -3.29
N SER H 204 -69.43 -35.28 -4.12
CA SER H 204 -69.90 -36.03 -5.27
C SER H 204 -69.64 -37.52 -5.11
N ASN H 205 -70.27 -38.28 -6.01
CA ASN H 205 -70.04 -39.71 -6.15
C ASN H 205 -68.70 -39.96 -6.81
N MET H 206 -68.17 -41.16 -6.60
CA MET H 206 -66.85 -41.48 -7.13
C MET H 206 -66.82 -41.43 -8.65
N GLU H 207 -67.94 -41.74 -9.29
CA GLU H 207 -67.96 -41.73 -10.76
C GLU H 207 -67.79 -40.32 -11.29
N GLU H 208 -68.64 -39.39 -10.84
CA GLU H 208 -68.47 -37.99 -11.16
C GLU H 208 -67.07 -37.53 -10.78
N MET H 209 -66.59 -38.00 -9.64
CA MET H 209 -65.28 -37.63 -9.13
C MET H 209 -64.15 -38.10 -10.02
N THR H 210 -64.39 -39.16 -10.78
CA THR H 210 -63.31 -39.87 -11.45
C THR H 210 -62.91 -39.21 -12.76
N LYS H 211 -63.82 -38.50 -13.42
CA LYS H 211 -63.43 -37.76 -14.61
C LYS H 211 -62.66 -36.50 -14.23
N LEU H 212 -63.01 -35.88 -13.11
CA LEU H 212 -62.17 -34.83 -12.55
C LEU H 212 -60.80 -35.39 -12.19
N LEU H 213 -60.80 -36.48 -11.45
CA LEU H 213 -59.59 -37.10 -10.90
C LEU H 213 -59.45 -38.44 -11.58
N GLY H 214 -58.58 -38.50 -12.59
CA GLY H 214 -58.36 -39.71 -13.36
C GLY H 214 -58.08 -40.92 -12.50
N GLU H 215 -58.33 -42.12 -13.02
CA GLU H 215 -58.28 -43.33 -12.22
C GLU H 215 -56.93 -43.54 -11.56
N ARG H 216 -55.87 -42.93 -12.09
CA ARG H 216 -54.55 -43.13 -11.50
C ARG H 216 -54.51 -42.61 -10.06
N VAL H 217 -55.14 -41.47 -9.81
CA VAL H 217 -55.09 -40.88 -8.49
C VAL H 217 -55.76 -41.80 -7.48
N MET H 218 -56.92 -42.32 -7.84
CA MET H 218 -57.62 -43.23 -6.94
C MET H 218 -56.91 -44.56 -6.83
N ASP H 219 -56.11 -44.93 -7.84
CA ASP H 219 -55.17 -46.02 -7.66
C ASP H 219 -54.22 -45.72 -6.51
N ARG H 220 -53.68 -44.49 -6.49
CA ARG H 220 -52.80 -44.09 -5.39
C ARG H 220 -53.57 -43.96 -4.09
N MET H 221 -54.88 -43.93 -4.14
CA MET H 221 -55.68 -43.87 -2.94
C MET H 221 -55.96 -45.26 -2.37
N ARG H 222 -56.19 -46.24 -3.24
CA ARG H 222 -56.76 -47.51 -2.80
C ARG H 222 -55.71 -48.46 -2.23
N LEU H 223 -54.90 -48.00 -1.30
CA LEU H 223 -53.84 -48.82 -0.72
C LEU H 223 -54.27 -49.38 0.63
N GLY H 224 -53.61 -50.48 1.00
CA GLY H 224 -53.84 -51.10 2.29
C GLY H 224 -55.29 -51.50 2.44
N ASN H 225 -55.84 -51.15 3.60
CA ASN H 225 -57.28 -51.22 3.83
C ASN H 225 -57.86 -49.82 3.64
N SER H 226 -57.82 -49.38 2.39
CA SER H 226 -58.27 -48.05 2.03
C SER H 226 -59.70 -47.83 2.48
N LEU H 227 -59.95 -46.64 2.99
CA LEU H 227 -61.17 -46.31 3.73
C LEU H 227 -62.02 -45.40 2.86
N TRP H 228 -63.01 -45.98 2.19
CA TRP H 228 -64.04 -45.21 1.54
C TRP H 228 -65.20 -45.00 2.51
N VAL H 229 -65.74 -43.79 2.51
CA VAL H 229 -66.94 -43.48 3.26
C VAL H 229 -67.80 -42.58 2.40
N ILE H 230 -69.11 -42.70 2.58
CA ILE H 230 -70.07 -41.88 1.85
C ILE H 230 -71.23 -41.59 2.80
N PHE H 231 -71.62 -40.32 2.89
CA PHE H 231 -72.64 -39.88 3.82
C PHE H 231 -73.98 -39.75 3.11
N ASN H 232 -75.06 -39.75 3.90
CA ASN H 232 -76.39 -39.45 3.38
C ASN H 232 -77.26 -38.65 4.33
N TRP H 233 -76.76 -38.24 5.49
CA TRP H 233 -77.57 -37.53 6.46
C TRP H 233 -78.09 -36.21 5.90
N ASP H 234 -79.09 -35.68 6.59
CA ASP H 234 -79.57 -34.34 6.34
C ASP H 234 -78.72 -33.34 7.13
N SER H 235 -79.08 -32.07 7.05
CA SER H 235 -78.25 -31.00 7.57
C SER H 235 -78.20 -31.04 9.10
N TYR H 236 -77.46 -30.08 9.65
CA TYR H 236 -77.48 -29.77 11.07
C TYR H 236 -77.44 -28.27 11.33
N ARG H 237 -77.36 -27.45 10.29
CA ARG H 237 -76.93 -26.06 10.47
C ARG H 237 -78.01 -25.19 11.10
N SER H 238 -79.28 -25.54 10.96
CA SER H 238 -80.29 -24.73 11.61
C SER H 238 -80.16 -24.83 13.13
N ARG H 239 -79.68 -25.97 13.63
CA ARG H 239 -79.59 -26.19 15.07
C ARG H 239 -78.38 -25.52 15.68
N VAL H 240 -77.25 -25.47 14.96
CA VAL H 240 -75.99 -25.04 15.55
C VAL H 240 -76.07 -23.59 16.00
N THR H 241 -75.35 -23.29 17.09
CA THR H 241 -75.30 -21.96 17.69
C THR H 241 -73.93 -21.31 17.56
N GLY H 242 -72.86 -22.03 17.90
CA GLY H 242 -71.53 -21.46 17.97
C GLY H 242 -71.15 -21.00 19.35
N LYS H 243 -71.23 -21.91 20.32
CA LYS H 243 -70.85 -21.63 21.70
C LYS H 243 -69.42 -21.11 21.79
N MET I 1 19.10 -33.25 38.44
CA MET I 1 17.62 -33.39 38.53
C MET I 1 17.28 -34.87 38.36
N LYS I 2 17.18 -35.35 37.12
CA LYS I 2 16.93 -36.75 36.84
C LYS I 2 17.56 -37.08 35.49
N ASN I 3 17.76 -38.38 35.26
CA ASN I 3 18.47 -38.87 34.06
C ASN I 3 17.88 -40.22 33.70
N VAL I 4 18.58 -40.97 32.85
CA VAL I 4 17.97 -42.06 32.07
C VAL I 4 17.51 -43.18 32.98
N GLY I 5 18.44 -43.80 33.70
CA GLY I 5 18.07 -44.89 34.59
C GLY I 5 17.02 -44.49 35.59
N ASP I 6 17.20 -43.33 36.22
CA ASP I 6 16.20 -42.80 37.12
C ASP I 6 14.88 -42.53 36.40
N LEU I 7 14.96 -42.07 35.14
CA LEU I 7 13.74 -41.78 34.39
C LEU I 7 12.93 -43.04 34.17
N MET I 8 13.55 -44.09 33.65
CA MET I 8 12.81 -45.32 33.38
C MET I 8 12.39 -45.98 34.68
N GLN I 9 13.24 -45.92 35.71
CA GLN I 9 12.87 -46.45 37.01
C GLN I 9 11.67 -45.71 37.59
N ARG I 10 11.50 -44.44 37.21
CA ARG I 10 10.26 -43.73 37.49
C ARG I 10 9.13 -44.28 36.65
N LEU I 11 9.44 -44.60 35.40
CA LEU I 11 8.42 -44.99 34.44
C LEU I 11 7.71 -46.29 34.83
N GLN I 12 8.46 -47.30 35.27
CA GLN I 12 7.83 -48.61 35.51
C GLN I 12 6.85 -48.56 36.67
N LYS I 13 7.06 -47.67 37.62
CA LYS I 13 6.22 -47.63 38.81
C LYS I 13 4.77 -47.24 38.52
N MET I 14 4.48 -46.72 37.32
CA MET I 14 3.12 -46.35 36.99
C MET I 14 2.23 -47.56 36.76
N MET I 15 2.82 -48.68 36.37
CA MET I 15 2.11 -49.77 35.71
C MET I 15 2.36 -51.11 36.37
N PRO I 16 1.71 -52.18 35.93
CA PRO I 16 2.19 -53.53 36.24
C PRO I 16 3.42 -53.88 35.40
N ALA I 17 4.29 -54.69 35.98
CA ALA I 17 5.60 -54.95 35.41
C ALA I 17 5.52 -56.10 34.40
N HIS I 18 6.69 -56.54 33.93
CA HIS I 18 6.80 -57.51 32.84
C HIS I 18 6.09 -57.00 31.60
N ILE I 19 6.57 -55.85 31.12
CA ILE I 19 5.91 -55.06 30.08
C ILE I 19 6.92 -54.67 29.01
N LYS I 20 7.91 -55.53 28.77
CA LYS I 20 9.14 -55.22 28.05
C LYS I 20 8.92 -54.43 26.77
N PRO I 21 9.87 -53.60 26.36
CA PRO I 21 9.61 -52.66 25.26
C PRO I 21 9.33 -53.31 23.94
N ALA I 22 9.91 -54.48 23.69
CA ALA I 22 9.62 -55.34 22.56
C ALA I 22 10.22 -54.87 21.23
N PHE I 23 10.90 -53.72 21.18
CA PHE I 23 11.53 -53.23 19.95
C PHE I 23 13.05 -53.23 20.00
N LYS I 24 13.65 -52.54 20.96
CA LYS I 24 15.07 -52.59 21.28
C LYS I 24 15.93 -51.82 20.28
N THR I 25 15.38 -51.34 19.17
CA THR I 25 16.19 -50.65 18.17
C THR I 25 15.28 -49.91 17.20
N GLY I 26 15.89 -49.21 16.25
CA GLY I 26 15.19 -48.26 15.43
C GLY I 26 14.58 -48.82 14.16
N GLU I 27 15.40 -49.52 13.38
CA GLU I 27 14.93 -50.00 12.09
C GLU I 27 13.78 -50.96 12.25
N GLU I 28 13.78 -51.77 13.32
CA GLU I 28 12.64 -52.62 13.61
C GLU I 28 11.38 -51.80 13.78
N LEU I 29 11.50 -50.68 14.49
CA LEU I 29 10.35 -49.79 14.67
C LEU I 29 9.83 -49.28 13.35
N LEU I 30 10.73 -48.80 12.49
CA LEU I 30 10.26 -48.22 11.22
C LEU I 30 9.58 -49.28 10.36
N ALA I 31 10.16 -50.48 10.31
CA ALA I 31 9.54 -51.55 9.55
C ALA I 31 8.17 -51.88 10.11
N TRP I 32 8.06 -51.93 11.43
CA TRP I 32 6.80 -52.27 12.08
C TRP I 32 5.73 -51.24 11.74
N GLN I 33 6.09 -49.97 11.73
CA GLN I 33 5.10 -48.94 11.47
C GLN I 33 4.69 -48.93 10.01
N LYS I 34 5.62 -49.19 9.11
CA LYS I 34 5.27 -49.36 7.71
C LYS I 34 4.26 -50.50 7.54
N GLU I 35 4.46 -51.59 8.29
CA GLU I 35 3.55 -52.72 8.18
C GLU I 35 2.16 -52.35 8.67
N GLN I 36 2.07 -51.75 9.87
CA GLN I 36 0.77 -51.33 10.37
C GLN I 36 0.10 -50.35 9.42
N GLY I 37 0.88 -49.48 8.80
CA GLY I 37 0.31 -48.48 7.92
C GLY I 37 -0.28 -49.10 6.67
N ALA I 38 0.45 -50.02 6.05
CA ALA I 38 -0.07 -50.69 4.87
C ALA I 38 -1.23 -51.61 5.21
N ILE I 39 -1.34 -52.04 6.45
CA ILE I 39 -2.53 -52.79 6.87
C ILE I 39 -3.72 -51.84 6.99
N ARG I 40 -3.48 -50.65 7.54
CA ARG I 40 -4.56 -49.72 7.82
C ARG I 40 -5.14 -49.13 6.53
N SER I 41 -4.27 -48.78 5.59
CA SER I 41 -4.70 -48.13 4.35
C SER I 41 -5.72 -48.95 3.59
N ALA I 42 -5.57 -50.27 3.61
CA ALA I 42 -6.46 -51.12 2.82
C ALA I 42 -7.89 -51.03 3.31
N ALA I 43 -8.11 -51.26 4.61
CA ALA I 43 -9.44 -51.15 5.18
C ALA I 43 -9.98 -49.74 5.04
N LEU I 44 -9.11 -48.75 5.14
CA LEU I 44 -9.51 -47.37 4.88
C LEU I 44 -10.09 -47.22 3.48
N GLU I 45 -9.38 -47.72 2.47
CA GLU I 45 -9.82 -47.60 1.09
C GLU I 45 -11.17 -48.29 0.89
N ARG I 46 -11.29 -49.49 1.44
CA ARG I 46 -12.55 -50.22 1.42
C ARG I 46 -13.70 -49.36 1.96
N GLU I 47 -13.51 -48.78 3.13
CA GLU I 47 -14.55 -47.95 3.73
C GLU I 47 -14.89 -46.77 2.84
N ASN I 48 -13.88 -46.17 2.22
CA ASN I 48 -14.12 -45.01 1.37
C ASN I 48 -14.97 -45.37 0.16
N ARG I 49 -14.69 -46.53 -0.44
CA ARG I 49 -15.51 -47.00 -1.55
C ARG I 49 -16.94 -47.25 -1.11
N ALA I 50 -17.12 -47.84 0.07
CA ALA I 50 -18.47 -48.07 0.58
C ALA I 50 -19.22 -46.76 0.74
N MET I 51 -18.54 -45.73 1.25
CA MET I 51 -19.15 -44.40 1.29
C MET I 51 -19.64 -43.99 -0.08
N LYS I 52 -18.74 -44.00 -1.07
CA LYS I 52 -19.09 -43.64 -2.45
C LYS I 52 -20.36 -44.33 -2.92
N MET I 53 -20.44 -45.62 -2.65
CA MET I 53 -21.61 -46.39 -3.07
C MET I 53 -22.88 -45.92 -2.36
N GLN I 54 -22.76 -45.58 -1.07
CA GLN I 54 -23.93 -45.04 -0.36
C GLN I 54 -24.35 -43.70 -0.93
N ARG I 55 -23.37 -42.88 -1.33
CA ARG I 55 -23.73 -41.60 -1.91
C ARG I 55 -24.47 -41.79 -3.22
N THR I 56 -24.14 -42.85 -3.96
CA THR I 56 -24.90 -43.11 -5.19
C THR I 56 -26.29 -43.65 -4.90
N PHE I 57 -26.46 -44.45 -3.85
CA PHE I 57 -27.83 -44.87 -3.49
C PHE I 57 -28.68 -43.66 -3.17
N ASN I 58 -28.20 -42.80 -2.28
CA ASN I 58 -29.04 -41.74 -1.74
C ASN I 58 -29.26 -40.60 -2.72
N ARG I 59 -28.60 -40.60 -3.87
CA ARG I 59 -28.76 -39.51 -4.81
C ARG I 59 -29.97 -39.75 -5.70
N SER I 60 -30.17 -40.98 -6.15
CA SER I 60 -31.33 -41.29 -6.98
C SER I 60 -32.61 -41.00 -6.22
N GLY I 61 -33.64 -40.62 -6.97
CA GLY I 61 -34.87 -40.17 -6.37
C GLY I 61 -35.85 -41.28 -6.11
N ILE I 62 -35.37 -42.52 -6.04
CA ILE I 62 -36.27 -43.63 -5.78
C ILE I 62 -36.91 -43.45 -4.42
N ARG I 63 -38.22 -43.45 -4.39
CA ARG I 63 -38.92 -43.23 -3.16
C ARG I 63 -39.01 -44.53 -2.37
N PRO I 64 -39.30 -44.46 -1.07
CA PRO I 64 -39.28 -45.68 -0.25
C PRO I 64 -40.17 -46.79 -0.74
N LEU I 65 -41.29 -46.47 -1.36
CA LEU I 65 -42.22 -47.49 -1.82
C LEU I 65 -41.66 -48.32 -2.97
N HIS I 66 -40.54 -47.90 -3.56
CA HIS I 66 -39.83 -48.67 -4.57
C HIS I 66 -38.37 -48.88 -4.18
N GLN I 67 -38.08 -48.86 -2.88
CA GLN I 67 -36.72 -49.01 -2.37
C GLN I 67 -36.44 -50.46 -2.00
N ASN I 68 -37.24 -51.01 -1.10
CA ASN I 68 -37.21 -52.44 -0.80
C ASN I 68 -37.84 -53.21 -1.95
N CYS I 69 -37.18 -53.19 -3.10
CA CYS I 69 -37.84 -53.44 -4.37
C CYS I 69 -36.86 -54.10 -5.32
N SER I 70 -37.31 -55.11 -6.04
CA SER I 70 -36.44 -55.85 -6.95
C SER I 70 -37.31 -56.76 -7.81
N PHE I 71 -36.65 -57.58 -8.64
CA PHE I 71 -37.37 -58.53 -9.48
C PHE I 71 -38.10 -59.55 -8.64
N GLU I 72 -37.42 -60.12 -7.66
CA GLU I 72 -37.87 -61.38 -7.06
C GLU I 72 -39.15 -61.20 -6.27
N ASN I 73 -39.40 -60.01 -5.74
CA ASN I 73 -40.66 -59.73 -5.04
C ASN I 73 -41.70 -59.17 -6.00
N TYR I 74 -41.88 -59.85 -7.12
CA TYR I 74 -42.83 -59.44 -8.16
C TYR I 74 -43.62 -60.66 -8.59
N ARG I 75 -44.93 -60.61 -8.40
CA ARG I 75 -45.76 -61.80 -8.48
C ARG I 75 -46.36 -61.99 -9.86
N VAL I 76 -46.11 -63.16 -10.44
CA VAL I 76 -46.60 -63.50 -11.77
C VAL I 76 -48.03 -63.99 -11.66
N GLU I 77 -48.81 -63.68 -12.70
CA GLU I 77 -50.15 -64.25 -12.86
C GLU I 77 -50.48 -64.69 -14.28
N CYS I 78 -49.63 -64.42 -15.27
CA CYS I 78 -49.94 -64.77 -16.64
C CYS I 78 -48.66 -64.67 -17.46
N GLU I 79 -48.82 -64.82 -18.78
CA GLU I 79 -47.73 -64.65 -19.72
C GLU I 79 -47.44 -63.17 -19.98
N GLY I 80 -48.45 -62.32 -19.79
CA GLY I 80 -48.42 -60.95 -20.28
C GLY I 80 -47.26 -60.13 -19.78
N GLN I 81 -46.69 -60.48 -18.62
CA GLN I 81 -45.43 -59.89 -18.19
C GLN I 81 -44.42 -60.92 -17.70
N MET I 82 -44.75 -62.21 -17.73
CA MET I 82 -43.67 -63.19 -17.81
C MET I 82 -42.76 -62.82 -18.96
N ASN I 83 -43.35 -62.44 -20.09
CA ASN I 83 -42.59 -61.88 -21.20
C ASN I 83 -41.77 -60.69 -20.74
N ALA I 84 -42.38 -59.80 -19.97
CA ALA I 84 -41.74 -58.57 -19.55
C ALA I 84 -40.51 -58.83 -18.70
N LEU I 85 -40.59 -59.82 -17.82
CA LEU I 85 -39.47 -60.09 -16.94
C LEU I 85 -38.37 -60.85 -17.66
N SER I 86 -38.77 -61.72 -18.58
CA SER I 86 -37.79 -62.29 -19.48
C SER I 86 -37.13 -61.22 -20.35
N LYS I 87 -37.80 -60.09 -20.53
CA LYS I 87 -37.19 -58.95 -21.21
C LYS I 87 -36.31 -58.14 -20.26
N ALA I 88 -36.78 -57.91 -19.04
CA ALA I 88 -36.09 -57.03 -18.11
C ALA I 88 -34.77 -57.63 -17.67
N ARG I 89 -34.76 -58.92 -17.35
CA ARG I 89 -33.53 -59.58 -16.96
C ARG I 89 -32.49 -59.44 -18.06
N GLN I 90 -32.85 -59.79 -19.29
CA GLN I 90 -31.88 -59.73 -20.37
C GLN I 90 -31.48 -58.29 -20.67
N TYR I 91 -32.40 -57.35 -20.44
CA TYR I 91 -32.07 -55.94 -20.63
C TYR I 91 -30.96 -55.52 -19.68
N VAL I 92 -31.13 -55.85 -18.40
CA VAL I 92 -30.07 -55.61 -17.42
C VAL I 92 -28.80 -56.34 -17.83
N GLU I 93 -28.92 -57.48 -18.50
CA GLU I 93 -27.74 -58.23 -18.91
C GLU I 93 -27.10 -57.62 -20.15
N GLU I 94 -27.91 -57.13 -21.08
CA GLU I 94 -27.42 -56.57 -22.33
C GLU I 94 -27.13 -55.07 -22.24
N PHE I 95 -27.12 -54.51 -21.03
CA PHE I 95 -27.02 -53.07 -20.88
C PHE I 95 -25.61 -52.55 -21.13
N ASP I 96 -24.60 -53.27 -20.66
CA ASP I 96 -23.23 -52.80 -20.73
C ASP I 96 -22.80 -52.58 -22.17
N GLY I 97 -22.48 -51.34 -22.50
CA GLY I 97 -22.07 -51.01 -23.84
C GLY I 97 -23.16 -51.27 -24.85
N ASN I 98 -24.22 -50.47 -24.81
CA ASN I 98 -25.41 -50.79 -25.60
C ASN I 98 -26.30 -49.56 -25.68
N ILE I 99 -26.69 -49.21 -26.91
CA ILE I 99 -27.73 -48.19 -27.12
C ILE I 99 -29.05 -48.94 -27.07
N ALA I 100 -29.52 -49.18 -25.85
CA ALA I 100 -30.72 -49.99 -25.62
C ALA I 100 -31.60 -49.21 -24.65
N SER I 101 -32.47 -48.39 -25.21
CA SER I 101 -33.44 -47.62 -24.44
C SER I 101 -34.82 -48.24 -24.60
N PHE I 102 -35.73 -47.83 -23.71
CA PHE I 102 -37.00 -48.52 -23.58
C PHE I 102 -38.11 -47.55 -23.20
N ILE I 103 -39.34 -48.06 -23.27
CA ILE I 103 -40.52 -47.38 -22.78
C ILE I 103 -41.43 -48.44 -22.16
N PHE I 104 -42.13 -48.04 -21.11
CA PHE I 104 -43.28 -48.76 -20.59
C PHE I 104 -44.54 -47.94 -20.80
N SER I 105 -45.68 -48.59 -20.61
CA SER I 105 -46.95 -47.96 -20.90
C SER I 105 -48.08 -48.83 -20.37
N GLY I 106 -49.29 -48.30 -20.44
CA GLY I 106 -50.50 -49.06 -20.18
C GLY I 106 -51.36 -48.55 -19.04
N LYS I 107 -51.67 -49.45 -18.10
CA LYS I 107 -52.61 -49.18 -17.02
C LYS I 107 -51.85 -48.93 -15.72
N PRO I 108 -52.37 -48.10 -14.82
CA PRO I 108 -51.73 -47.97 -13.51
C PRO I 108 -52.01 -49.18 -12.64
N GLY I 109 -51.18 -49.33 -11.62
CA GLY I 109 -51.28 -50.48 -10.74
C GLY I 109 -50.74 -51.74 -11.35
N THR I 110 -49.63 -51.62 -12.07
CA THR I 110 -49.17 -52.69 -12.95
C THR I 110 -47.67 -52.93 -12.87
N GLY I 111 -46.98 -52.32 -11.92
CA GLY I 111 -45.58 -52.60 -11.76
C GLY I 111 -44.72 -52.00 -12.85
N LYS I 112 -44.70 -50.68 -12.94
CA LYS I 112 -43.76 -49.97 -13.81
C LYS I 112 -42.58 -49.44 -13.03
N ASN I 113 -42.85 -48.58 -12.06
CA ASN I 113 -41.79 -48.07 -11.21
C ASN I 113 -41.15 -49.18 -10.41
N HIS I 114 -41.87 -50.27 -10.16
CA HIS I 114 -41.28 -51.41 -9.46
C HIS I 114 -40.15 -52.03 -10.27
N LEU I 115 -40.45 -52.39 -11.51
CA LEU I 115 -39.41 -52.93 -12.39
C LEU I 115 -38.30 -51.92 -12.60
N ALA I 116 -38.66 -50.64 -12.71
CA ALA I 116 -37.65 -49.62 -12.93
C ALA I 116 -36.69 -49.55 -11.76
N ALA I 117 -37.22 -49.57 -10.55
CA ALA I 117 -36.39 -49.51 -9.36
C ALA I 117 -35.56 -50.77 -9.21
N ALA I 118 -36.12 -51.92 -9.59
CA ALA I 118 -35.35 -53.15 -9.61
C ALA I 118 -34.14 -53.01 -10.50
N ILE I 119 -34.37 -52.57 -11.74
CA ILE I 119 -33.30 -52.32 -12.69
C ILE I 119 -32.27 -51.39 -12.05
N CYS I 120 -32.74 -50.31 -11.44
CA CYS I 120 -31.83 -49.31 -10.90
C CYS I 120 -30.95 -49.91 -9.82
N ASN I 121 -31.52 -50.70 -8.92
CA ASN I 121 -30.72 -51.32 -7.88
C ASN I 121 -29.70 -52.29 -8.46
N GLU I 122 -30.13 -53.11 -9.42
CA GLU I 122 -29.22 -54.07 -10.01
C GLU I 122 -28.07 -53.38 -10.72
N LEU I 123 -28.32 -52.23 -11.33
CA LEU I 123 -27.25 -51.50 -11.99
C LEU I 123 -26.39 -50.73 -11.00
N LEU I 124 -26.92 -50.41 -9.83
CA LEU I 124 -26.06 -49.89 -8.78
C LEU I 124 -25.10 -50.97 -8.31
N LEU I 125 -25.57 -52.21 -8.24
CA LEU I 125 -24.69 -53.30 -7.83
C LEU I 125 -23.71 -53.67 -8.94
N ARG I 126 -24.08 -53.45 -10.21
CA ARG I 126 -23.09 -53.56 -11.27
C ARG I 126 -22.03 -52.48 -11.16
N GLY I 127 -22.26 -51.43 -10.36
CA GLY I 127 -21.32 -50.34 -10.24
C GLY I 127 -21.57 -49.20 -11.17
N LYS I 128 -22.83 -48.96 -11.55
CA LYS I 128 -23.20 -47.90 -12.47
C LYS I 128 -24.24 -47.02 -11.82
N SER I 129 -24.35 -45.79 -12.32
CA SER I 129 -25.17 -44.77 -11.71
C SER I 129 -26.50 -44.63 -12.43
N VAL I 130 -27.50 -44.18 -11.69
CA VAL I 130 -28.88 -44.12 -12.15
C VAL I 130 -29.55 -42.87 -11.59
N LEU I 131 -30.78 -42.68 -12.02
CA LEU I 131 -31.62 -41.59 -11.53
C LEU I 131 -33.03 -41.82 -12.05
N ILE I 132 -34.03 -41.59 -11.20
CA ILE I 132 -35.42 -41.51 -11.65
C ILE I 132 -36.02 -40.24 -11.09
N ILE I 133 -36.87 -39.61 -11.88
CA ILE I 133 -37.37 -38.28 -11.59
C ILE I 133 -38.85 -38.19 -11.90
N THR I 134 -39.50 -37.24 -11.26
CA THR I 134 -40.73 -36.65 -11.75
C THR I 134 -40.36 -35.47 -12.64
N VAL I 135 -41.07 -35.33 -13.76
CA VAL I 135 -40.70 -34.29 -14.71
C VAL I 135 -40.89 -32.90 -14.09
N ALA I 136 -41.87 -32.78 -13.20
CA ALA I 136 -42.06 -31.53 -12.48
C ALA I 136 -40.84 -31.13 -11.67
N ASP I 137 -40.02 -32.09 -11.27
CA ASP I 137 -38.76 -31.72 -10.61
C ASP I 137 -37.83 -31.03 -11.60
N ILE I 138 -37.82 -31.44 -12.85
CA ILE I 138 -37.03 -30.74 -13.85
C ILE I 138 -37.60 -29.36 -14.08
N MET I 139 -38.93 -29.25 -14.09
CA MET I 139 -39.56 -27.94 -14.18
C MET I 139 -39.07 -27.02 -13.07
N SER I 140 -39.18 -27.49 -11.84
CA SER I 140 -38.79 -26.70 -10.69
C SER I 140 -37.31 -26.38 -10.72
N ALA I 141 -36.48 -27.27 -11.27
CA ALA I 141 -35.06 -27.01 -11.32
C ALA I 141 -34.74 -25.92 -12.34
N MET I 142 -35.38 -25.97 -13.51
CA MET I 142 -35.19 -24.90 -14.49
C MET I 142 -35.66 -23.57 -13.95
N LYS I 143 -36.67 -23.58 -13.08
CA LYS I 143 -37.11 -22.34 -12.44
C LYS I 143 -36.16 -21.90 -11.33
N ASP I 144 -35.51 -22.85 -10.66
CA ASP I 144 -34.64 -22.56 -9.53
C ASP I 144 -33.22 -22.21 -9.95
N THR I 145 -32.85 -22.45 -11.22
CA THR I 145 -31.53 -22.03 -11.69
C THR I 145 -31.33 -20.52 -11.59
N PHE I 146 -32.41 -19.74 -11.51
CA PHE I 146 -32.31 -18.32 -11.20
C PHE I 146 -31.85 -18.03 -9.78
N ARG I 147 -31.65 -19.06 -8.94
CA ARG I 147 -31.18 -18.88 -7.58
C ARG I 147 -29.65 -18.80 -7.56
N GLU I 154 -26.67 -26.12 -11.01
CA GLU I 154 -26.38 -26.75 -12.29
C GLU I 154 -25.93 -28.20 -12.14
N GLN I 155 -25.69 -28.63 -10.89
CA GLN I 155 -25.29 -30.02 -10.64
C GLN I 155 -26.32 -30.99 -11.22
N LEU I 156 -27.60 -30.66 -11.10
CA LEU I 156 -28.65 -31.55 -11.57
C LEU I 156 -28.68 -31.62 -13.09
N LEU I 157 -28.78 -30.47 -13.76
CA LEU I 157 -28.84 -30.47 -15.22
C LEU I 157 -27.57 -31.05 -15.81
N ASN I 158 -26.44 -30.81 -15.16
CA ASN I 158 -25.20 -31.48 -15.54
C ASN I 158 -25.36 -32.99 -15.48
N ASP I 159 -25.88 -33.50 -14.37
CA ASP I 159 -26.02 -34.94 -14.22
C ASP I 159 -26.95 -35.52 -15.28
N LEU I 160 -28.04 -34.83 -15.58
CA LEU I 160 -29.06 -35.39 -16.46
C LEU I 160 -28.58 -35.66 -17.88
N SER I 161 -27.38 -35.21 -18.25
CA SER I 161 -26.81 -35.45 -19.57
C SER I 161 -25.50 -36.21 -19.49
N ASN I 162 -25.21 -36.85 -18.35
CA ASN I 162 -24.00 -37.63 -18.18
C ASN I 162 -24.17 -38.94 -17.44
N VAL I 163 -25.31 -39.18 -16.79
CA VAL I 163 -25.55 -40.49 -16.20
C VAL I 163 -25.63 -41.52 -17.32
N ASP I 164 -25.26 -42.76 -16.98
CA ASP I 164 -25.47 -43.88 -17.88
C ASP I 164 -26.94 -44.02 -18.23
N LEU I 165 -27.77 -44.32 -17.24
CA LEU I 165 -29.20 -44.53 -17.43
C LEU I 165 -29.99 -43.30 -17.01
N LEU I 166 -31.21 -43.20 -17.52
CA LEU I 166 -32.19 -42.31 -16.94
C LEU I 166 -33.57 -42.78 -17.36
N VAL I 167 -34.51 -42.58 -16.44
CA VAL I 167 -35.92 -42.84 -16.70
C VAL I 167 -36.71 -41.71 -16.06
N ILE I 168 -37.96 -41.61 -16.48
CA ILE I 168 -38.79 -40.44 -16.24
C ILE I 168 -40.14 -40.95 -15.78
N ASP I 169 -40.83 -40.12 -15.01
CA ASP I 169 -42.17 -40.44 -14.53
C ASP I 169 -43.05 -39.21 -14.66
N GLU I 170 -44.36 -39.46 -14.78
CA GLU I 170 -45.37 -38.41 -14.93
C GLU I 170 -45.11 -37.57 -16.19
N ILE I 171 -45.10 -38.26 -17.32
CA ILE I 171 -44.92 -37.60 -18.61
C ILE I 171 -46.24 -37.22 -19.27
N GLY I 172 -47.36 -37.78 -18.84
CA GLY I 172 -48.63 -37.50 -19.48
C GLY I 172 -49.22 -36.15 -19.12
N VAL I 173 -49.40 -35.94 -17.83
CA VAL I 173 -50.02 -34.74 -17.27
C VAL I 173 -49.09 -33.54 -17.47
N GLN I 174 -49.53 -32.38 -16.99
CA GLN I 174 -49.04 -31.06 -17.39
C GLN I 174 -49.45 -30.82 -18.82
N THR I 175 -50.78 -30.75 -19.00
CA THR I 175 -51.45 -30.46 -20.26
C THR I 175 -51.14 -29.08 -20.81
N GLU I 176 -50.46 -28.23 -20.05
CA GLU I 176 -50.10 -26.90 -20.48
C GLU I 176 -48.83 -26.94 -21.32
N SER I 177 -48.84 -27.74 -22.38
CA SER I 177 -47.63 -28.10 -23.11
C SER I 177 -47.20 -26.93 -24.00
N LYS I 178 -46.28 -27.20 -24.93
CA LYS I 178 -45.38 -26.27 -25.63
C LYS I 178 -44.16 -25.97 -24.76
N TYR I 179 -43.95 -26.70 -23.68
CA TYR I 179 -42.70 -26.66 -22.93
C TYR I 179 -42.14 -28.04 -22.67
N GLU I 180 -42.98 -28.99 -22.31
CA GLU I 180 -42.52 -30.34 -21.97
C GLU I 180 -41.81 -30.99 -23.14
N LYS I 181 -42.39 -30.84 -24.33
CA LYS I 181 -41.84 -31.43 -25.54
C LYS I 181 -40.42 -30.94 -25.78
N VAL I 182 -40.21 -29.63 -25.66
CA VAL I 182 -38.89 -29.09 -26.00
C VAL I 182 -37.88 -29.48 -24.94
N ILE I 183 -38.27 -29.48 -23.66
CA ILE I 183 -37.34 -29.89 -22.61
C ILE I 183 -36.86 -31.30 -22.88
N ILE I 184 -37.81 -32.22 -23.06
CA ILE I 184 -37.42 -33.60 -23.21
C ILE I 184 -36.68 -33.82 -24.52
N ASN I 185 -36.97 -33.02 -25.55
CA ASN I 185 -36.22 -33.17 -26.79
C ASN I 185 -34.77 -32.78 -26.60
N GLN I 186 -34.53 -31.66 -25.92
CA GLN I 186 -33.15 -31.24 -25.63
C GLN I 186 -32.41 -32.33 -24.87
N ILE I 187 -33.06 -32.85 -23.82
CA ILE I 187 -32.44 -33.87 -22.99
C ILE I 187 -32.06 -35.08 -23.83
N VAL I 188 -33.01 -35.59 -24.60
CA VAL I 188 -32.76 -36.83 -25.31
C VAL I 188 -31.74 -36.64 -26.41
N ASP I 189 -31.69 -35.45 -27.02
CA ASP I 189 -30.64 -35.23 -28.00
C ASP I 189 -29.27 -35.29 -27.34
N ARG I 190 -29.10 -34.54 -26.24
CA ARG I 190 -27.80 -34.56 -25.57
C ARG I 190 -27.44 -35.94 -25.06
N ARG I 191 -28.42 -36.79 -24.79
CA ARG I 191 -28.11 -38.12 -24.31
C ARG I 191 -27.76 -39.06 -25.44
N SER I 192 -28.64 -39.16 -26.43
CA SER I 192 -28.40 -40.05 -27.56
C SER I 192 -27.12 -39.72 -28.29
N SER I 193 -26.75 -38.44 -28.32
CA SER I 193 -25.52 -38.04 -28.99
C SER I 193 -24.31 -38.69 -28.35
N SER I 194 -24.30 -38.80 -27.04
CA SER I 194 -23.17 -39.33 -26.30
C SER I 194 -23.16 -40.84 -26.22
N LYS I 195 -23.98 -41.52 -27.04
CA LYS I 195 -24.08 -42.97 -27.03
C LYS I 195 -24.43 -43.48 -25.63
N ARG I 196 -25.56 -42.99 -25.13
CA ARG I 196 -26.06 -43.40 -23.83
C ARG I 196 -27.57 -43.62 -23.95
N PRO I 197 -28.12 -44.54 -23.15
CA PRO I 197 -29.56 -44.78 -23.21
C PRO I 197 -30.35 -43.88 -22.30
N THR I 198 -31.66 -44.09 -22.31
CA THR I 198 -32.57 -43.44 -21.38
C THR I 198 -33.83 -44.29 -21.33
N GLY I 199 -34.89 -43.73 -20.77
CA GLY I 199 -36.13 -44.46 -20.69
C GLY I 199 -37.27 -43.55 -20.31
N MET I 200 -38.47 -44.11 -20.31
CA MET I 200 -39.67 -43.35 -20.03
C MET I 200 -40.70 -44.25 -19.39
N LEU I 201 -41.67 -43.60 -18.78
CA LEU I 201 -42.82 -44.26 -18.18
C LEU I 201 -44.04 -43.40 -18.45
N THR I 202 -45.15 -44.05 -18.73
CA THR I 202 -46.34 -43.33 -19.12
C THR I 202 -47.54 -44.26 -18.97
N ASN I 203 -48.72 -43.71 -19.24
CA ASN I 203 -49.98 -44.43 -19.17
C ASN I 203 -50.77 -44.31 -20.46
N SER I 204 -50.16 -43.81 -21.54
CA SER I 204 -50.84 -43.50 -22.78
C SER I 204 -50.26 -44.30 -23.94
N ASN I 205 -51.01 -44.27 -25.03
CA ASN I 205 -50.66 -44.99 -26.25
C ASN I 205 -49.56 -44.25 -26.99
N MET I 206 -48.87 -45.00 -27.87
CA MET I 206 -47.77 -44.40 -28.62
C MET I 206 -48.28 -43.31 -29.55
N GLU I 207 -49.46 -43.49 -30.13
CA GLU I 207 -50.05 -42.43 -30.93
C GLU I 207 -50.56 -41.31 -30.03
N GLU I 208 -51.11 -41.67 -28.88
CA GLU I 208 -51.48 -40.67 -27.88
C GLU I 208 -50.27 -39.99 -27.28
N MET I 209 -49.09 -40.58 -27.45
CA MET I 209 -47.84 -40.03 -26.97
C MET I 209 -47.15 -39.17 -28.01
N THR I 210 -47.33 -39.52 -29.28
CA THR I 210 -46.52 -38.96 -30.34
C THR I 210 -46.91 -37.53 -30.65
N LYS I 211 -48.15 -37.14 -30.41
CA LYS I 211 -48.53 -35.76 -30.66
C LYS I 211 -47.97 -34.84 -29.59
N LEU I 212 -47.83 -35.34 -28.36
CA LEU I 212 -47.04 -34.63 -27.36
C LEU I 212 -45.58 -34.64 -27.73
N LEU I 213 -45.08 -35.79 -28.17
CA LEU I 213 -43.67 -36.06 -28.36
C LEU I 213 -43.46 -36.32 -29.84
N GLY I 214 -43.02 -35.30 -30.57
CA GLY I 214 -42.84 -35.37 -32.00
C GLY I 214 -42.08 -36.59 -32.48
N GLU I 215 -42.29 -36.98 -33.74
CA GLU I 215 -41.77 -38.25 -34.23
C GLU I 215 -40.27 -38.37 -34.09
N ARG I 216 -39.55 -37.25 -34.02
CA ARG I 216 -38.10 -37.32 -33.90
C ARG I 216 -37.71 -37.99 -32.60
N VAL I 217 -38.34 -37.61 -31.50
CA VAL I 217 -37.91 -38.10 -30.18
C VAL I 217 -38.11 -39.61 -30.11
N MET I 218 -39.29 -40.08 -30.51
CA MET I 218 -39.55 -41.50 -30.52
C MET I 218 -38.63 -42.21 -31.51
N ASP I 219 -38.23 -41.54 -32.59
CA ASP I 219 -37.20 -42.09 -33.46
C ASP I 219 -35.91 -42.30 -32.70
N ARG I 220 -35.53 -41.33 -31.85
CA ARG I 220 -34.33 -41.48 -31.05
C ARG I 220 -34.48 -42.57 -30.02
N MET I 221 -35.70 -42.92 -29.68
CA MET I 221 -35.91 -44.08 -28.83
C MET I 221 -35.79 -45.38 -29.62
N ARG I 222 -35.87 -45.33 -30.94
CA ARG I 222 -35.92 -46.51 -31.78
C ARG I 222 -34.55 -46.87 -32.32
N LEU I 223 -33.61 -47.16 -31.42
CA LEU I 223 -32.27 -47.62 -31.76
C LEU I 223 -32.03 -49.00 -31.17
N GLY I 224 -30.91 -49.59 -31.61
CA GLY I 224 -30.47 -50.91 -31.19
C GLY I 224 -31.57 -51.92 -31.36
N ASN I 225 -31.60 -52.90 -30.46
CA ASN I 225 -32.80 -53.70 -30.25
C ASN I 225 -33.59 -52.99 -29.16
N SER I 226 -34.57 -52.21 -29.57
CA SER I 226 -35.36 -51.45 -28.63
C SER I 226 -36.14 -52.39 -27.73
N LEU I 227 -36.89 -51.81 -26.80
CA LEU I 227 -37.72 -52.57 -25.88
C LEU I 227 -38.98 -51.75 -25.68
N TRP I 228 -40.00 -52.05 -26.49
CA TRP I 228 -41.32 -51.52 -26.26
C TRP I 228 -42.12 -52.49 -25.42
N VAL I 229 -42.94 -51.95 -24.54
CA VAL I 229 -43.88 -52.73 -23.76
C VAL I 229 -45.21 -52.00 -23.78
N ILE I 230 -46.29 -52.78 -23.73
CA ILE I 230 -47.63 -52.24 -23.56
C ILE I 230 -48.36 -53.17 -22.61
N PHE I 231 -48.77 -52.64 -21.48
CA PHE I 231 -49.39 -53.46 -20.47
C PHE I 231 -50.86 -53.69 -20.78
N ASN I 232 -51.39 -54.72 -20.15
CA ASN I 232 -52.82 -54.96 -20.09
C ASN I 232 -53.29 -55.34 -18.70
N TRP I 233 -52.39 -55.58 -17.76
CA TRP I 233 -52.73 -56.06 -16.44
C TRP I 233 -53.62 -55.07 -15.71
N ASP I 234 -54.22 -55.57 -14.64
CA ASP I 234 -55.12 -54.82 -13.78
C ASP I 234 -54.34 -54.31 -12.58
N SER I 235 -55.04 -53.70 -11.63
CA SER I 235 -54.40 -53.06 -10.50
C SER I 235 -53.80 -54.10 -9.55
N TYR I 236 -53.07 -53.59 -8.57
CA TYR I 236 -52.43 -54.38 -7.53
C TYR I 236 -52.69 -53.83 -6.12
N ARG I 237 -53.20 -52.60 -6.02
CA ARG I 237 -53.20 -51.84 -4.77
C ARG I 237 -53.88 -52.55 -3.62
N SER I 238 -54.96 -53.29 -3.89
CA SER I 238 -55.71 -53.92 -2.82
C SER I 238 -54.83 -54.83 -1.98
N ARG I 239 -53.84 -55.47 -2.61
CA ARG I 239 -52.96 -56.38 -1.90
C ARG I 239 -51.99 -55.62 -1.00
N VAL I 240 -51.32 -54.60 -1.53
CA VAL I 240 -50.22 -53.96 -0.82
C VAL I 240 -50.73 -53.25 0.42
N THR I 241 -49.89 -53.25 1.47
CA THR I 241 -50.20 -52.58 2.73
C THR I 241 -49.07 -51.67 3.20
N GLY I 242 -47.95 -51.63 2.51
CA GLY I 242 -46.85 -50.77 2.91
C GLY I 242 -45.85 -51.46 3.80
N LYS I 243 -45.32 -52.59 3.33
CA LYS I 243 -44.32 -53.32 4.07
C LYS I 243 -43.01 -52.55 4.12
N MET J 1 44.06 -32.47 -3.80
CA MET J 1 44.53 -33.85 -3.48
C MET J 1 45.35 -34.47 -4.62
N LYS J 2 44.85 -34.36 -5.85
CA LYS J 2 45.38 -35.14 -6.96
C LYS J 2 45.32 -34.34 -8.25
N ASN J 3 46.20 -34.73 -9.18
CA ASN J 3 46.28 -34.15 -10.51
C ASN J 3 45.53 -35.03 -11.51
N VAL J 4 45.68 -34.74 -12.79
CA VAL J 4 44.77 -35.26 -13.80
C VAL J 4 44.93 -36.76 -13.97
N GLY J 5 46.16 -37.22 -14.24
CA GLY J 5 46.34 -38.57 -14.76
C GLY J 5 45.80 -39.66 -13.87
N ASP J 6 46.07 -39.57 -12.57
CA ASP J 6 45.57 -40.59 -11.65
C ASP J 6 44.06 -40.48 -11.49
N LEU J 7 43.50 -39.27 -11.56
CA LEU J 7 42.05 -39.14 -11.55
C LEU J 7 41.43 -39.81 -12.76
N MET J 8 42.02 -39.59 -13.93
CA MET J 8 41.57 -40.24 -15.14
C MET J 8 41.63 -41.75 -14.97
N GLN J 9 42.73 -42.25 -14.42
CA GLN J 9 42.83 -43.67 -14.07
C GLN J 9 41.70 -44.07 -13.13
N ARG J 10 41.36 -43.21 -12.17
CA ARG J 10 40.33 -43.55 -11.21
C ARG J 10 38.99 -43.72 -11.89
N LEU J 11 38.77 -43.00 -12.98
CA LEU J 11 37.48 -43.11 -13.66
C LEU J 11 37.18 -44.53 -14.12
N GLN J 12 38.21 -45.26 -14.55
CA GLN J 12 37.98 -46.62 -15.03
C GLN J 12 37.70 -47.61 -13.91
N LYS J 13 37.79 -47.19 -12.65
CA LYS J 13 37.30 -48.04 -11.56
C LYS J 13 35.78 -48.11 -11.58
N MET J 14 35.13 -46.94 -11.66
CA MET J 14 33.69 -46.90 -11.78
C MET J 14 33.22 -47.60 -13.04
N MET J 15 33.85 -47.27 -14.16
CA MET J 15 33.34 -47.66 -15.46
C MET J 15 33.55 -49.14 -15.72
N PRO J 16 32.92 -49.66 -16.76
CA PRO J 16 33.45 -50.85 -17.42
C PRO J 16 34.56 -50.46 -18.38
N ALA J 17 35.06 -51.42 -19.15
CA ALA J 17 36.08 -51.17 -20.15
C ALA J 17 35.44 -51.09 -21.53
N HIS J 18 36.30 -50.93 -22.55
CA HIS J 18 35.85 -50.84 -23.94
C HIS J 18 34.91 -49.66 -24.14
N ILE J 19 35.36 -48.50 -23.68
CA ILE J 19 34.64 -47.24 -23.86
C ILE J 19 35.69 -46.16 -24.09
N LYS J 20 35.26 -45.08 -24.72
CA LYS J 20 36.16 -44.02 -25.16
C LYS J 20 35.49 -42.67 -24.97
N PRO J 21 36.26 -41.60 -24.85
CA PRO J 21 35.65 -40.29 -24.57
C PRO J 21 34.89 -39.72 -25.75
N ALA J 22 35.25 -40.09 -26.97
CA ALA J 22 34.43 -39.81 -28.15
C ALA J 22 34.42 -38.37 -28.62
N PHE J 23 34.99 -37.44 -27.84
CA PHE J 23 34.91 -36.01 -28.16
C PHE J 23 36.28 -35.40 -28.43
N LYS J 24 37.23 -35.51 -27.50
CA LYS J 24 38.64 -35.20 -27.74
C LYS J 24 38.95 -33.72 -27.99
N THR J 25 37.95 -32.85 -28.13
CA THR J 25 38.16 -31.42 -28.26
C THR J 25 36.79 -30.74 -28.23
N GLY J 26 36.78 -29.51 -27.71
CA GLY J 26 35.53 -28.79 -27.52
C GLY J 26 34.78 -28.52 -28.82
N GLU J 27 35.51 -28.31 -29.91
CA GLU J 27 34.89 -28.01 -31.19
C GLU J 27 33.91 -29.10 -31.60
N GLU J 28 34.36 -30.35 -31.55
CA GLU J 28 33.49 -31.47 -31.85
C GLU J 28 32.26 -31.45 -30.96
N LEU J 29 32.45 -31.10 -29.69
CA LEU J 29 31.34 -31.09 -28.75
C LEU J 29 30.29 -30.07 -29.17
N LEU J 30 30.72 -28.86 -29.50
CA LEU J 30 29.75 -27.82 -29.79
C LEU J 30 29.04 -28.07 -31.10
N ALA J 31 29.79 -28.50 -32.13
CA ALA J 31 29.16 -28.85 -33.38
C ALA J 31 28.14 -29.96 -33.17
N TRP J 32 28.48 -30.92 -32.33
CA TRP J 32 27.63 -32.07 -32.10
C TRP J 32 26.36 -31.67 -31.37
N GLN J 33 26.47 -30.80 -30.37
CA GLN J 33 25.28 -30.32 -29.68
C GLN J 33 24.38 -29.55 -30.62
N LYS J 34 24.97 -28.76 -31.51
CA LYS J 34 24.18 -28.05 -32.50
C LYS J 34 23.40 -29.04 -33.37
N GLU J 35 24.06 -30.12 -33.78
CA GLU J 35 23.37 -31.14 -34.57
C GLU J 35 22.20 -31.76 -33.81
N GLN J 36 22.45 -32.13 -32.54
CA GLN J 36 21.40 -32.77 -31.76
C GLN J 36 20.20 -31.85 -31.59
N GLY J 37 20.47 -30.56 -31.38
CA GLY J 37 19.38 -29.60 -31.30
C GLY J 37 18.58 -29.53 -32.58
N ALA J 38 19.29 -29.49 -33.72
CA ALA J 38 18.61 -29.44 -35.01
C ALA J 38 17.74 -30.67 -35.21
N ILE J 39 18.20 -31.84 -34.78
CA ILE J 39 17.38 -33.04 -34.87
C ILE J 39 16.14 -32.89 -34.00
N ARG J 40 16.36 -32.69 -32.70
CA ARG J 40 15.28 -32.73 -31.72
C ARG J 40 14.19 -31.71 -32.02
N SER J 41 14.57 -30.54 -32.52
CA SER J 41 13.61 -29.50 -32.83
C SER J 41 12.53 -29.99 -33.78
N ALA J 42 12.89 -30.85 -34.73
CA ALA J 42 11.93 -31.28 -35.74
C ALA J 42 10.83 -32.12 -35.11
N ALA J 43 11.22 -33.16 -34.36
CA ALA J 43 10.25 -34.00 -33.68
C ALA J 43 9.41 -33.18 -32.72
N LEU J 44 10.04 -32.23 -32.05
CA LEU J 44 9.35 -31.37 -31.10
C LEU J 44 8.26 -30.57 -31.80
N GLU J 45 8.62 -29.91 -32.90
CA GLU J 45 7.66 -29.08 -33.63
C GLU J 45 6.51 -29.93 -34.16
N ARG J 46 6.83 -31.13 -34.64
CA ARG J 46 5.82 -32.04 -35.12
C ARG J 46 4.80 -32.35 -34.03
N GLU J 47 5.31 -32.67 -32.83
CA GLU J 47 4.41 -32.98 -31.73
C GLU J 47 3.52 -31.78 -31.39
N ASN J 48 4.10 -30.58 -31.38
CA ASN J 48 3.27 -29.40 -31.10
C ASN J 48 2.15 -29.25 -32.11
N ARG J 49 2.47 -29.42 -33.39
CA ARG J 49 1.45 -29.25 -34.42
C ARG J 49 0.33 -30.28 -34.25
N ALA J 50 0.70 -31.53 -33.95
CA ALA J 50 -0.33 -32.55 -33.74
C ALA J 50 -1.19 -32.22 -32.54
N MET J 51 -0.58 -31.70 -31.47
CA MET J 51 -1.38 -31.28 -30.32
C MET J 51 -2.36 -30.20 -30.73
N LYS J 52 -1.92 -29.26 -31.56
CA LYS J 52 -2.81 -28.19 -32.03
C LYS J 52 -4.01 -28.78 -32.75
N MET J 53 -3.75 -29.75 -33.63
CA MET J 53 -4.82 -30.44 -34.32
C MET J 53 -5.81 -31.05 -33.32
N GLN J 54 -5.29 -31.66 -32.25
CA GLN J 54 -6.18 -32.23 -31.26
C GLN J 54 -6.93 -31.16 -30.48
N ARG J 55 -6.31 -30.00 -30.25
CA ARG J 55 -6.98 -28.90 -29.57
C ARG J 55 -8.21 -28.50 -30.37
N THR J 56 -8.09 -28.49 -31.69
CA THR J 56 -9.25 -28.20 -32.51
C THR J 56 -10.28 -29.33 -32.41
N PHE J 57 -9.82 -30.57 -32.62
CA PHE J 57 -10.73 -31.70 -32.76
C PHE J 57 -11.51 -31.97 -31.49
N ASN J 58 -10.92 -31.67 -30.33
CA ASN J 58 -11.57 -31.95 -29.05
C ASN J 58 -12.46 -30.81 -28.59
N ARG J 59 -12.51 -29.71 -29.34
CA ARG J 59 -13.32 -28.55 -28.98
C ARG J 59 -14.60 -28.49 -29.80
N SER J 60 -14.49 -28.65 -31.11
CA SER J 60 -15.64 -28.62 -31.99
C SER J 60 -16.47 -29.86 -31.71
N GLY J 61 -17.53 -29.68 -30.93
CA GLY J 61 -18.18 -30.80 -30.29
C GLY J 61 -18.93 -31.74 -31.20
N ILE J 62 -18.26 -32.28 -32.22
CA ILE J 62 -18.83 -33.38 -32.96
C ILE J 62 -18.91 -34.56 -32.00
N ARG J 63 -20.10 -35.11 -31.86
CA ARG J 63 -20.40 -36.00 -30.76
C ARG J 63 -19.85 -37.39 -31.07
N PRO J 64 -19.80 -38.28 -30.08
CA PRO J 64 -19.22 -39.61 -30.32
C PRO J 64 -19.94 -40.39 -31.39
N LEU J 65 -21.27 -40.38 -31.39
CA LEU J 65 -22.02 -41.14 -32.36
C LEU J 65 -21.72 -40.67 -33.77
N HIS J 66 -21.53 -39.36 -33.95
CA HIS J 66 -21.18 -38.78 -35.23
C HIS J 66 -19.68 -38.62 -35.40
N GLN J 67 -18.87 -39.42 -34.73
CA GLN J 67 -17.43 -39.17 -34.70
C GLN J 67 -16.70 -39.95 -35.79
N ASN J 68 -16.72 -41.28 -35.71
CA ASN J 68 -16.16 -42.12 -36.76
C ASN J 68 -17.22 -42.28 -37.84
N CYS J 69 -17.45 -41.17 -38.53
CA CYS J 69 -18.72 -40.91 -39.22
C CYS J 69 -18.36 -40.25 -40.55
N SER J 70 -18.33 -41.06 -41.61
CA SER J 70 -17.59 -40.73 -42.82
C SER J 70 -18.47 -40.85 -44.05
N PHE J 71 -17.89 -40.50 -45.20
CA PHE J 71 -18.53 -40.72 -46.48
C PHE J 71 -18.57 -42.20 -46.86
N GLU J 72 -17.71 -43.02 -46.28
CA GLU J 72 -17.82 -44.45 -46.50
C GLU J 72 -19.09 -44.99 -45.87
N ASN J 73 -19.26 -44.78 -44.56
CA ASN J 73 -20.39 -45.36 -43.83
C ASN J 73 -21.63 -44.48 -43.96
N TYR J 74 -22.05 -44.28 -45.22
CA TYR J 74 -23.34 -43.68 -45.54
C TYR J 74 -23.87 -44.44 -46.75
N ARG J 75 -24.61 -45.51 -46.49
CA ARG J 75 -24.94 -46.45 -47.55
C ARG J 75 -26.02 -45.85 -48.44
N VAL J 76 -25.66 -45.57 -49.68
CA VAL J 76 -26.58 -44.98 -50.64
C VAL J 76 -27.52 -46.10 -51.09
N GLU J 77 -28.68 -46.19 -50.43
CA GLU J 77 -29.65 -47.21 -50.76
C GLU J 77 -30.53 -46.79 -51.93
N CYS J 78 -31.28 -45.72 -51.76
CA CYS J 78 -32.17 -45.21 -52.79
C CYS J 78 -31.39 -44.26 -53.70
N GLU J 79 -32.13 -43.53 -54.54
CA GLU J 79 -31.54 -42.55 -55.45
C GLU J 79 -31.43 -41.17 -54.81
N GLY J 80 -32.21 -40.91 -53.76
CA GLY J 80 -32.45 -39.54 -53.35
C GLY J 80 -31.19 -38.80 -52.91
N GLN J 81 -30.23 -39.53 -52.33
CA GLN J 81 -29.06 -38.91 -51.72
C GLN J 81 -27.75 -39.28 -52.39
N MET J 82 -27.79 -40.13 -53.42
CA MET J 82 -26.68 -40.16 -54.36
C MET J 82 -26.33 -38.75 -54.80
N ASN J 83 -27.36 -37.97 -55.11
CA ASN J 83 -27.16 -36.58 -55.46
C ASN J 83 -26.75 -35.76 -54.25
N ALA J 84 -27.20 -36.11 -53.05
CA ALA J 84 -26.75 -35.41 -51.85
C ALA J 84 -25.24 -35.49 -51.71
N LEU J 85 -24.67 -36.69 -51.88
CA LEU J 85 -23.23 -36.82 -51.85
C LEU J 85 -22.60 -36.06 -53.00
N SER J 86 -23.14 -36.24 -54.21
CA SER J 86 -22.58 -35.58 -55.37
C SER J 86 -22.63 -34.06 -55.25
N LYS J 87 -23.44 -33.53 -54.35
CA LYS J 87 -23.45 -32.12 -54.01
C LYS J 87 -22.46 -31.78 -52.90
N ALA J 88 -22.48 -32.56 -51.82
CA ALA J 88 -21.67 -32.22 -50.65
C ALA J 88 -20.18 -32.39 -50.93
N ARG J 89 -19.81 -33.43 -51.66
CA ARG J 89 -18.42 -33.62 -52.05
C ARG J 89 -17.90 -32.39 -52.77
N GLN J 90 -18.57 -31.99 -53.85
CA GLN J 90 -18.11 -30.83 -54.60
C GLN J 90 -18.28 -29.55 -53.80
N TYR J 91 -19.12 -29.55 -52.77
CA TYR J 91 -19.16 -28.40 -51.87
C TYR J 91 -17.85 -28.28 -51.15
N VAL J 92 -17.30 -29.41 -50.70
CA VAL J 92 -15.99 -29.37 -50.08
C VAL J 92 -14.93 -29.00 -51.11
N GLU J 93 -15.06 -29.51 -52.33
CA GLU J 93 -14.03 -29.31 -53.33
C GLU J 93 -13.91 -27.83 -53.70
N GLU J 94 -15.03 -27.14 -53.77
CA GLU J 94 -15.05 -25.71 -54.08
C GLU J 94 -14.90 -24.84 -52.84
N PHE J 95 -14.60 -25.45 -51.69
CA PHE J 95 -14.77 -24.75 -50.43
C PHE J 95 -13.76 -23.64 -50.23
N ASP J 96 -12.55 -23.78 -50.78
CA ASP J 96 -11.43 -22.94 -50.38
C ASP J 96 -11.66 -21.46 -50.69
N GLY J 97 -11.88 -20.68 -49.64
CA GLY J 97 -12.15 -19.26 -49.77
C GLY J 97 -13.35 -18.96 -50.63
N ASN J 98 -14.54 -19.31 -50.16
CA ASN J 98 -15.76 -19.22 -50.96
C ASN J 98 -16.92 -18.81 -50.07
N ILE J 99 -17.92 -18.21 -50.72
CA ILE J 99 -19.15 -17.77 -50.07
C ILE J 99 -20.28 -18.68 -50.50
N ALA J 100 -20.52 -19.74 -49.73
CA ALA J 100 -21.58 -20.68 -50.07
C ALA J 100 -21.92 -21.44 -48.82
N SER J 101 -23.12 -21.23 -48.30
CA SER J 101 -23.64 -21.96 -47.16
C SER J 101 -24.60 -23.02 -47.64
N PHE J 102 -25.00 -23.88 -46.70
CA PHE J 102 -25.83 -25.02 -47.01
C PHE J 102 -26.88 -25.22 -45.94
N ILE J 103 -28.10 -25.52 -46.38
CA ILE J 103 -29.16 -26.00 -45.52
C ILE J 103 -29.49 -27.42 -45.90
N PHE J 104 -29.74 -28.24 -44.88
CA PHE J 104 -30.35 -29.54 -45.03
C PHE J 104 -31.65 -29.53 -44.25
N SER J 105 -32.74 -29.91 -44.92
CA SER J 105 -34.05 -29.94 -44.29
C SER J 105 -34.82 -31.15 -44.76
N GLY J 106 -35.78 -31.53 -43.94
CA GLY J 106 -36.62 -32.67 -44.23
C GLY J 106 -36.88 -33.55 -43.03
N LYS J 107 -36.93 -34.83 -43.28
CA LYS J 107 -37.48 -35.83 -42.39
C LYS J 107 -36.36 -36.56 -41.65
N PRO J 108 -36.49 -36.83 -40.35
CA PRO J 108 -35.34 -37.31 -39.58
C PRO J 108 -34.89 -38.71 -39.94
N GLY J 109 -33.83 -39.16 -39.31
CA GLY J 109 -33.31 -40.49 -39.54
C GLY J 109 -32.59 -40.67 -40.85
N THR J 110 -32.41 -39.61 -41.62
CA THR J 110 -31.77 -39.66 -42.91
C THR J 110 -30.32 -39.22 -42.88
N GLY J 111 -29.82 -38.83 -41.73
CA GLY J 111 -28.41 -38.52 -41.63
C GLY J 111 -28.05 -37.09 -41.97
N LYS J 112 -28.65 -36.16 -41.24
CA LYS J 112 -28.29 -34.76 -41.42
C LYS J 112 -26.98 -34.46 -40.72
N ASN J 113 -26.97 -34.60 -39.40
CA ASN J 113 -25.76 -34.40 -38.61
C ASN J 113 -24.66 -35.36 -39.04
N HIS J 114 -25.02 -36.51 -39.60
CA HIS J 114 -24.03 -37.45 -40.10
C HIS J 114 -23.15 -36.81 -41.17
N LEU J 115 -23.78 -36.30 -42.23
CA LEU J 115 -23.02 -35.68 -43.29
C LEU J 115 -22.34 -34.42 -42.79
N ALA J 116 -22.98 -33.71 -41.87
CA ALA J 116 -22.32 -32.57 -41.25
C ALA J 116 -21.01 -32.97 -40.62
N ALA J 117 -21.00 -34.10 -39.91
CA ALA J 117 -19.82 -34.51 -39.18
C ALA J 117 -18.73 -35.01 -40.11
N ALA J 118 -19.10 -35.78 -41.13
CA ALA J 118 -18.09 -36.23 -42.08
C ALA J 118 -17.46 -35.04 -42.79
N ILE J 119 -18.26 -34.05 -43.15
CA ILE J 119 -17.73 -32.83 -43.76
C ILE J 119 -16.74 -32.18 -42.81
N CYS J 120 -17.16 -31.97 -41.56
CA CYS J 120 -16.31 -31.30 -40.59
C CYS J 120 -14.98 -32.02 -40.45
N ASN J 121 -14.99 -33.35 -40.43
CA ASN J 121 -13.74 -34.07 -40.24
C ASN J 121 -12.83 -33.93 -41.45
N GLU J 122 -13.40 -34.00 -42.66
CA GLU J 122 -12.58 -33.78 -43.84
C GLU J 122 -11.96 -32.39 -43.82
N LEU J 123 -12.72 -31.40 -43.37
CA LEU J 123 -12.20 -30.04 -43.34
C LEU J 123 -11.13 -29.89 -42.27
N LEU J 124 -11.23 -30.65 -41.19
CA LEU J 124 -10.16 -30.63 -40.18
C LEU J 124 -8.87 -31.17 -40.77
N LEU J 125 -8.96 -32.31 -41.45
CA LEU J 125 -7.77 -32.85 -42.07
C LEU J 125 -7.22 -31.92 -43.14
N ARG J 126 -8.07 -31.13 -43.79
CA ARG J 126 -7.57 -30.05 -44.62
C ARG J 126 -6.82 -29.01 -43.78
N GLY J 127 -7.23 -28.85 -42.52
CA GLY J 127 -6.54 -27.97 -41.60
C GLY J 127 -7.24 -26.67 -41.29
N LYS J 128 -8.56 -26.72 -41.11
CA LYS J 128 -9.37 -25.58 -40.72
C LYS J 128 -9.90 -25.79 -39.31
N SER J 129 -10.69 -24.81 -38.85
CA SER J 129 -11.32 -24.83 -37.54
C SER J 129 -12.83 -24.76 -37.71
N VAL J 130 -13.56 -25.55 -36.91
CA VAL J 130 -14.98 -25.76 -37.08
C VAL J 130 -15.67 -25.74 -35.72
N LEU J 131 -16.98 -25.82 -35.76
CA LEU J 131 -17.80 -25.98 -34.56
C LEU J 131 -19.16 -26.50 -34.96
N ILE J 132 -19.72 -27.38 -34.13
CA ILE J 132 -21.15 -27.65 -34.15
C ILE J 132 -21.68 -27.46 -32.74
N ILE J 133 -22.97 -27.18 -32.67
CA ILE J 133 -23.62 -26.77 -31.43
C ILE J 133 -25.00 -27.40 -31.32
N THR J 134 -25.71 -27.00 -30.28
CA THR J 134 -27.16 -27.14 -30.18
C THR J 134 -27.64 -25.83 -29.59
N VAL J 135 -28.49 -25.11 -30.33
CA VAL J 135 -28.74 -23.68 -30.13
C VAL J 135 -28.98 -23.28 -28.68
N ALA J 136 -29.54 -24.19 -27.89
CA ALA J 136 -29.68 -23.94 -26.46
C ALA J 136 -28.34 -23.73 -25.79
N ASP J 137 -27.27 -24.28 -26.36
CA ASP J 137 -25.94 -23.98 -25.86
C ASP J 137 -25.58 -22.51 -26.09
N ILE J 138 -26.00 -21.93 -27.22
CA ILE J 138 -25.79 -20.50 -27.42
C ILE J 138 -26.56 -19.73 -26.37
N MET J 139 -27.79 -20.16 -26.10
CA MET J 139 -28.58 -19.52 -25.05
C MET J 139 -27.84 -19.55 -23.73
N SER J 140 -27.35 -20.72 -23.34
CA SER J 140 -26.65 -20.86 -22.07
C SER J 140 -25.35 -20.06 -22.06
N ALA J 141 -24.69 -19.93 -23.21
CA ALA J 141 -23.47 -19.13 -23.26
C ALA J 141 -23.77 -17.66 -23.05
N MET J 142 -24.88 -17.18 -23.61
CA MET J 142 -25.27 -15.80 -23.35
C MET J 142 -25.60 -15.60 -21.89
N LYS J 143 -26.27 -16.59 -21.27
CA LYS J 143 -26.50 -16.53 -19.83
C LYS J 143 -25.19 -16.46 -19.06
N ASP J 144 -24.20 -17.23 -19.50
CA ASP J 144 -22.92 -17.29 -18.79
C ASP J 144 -22.18 -15.95 -18.89
N THR J 145 -22.24 -15.30 -20.05
CA THR J 145 -21.48 -14.07 -20.24
C THR J 145 -21.89 -12.97 -19.26
N PHE J 146 -23.10 -13.04 -18.71
CA PHE J 146 -23.49 -12.10 -17.66
C PHE J 146 -22.58 -12.22 -16.44
N ARG J 147 -22.06 -13.41 -16.17
CA ARG J 147 -21.18 -13.65 -15.04
C ARG J 147 -19.90 -12.81 -15.18
N GLU J 154 -17.74 -14.12 -22.94
CA GLU J 154 -17.76 -13.58 -24.29
C GLU J 154 -16.84 -14.38 -25.23
N GLN J 155 -15.98 -15.24 -24.65
CA GLN J 155 -15.01 -15.99 -25.43
C GLN J 155 -15.66 -16.78 -26.56
N LEU J 156 -16.86 -17.32 -26.31
CA LEU J 156 -17.53 -18.11 -27.33
C LEU J 156 -17.98 -17.23 -28.48
N LEU J 157 -18.64 -16.12 -28.16
CA LEU J 157 -19.04 -15.19 -29.20
C LEU J 157 -17.81 -14.63 -29.92
N ASN J 158 -16.75 -14.38 -29.16
CA ASN J 158 -15.48 -13.97 -29.74
C ASN J 158 -14.98 -15.00 -30.75
N ASP J 159 -15.27 -16.28 -30.52
CA ASP J 159 -14.83 -17.31 -31.44
C ASP J 159 -15.72 -17.39 -32.67
N LEU J 160 -17.04 -17.34 -32.48
CA LEU J 160 -17.97 -17.60 -33.56
C LEU J 160 -17.78 -16.65 -34.74
N SER J 161 -17.30 -15.46 -34.47
CA SER J 161 -17.11 -14.50 -35.55
C SER J 161 -15.91 -14.80 -36.43
N ASN J 162 -15.16 -15.88 -36.17
CA ASN J 162 -13.86 -16.08 -36.81
C ASN J 162 -13.58 -17.53 -37.18
N VAL J 163 -14.53 -18.44 -37.02
CA VAL J 163 -14.31 -19.83 -37.39
C VAL J 163 -14.40 -19.98 -38.91
N ASP J 164 -13.75 -21.02 -39.43
CA ASP J 164 -13.81 -21.31 -40.86
C ASP J 164 -15.14 -21.90 -41.29
N LEU J 165 -16.10 -22.07 -40.39
CA LEU J 165 -17.38 -22.70 -40.68
C LEU J 165 -18.20 -22.67 -39.41
N LEU J 166 -19.51 -22.81 -39.57
CA LEU J 166 -20.38 -23.12 -38.45
C LEU J 166 -21.66 -23.75 -38.98
N VAL J 167 -22.13 -24.76 -38.24
CA VAL J 167 -23.44 -25.34 -38.47
C VAL J 167 -24.27 -25.11 -37.22
N ILE J 168 -25.56 -25.35 -37.36
CA ILE J 168 -26.52 -25.16 -36.30
C ILE J 168 -27.45 -26.36 -36.31
N ASP J 169 -27.90 -26.75 -35.12
CA ASP J 169 -28.74 -27.92 -34.96
C ASP J 169 -29.86 -27.61 -33.98
N GLU J 170 -30.98 -28.31 -34.14
CA GLU J 170 -32.19 -28.06 -33.36
C GLU J 170 -32.65 -26.62 -33.53
N ILE J 171 -32.80 -26.21 -34.78
CA ILE J 171 -33.14 -24.82 -35.05
C ILE J 171 -34.63 -24.56 -34.86
N GLY J 172 -35.47 -25.57 -35.05
CA GLY J 172 -36.89 -25.32 -35.06
C GLY J 172 -37.51 -25.15 -33.69
N VAL J 173 -37.46 -26.20 -32.90
CA VAL J 173 -38.21 -26.26 -31.65
C VAL J 173 -37.54 -25.40 -30.59
N GLN J 174 -38.36 -24.64 -29.88
CA GLN J 174 -37.95 -23.76 -28.81
C GLN J 174 -39.23 -23.18 -28.20
N THR J 175 -39.21 -22.92 -26.90
CA THR J 175 -40.42 -22.50 -26.19
C THR J 175 -40.97 -21.21 -26.75
N GLU J 176 -40.20 -20.14 -26.55
CA GLU J 176 -40.58 -18.78 -26.91
C GLU J 176 -39.59 -18.34 -27.97
N SER J 177 -40.02 -18.35 -29.22
CA SER J 177 -39.19 -17.86 -30.29
C SER J 177 -39.12 -16.34 -30.21
N LYS J 178 -38.55 -15.73 -31.24
CA LYS J 178 -38.29 -14.31 -31.41
C LYS J 178 -37.09 -13.83 -30.60
N TYR J 179 -36.56 -14.65 -29.70
CA TYR J 179 -35.23 -14.39 -29.17
C TYR J 179 -34.19 -15.07 -30.06
N GLU J 180 -34.45 -16.34 -30.39
CA GLU J 180 -33.61 -17.07 -31.34
C GLU J 180 -33.44 -16.31 -32.63
N LYS J 181 -34.49 -15.62 -33.07
CA LYS J 181 -34.46 -14.90 -34.34
C LYS J 181 -33.46 -13.75 -34.27
N VAL J 182 -33.47 -12.98 -33.20
CA VAL J 182 -32.54 -11.85 -33.12
C VAL J 182 -31.12 -12.37 -32.94
N ILE J 183 -30.96 -13.47 -32.19
CA ILE J 183 -29.63 -14.06 -32.02
C ILE J 183 -29.05 -14.43 -33.38
N ILE J 184 -29.79 -15.21 -34.15
CA ILE J 184 -29.26 -15.71 -35.40
C ILE J 184 -29.06 -14.59 -36.40
N ASN J 185 -29.89 -13.55 -36.38
CA ASN J 185 -29.63 -12.42 -37.27
C ASN J 185 -28.33 -11.73 -36.91
N GLN J 186 -28.14 -11.45 -35.62
CA GLN J 186 -26.87 -10.89 -35.12
C GLN J 186 -25.68 -11.70 -35.62
N ILE J 187 -25.73 -13.01 -35.39
CA ILE J 187 -24.65 -13.91 -35.78
C ILE J 187 -24.39 -13.82 -37.27
N VAL J 188 -25.43 -14.01 -38.08
CA VAL J 188 -25.20 -14.19 -39.50
C VAL J 188 -24.80 -12.87 -40.14
N ASP J 189 -25.21 -11.73 -39.58
CA ASP J 189 -24.68 -10.48 -40.09
C ASP J 189 -23.19 -10.37 -39.80
N ARG J 190 -22.79 -10.63 -38.55
CA ARG J 190 -21.37 -10.58 -38.23
C ARG J 190 -20.56 -11.56 -39.07
N ARG J 191 -21.19 -12.64 -39.53
CA ARG J 191 -20.48 -13.68 -40.26
C ARG J 191 -20.39 -13.37 -41.75
N SER J 192 -21.53 -13.22 -42.40
CA SER J 192 -21.54 -12.90 -43.82
C SER J 192 -20.81 -11.60 -44.11
N SER J 193 -20.80 -10.69 -43.13
CA SER J 193 -19.88 -9.57 -43.16
C SER J 193 -18.47 -10.02 -43.50
N SER J 194 -17.96 -11.01 -42.76
CA SER J 194 -16.56 -11.39 -42.78
C SER J 194 -16.18 -12.29 -43.94
N LYS J 195 -17.04 -12.43 -44.95
CA LYS J 195 -16.79 -13.30 -46.09
C LYS J 195 -16.56 -14.73 -45.62
N ARG J 196 -17.57 -15.27 -44.97
CA ARG J 196 -17.50 -16.61 -44.38
C ARG J 196 -18.81 -17.33 -44.63
N PRO J 197 -18.79 -18.66 -44.64
CA PRO J 197 -20.02 -19.43 -44.72
C PRO J 197 -20.55 -19.82 -43.34
N THR J 198 -21.73 -20.40 -43.35
CA THR J 198 -22.28 -21.07 -42.18
C THR J 198 -23.08 -22.27 -42.66
N GLY J 199 -23.81 -22.88 -41.73
CA GLY J 199 -24.62 -24.04 -42.04
C GLY J 199 -25.81 -24.12 -41.12
N MET J 200 -26.82 -24.84 -41.58
CA MET J 200 -28.03 -25.07 -40.79
C MET J 200 -28.54 -26.46 -41.03
N LEU J 201 -29.27 -26.95 -40.03
CA LEU J 201 -29.97 -28.21 -40.07
C LEU J 201 -31.33 -27.99 -39.44
N THR J 202 -32.30 -28.82 -39.79
CA THR J 202 -33.66 -28.56 -39.34
C THR J 202 -34.53 -29.77 -39.60
N ASN J 203 -35.81 -29.61 -39.26
CA ASN J 203 -36.87 -30.57 -39.52
C ASN J 203 -38.08 -29.85 -40.09
N SER J 204 -37.84 -28.86 -40.94
CA SER J 204 -38.93 -28.01 -41.40
C SER J 204 -38.57 -27.36 -42.73
N ASN J 205 -39.61 -26.91 -43.43
CA ASN J 205 -39.51 -26.41 -44.79
C ASN J 205 -39.24 -24.90 -44.79
N MET J 206 -38.75 -24.40 -45.93
CA MET J 206 -38.26 -23.03 -46.00
C MET J 206 -39.36 -22.01 -45.73
N GLU J 207 -40.58 -22.29 -46.16
CA GLU J 207 -41.67 -21.36 -45.89
C GLU J 207 -42.11 -21.46 -44.45
N GLU J 208 -42.18 -22.68 -43.92
CA GLU J 208 -42.36 -22.89 -42.49
C GLU J 208 -41.21 -22.30 -41.69
N MET J 209 -40.05 -22.15 -42.33
CA MET J 209 -38.86 -21.63 -41.70
C MET J 209 -38.80 -20.11 -41.71
N THR J 210 -39.43 -19.49 -42.70
CA THR J 210 -39.16 -18.10 -43.02
C THR J 210 -39.83 -17.12 -42.06
N LYS J 211 -40.93 -17.52 -41.40
CA LYS J 211 -41.49 -16.62 -40.40
C LYS J 211 -40.65 -16.64 -39.14
N LEU J 212 -40.13 -17.81 -38.76
CA LEU J 212 -39.15 -17.86 -37.69
C LEU J 212 -37.91 -17.07 -38.05
N LEU J 213 -37.49 -17.19 -39.30
CA LEU J 213 -36.23 -16.66 -39.78
C LEU J 213 -36.58 -15.71 -40.93
N GLY J 214 -36.66 -14.41 -40.62
CA GLY J 214 -37.08 -13.40 -41.57
C GLY J 214 -36.42 -13.49 -42.92
N GLU J 215 -37.07 -12.92 -43.94
CA GLU J 215 -36.62 -13.07 -45.32
C GLU J 215 -35.18 -12.59 -45.49
N ARG J 216 -34.75 -11.62 -44.67
CA ARG J 216 -33.42 -11.07 -44.82
C ARG J 216 -32.34 -12.12 -44.56
N VAL J 217 -32.52 -12.95 -43.54
CA VAL J 217 -31.51 -13.93 -43.18
C VAL J 217 -31.31 -14.91 -44.32
N MET J 218 -32.40 -15.53 -44.75
CA MET J 218 -32.35 -16.47 -45.86
C MET J 218 -31.87 -15.80 -47.14
N ASP J 219 -32.02 -14.48 -47.24
CA ASP J 219 -31.38 -13.77 -48.34
C ASP J 219 -29.87 -13.76 -48.15
N ARG J 220 -29.41 -13.47 -46.93
CA ARG J 220 -27.98 -13.49 -46.62
C ARG J 220 -27.36 -14.86 -46.75
N MET J 221 -28.16 -15.89 -46.81
CA MET J 221 -27.64 -17.23 -47.01
C MET J 221 -27.61 -17.62 -48.48
N ARG J 222 -28.42 -16.99 -49.30
CA ARG J 222 -28.61 -17.41 -50.69
C ARG J 222 -27.58 -16.73 -51.60
N LEU J 223 -26.30 -16.99 -51.32
CA LEU J 223 -25.19 -16.38 -52.04
C LEU J 223 -24.47 -17.40 -52.90
N GLY J 224 -23.65 -16.86 -53.81
CA GLY J 224 -22.83 -17.69 -54.67
C GLY J 224 -23.65 -18.65 -55.47
N ASN J 225 -23.10 -19.85 -55.66
CA ASN J 225 -23.85 -20.97 -56.21
C ASN J 225 -24.35 -21.77 -55.01
N SER J 226 -25.40 -21.24 -54.39
CA SER J 226 -25.87 -21.73 -53.12
C SER J 226 -26.37 -23.15 -53.21
N LEU J 227 -26.82 -23.68 -52.08
CA LEU J 227 -27.08 -25.11 -51.93
C LEU J 227 -28.29 -25.28 -51.03
N TRP J 228 -29.43 -25.61 -51.64
CA TRP J 228 -30.61 -26.06 -50.91
C TRP J 228 -30.76 -27.55 -51.12
N VAL J 229 -31.13 -28.25 -50.06
CA VAL J 229 -31.29 -29.69 -50.07
C VAL J 229 -32.63 -30.03 -49.42
N ILE J 230 -33.18 -31.17 -49.81
CA ILE J 230 -34.44 -31.65 -49.27
C ILE J 230 -34.31 -33.14 -49.06
N PHE J 231 -34.66 -33.60 -47.87
CA PHE J 231 -34.63 -35.02 -47.50
C PHE J 231 -36.05 -35.55 -47.42
N ASN J 232 -36.22 -36.78 -47.91
CA ASN J 232 -37.51 -37.47 -47.85
C ASN J 232 -37.39 -38.94 -47.49
N TRP J 233 -36.18 -39.46 -47.33
CA TRP J 233 -35.98 -40.87 -47.07
C TRP J 233 -36.66 -41.30 -45.78
N ASP J 234 -36.84 -42.61 -45.66
CA ASP J 234 -37.30 -43.20 -44.42
C ASP J 234 -36.21 -43.11 -43.35
N SER J 235 -36.64 -43.29 -42.11
CA SER J 235 -35.71 -43.32 -40.99
C SER J 235 -34.76 -44.51 -41.11
N TYR J 236 -33.76 -44.53 -40.24
CA TYR J 236 -32.76 -45.59 -40.23
C TYR J 236 -32.41 -46.11 -38.85
N ARG J 237 -32.77 -45.41 -37.77
CA ARG J 237 -32.26 -45.74 -36.45
C ARG J 237 -32.63 -47.15 -36.00
N SER J 238 -33.66 -47.76 -36.57
CA SER J 238 -34.10 -49.08 -36.12
C SER J 238 -33.02 -50.13 -36.29
N ARG J 239 -32.13 -49.93 -37.26
CA ARG J 239 -31.13 -50.93 -37.61
C ARG J 239 -29.79 -50.71 -36.92
N VAL J 240 -29.40 -49.46 -36.71
CA VAL J 240 -28.07 -49.16 -36.22
C VAL J 240 -27.87 -49.71 -34.81
N THR J 241 -26.62 -49.94 -34.44
CA THR J 241 -26.23 -50.52 -33.17
C THR J 241 -25.42 -49.57 -32.31
N GLY J 242 -24.42 -48.91 -32.89
CA GLY J 242 -23.47 -48.10 -32.15
C GLY J 242 -22.09 -48.71 -32.08
N LYS J 243 -21.60 -49.24 -33.19
CA LYS J 243 -20.23 -49.72 -33.28
C LYS J 243 -19.24 -48.59 -33.04
N MET K 1 52.12 5.30 -29.52
CA MET K 1 52.24 3.94 -30.09
C MET K 1 52.21 4.02 -31.62
N LYS K 2 51.26 4.78 -32.15
CA LYS K 2 51.25 5.15 -33.55
C LYS K 2 50.55 6.50 -33.66
N ASN K 3 51.08 7.37 -34.52
CA ASN K 3 50.65 8.76 -34.62
C ASN K 3 49.77 8.97 -35.86
N VAL K 4 49.43 10.23 -36.13
CA VAL K 4 48.28 10.56 -36.99
C VAL K 4 48.50 10.06 -38.40
N GLY K 5 49.53 10.56 -39.09
CA GLY K 5 49.75 10.18 -40.48
C GLY K 5 49.90 8.67 -40.63
N ASP K 6 50.62 8.05 -39.69
CA ASP K 6 50.79 6.61 -39.74
C ASP K 6 49.50 5.90 -39.38
N LEU K 7 48.71 6.47 -38.47
CA LEU K 7 47.40 5.91 -38.15
C LEU K 7 46.49 5.92 -39.38
N MET K 8 46.45 7.04 -40.08
CA MET K 8 45.61 7.18 -41.26
C MET K 8 46.06 6.21 -42.35
N GLN K 9 47.37 6.17 -42.62
CA GLN K 9 47.89 5.20 -43.58
C GLN K 9 47.63 3.77 -43.12
N ARG K 10 47.56 3.53 -41.81
CA ARG K 10 47.28 2.19 -41.31
C ARG K 10 45.86 1.80 -41.65
N LEU K 11 44.91 2.68 -41.37
CA LEU K 11 43.53 2.43 -41.72
C LEU K 11 43.36 2.30 -43.23
N GLN K 12 44.18 3.00 -44.00
CA GLN K 12 44.05 3.03 -45.46
C GLN K 12 44.26 1.66 -46.09
N LYS K 13 44.87 0.72 -45.37
CA LYS K 13 45.02 -0.63 -45.91
C LYS K 13 43.66 -1.31 -46.08
N MET K 14 42.67 -0.92 -45.27
CA MET K 14 41.36 -1.54 -45.33
C MET K 14 40.55 -1.16 -46.55
N MET K 15 40.96 -0.12 -47.28
CA MET K 15 40.17 0.46 -48.35
C MET K 15 40.90 0.40 -49.67
N PRO K 16 40.21 0.60 -50.80
CA PRO K 16 40.91 0.99 -52.02
C PRO K 16 41.23 2.48 -52.00
N ALA K 17 42.14 2.87 -52.88
CA ALA K 17 42.51 4.27 -52.99
C ALA K 17 41.53 4.98 -53.91
N HIS K 18 41.78 6.28 -54.13
CA HIS K 18 40.86 7.14 -54.87
C HIS K 18 39.47 7.09 -54.26
N ILE K 19 39.41 7.50 -53.00
CA ILE K 19 38.20 7.41 -52.18
C ILE K 19 37.97 8.73 -51.46
N LYS K 20 38.68 9.78 -51.89
CA LYS K 20 38.91 10.97 -51.08
C LYS K 20 37.63 11.57 -50.52
N PRO K 21 37.69 12.20 -49.34
CA PRO K 21 36.44 12.72 -48.75
C PRO K 21 35.84 13.85 -49.53
N ALA K 22 36.66 14.70 -50.13
CA ALA K 22 36.23 15.93 -50.79
C ALA K 22 35.43 16.85 -49.86
N PHE K 23 35.61 16.71 -48.54
CA PHE K 23 34.99 17.58 -47.55
C PHE K 23 35.95 18.65 -47.06
N LYS K 24 37.15 18.26 -46.64
CA LYS K 24 38.31 19.11 -46.42
C LYS K 24 38.20 19.93 -45.13
N THR K 25 37.04 20.00 -44.48
CA THR K 25 36.86 20.86 -43.32
C THR K 25 35.49 20.67 -42.70
N GLY K 26 35.18 21.45 -41.66
CA GLY K 26 34.04 21.18 -40.81
C GLY K 26 32.72 21.82 -41.19
N GLU K 27 32.71 23.13 -41.38
CA GLU K 27 31.45 23.84 -41.61
C GLU K 27 30.76 23.34 -42.86
N GLU K 28 31.54 22.98 -43.88
CA GLU K 28 30.97 22.36 -45.07
C GLU K 28 30.26 21.06 -44.71
N LEU K 29 30.86 20.27 -43.83
CA LEU K 29 30.24 19.03 -43.39
C LEU K 29 28.93 19.32 -42.67
N LEU K 30 28.89 20.32 -41.81
CA LEU K 30 27.64 20.66 -41.14
C LEU K 30 26.56 21.08 -42.13
N ALA K 31 26.95 21.83 -43.16
CA ALA K 31 25.99 22.20 -44.19
C ALA K 31 25.40 20.96 -44.84
N TRP K 32 26.28 20.03 -45.18
CA TRP K 32 25.85 18.78 -45.79
C TRP K 32 24.90 18.01 -44.88
N GLN K 33 25.16 18.05 -43.58
CA GLN K 33 24.30 17.36 -42.63
C GLN K 33 22.93 18.00 -42.57
N LYS K 34 22.90 19.34 -42.55
CA LYS K 34 21.65 20.08 -42.57
C LYS K 34 20.80 19.65 -43.75
N GLU K 35 21.45 19.56 -44.92
CA GLU K 35 20.73 19.19 -46.14
C GLU K 35 20.14 17.78 -46.02
N GLN K 36 20.95 16.82 -45.59
CA GLN K 36 20.46 15.44 -45.52
C GLN K 36 19.32 15.32 -44.50
N GLY K 37 19.43 16.01 -43.38
CA GLY K 37 18.38 15.95 -42.38
C GLY K 37 17.07 16.50 -42.91
N ALA K 38 17.13 17.64 -43.58
CA ALA K 38 15.91 18.22 -44.11
C ALA K 38 15.35 17.41 -45.26
N ILE K 39 16.20 16.67 -45.99
CA ILE K 39 15.68 15.71 -46.95
C ILE K 39 14.83 14.68 -46.23
N ARG K 40 15.41 14.09 -45.20
CA ARG K 40 14.76 12.96 -44.55
C ARG K 40 13.44 13.35 -43.92
N SER K 41 13.38 14.54 -43.34
CA SER K 41 12.16 15.01 -42.67
C SER K 41 10.93 14.86 -43.55
N ALA K 42 11.09 15.07 -44.86
CA ALA K 42 9.95 15.04 -45.76
C ALA K 42 9.37 13.64 -45.89
N ALA K 43 10.20 12.66 -46.21
CA ALA K 43 9.71 11.28 -46.33
C ALA K 43 9.17 10.79 -45.00
N LEU K 44 9.77 11.25 -43.92
CA LEU K 44 9.25 10.93 -42.59
C LEU K 44 7.82 11.42 -42.44
N GLU K 45 7.57 12.67 -42.86
CA GLU K 45 6.22 13.22 -42.80
C GLU K 45 5.26 12.40 -43.66
N ARG K 46 5.71 11.99 -44.85
CA ARG K 46 4.88 11.16 -45.73
C ARG K 46 4.41 9.92 -45.00
N GLU K 47 5.35 9.20 -44.41
CA GLU K 47 5.01 7.95 -43.76
C GLU K 47 4.07 8.18 -42.58
N ASN K 48 4.28 9.27 -41.84
CA ASN K 48 3.36 9.62 -40.77
C ASN K 48 1.93 9.75 -41.27
N ARG K 49 1.74 10.61 -42.27
CA ARG K 49 0.40 10.86 -42.78
C ARG K 49 -0.26 9.58 -43.29
N ALA K 50 0.49 8.79 -44.06
CA ALA K 50 -0.09 7.58 -44.62
C ALA K 50 -0.50 6.59 -43.55
N MET K 51 0.34 6.41 -42.52
CA MET K 51 -0.04 5.46 -41.48
C MET K 51 -1.24 5.95 -40.69
N LYS K 52 -1.34 7.26 -40.49
CA LYS K 52 -2.54 7.80 -39.85
C LYS K 52 -3.79 7.46 -40.66
N MET K 53 -3.70 7.61 -41.98
CA MET K 53 -4.86 7.31 -42.81
C MET K 53 -5.19 5.82 -42.78
N GLN K 54 -4.17 4.97 -42.73
CA GLN K 54 -4.42 3.53 -42.57
C GLN K 54 -5.12 3.25 -41.26
N ARG K 55 -4.80 4.01 -40.22
CA ARG K 55 -5.52 3.84 -38.96
C ARG K 55 -6.98 4.25 -39.13
N THR K 56 -7.25 5.27 -39.94
CA THR K 56 -8.64 5.64 -40.21
C THR K 56 -9.39 4.48 -40.87
N PHE K 57 -8.77 3.87 -41.89
CA PHE K 57 -9.40 2.73 -42.54
C PHE K 57 -9.68 1.62 -41.53
N ASN K 58 -8.64 1.17 -40.83
CA ASN K 58 -8.77 0.02 -39.94
C ASN K 58 -9.46 0.35 -38.63
N ARG K 59 -9.92 1.59 -38.44
CA ARG K 59 -10.71 1.96 -37.28
C ARG K 59 -12.19 1.97 -37.60
N SER K 60 -12.55 2.30 -38.82
CA SER K 60 -13.94 2.21 -39.24
C SER K 60 -14.33 0.76 -39.35
N GLY K 61 -15.49 0.41 -38.82
CA GLY K 61 -15.92 -0.96 -38.79
C GLY K 61 -16.56 -1.44 -40.08
N ILE K 62 -16.05 -1.00 -41.23
CA ILE K 62 -16.52 -1.56 -42.49
C ILE K 62 -16.15 -3.02 -42.53
N ARG K 63 -16.99 -3.77 -42.98
CA ARG K 63 -16.78 -5.20 -43.07
C ARG K 63 -16.21 -5.56 -44.43
N PRO K 64 -15.43 -6.64 -44.51
CA PRO K 64 -14.61 -6.87 -45.72
C PRO K 64 -15.41 -6.98 -47.01
N LEU K 65 -16.58 -7.60 -46.98
CA LEU K 65 -17.33 -7.75 -48.22
C LEU K 65 -17.77 -6.41 -48.77
N HIS K 66 -18.02 -5.44 -47.90
CA HIS K 66 -18.36 -4.10 -48.30
C HIS K 66 -17.14 -3.18 -48.37
N GLN K 67 -15.95 -3.76 -48.46
CA GLN K 67 -14.71 -3.00 -48.42
C GLN K 67 -14.29 -2.54 -49.81
N ASN K 68 -14.19 -3.47 -50.77
CA ASN K 68 -13.86 -3.12 -52.14
C ASN K 68 -15.07 -2.49 -52.83
N CYS K 69 -15.54 -1.37 -52.30
CA CYS K 69 -16.86 -0.85 -52.62
C CYS K 69 -16.75 0.58 -53.12
N SER K 70 -17.41 0.85 -54.24
CA SER K 70 -17.42 2.19 -54.84
C SER K 70 -18.63 2.29 -55.75
N PHE K 71 -18.73 3.42 -56.44
CA PHE K 71 -19.85 3.68 -57.33
C PHE K 71 -19.74 2.97 -58.66
N GLU K 72 -18.55 2.46 -59.00
CA GLU K 72 -18.37 1.78 -60.27
C GLU K 72 -18.63 0.29 -60.16
N ASN K 73 -18.12 -0.36 -59.12
CA ASN K 73 -18.38 -1.80 -58.93
C ASN K 73 -19.83 -1.92 -58.48
N TYR K 74 -20.72 -1.78 -59.45
CA TYR K 74 -22.14 -1.56 -59.21
C TYR K 74 -22.82 -1.62 -60.56
N ARG K 75 -24.13 -1.91 -60.54
CA ARG K 75 -24.91 -2.04 -61.77
C ARG K 75 -26.27 -1.41 -61.57
N VAL K 76 -26.52 -0.32 -62.29
CA VAL K 76 -27.84 0.30 -62.34
C VAL K 76 -28.67 -0.43 -63.38
N GLU K 77 -29.87 -0.84 -63.00
CA GLU K 77 -30.78 -1.55 -63.90
C GLU K 77 -32.16 -0.92 -63.91
N CYS K 78 -32.57 -0.34 -62.79
CA CYS K 78 -33.88 0.26 -62.64
C CYS K 78 -33.74 1.64 -62.01
N GLU K 79 -34.88 2.34 -61.91
CA GLU K 79 -34.86 3.76 -61.61
C GLU K 79 -34.61 4.06 -60.15
N GLY K 80 -35.02 3.16 -59.25
CA GLY K 80 -34.98 3.42 -57.82
C GLY K 80 -33.60 3.79 -57.33
N GLN K 81 -32.68 2.83 -57.43
CA GLN K 81 -31.32 3.16 -57.00
C GLN K 81 -30.63 4.12 -57.95
N MET K 82 -31.08 4.24 -59.21
CA MET K 82 -30.50 5.26 -60.08
C MET K 82 -30.68 6.63 -59.46
N ASN K 83 -31.90 6.93 -59.02
CA ASN K 83 -32.13 8.15 -58.28
C ASN K 83 -31.36 8.15 -56.98
N ALA K 84 -31.23 6.98 -56.35
CA ALA K 84 -30.48 6.93 -55.10
C ALA K 84 -29.03 7.36 -55.28
N LEU K 85 -28.39 6.87 -56.35
CA LEU K 85 -27.03 7.28 -56.66
C LEU K 85 -26.97 8.75 -56.99
N SER K 86 -27.95 9.23 -57.75
CA SER K 86 -27.99 10.64 -58.08
C SER K 86 -28.10 11.50 -56.82
N LYS K 87 -28.67 10.95 -55.75
CA LYS K 87 -28.73 11.64 -54.47
C LYS K 87 -27.47 11.44 -53.66
N ALA K 88 -26.88 10.26 -53.73
CA ALA K 88 -25.77 9.91 -52.88
C ALA K 88 -24.49 10.65 -53.31
N ARG K 89 -24.27 10.73 -54.61
CA ARG K 89 -23.14 11.50 -55.11
C ARG K 89 -23.20 12.93 -54.60
N GLN K 90 -24.37 13.56 -54.68
CA GLN K 90 -24.47 14.95 -54.24
C GLN K 90 -24.47 15.05 -52.73
N TYR K 91 -24.83 13.99 -52.02
CA TYR K 91 -24.64 14.01 -50.57
C TYR K 91 -23.16 14.03 -50.23
N VAL K 92 -22.36 13.22 -50.93
CA VAL K 92 -20.90 13.28 -50.76
C VAL K 92 -20.40 14.68 -51.03
N GLU K 93 -20.68 15.17 -52.24
CA GLU K 93 -20.17 16.46 -52.67
C GLU K 93 -20.63 17.57 -51.73
N GLU K 94 -21.90 17.56 -51.34
CA GLU K 94 -22.44 18.51 -50.37
C GLU K 94 -22.41 17.97 -48.96
N PHE K 95 -21.42 17.14 -48.62
CA PHE K 95 -21.11 16.89 -47.22
C PHE K 95 -20.11 17.88 -46.68
N ASP K 96 -19.20 18.36 -47.54
CA ASP K 96 -18.15 19.27 -47.10
C ASP K 96 -18.77 20.56 -46.59
N GLY K 97 -18.69 20.77 -45.28
CA GLY K 97 -19.34 21.89 -44.65
C GLY K 97 -20.84 21.91 -44.90
N ASN K 98 -21.53 20.86 -44.44
CA ASN K 98 -22.97 20.80 -44.57
C ASN K 98 -23.51 19.86 -43.50
N ILE K 99 -24.68 20.23 -42.96
CA ILE K 99 -25.32 19.49 -41.89
C ILE K 99 -26.56 18.85 -42.49
N ALA K 100 -26.48 17.55 -42.77
CA ALA K 100 -27.56 16.85 -43.45
C ALA K 100 -27.48 15.39 -43.06
N SER K 101 -28.35 14.97 -42.17
CA SER K 101 -28.49 13.56 -41.87
C SER K 101 -29.22 12.87 -43.01
N PHE K 102 -29.47 11.58 -42.85
CA PHE K 102 -30.15 10.83 -43.88
C PHE K 102 -30.55 9.47 -43.36
N ILE K 103 -31.57 8.90 -44.00
CA ILE K 103 -32.00 7.53 -43.75
C ILE K 103 -32.11 6.82 -45.08
N PHE K 104 -31.67 5.57 -45.09
CA PHE K 104 -32.03 4.62 -46.12
C PHE K 104 -33.01 3.63 -45.53
N SER K 105 -33.73 2.94 -46.41
CA SER K 105 -34.82 2.08 -46.01
C SER K 105 -34.99 0.98 -47.02
N GLY K 106 -35.95 0.11 -46.75
CA GLY K 106 -36.48 -0.79 -47.74
C GLY K 106 -36.03 -2.23 -47.57
N LYS K 107 -36.37 -3.01 -48.57
CA LYS K 107 -36.14 -4.43 -48.58
C LYS K 107 -34.65 -4.73 -48.49
N PRO K 108 -34.28 -5.94 -48.05
CA PRO K 108 -32.88 -6.36 -48.21
C PRO K 108 -32.55 -6.74 -49.64
N GLY K 109 -31.29 -7.05 -49.87
CA GLY K 109 -30.82 -7.36 -51.20
C GLY K 109 -30.79 -6.18 -52.14
N THR K 110 -30.85 -4.96 -51.60
CA THR K 110 -31.00 -3.75 -52.40
C THR K 110 -29.74 -2.93 -52.55
N GLY K 111 -28.73 -3.16 -51.70
CA GLY K 111 -27.50 -2.40 -51.78
C GLY K 111 -27.51 -1.13 -50.96
N LYS K 112 -27.72 -1.27 -49.66
CA LYS K 112 -27.66 -0.14 -48.74
C LYS K 112 -26.25 0.06 -48.20
N ASN K 113 -25.75 -0.98 -47.50
CA ASN K 113 -24.41 -0.94 -46.95
C ASN K 113 -23.39 -0.70 -48.04
N HIS K 114 -23.68 -1.14 -49.26
CA HIS K 114 -22.87 -0.81 -50.41
C HIS K 114 -22.70 0.70 -50.55
N LEU K 115 -23.81 1.42 -50.57
CA LEU K 115 -23.74 2.86 -50.76
C LEU K 115 -23.05 3.54 -49.59
N ALA K 116 -23.38 3.13 -48.37
CA ALA K 116 -22.76 3.78 -47.21
C ALA K 116 -21.26 3.53 -47.19
N ALA K 117 -20.83 2.33 -47.59
CA ALA K 117 -19.41 2.02 -47.61
C ALA K 117 -18.69 2.83 -48.68
N ALA K 118 -19.27 2.96 -49.86
CA ALA K 118 -18.64 3.77 -50.90
C ALA K 118 -18.51 5.21 -50.44
N ILE K 119 -19.57 5.73 -49.82
CA ILE K 119 -19.55 7.07 -49.26
C ILE K 119 -18.37 7.22 -48.31
N CYS K 120 -18.26 6.31 -47.34
CA CYS K 120 -17.22 6.46 -46.34
C CYS K 120 -15.82 6.30 -46.94
N ASN K 121 -15.66 5.43 -47.94
CA ASN K 121 -14.39 5.34 -48.65
C ASN K 121 -14.00 6.70 -49.22
N GLU K 122 -14.93 7.34 -49.93
CA GLU K 122 -14.60 8.61 -50.56
C GLU K 122 -14.35 9.69 -49.51
N LEU K 123 -15.08 9.65 -48.40
CA LEU K 123 -14.85 10.67 -47.38
C LEU K 123 -13.54 10.44 -46.64
N LEU K 124 -13.02 9.22 -46.67
CA LEU K 124 -11.67 9.00 -46.18
C LEU K 124 -10.65 9.57 -47.15
N LEU K 125 -10.80 9.27 -48.45
CA LEU K 125 -9.83 9.76 -49.42
C LEU K 125 -9.83 11.28 -49.50
N ARG K 126 -10.96 11.91 -49.24
CA ARG K 126 -10.95 13.36 -49.09
C ARG K 126 -10.24 13.78 -47.81
N GLY K 127 -10.16 12.88 -46.83
CA GLY K 127 -9.37 13.11 -45.63
C GLY K 127 -10.18 13.46 -44.39
N LYS K 128 -11.32 12.80 -44.21
CA LYS K 128 -12.18 13.01 -43.06
C LYS K 128 -12.20 11.75 -42.19
N SER K 129 -12.80 11.90 -41.02
CA SER K 129 -13.00 10.82 -40.08
C SER K 129 -14.40 10.26 -40.21
N VAL K 130 -14.53 8.94 -40.09
CA VAL K 130 -15.78 8.23 -40.34
C VAL K 130 -15.91 7.09 -39.33
N LEU K 131 -17.04 6.41 -39.42
CA LEU K 131 -17.29 5.17 -38.70
C LEU K 131 -18.63 4.61 -39.16
N ILE K 132 -18.70 3.29 -39.26
CA ILE K 132 -19.98 2.57 -39.36
C ILE K 132 -19.93 1.40 -38.39
N ILE K 133 -21.06 1.14 -37.75
CA ILE K 133 -21.15 0.19 -36.65
C ILE K 133 -22.40 -0.65 -36.78
N THR K 134 -22.67 -1.44 -35.74
CA THR K 134 -23.93 -2.10 -35.55
C THR K 134 -24.37 -1.85 -34.11
N VAL K 135 -25.67 -1.64 -33.92
CA VAL K 135 -26.20 -1.25 -32.61
C VAL K 135 -25.82 -2.27 -31.54
N ALA K 136 -25.75 -3.55 -31.92
CA ALA K 136 -25.38 -4.58 -30.97
C ALA K 136 -23.96 -4.40 -30.48
N ASP K 137 -23.08 -3.82 -31.29
CA ASP K 137 -21.75 -3.53 -30.79
C ASP K 137 -21.79 -2.47 -29.69
N ILE K 138 -22.70 -1.51 -29.80
CA ILE K 138 -22.87 -0.55 -28.71
C ILE K 138 -23.42 -1.26 -27.48
N MET K 139 -24.37 -2.17 -27.67
CA MET K 139 -24.89 -2.96 -26.56
C MET K 139 -23.75 -3.65 -25.82
N SER K 140 -22.93 -4.40 -26.56
CA SER K 140 -21.84 -5.14 -25.96
C SER K 140 -20.80 -4.22 -25.34
N ALA K 141 -20.58 -3.04 -25.93
CA ALA K 141 -19.64 -2.10 -25.34
C ALA K 141 -20.16 -1.55 -24.02
N MET K 142 -21.47 -1.34 -23.92
CA MET K 142 -22.03 -0.91 -22.65
C MET K 142 -21.99 -2.04 -21.63
N LYS K 143 -22.03 -3.28 -22.09
CA LYS K 143 -21.85 -4.40 -21.16
C LYS K 143 -20.40 -4.44 -20.65
N ASP K 144 -19.44 -4.22 -21.53
CA ASP K 144 -18.04 -4.18 -21.12
C ASP K 144 -17.71 -2.91 -20.33
N THR K 145 -18.57 -1.89 -20.39
CA THR K 145 -18.40 -0.72 -19.55
C THR K 145 -18.45 -1.09 -18.07
N PHE K 146 -19.15 -2.18 -17.73
CA PHE K 146 -19.17 -2.70 -16.38
C PHE K 146 -17.82 -3.28 -15.95
N ARG K 147 -16.84 -3.35 -16.84
CA ARG K 147 -15.47 -3.68 -16.48
C ARG K 147 -14.96 -2.66 -15.47
N GLU K 154 -14.25 3.76 -22.99
CA GLU K 154 -14.45 5.19 -22.95
C GLU K 154 -14.14 5.79 -24.31
N GLN K 155 -13.13 5.22 -24.98
CA GLN K 155 -12.77 5.67 -26.32
C GLN K 155 -13.96 5.57 -27.26
N LEU K 156 -14.76 4.52 -27.09
CA LEU K 156 -15.90 4.28 -27.97
C LEU K 156 -16.94 5.39 -27.83
N LEU K 157 -17.49 5.56 -26.63
CA LEU K 157 -18.51 6.57 -26.40
C LEU K 157 -17.98 7.95 -26.77
N ASN K 158 -16.70 8.20 -26.50
CA ASN K 158 -16.11 9.48 -26.84
C ASN K 158 -16.12 9.70 -28.34
N ASP K 159 -15.82 8.66 -29.12
CA ASP K 159 -15.87 8.80 -30.57
C ASP K 159 -17.29 9.06 -31.03
N LEU K 160 -18.26 8.38 -30.43
CA LEU K 160 -19.61 8.42 -30.95
C LEU K 160 -20.29 9.78 -30.81
N SER K 161 -19.64 10.80 -30.25
CA SER K 161 -20.14 12.15 -30.29
C SER K 161 -19.07 13.12 -30.78
N ASN K 162 -18.13 12.63 -31.57
CA ASN K 162 -17.02 13.40 -32.09
C ASN K 162 -16.82 13.26 -33.59
N VAL K 163 -17.07 12.08 -34.15
CA VAL K 163 -16.78 11.83 -35.55
C VAL K 163 -17.68 12.69 -36.43
N ASP K 164 -17.16 13.08 -37.59
CA ASP K 164 -17.96 13.78 -38.58
C ASP K 164 -19.17 12.96 -38.96
N LEU K 165 -18.95 11.81 -39.57
CA LEU K 165 -20.01 10.95 -40.08
C LEU K 165 -20.20 9.74 -39.18
N LEU K 166 -21.41 9.21 -39.20
CA LEU K 166 -21.70 7.93 -38.59
C LEU K 166 -22.95 7.37 -39.23
N VAL K 167 -23.07 6.06 -39.21
CA VAL K 167 -24.29 5.37 -39.60
C VAL K 167 -24.46 4.18 -38.68
N ILE K 168 -25.64 3.59 -38.76
CA ILE K 168 -26.04 2.49 -37.90
C ILE K 168 -26.61 1.42 -38.81
N ASP K 169 -26.51 0.17 -38.37
CA ASP K 169 -27.04 -0.97 -39.09
C ASP K 169 -27.77 -1.86 -38.09
N GLU K 170 -28.75 -2.62 -38.57
CA GLU K 170 -29.57 -3.49 -37.75
C GLU K 170 -30.30 -2.69 -36.66
N ILE K 171 -31.22 -1.86 -37.11
CA ILE K 171 -31.94 -0.96 -36.21
C ILE K 171 -33.29 -1.53 -35.82
N GLY K 172 -33.94 -2.26 -36.72
CA GLY K 172 -35.30 -2.69 -36.43
C GLY K 172 -35.36 -3.81 -35.42
N VAL K 173 -34.43 -4.75 -35.50
CA VAL K 173 -34.36 -5.92 -34.62
C VAL K 173 -33.96 -5.49 -33.21
N GLN K 174 -33.88 -6.47 -32.31
CA GLN K 174 -33.89 -6.29 -30.85
C GLN K 174 -35.24 -5.78 -30.39
N THR K 175 -36.26 -6.62 -30.55
CA THR K 175 -37.58 -6.43 -29.97
C THR K 175 -37.64 -6.70 -28.48
N GLU K 176 -36.48 -6.80 -27.83
CA GLU K 176 -36.33 -6.68 -26.38
C GLU K 176 -36.07 -5.23 -26.01
N SER K 177 -36.77 -4.33 -26.69
CA SER K 177 -36.49 -2.91 -26.71
C SER K 177 -36.85 -2.30 -25.35
N LYS K 178 -36.93 -0.96 -25.31
CA LYS K 178 -36.89 -0.09 -24.13
C LYS K 178 -35.45 0.19 -23.71
N TYR K 179 -34.48 -0.18 -24.52
CA TYR K 179 -33.10 0.24 -24.31
C TYR K 179 -32.51 0.88 -25.55
N GLU K 180 -32.78 0.32 -26.73
CA GLU K 180 -32.33 0.93 -27.98
C GLU K 180 -32.82 2.36 -28.08
N LYS K 181 -34.02 2.62 -27.59
CA LYS K 181 -34.61 3.94 -27.70
C LYS K 181 -33.81 4.96 -26.91
N VAL K 182 -33.52 4.67 -25.64
CA VAL K 182 -32.79 5.63 -24.82
C VAL K 182 -31.39 5.85 -25.38
N ILE K 183 -30.75 4.76 -25.85
CA ILE K 183 -29.37 4.89 -26.35
C ILE K 183 -29.34 5.79 -27.58
N ILE K 184 -30.16 5.46 -28.58
CA ILE K 184 -30.12 6.22 -29.81
C ILE K 184 -30.53 7.66 -29.57
N ASN K 185 -31.44 7.90 -28.63
CA ASN K 185 -31.83 9.28 -28.34
C ASN K 185 -30.67 10.06 -27.77
N GLN K 186 -29.96 9.49 -26.79
CA GLN K 186 -28.81 10.15 -26.21
C GLN K 186 -27.77 10.49 -27.28
N ILE K 187 -27.48 9.51 -28.13
CA ILE K 187 -26.44 9.71 -29.15
C ILE K 187 -26.84 10.82 -30.09
N VAL K 188 -28.07 10.78 -30.59
CA VAL K 188 -28.46 11.78 -31.59
C VAL K 188 -28.58 13.15 -30.95
N ASP K 189 -28.91 13.20 -29.67
CA ASP K 189 -28.86 14.47 -28.94
C ASP K 189 -27.47 15.06 -29.02
N ARG K 190 -26.48 14.32 -28.49
CA ARG K 190 -25.14 14.86 -28.45
C ARG K 190 -24.58 15.13 -29.83
N ARG K 191 -25.09 14.45 -30.85
CA ARG K 191 -24.55 14.63 -32.19
C ARG K 191 -25.15 15.85 -32.86
N SER K 192 -26.46 15.82 -33.08
CA SER K 192 -27.10 16.88 -33.85
C SER K 192 -27.10 18.20 -33.09
N SER K 193 -27.14 18.14 -31.75
CA SER K 193 -26.93 19.35 -30.97
C SER K 193 -25.57 19.97 -31.29
N SER K 194 -24.58 19.14 -31.52
CA SER K 194 -23.22 19.59 -31.77
C SER K 194 -22.97 19.98 -33.22
N LYS K 195 -24.00 20.24 -34.01
CA LYS K 195 -23.87 20.58 -35.42
C LYS K 195 -23.08 19.52 -36.17
N ARG K 196 -23.65 18.32 -36.22
CA ARG K 196 -22.98 17.19 -36.83
C ARG K 196 -24.03 16.25 -37.40
N PRO K 197 -23.71 15.51 -38.48
CA PRO K 197 -24.65 14.52 -39.01
C PRO K 197 -24.48 13.11 -38.47
N THR K 198 -25.39 12.25 -38.89
CA THR K 198 -25.37 10.83 -38.61
C THR K 198 -26.04 10.13 -39.78
N GLY K 199 -26.44 8.89 -39.57
CA GLY K 199 -27.23 8.19 -40.57
C GLY K 199 -27.88 6.98 -39.94
N MET K 200 -28.68 6.30 -40.73
CA MET K 200 -29.29 5.06 -40.33
C MET K 200 -29.35 4.13 -41.53
N LEU K 201 -29.64 2.87 -41.24
CA LEU K 201 -29.92 1.88 -42.28
C LEU K 201 -31.01 0.97 -41.73
N THR K 202 -32.26 1.36 -41.95
CA THR K 202 -33.41 0.59 -41.53
C THR K 202 -33.97 -0.15 -42.74
N ASN K 203 -35.06 -0.89 -42.49
CA ASN K 203 -35.75 -1.59 -43.56
C ASN K 203 -37.27 -1.50 -43.37
N SER K 204 -37.75 -0.47 -42.69
CA SER K 204 -39.13 -0.37 -42.25
C SER K 204 -39.64 1.04 -42.49
N ASN K 205 -40.97 1.14 -42.63
CA ASN K 205 -41.61 2.44 -42.75
C ASN K 205 -41.37 3.26 -41.50
N MET K 206 -41.34 4.58 -41.67
CA MET K 206 -41.15 5.45 -40.52
C MET K 206 -42.35 5.36 -39.58
N GLU K 207 -43.55 5.16 -40.13
CA GLU K 207 -44.71 4.93 -39.30
C GLU K 207 -44.62 3.60 -38.58
N GLU K 208 -44.00 2.61 -39.23
CA GLU K 208 -43.68 1.34 -38.61
C GLU K 208 -42.53 1.44 -37.62
N MET K 209 -41.90 2.61 -37.54
CA MET K 209 -40.67 2.84 -36.80
C MET K 209 -40.85 3.77 -35.61
N THR K 210 -41.88 4.62 -35.66
CA THR K 210 -41.96 5.81 -34.84
C THR K 210 -42.23 5.54 -33.37
N LYS K 211 -42.62 4.32 -33.01
CA LYS K 211 -42.79 3.98 -31.60
C LYS K 211 -41.51 3.42 -30.99
N LEU K 212 -40.73 2.68 -31.78
CA LEU K 212 -39.38 2.36 -31.34
C LEU K 212 -38.53 3.62 -31.23
N LEU K 213 -38.76 4.56 -32.15
CA LEU K 213 -38.03 5.82 -32.24
C LEU K 213 -39.04 6.95 -32.14
N GLY K 214 -39.17 7.54 -30.95
CA GLY K 214 -40.10 8.62 -30.73
C GLY K 214 -39.98 9.73 -31.76
N GLU K 215 -41.06 10.47 -31.98
CA GLU K 215 -41.06 11.48 -33.03
C GLU K 215 -39.99 12.54 -32.81
N ARG K 216 -39.50 12.70 -31.58
CA ARG K 216 -38.44 13.67 -31.32
C ARG K 216 -37.19 13.35 -32.12
N VAL K 217 -36.87 12.06 -32.28
CA VAL K 217 -35.64 11.69 -32.95
C VAL K 217 -35.76 11.93 -34.44
N MET K 218 -36.81 11.42 -35.06
CA MET K 218 -37.05 11.69 -36.47
C MET K 218 -37.18 13.19 -36.73
N ASP K 219 -37.72 13.93 -35.77
CA ASP K 219 -37.74 15.39 -35.85
C ASP K 219 -36.33 15.94 -35.89
N ARG K 220 -35.46 15.43 -35.02
CA ARG K 220 -34.05 15.79 -35.01
C ARG K 220 -33.35 15.41 -36.30
N MET K 221 -33.88 14.44 -37.04
CA MET K 221 -33.22 14.03 -38.26
C MET K 221 -33.57 14.91 -39.43
N ARG K 222 -34.79 15.46 -39.46
CA ARG K 222 -35.28 16.19 -40.62
C ARG K 222 -34.85 17.66 -40.54
N LEU K 223 -33.56 17.90 -40.83
CA LEU K 223 -33.02 19.26 -40.91
C LEU K 223 -32.63 19.62 -42.32
N GLY K 224 -32.98 20.84 -42.71
CA GLY K 224 -32.58 21.35 -44.01
C GLY K 224 -33.25 20.56 -45.10
N ASN K 225 -32.45 20.14 -46.08
CA ASN K 225 -32.89 19.19 -47.09
C ASN K 225 -32.52 17.77 -46.66
N SER K 226 -32.95 17.41 -45.45
CA SER K 226 -32.69 16.08 -44.94
C SER K 226 -33.23 15.03 -45.89
N LEU K 227 -32.59 13.89 -45.87
CA LEU K 227 -32.53 13.01 -47.03
C LEU K 227 -33.14 11.66 -46.67
N TRP K 228 -34.39 11.47 -47.06
CA TRP K 228 -35.00 10.16 -47.06
C TRP K 228 -34.72 9.49 -48.39
N VAL K 229 -34.50 8.20 -48.34
CA VAL K 229 -34.41 7.36 -49.52
C VAL K 229 -35.34 6.20 -49.30
N ILE K 230 -35.83 5.62 -50.40
CA ILE K 230 -36.77 4.52 -50.36
C ILE K 230 -36.37 3.53 -51.43
N PHE K 231 -36.41 2.24 -51.07
CA PHE K 231 -35.94 1.17 -51.91
C PHE K 231 -37.02 0.13 -52.09
N ASN K 232 -37.11 -0.41 -53.31
CA ASN K 232 -38.09 -1.43 -53.64
C ASN K 232 -37.55 -2.49 -54.58
N TRP K 233 -36.26 -2.48 -54.90
CA TRP K 233 -35.66 -3.50 -55.76
C TRP K 233 -35.74 -4.88 -55.10
N ASP K 234 -35.26 -5.88 -55.82
CA ASP K 234 -35.17 -7.26 -55.35
C ASP K 234 -33.70 -7.64 -55.21
N SER K 235 -33.48 -8.87 -54.75
CA SER K 235 -32.17 -9.30 -54.30
C SER K 235 -31.17 -9.40 -55.44
N TYR K 236 -29.89 -9.44 -55.05
CA TYR K 236 -28.76 -9.64 -55.94
C TYR K 236 -27.84 -10.77 -55.49
N ARG K 237 -28.09 -11.37 -54.32
CA ARG K 237 -27.11 -12.26 -53.70
C ARG K 237 -26.77 -13.45 -54.58
N SER K 238 -27.75 -14.02 -55.27
CA SER K 238 -27.49 -15.22 -56.06
C SER K 238 -26.47 -15.01 -57.16
N ARG K 239 -26.19 -13.76 -57.52
CA ARG K 239 -25.24 -13.45 -58.57
C ARG K 239 -23.82 -13.23 -58.04
N VAL K 240 -23.68 -12.60 -56.87
CA VAL K 240 -22.34 -12.24 -56.40
C VAL K 240 -21.55 -13.50 -56.07
N THR K 241 -20.23 -13.41 -56.23
CA THR K 241 -19.33 -14.54 -56.03
C THR K 241 -18.09 -14.20 -55.23
N GLY K 242 -17.90 -12.95 -54.83
CA GLY K 242 -16.71 -12.56 -54.10
C GLY K 242 -15.61 -12.00 -54.98
N LYS K 243 -15.96 -10.98 -55.77
CA LYS K 243 -14.98 -10.24 -56.58
C LYS K 243 -14.73 -8.84 -56.02
N MET L 1 38.85 50.99 -16.84
CA MET L 1 39.52 50.84 -18.16
C MET L 1 39.46 52.15 -18.94
N LYS L 2 38.36 52.89 -18.77
CA LYS L 2 38.13 54.13 -19.48
C LYS L 2 37.40 55.09 -18.57
N ASN L 3 37.49 56.38 -18.90
CA ASN L 3 36.79 57.40 -18.16
C ASN L 3 35.36 57.53 -18.66
N VAL L 4 34.54 58.21 -17.86
CA VAL L 4 33.10 58.25 -18.09
C VAL L 4 32.79 58.92 -19.42
N GLY L 5 33.36 60.10 -19.64
CA GLY L 5 33.11 60.82 -20.87
C GLY L 5 33.52 60.04 -22.09
N ASP L 6 34.77 59.57 -22.11
CA ASP L 6 35.27 58.79 -23.24
C ASP L 6 34.48 57.50 -23.43
N LEU L 7 34.04 56.90 -22.34
CA LEU L 7 33.19 55.72 -22.42
C LEU L 7 31.91 56.02 -23.19
N MET L 8 31.21 57.08 -22.80
CA MET L 8 30.00 57.46 -23.53
C MET L 8 30.31 57.82 -24.97
N GLN L 9 31.44 58.51 -25.18
CA GLN L 9 31.88 58.85 -26.54
C GLN L 9 32.00 57.61 -27.41
N ARG L 10 32.60 56.55 -26.86
CA ARG L 10 32.59 55.25 -27.53
C ARG L 10 31.17 54.78 -27.77
N LEU L 11 30.31 54.98 -26.77
CA LEU L 11 28.97 54.42 -26.81
C LEU L 11 28.14 55.02 -27.94
N GLN L 12 28.33 56.32 -28.23
CA GLN L 12 27.55 56.94 -29.30
C GLN L 12 27.96 56.48 -30.69
N LYS L 13 29.04 55.70 -30.82
CA LYS L 13 29.45 55.23 -32.14
C LYS L 13 28.63 54.04 -32.61
N MET L 14 27.97 53.33 -31.71
CA MET L 14 27.13 52.19 -32.07
C MET L 14 25.75 52.60 -32.56
N MET L 15 25.41 53.89 -32.51
CA MET L 15 24.03 54.34 -32.66
C MET L 15 23.86 55.35 -33.79
N PRO L 16 22.63 55.72 -34.10
CA PRO L 16 22.39 56.99 -34.78
C PRO L 16 22.47 58.14 -33.78
N ALA L 17 22.42 59.35 -34.31
CA ALA L 17 22.75 60.54 -33.52
C ALA L 17 21.51 61.13 -32.87
N HIS L 18 21.72 61.78 -31.73
CA HIS L 18 20.71 62.57 -31.03
C HIS L 18 19.50 61.70 -30.67
N ILE L 19 19.80 60.75 -29.79
CA ILE L 19 18.83 59.79 -29.29
C ILE L 19 18.71 60.03 -27.79
N LYS L 20 18.80 61.31 -27.39
CA LYS L 20 19.16 61.79 -26.06
C LYS L 20 18.60 60.99 -24.90
N PRO L 21 19.31 60.90 -23.77
CA PRO L 21 18.80 60.11 -22.64
C PRO L 21 17.46 60.59 -22.12
N ALA L 22 17.27 61.90 -22.02
CA ALA L 22 16.02 62.60 -21.75
C ALA L 22 15.57 62.52 -20.30
N PHE L 23 16.25 61.76 -19.44
CA PHE L 23 15.91 61.70 -18.01
C PHE L 23 17.00 62.30 -17.14
N LYS L 24 18.21 61.75 -17.19
CA LYS L 24 19.41 62.30 -16.53
C LYS L 24 19.37 62.22 -15.00
N THR L 25 18.26 61.79 -14.40
CA THR L 25 18.14 61.72 -12.96
C THR L 25 17.24 60.56 -12.60
N GLY L 26 17.10 60.33 -11.30
CA GLY L 26 16.37 59.18 -10.82
C GLY L 26 14.87 59.38 -10.81
N GLU L 27 14.42 60.32 -9.99
CA GLU L 27 13.01 60.42 -9.64
C GLU L 27 12.13 60.62 -10.87
N GLU L 28 12.62 61.34 -11.86
CA GLU L 28 11.91 61.49 -13.12
C GLU L 28 11.66 60.13 -13.75
N LEU L 29 12.72 59.34 -13.90
CA LEU L 29 12.62 58.00 -14.45
C LEU L 29 11.67 57.13 -13.63
N LEU L 30 11.69 57.28 -12.30
CA LEU L 30 10.83 56.47 -11.45
C LEU L 30 9.36 56.79 -11.71
N ALA L 31 9.03 58.07 -11.79
CA ALA L 31 7.65 58.45 -12.04
C ALA L 31 7.21 57.98 -13.42
N TRP L 32 8.12 58.04 -14.39
CA TRP L 32 7.84 57.52 -15.72
C TRP L 32 7.50 56.04 -15.66
N GLN L 33 8.28 55.27 -14.90
CA GLN L 33 7.98 53.85 -14.75
C GLN L 33 6.64 53.62 -14.07
N LYS L 34 6.31 54.45 -13.07
CA LYS L 34 5.02 54.31 -12.41
C LYS L 34 3.87 54.52 -13.40
N GLU L 35 4.01 55.52 -14.26
CA GLU L 35 3.03 55.77 -15.30
C GLU L 35 2.85 54.54 -16.18
N GLN L 36 3.96 54.04 -16.71
CA GLN L 36 3.89 52.87 -17.59
C GLN L 36 3.32 51.67 -16.86
N GLY L 37 3.58 51.58 -15.56
CA GLY L 37 3.09 50.44 -14.80
C GLY L 37 1.58 50.44 -14.70
N ALA L 38 0.99 51.56 -14.29
CA ALA L 38 -0.47 51.62 -14.21
C ALA L 38 -1.10 51.44 -15.60
N ILE L 39 -0.43 51.97 -16.62
CA ILE L 39 -0.97 51.87 -17.98
C ILE L 39 -1.02 50.42 -18.41
N ARG L 40 0.03 49.65 -18.08
CA ARG L 40 0.00 48.23 -18.37
C ARG L 40 -1.06 47.53 -17.54
N SER L 41 -1.24 47.95 -16.29
CA SER L 41 -2.15 47.27 -15.38
C SER L 41 -3.60 47.41 -15.83
N ALA L 42 -3.93 48.50 -16.52
CA ALA L 42 -5.29 48.63 -17.06
C ALA L 42 -5.63 47.50 -18.01
N ALA L 43 -4.84 47.38 -19.09
CA ALA L 43 -5.06 46.32 -20.07
C ALA L 43 -4.93 44.94 -19.44
N LEU L 44 -4.09 44.83 -18.41
CA LEU L 44 -4.00 43.59 -17.66
C LEU L 44 -5.35 43.20 -17.09
N GLU L 45 -5.97 44.13 -16.34
CA GLU L 45 -7.28 43.87 -15.75
C GLU L 45 -8.30 43.54 -16.83
N ARG L 46 -8.22 44.23 -17.95
CA ARG L 46 -9.12 43.99 -19.07
C ARG L 46 -9.06 42.54 -19.54
N GLU L 47 -7.87 42.07 -19.90
CA GLU L 47 -7.73 40.71 -20.38
C GLU L 47 -8.07 39.69 -19.30
N ASN L 48 -7.81 40.03 -18.04
CA ASN L 48 -8.22 39.18 -16.93
C ASN L 48 -9.73 38.93 -16.98
N ARG L 49 -10.49 40.02 -17.09
CA ARG L 49 -11.94 39.91 -17.18
C ARG L 49 -12.35 39.08 -18.39
N ALA L 50 -11.69 39.32 -19.53
CA ALA L 50 -12.04 38.60 -20.76
C ALA L 50 -11.91 37.10 -20.57
N MET L 51 -10.76 36.66 -20.05
CA MET L 51 -10.57 35.24 -19.81
C MET L 51 -11.65 34.69 -18.89
N LYS L 52 -11.90 35.35 -17.76
CA LYS L 52 -12.89 34.81 -16.82
C LYS L 52 -14.25 34.66 -17.47
N MET L 53 -14.65 35.64 -18.28
CA MET L 53 -15.92 35.54 -18.96
C MET L 53 -15.92 34.38 -19.95
N GLN L 54 -14.76 34.04 -20.52
CA GLN L 54 -14.70 32.87 -21.39
C GLN L 54 -14.83 31.58 -20.60
N ARG L 55 -14.25 31.54 -19.41
CA ARG L 55 -14.45 30.37 -18.55
C ARG L 55 -15.93 30.20 -18.26
N THR L 56 -16.66 31.31 -18.14
CA THR L 56 -18.09 31.20 -17.84
C THR L 56 -18.93 30.88 -19.07
N PHE L 57 -18.50 31.30 -20.27
CA PHE L 57 -19.17 30.79 -21.47
C PHE L 57 -19.05 29.28 -21.53
N ASN L 58 -17.83 28.76 -21.38
CA ASN L 58 -17.56 27.35 -21.66
C ASN L 58 -17.81 26.43 -20.48
N ARG L 59 -18.00 26.97 -19.28
CA ARG L 59 -18.30 26.13 -18.13
C ARG L 59 -19.75 25.68 -18.15
N SER L 60 -20.68 26.61 -18.35
CA SER L 60 -22.08 26.27 -18.60
C SER L 60 -22.19 25.90 -20.07
N GLY L 61 -22.28 24.60 -20.34
CA GLY L 61 -22.12 24.13 -21.69
C GLY L 61 -23.36 24.23 -22.54
N ILE L 62 -23.40 25.23 -23.41
CA ILE L 62 -24.38 25.30 -24.49
C ILE L 62 -23.69 24.84 -25.77
N ARG L 63 -24.36 23.97 -26.50
CA ARG L 63 -23.80 23.45 -27.71
C ARG L 63 -23.76 24.55 -28.76
N PRO L 64 -23.03 24.34 -29.86
CA PRO L 64 -22.91 25.40 -30.88
C PRO L 64 -24.25 25.85 -31.44
N LEU L 65 -25.17 24.91 -31.65
CA LEU L 65 -26.47 25.24 -32.23
C LEU L 65 -27.20 26.28 -31.43
N HIS L 66 -26.99 26.31 -30.12
CA HIS L 66 -27.61 27.26 -29.24
C HIS L 66 -26.66 28.35 -28.78
N GLN L 67 -25.55 28.54 -29.48
CA GLN L 67 -24.55 29.55 -29.11
C GLN L 67 -24.81 30.87 -29.83
N ASN L 68 -24.79 30.85 -31.15
CA ASN L 68 -25.19 32.00 -31.95
C ASN L 68 -26.73 32.08 -31.93
N CYS L 69 -27.24 32.50 -30.77
CA CYS L 69 -28.64 32.26 -30.45
C CYS L 69 -29.07 33.15 -29.30
N SER L 70 -30.16 33.88 -29.51
CA SER L 70 -30.81 34.59 -28.41
C SER L 70 -32.21 34.96 -28.86
N PHE L 71 -32.89 35.82 -28.08
CA PHE L 71 -34.22 36.30 -28.43
C PHE L 71 -34.29 36.85 -29.85
N GLU L 72 -33.22 37.48 -30.30
CA GLU L 72 -33.29 38.32 -31.49
C GLU L 72 -33.53 37.51 -32.75
N ASN L 73 -32.89 36.36 -32.89
CA ASN L 73 -33.14 35.48 -34.04
C ASN L 73 -34.22 34.45 -33.72
N TYR L 74 -35.34 34.95 -33.25
CA TYR L 74 -36.53 34.16 -32.94
C TYR L 74 -37.69 34.74 -33.71
N ARG L 75 -38.30 33.94 -34.57
CA ARG L 75 -39.34 34.39 -35.49
C ARG L 75 -40.70 33.96 -34.96
N VAL L 76 -41.33 34.84 -34.20
CA VAL L 76 -42.73 34.63 -33.84
C VAL L 76 -43.55 34.57 -35.11
N GLU L 77 -44.54 33.67 -35.11
CA GLU L 77 -45.55 33.64 -36.16
C GLU L 77 -46.96 33.47 -35.62
N CYS L 78 -47.12 33.09 -34.35
CA CYS L 78 -48.43 33.03 -33.74
C CYS L 78 -48.31 33.39 -32.26
N GLU L 79 -49.42 33.86 -31.70
CA GLU L 79 -49.41 34.47 -30.38
C GLU L 79 -49.07 33.48 -29.27
N GLY L 80 -49.20 32.18 -29.56
CA GLY L 80 -49.14 31.16 -28.51
C GLY L 80 -47.88 31.20 -27.68
N GLN L 81 -46.79 31.71 -28.25
CA GLN L 81 -45.58 32.00 -27.48
C GLN L 81 -45.10 33.43 -27.63
N MET L 82 -45.74 34.27 -28.43
CA MET L 82 -45.61 35.71 -28.21
C MET L 82 -45.89 36.03 -26.76
N ASN L 83 -46.92 35.37 -26.21
CA ASN L 83 -47.15 35.41 -24.77
C ASN L 83 -45.91 34.96 -24.00
N ALA L 84 -45.32 33.84 -24.40
CA ALA L 84 -44.15 33.34 -23.67
C ALA L 84 -42.95 34.25 -23.80
N LEU L 85 -42.90 35.11 -24.81
CA LEU L 85 -41.78 36.03 -24.95
C LEU L 85 -41.99 37.27 -24.10
N SER L 86 -43.24 37.76 -24.06
CA SER L 86 -43.60 38.74 -23.05
C SER L 86 -43.36 38.21 -21.65
N LYS L 87 -43.41 36.88 -21.47
CA LYS L 87 -43.00 36.24 -20.23
C LYS L 87 -41.48 36.13 -20.13
N ALA L 88 -40.82 35.86 -21.25
CA ALA L 88 -39.39 35.57 -21.24
C ALA L 88 -38.60 36.80 -20.84
N ARG L 89 -38.82 37.92 -21.55
CA ARG L 89 -38.06 39.13 -21.27
C ARG L 89 -38.29 39.60 -19.83
N GLN L 90 -39.53 39.51 -19.35
CA GLN L 90 -39.78 39.96 -17.98
C GLN L 90 -39.14 39.02 -16.98
N TYR L 91 -39.17 37.70 -17.25
CA TYR L 91 -38.50 36.76 -16.36
C TYR L 91 -37.01 37.04 -16.30
N VAL L 92 -36.41 37.35 -17.45
CA VAL L 92 -35.03 37.81 -17.46
C VAL L 92 -34.87 39.01 -16.55
N GLU L 93 -35.86 39.90 -16.56
CA GLU L 93 -35.81 41.10 -15.70
C GLU L 93 -36.28 40.83 -14.27
N GLU L 94 -36.84 39.65 -13.99
CA GLU L 94 -37.29 39.29 -12.64
C GLU L 94 -36.32 38.34 -11.95
N PHE L 95 -35.09 38.21 -12.43
CA PHE L 95 -34.17 37.24 -11.86
C PHE L 95 -33.56 37.74 -10.57
N ASP L 96 -33.00 38.96 -10.57
CA ASP L 96 -32.33 39.50 -9.40
C ASP L 96 -33.27 39.58 -8.21
N GLY L 97 -32.98 38.80 -7.18
CA GLY L 97 -33.76 38.86 -5.97
C GLY L 97 -35.16 38.30 -6.16
N ASN L 98 -35.25 37.11 -6.75
CA ASN L 98 -36.52 36.41 -6.85
C ASN L 98 -36.27 34.92 -6.69
N ILE L 99 -36.89 34.33 -5.67
CA ILE L 99 -36.91 32.88 -5.49
C ILE L 99 -38.04 32.37 -6.38
N ALA L 100 -37.72 32.08 -7.64
CA ALA L 100 -38.73 31.73 -8.63
C ALA L 100 -38.14 30.77 -9.65
N SER L 101 -38.90 29.73 -9.96
CA SER L 101 -38.54 28.71 -10.93
C SER L 101 -39.36 28.88 -12.20
N PHE L 102 -39.10 28.01 -13.18
CA PHE L 102 -39.84 28.02 -14.42
C PHE L 102 -39.67 26.68 -15.09
N ILE L 103 -40.69 26.30 -15.88
CA ILE L 103 -40.67 25.08 -16.66
C ILE L 103 -41.30 25.36 -18.02
N PHE L 104 -40.72 24.81 -19.07
CA PHE L 104 -41.33 24.73 -20.38
C PHE L 104 -41.66 23.27 -20.68
N SER L 105 -42.49 23.06 -21.69
CA SER L 105 -42.97 21.72 -21.98
C SER L 105 -43.73 21.73 -23.29
N GLY L 106 -43.88 20.52 -23.84
CA GLY L 106 -44.79 20.28 -24.95
C GLY L 106 -44.17 19.52 -26.09
N LYS L 107 -44.66 19.79 -27.30
CA LYS L 107 -44.17 19.10 -28.48
C LYS L 107 -42.75 19.57 -28.78
N PRO L 108 -41.91 18.71 -29.35
CA PRO L 108 -40.59 19.17 -29.80
C PRO L 108 -40.67 19.91 -31.13
N GLY L 109 -39.52 20.44 -31.54
CA GLY L 109 -39.44 21.22 -32.75
C GLY L 109 -39.78 22.68 -32.55
N THR L 110 -39.70 23.15 -31.31
CA THR L 110 -40.36 24.38 -30.89
C THR L 110 -39.41 25.47 -30.44
N GLY L 111 -38.21 25.13 -30.00
CA GLY L 111 -37.28 26.14 -29.53
C GLY L 111 -37.29 26.35 -28.03
N LYS L 112 -37.27 25.28 -27.25
CA LYS L 112 -37.10 25.42 -25.80
C LYS L 112 -35.67 25.84 -25.49
N ASN L 113 -34.72 24.99 -25.85
CA ASN L 113 -33.31 25.27 -25.58
C ASN L 113 -32.86 26.55 -26.23
N HIS L 114 -33.50 26.96 -27.33
CA HIS L 114 -33.24 28.25 -27.93
C HIS L 114 -33.45 29.37 -26.93
N LEU L 115 -34.65 29.41 -26.34
CA LEU L 115 -34.96 30.45 -25.38
C LEU L 115 -34.13 30.30 -24.12
N ALA L 116 -33.84 29.07 -23.71
CA ALA L 116 -33.00 28.88 -22.53
C ALA L 116 -31.60 29.41 -22.78
N ALA L 117 -31.08 29.27 -23.99
CA ALA L 117 -29.77 29.79 -24.31
C ALA L 117 -29.76 31.30 -24.31
N ALA L 118 -30.80 31.91 -24.88
CA ALA L 118 -30.96 33.35 -24.78
C ALA L 118 -30.89 33.80 -23.33
N ILE L 119 -31.71 33.17 -22.49
CA ILE L 119 -31.79 33.54 -21.08
C ILE L 119 -30.43 33.40 -20.43
N CYS L 120 -29.78 32.25 -20.63
CA CYS L 120 -28.51 31.99 -19.95
C CYS L 120 -27.43 32.97 -20.40
N ASN L 121 -27.39 33.29 -21.70
CA ASN L 121 -26.44 34.29 -22.17
C ASN L 121 -26.68 35.64 -21.50
N GLU L 122 -27.94 36.05 -21.41
CA GLU L 122 -28.26 37.31 -20.75
C GLU L 122 -27.81 37.30 -19.30
N LEU L 123 -28.03 36.20 -18.59
CA LEU L 123 -27.64 36.14 -17.19
C LEU L 123 -26.13 36.10 -17.02
N LEU L 124 -25.42 35.54 -18.00
CA LEU L 124 -23.97 35.61 -17.97
C LEU L 124 -23.51 37.05 -18.10
N LEU L 125 -24.08 37.77 -19.06
CA LEU L 125 -23.65 39.15 -19.27
C LEU L 125 -24.11 40.10 -18.16
N ARG L 126 -25.15 39.73 -17.41
CA ARG L 126 -25.40 40.41 -16.14
C ARG L 126 -24.34 40.06 -15.11
N GLY L 127 -23.66 38.93 -15.28
CA GLY L 127 -22.62 38.51 -14.37
C GLY L 127 -23.09 37.56 -13.30
N LYS L 128 -23.73 36.47 -13.70
CA LYS L 128 -24.10 35.37 -12.82
C LYS L 128 -23.62 34.07 -13.43
N SER L 129 -23.66 33.00 -12.64
CA SER L 129 -23.33 31.67 -13.10
C SER L 129 -24.61 30.92 -13.47
N VAL L 130 -24.52 30.09 -14.50
CA VAL L 130 -25.62 29.27 -14.96
C VAL L 130 -25.07 27.88 -15.27
N LEU L 131 -25.96 26.98 -15.68
CA LEU L 131 -25.54 25.62 -15.99
C LEU L 131 -26.68 24.89 -16.69
N ILE L 132 -26.33 24.10 -17.71
CA ILE L 132 -27.27 23.16 -18.30
C ILE L 132 -26.60 21.81 -18.46
N ILE L 133 -27.40 20.77 -18.36
CA ILE L 133 -26.92 19.40 -18.37
C ILE L 133 -27.92 18.50 -19.08
N THR L 134 -27.59 17.22 -19.18
CA THR L 134 -28.54 16.16 -19.38
C THR L 134 -28.33 15.18 -18.23
N VAL L 135 -29.44 14.68 -17.68
CA VAL L 135 -29.39 13.81 -16.50
C VAL L 135 -28.46 12.63 -16.72
N ALA L 136 -28.36 12.14 -17.95
CA ALA L 136 -27.42 11.08 -18.27
C ALA L 136 -25.98 11.51 -18.04
N ASP L 137 -25.67 12.78 -18.29
CA ASP L 137 -24.32 13.25 -17.99
C ASP L 137 -24.06 13.23 -16.49
N ILE L 138 -25.11 13.38 -15.69
CA ILE L 138 -24.94 13.24 -14.25
C ILE L 138 -24.83 11.77 -13.87
N MET L 139 -25.49 10.86 -14.59
CA MET L 139 -25.20 9.45 -14.39
C MET L 139 -23.71 9.20 -14.59
N SER L 140 -23.18 9.71 -15.69
CA SER L 140 -21.75 9.56 -15.98
C SER L 140 -20.89 10.15 -14.88
N ALA L 141 -21.22 11.34 -14.40
CA ALA L 141 -20.38 12.01 -13.42
C ALA L 141 -20.50 11.37 -12.05
N MET L 142 -21.70 10.96 -11.65
CA MET L 142 -21.86 10.27 -10.38
C MET L 142 -21.10 8.94 -10.39
N LYS L 143 -21.03 8.27 -11.54
CA LYS L 143 -20.26 7.03 -11.59
C LYS L 143 -18.77 7.32 -11.69
N ASP L 144 -18.39 8.45 -12.26
CA ASP L 144 -17.00 8.90 -12.19
C ASP L 144 -16.60 9.28 -10.77
N THR L 145 -17.56 9.61 -9.91
CA THR L 145 -17.25 9.82 -8.50
C THR L 145 -16.78 8.52 -7.86
N PHE L 146 -17.31 7.38 -8.31
CA PHE L 146 -16.83 6.07 -7.86
C PHE L 146 -15.51 5.67 -8.53
N ARG L 147 -14.97 6.48 -9.43
CA ARG L 147 -13.74 6.16 -10.13
C ARG L 147 -12.60 5.91 -9.14
N GLU L 154 -16.27 15.58 -7.06
CA GLU L 154 -17.27 16.17 -6.17
C GLU L 154 -17.58 17.61 -6.52
N GLN L 155 -16.65 18.30 -7.18
CA GLN L 155 -16.83 19.70 -7.54
C GLN L 155 -18.12 19.93 -8.33
N LEU L 156 -18.59 18.92 -9.06
CA LEU L 156 -19.88 19.05 -9.74
C LEU L 156 -21.00 19.06 -8.72
N LEU L 157 -20.96 18.16 -7.75
CA LEU L 157 -21.94 18.18 -6.67
C LEU L 157 -21.94 19.53 -5.96
N ASN L 158 -20.77 20.15 -5.85
CA ASN L 158 -20.67 21.47 -5.26
C ASN L 158 -21.30 22.53 -6.17
N ASP L 159 -21.11 22.40 -7.48
CA ASP L 159 -21.80 23.27 -8.43
C ASP L 159 -23.31 23.12 -8.31
N LEU L 160 -23.78 21.93 -7.93
CA LEU L 160 -25.21 21.69 -7.82
C LEU L 160 -25.85 22.35 -6.61
N SER L 161 -25.09 23.11 -5.82
CA SER L 161 -25.65 24.05 -4.87
C SER L 161 -25.06 25.45 -4.99
N ASN L 162 -23.95 25.61 -5.72
CA ASN L 162 -23.35 26.94 -5.89
C ASN L 162 -24.08 27.76 -6.94
N VAL L 163 -24.30 27.17 -8.11
CA VAL L 163 -24.67 27.93 -9.29
C VAL L 163 -26.03 28.59 -9.07
N ASP L 164 -26.14 29.83 -9.54
CA ASP L 164 -27.38 30.56 -9.38
C ASP L 164 -28.53 29.87 -10.09
N LEU L 165 -28.32 29.50 -11.36
CA LEU L 165 -29.37 28.99 -12.23
C LEU L 165 -29.05 27.59 -12.71
N LEU L 166 -30.10 26.83 -12.99
CA LEU L 166 -29.96 25.50 -13.53
C LEU L 166 -31.24 25.11 -14.25
N VAL L 167 -31.08 24.42 -15.37
CA VAL L 167 -32.21 23.81 -16.06
C VAL L 167 -31.76 22.45 -16.56
N ILE L 168 -32.75 21.59 -16.79
CA ILE L 168 -32.52 20.18 -17.08
C ILE L 168 -33.29 19.86 -18.36
N ASP L 169 -32.54 19.51 -19.40
CA ASP L 169 -33.10 19.02 -20.65
C ASP L 169 -33.14 17.50 -20.59
N GLU L 170 -34.13 16.91 -21.26
CA GLU L 170 -34.27 15.46 -21.35
C GLU L 170 -34.47 14.84 -19.97
N ILE L 171 -35.60 15.18 -19.37
CA ILE L 171 -35.98 14.62 -18.09
C ILE L 171 -36.83 13.35 -18.23
N GLY L 172 -37.54 13.19 -19.33
CA GLY L 172 -38.48 12.09 -19.48
C GLY L 172 -37.85 10.78 -19.85
N VAL L 173 -37.05 10.77 -20.93
CA VAL L 173 -36.34 9.57 -21.34
C VAL L 173 -35.26 9.30 -20.30
N GLN L 174 -34.56 8.18 -20.45
CA GLN L 174 -33.94 7.46 -19.36
C GLN L 174 -35.04 7.03 -18.39
N THR L 175 -35.95 6.21 -18.93
CA THR L 175 -37.13 5.72 -18.23
C THR L 175 -36.83 4.54 -17.34
N GLU L 176 -35.56 4.33 -16.98
CA GLU L 176 -35.13 3.35 -16.01
C GLU L 176 -34.98 3.99 -14.64
N SER L 177 -35.94 4.84 -14.31
CA SER L 177 -35.97 5.56 -13.04
C SER L 177 -36.16 4.53 -11.91
N LYS L 178 -36.38 5.03 -10.69
CA LYS L 178 -35.95 4.48 -9.38
C LYS L 178 -34.57 5.02 -9.03
N TYR L 179 -33.92 5.79 -9.91
CA TYR L 179 -32.73 6.54 -9.54
C TYR L 179 -32.85 8.03 -9.87
N GLU L 180 -33.40 8.35 -11.04
CA GLU L 180 -33.57 9.75 -11.42
C GLU L 180 -34.42 10.49 -10.40
N LYS L 181 -35.48 9.84 -9.91
CA LYS L 181 -36.38 10.48 -8.97
C LYS L 181 -35.63 10.86 -7.69
N VAL L 182 -34.88 9.91 -7.12
CA VAL L 182 -34.24 10.21 -5.84
C VAL L 182 -33.13 11.22 -6.01
N ILE L 183 -32.41 11.18 -7.13
CA ILE L 183 -31.32 12.13 -7.31
C ILE L 183 -31.88 13.54 -7.49
N ILE L 184 -32.84 13.72 -8.40
CA ILE L 184 -33.39 15.05 -8.60
C ILE L 184 -34.07 15.53 -7.34
N ASN L 185 -34.68 14.62 -6.57
CA ASN L 185 -35.27 14.98 -5.29
C ASN L 185 -34.21 15.55 -4.35
N GLN L 186 -33.13 14.80 -4.16
CA GLN L 186 -32.03 15.26 -3.30
C GLN L 186 -31.50 16.62 -3.76
N ILE L 187 -31.31 16.78 -5.07
CA ILE L 187 -30.65 17.97 -5.57
C ILE L 187 -31.55 19.18 -5.39
N VAL L 188 -32.84 19.05 -5.73
CA VAL L 188 -33.71 20.20 -5.60
C VAL L 188 -33.97 20.50 -4.13
N ASP L 189 -33.98 19.49 -3.27
CA ASP L 189 -34.17 19.76 -1.84
C ASP L 189 -32.99 20.53 -1.28
N ARG L 190 -31.77 20.15 -1.66
CA ARG L 190 -30.60 20.96 -1.33
C ARG L 190 -30.74 22.37 -1.88
N ARG L 191 -31.13 22.47 -3.15
CA ARG L 191 -31.18 23.75 -3.83
C ARG L 191 -32.19 24.69 -3.18
N SER L 192 -33.26 24.13 -2.61
CA SER L 192 -34.24 24.94 -1.91
C SER L 192 -33.82 25.21 -0.47
N SER L 193 -33.02 24.33 0.11
CA SER L 193 -32.47 24.59 1.45
C SER L 193 -31.64 25.87 1.45
N SER L 194 -30.90 26.12 0.37
CA SER L 194 -30.12 27.34 0.21
C SER L 194 -30.90 28.47 -0.45
N LYS L 195 -32.15 28.23 -0.86
CA LYS L 195 -33.02 29.26 -1.42
C LYS L 195 -32.39 29.90 -2.67
N ARG L 196 -32.19 29.05 -3.67
CA ARG L 196 -31.66 29.44 -4.97
C ARG L 196 -32.69 29.10 -6.06
N PRO L 197 -32.70 29.84 -7.18
CA PRO L 197 -33.60 29.49 -8.28
C PRO L 197 -33.03 28.43 -9.20
N THR L 198 -33.90 27.88 -10.04
CA THR L 198 -33.55 26.86 -11.01
C THR L 198 -34.72 26.71 -11.99
N GLY L 199 -34.67 25.67 -12.81
CA GLY L 199 -35.74 25.41 -13.76
C GLY L 199 -35.65 24.00 -14.32
N MET L 200 -36.43 23.75 -15.37
CA MET L 200 -36.44 22.47 -16.04
C MET L 200 -36.88 22.64 -17.49
N LEU L 201 -36.70 21.57 -18.26
CA LEU L 201 -37.27 21.43 -19.59
C LEU L 201 -37.72 19.99 -19.78
N THR L 202 -38.76 19.80 -20.60
CA THR L 202 -39.31 18.48 -20.81
C THR L 202 -40.21 18.49 -22.04
N ASN L 203 -40.78 17.33 -22.32
CA ASN L 203 -41.77 17.14 -23.37
C ASN L 203 -43.08 16.55 -22.84
N SER L 204 -43.21 16.41 -21.53
CA SER L 204 -44.23 15.58 -20.91
C SER L 204 -45.27 16.44 -20.21
N ASN L 205 -46.26 15.75 -19.63
CA ASN L 205 -47.31 16.37 -18.83
C ASN L 205 -46.98 16.27 -17.36
N MET L 206 -47.48 17.24 -16.58
CA MET L 206 -47.18 17.24 -15.15
C MET L 206 -47.92 16.13 -14.43
N GLU L 207 -49.14 15.81 -14.88
CA GLU L 207 -49.86 14.69 -14.30
C GLU L 207 -49.10 13.39 -14.53
N GLU L 208 -48.48 13.26 -15.70
CA GLU L 208 -47.59 12.13 -15.96
C GLU L 208 -46.30 12.27 -15.17
N MET L 209 -45.82 13.50 -14.99
CA MET L 209 -44.56 13.74 -14.32
C MET L 209 -44.63 13.51 -12.82
N THR L 210 -45.82 13.55 -12.26
CA THR L 210 -45.96 13.59 -10.80
C THR L 210 -45.58 12.26 -10.16
N LYS L 211 -45.59 11.17 -10.91
CA LYS L 211 -45.09 9.89 -10.40
C LYS L 211 -43.60 9.72 -10.69
N LEU L 212 -43.12 10.22 -11.83
CA LEU L 212 -41.69 10.42 -12.00
C LEU L 212 -41.16 11.29 -10.87
N LEU L 213 -41.84 12.39 -10.61
CA LEU L 213 -41.39 13.43 -9.69
C LEU L 213 -42.47 13.58 -8.63
N GLY L 214 -42.22 13.02 -7.45
CA GLY L 214 -43.17 13.01 -6.35
C GLY L 214 -43.80 14.35 -6.05
N GLU L 215 -44.97 14.32 -5.40
CA GLU L 215 -45.73 15.54 -5.14
C GLU L 215 -44.90 16.56 -4.37
N ARG L 216 -44.16 16.09 -3.36
CA ARG L 216 -43.28 16.99 -2.61
C ARG L 216 -42.26 17.66 -3.54
N VAL L 217 -41.72 16.92 -4.51
CA VAL L 217 -40.65 17.46 -5.33
C VAL L 217 -41.15 18.63 -6.16
N MET L 218 -42.28 18.43 -6.86
CA MET L 218 -42.86 19.52 -7.62
C MET L 218 -43.29 20.66 -6.71
N ASP L 219 -43.82 20.33 -5.52
CA ASP L 219 -44.23 21.35 -4.58
C ASP L 219 -43.06 22.26 -4.21
N ARG L 220 -41.90 21.66 -3.94
CA ARG L 220 -40.70 22.43 -3.63
C ARG L 220 -40.07 23.04 -4.87
N MET L 221 -40.55 22.67 -6.06
CA MET L 221 -40.27 23.44 -7.26
C MET L 221 -41.30 24.54 -7.50
N ARG L 222 -42.48 24.44 -6.89
CA ARG L 222 -43.59 25.35 -7.15
C ARG L 222 -43.65 26.40 -6.05
N LEU L 223 -42.82 27.43 -6.19
CA LEU L 223 -42.67 28.48 -5.21
C LEU L 223 -42.72 29.85 -5.90
N GLY L 224 -42.84 30.89 -5.08
CA GLY L 224 -42.88 32.26 -5.58
C GLY L 224 -44.05 32.49 -6.51
N ASN L 225 -43.74 32.63 -7.80
CA ASN L 225 -44.76 32.64 -8.85
C ASN L 225 -44.24 31.72 -9.95
N SER L 226 -44.57 30.44 -9.83
CA SER L 226 -44.10 29.46 -10.80
C SER L 226 -44.58 29.80 -12.19
N LEU L 227 -43.74 29.55 -13.17
CA LEU L 227 -44.03 29.80 -14.57
C LEU L 227 -44.11 28.43 -15.23
N TRP L 228 -45.32 27.87 -15.27
CA TRP L 228 -45.57 26.71 -16.10
C TRP L 228 -45.97 27.18 -17.49
N VAL L 229 -45.49 26.44 -18.48
CA VAL L 229 -45.92 26.61 -19.86
C VAL L 229 -46.13 25.23 -20.43
N ILE L 230 -47.06 25.12 -21.36
CA ILE L 230 -47.16 23.96 -22.23
C ILE L 230 -47.25 24.46 -23.66
N PHE L 231 -46.31 24.05 -24.49
CA PHE L 231 -46.31 24.46 -25.88
C PHE L 231 -47.45 23.76 -26.63
N ASN L 232 -47.75 24.31 -27.81
CA ASN L 232 -48.76 23.74 -28.68
C ASN L 232 -48.37 23.80 -30.15
N TRP L 233 -47.14 24.17 -30.45
CA TRP L 233 -46.73 24.51 -31.79
C TRP L 233 -46.37 23.28 -32.62
N ASP L 234 -46.38 23.47 -33.93
CA ASP L 234 -45.74 22.55 -34.84
C ASP L 234 -44.23 22.63 -34.68
N SER L 235 -43.51 21.77 -35.39
CA SER L 235 -42.07 21.74 -35.29
C SER L 235 -41.45 22.84 -36.15
N TYR L 236 -40.12 22.92 -36.10
CA TYR L 236 -39.36 23.92 -36.85
C TYR L 236 -38.12 23.36 -37.53
N ARG L 237 -37.65 22.17 -37.17
CA ARG L 237 -36.35 21.70 -37.63
C ARG L 237 -36.29 21.52 -39.13
N SER L 238 -37.43 21.38 -39.80
CA SER L 238 -37.44 21.29 -41.24
C SER L 238 -36.99 22.58 -41.93
N ARG L 239 -36.87 23.69 -41.19
CA ARG L 239 -36.51 24.98 -41.74
C ARG L 239 -35.09 25.40 -41.41
N VAL L 240 -34.54 24.92 -40.29
CA VAL L 240 -33.24 25.42 -39.83
C VAL L 240 -32.13 24.92 -40.74
N THR L 241 -31.03 25.67 -40.80
CA THR L 241 -30.02 25.51 -41.84
C THR L 241 -28.60 25.37 -41.30
N GLY L 242 -28.31 25.98 -40.15
CA GLY L 242 -26.99 25.86 -39.54
C GLY L 242 -26.02 26.98 -39.86
N LYS L 243 -26.42 28.21 -39.55
CA LYS L 243 -25.55 29.37 -39.72
C LYS L 243 -24.56 29.51 -38.58
PB ADP M . -31.73 16.45 12.19
O1B ADP M . -31.60 16.94 10.77
O2B ADP M . -31.05 17.31 13.22
O3B ADP M . -31.53 14.97 12.34
PA ADP M . -33.97 18.04 12.20
O1A ADP M . -33.98 18.22 10.70
O2A ADP M . -33.33 19.11 13.05
O3A ADP M . -33.29 16.63 12.52
O5' ADP M . -35.48 17.80 12.66
C5' ADP M . -36.05 18.51 13.74
C4' ADP M . -37.55 18.35 13.63
O4' ADP M . -38.27 19.46 14.20
C3' ADP M . -37.99 18.30 12.17
O3' ADP M . -37.94 16.95 11.69
C2' ADP M . -39.37 18.92 12.15
O2' ADP M . -40.44 17.97 11.94
C1' ADP M . -39.52 19.59 13.51
N9 ADP M . -39.86 21.02 13.28
C8 ADP M . -39.12 22.09 13.60
N7 ADP M . -39.75 23.23 13.24
C5 ADP M . -40.93 22.89 12.68
C6 ADP M . -42.09 23.59 12.09
N6 ADP M . -42.12 24.94 12.02
N1 ADP M . -43.11 22.84 11.62
C2 ADP M . -43.10 21.49 11.69
N3 ADP M . -42.08 20.80 12.22
C4 ADP M . -40.99 21.43 12.72
H5'1 ADP M . -35.77 19.57 13.69
H5'2 ADP M . -35.70 18.10 14.69
H4' ADP M . -37.85 17.43 14.13
H3' ADP M . -37.34 18.94 11.57
HO3' ADP M . -38.61 16.42 12.12
H2' ADP M . -39.38 19.66 11.34
HO2' ADP M . -40.36 17.57 11.07
H1' ADP M . -40.32 19.10 14.07
H8 ADP M . -38.15 22.05 14.08
HN61 ADP M . -41.34 25.48 12.37
HN62 ADP M . -42.91 25.41 11.61
H2 ADP M . -43.95 20.94 11.30
MG MG N . -29.13 17.94 13.35
PB ADP O . -21.01 -8.26 24.40
O1B ADP O . -22.29 -7.64 23.89
O2B ADP O . -20.08 -7.31 25.11
O3B ADP O . -20.36 -9.21 23.44
PA ADP O . -22.50 -8.56 26.66
O1A ADP O . -22.41 -7.07 26.50
O2A ADP O . -22.26 -9.16 28.01
O3A ADP O . -21.53 -9.21 25.58
O5' ADP O . -23.97 -9.02 26.19
C5' ADP O . -24.79 -9.56 27.22
C4' ADP O . -26.23 -9.76 26.77
O4' ADP O . -27.03 -10.09 27.90
C3' ADP O . -26.81 -8.52 26.14
O3' ADP O . -27.10 -8.80 24.77
C2' ADP O . -28.02 -8.14 26.97
O2' ADP O . -29.22 -7.97 26.23
C1' ADP O . -28.20 -9.27 27.96
N9 ADP O . -28.34 -8.76 29.33
C8 ADP O . -27.31 -8.41 30.11
N7 ADP O . -27.75 -8.00 31.32
C5 ADP O . -29.09 -8.10 31.31
C6 ADP O . -30.17 -7.83 32.28
N6 ADP O . -29.87 -7.36 33.49
N1 ADP O . -31.43 -8.05 31.89
C2 ADP O . -31.72 -8.52 30.65
N3 ADP O . -30.79 -8.79 29.74
C4 ADP O . -29.47 -8.61 30.00
H5'1 ADP O . -24.77 -8.86 28.05
H5'2 ADP O . -24.36 -10.50 27.56
H4' ADP O . -26.28 -10.56 26.03
H3' ADP O . -26.08 -7.71 26.22
HO3' ADP O . -27.49 -8.02 24.37
H2' ADP O . -27.78 -7.24 27.55
HO2' ADP O . -29.34 -8.70 25.62
H1' ADP O . -29.08 -9.84 27.67
H8 ADP O . -26.28 -8.45 29.80
HN61 ADP O . -28.91 -7.21 33.75
HN62 ADP O . -30.61 -7.17 34.15
H2 ADP O . -32.76 -8.69 30.40
MG MG P . -18.46 -7.13 26.48
PB ADP Q . -1.03 -26.63 12.29
O1B ADP Q . -2.38 -26.16 12.78
O2B ADP Q . 0.10 -26.33 13.24
O3B ADP Q . -0.76 -26.32 10.86
PA ADP Q . -1.71 -29.06 13.42
O1A ADP Q . -2.91 -28.37 14.00
O2A ADP Q . -0.60 -29.49 14.34
O3A ADP Q . -1.13 -28.22 12.20
O5' ADP Q . -2.29 -30.33 12.66
C5' ADP Q . -2.89 -31.27 13.52
C4' ADP Q . -4.35 -31.45 13.14
O4' ADP Q . -4.76 -32.78 13.43
C3' ADP Q . -5.31 -30.51 13.84
O3' ADP Q . -5.65 -29.38 13.05
C2' ADP Q . -6.51 -31.36 14.13
O2' ADP Q . -7.51 -31.19 13.13
C1' ADP Q . -6.00 -32.78 14.12
N9 ADP Q . -5.71 -33.26 15.48
C8 ADP Q . -4.69 -32.83 16.21
N7 ADP Q . -4.65 -33.45 17.41
C5 ADP Q . -5.66 -34.30 17.43
C6 ADP Q . -6.17 -35.28 18.40
N6 ADP Q . -5.56 -35.41 19.58
N1 ADP Q . -7.26 -35.99 18.06
C2 ADP Q . -7.85 -35.84 16.86
N3 ADP Q . -7.43 -34.97 15.93
C4 ADP Q . -6.35 -34.19 16.15
H5'1 ADP Q . -2.76 -30.86 14.51
H5'2 ADP Q . -2.36 -32.22 13.46
H4' ADP Q . -4.45 -31.27 12.06
H3' ADP Q . -4.89 -30.21 14.80
HO3' ADP Q . -6.24 -28.81 13.55
H2' ADP Q . -6.89 -31.13 15.12
HO2' ADP Q . -7.94 -30.33 13.24
H1' ADP Q . -6.73 -33.43 13.63
H8 ADP Q . -4.01 -32.07 15.90
HN61 ADP Q . -4.74 -34.84 19.78
HN62 ADP Q . -5.90 -36.07 20.26
H2 ADP Q . -8.72 -36.44 16.64
MG MG R . 1.80 -25.74 13.99
PB ADP S . 16.09 -20.54 -10.89
O1B ADP S . 14.98 -21.14 -10.08
O2B ADP S . 17.49 -20.78 -10.36
O3B ADP S . 15.85 -19.12 -11.29
PA ADP S . 16.44 -22.89 -12.12
O1A ADP S . 17.58 -23.21 -13.04
O2A ADP S . 16.56 -23.21 -10.65
O3A ADP S . 16.04 -21.35 -12.25
O5' ADP S . 15.15 -23.64 -12.68
C5' ADP S . 15.39 -24.58 -13.70
C4' ADP S . 14.16 -25.38 -14.07
O4' ADP S . 14.57 -26.59 -14.69
C3' ADP S . 13.32 -25.76 -12.86
O3' ADP S . 12.15 -24.95 -12.81
C2' ADP S . 13.05 -27.24 -12.97
O2' ADP S . 11.68 -27.61 -13.04
C1' ADP S . 13.76 -27.67 -14.23
N9 ADP S . 14.64 -28.79 -13.94
C8 ADP S . 15.88 -28.68 -13.45
N7 ADP S . 16.43 -29.90 -13.27
C5 ADP S . 15.52 -30.79 -13.66
C6 ADP S . 15.46 -32.25 -13.75
N6 ADP S . 16.52 -32.99 -13.36
N1 ADP S . 14.32 -32.81 -14.21
C2 ADP S . 13.27 -32.06 -14.61
N3 ADP S . 13.27 -30.72 -14.55
C4 ADP S . 14.34 -30.06 -14.09
H5'1 ADP S . 16.17 -25.26 -13.36
H5'2 ADP S . 15.77 -24.06 -14.58
H4' ADP S . 13.53 -24.82 -14.76
H3' ADP S . 13.92 -25.61 -11.97
HO3' ADP S . 11.58 -25.25 -12.10
H2' ADP S . 13.54 -27.75 -12.13
HO2' ADP S . 11.17 -26.99 -13.56
H1' ADP S . 13.03 -27.95 -14.99
H8 ADP S . 16.35 -27.74 -13.22
HN61 ADP S . 17.35 -32.53 -13.01
HN62 ADP S . 16.48 -33.99 -13.42
H2 ADP S . 12.38 -32.55 -14.97
MG MG T . 19.02 -19.72 -9.76
PB ADP U . 20.64 6.48 -21.91
O1B ADP U . 20.26 5.04 -21.94
O2B ADP U . 22.10 6.75 -21.70
O3B ADP U . 19.72 7.35 -21.09
PA ADP U . 21.24 6.24 -24.56
O1A ADP U . 21.87 7.27 -25.44
O2A ADP U . 22.12 5.22 -23.88
O3A ADP U . 20.39 6.96 -23.43
O5' ADP U . 20.16 5.47 -25.45
C5' ADP U . 20.26 5.60 -26.86
C4' ADP U . 19.18 4.85 -27.62
O4' ADP U . 19.55 4.68 -28.98
C3' ADP U . 18.91 3.45 -27.09
O3' ADP U . 17.78 3.44 -26.20
C2' ADP U . 18.66 2.62 -28.31
O2' ADP U . 17.29 2.20 -28.38
C1' ADP U . 18.99 3.48 -29.50
N9 ADP U . 19.95 2.78 -30.38
C8 ADP U . 21.27 2.70 -30.16
N7 ADP U . 21.89 2.00 -31.13
C5 ADP U . 20.95 1.62 -32.00
C6 ADP U . 20.93 0.84 -33.25
N6 ADP U . 22.09 0.34 -33.75
N1 ADP U . 19.76 0.66 -33.88
C2 ADP U . 18.62 1.16 -33.38
N3 ADP U . 18.56 1.87 -32.24
C4 ADP U . 19.68 2.12 -31.51
H5'1 ADP U . 21.25 5.25 -27.17
H5'2 ADP U . 20.20 6.65 -27.12
H4' ADP U . 18.23 5.41 -27.56
H3' ADP U . 19.81 3.09 -26.58
HO3' ADP U . 17.75 2.61 -25.72
H2' ADP U . 19.32 1.74 -28.31
HO2' ADP U . 17.13 1.56 -27.70
H1' ADP U . 18.07 3.70 -30.04
H8 ADP U . 21.75 3.14 -29.30
HN61 ADP U . 22.94 0.51 -33.24
HN62 ADP U . 22.08 -0.18 -34.60
H2 ADP U . 17.71 0.97 -33.91
MG MG V . 23.94 7.38 -21.41
PB ADP W . 14.54 32.39 -9.25
O1B ADP W . 14.34 31.08 -9.95
O2B ADP W . 15.97 32.88 -9.17
O3B ADP W . 13.80 32.49 -7.95
PA ADP W . 14.43 34.11 -11.47
O1A ADP W . 14.34 35.61 -11.38
O2A ADP W . 15.78 33.48 -11.72
O3A ADP W . 13.77 33.48 -10.15
O5' ADP W . 13.45 33.63 -12.64
C5' ADP W . 12.53 34.59 -13.11
C4' ADP W . 11.48 34.07 -14.09
O4' ADP W . 11.15 35.10 -15.02
C3' ADP W . 11.92 32.86 -14.90
O3' ADP W . 11.33 31.67 -14.37
C2' ADP W . 11.44 33.12 -16.31
O2' ADP W . 10.34 32.28 -16.63
C1' ADP W . 11.00 34.56 -16.33
N9 ADP W . 11.91 35.28 -17.22
C8 ADP W . 13.11 35.71 -16.83
N7 ADP W . 13.75 36.34 -17.85
C5 ADP W . 12.93 36.31 -18.90
C6 ADP W . 12.98 36.80 -20.29
N6 ADP W . 14.08 37.45 -20.71
N1 ADP W . 11.92 36.57 -21.08
C2 ADP W . 10.84 35.93 -20.64
N3 ADP W . 10.72 35.45 -19.39
C4 ADP W . 11.72 35.60 -18.49
H5'1 ADP W . 13.10 35.40 -13.58
H5'2 ADP W . 12.03 35.01 -12.24
H4' ADP W . 10.60 33.78 -13.52
H3' ADP W . 13.01 32.81 -14.92
HO3' ADP W . 11.66 30.91 -14.83
H2' ADP W . 12.25 33.00 -17.01
HO2' ADP W . 10.68 31.40 -16.84
H1' ADP W . 9.97 34.63 -16.67
H8 ADP W . 13.51 35.56 -15.84
HN61 ADP W . 14.85 37.60 -20.07
HN62 ADP W . 14.12 37.79 -21.66
H2 ADP W . 10.01 35.77 -21.33
MG MG X . 17.88 33.53 -8.75
PB ADP Y . -83.77 -1.41 -3.65
O1B ADP Y . -84.98 -2.02 -3.00
O2B ADP Y . -83.68 -1.58 -5.14
O3B ADP Y . -82.49 -1.68 -2.90
PA ADP Y . -83.54 0.76 -2.02
O1A ADP Y . -83.75 -0.31 -0.98
O2A ADP Y . -82.18 1.40 -2.19
O3A ADP Y . -83.97 0.16 -3.44
O5' ADP Y . -84.63 1.92 -1.87
C5' ADP Y . -84.69 2.88 -2.93
C4' ADP Y . -84.70 4.27 -2.31
O4' ADP Y . -86.02 4.54 -1.84
C3' ADP Y . -83.77 4.34 -1.11
O3' ADP Y . -83.15 5.63 -1.06
C2' ADP Y . -84.68 4.13 0.08
O2' ADP Y . -84.24 4.88 1.22
C1' ADP Y . -86.03 4.62 -0.42
N9 ADP Y . -87.14 3.78 0.09
C8 ADP Y . -87.57 2.63 -0.45
N7 ADP Y . -88.61 2.13 0.26
C5 ADP Y . -88.87 2.99 1.26
C6 ADP Y . -89.84 3.08 2.38
N6 ADP Y . -90.78 2.13 2.57
N1 ADP Y . -89.75 4.15 3.20
C2 ADP Y . -88.83 5.12 3.03
N3 ADP Y . -87.92 5.09 2.04
C4 ADP Y . -87.90 4.08 1.15
H5'1 ADP Y . -85.59 2.72 -3.52
H5'2 ADP Y . -83.82 2.76 -3.58
H4' ADP Y . -84.40 5.00 -3.07
H3' ADP Y . -83.01 3.56 -1.16
H2' ADP Y . -84.74 3.07 0.33
HO2' ADP Y . -83.36 4.57 1.49
H1' ADP Y . -86.17 5.67 -0.11
H8 ADP Y . -87.13 2.16 -1.32
HN61 ADP Y . -90.83 1.34 1.96
HN62 ADP Y . -91.43 2.22 3.35
H2 ADP Y . -88.81 5.96 3.72
MG MG Z . -81.01 -2.16 -4.35
PA 08T AA . -69.37 -29.30 8.78
PB 08T AA . -69.69 -30.11 6.13
BE 08T AA . -69.51 -28.51 3.71
C5' 08T AA . -71.34 -28.04 9.84
O5' 08T AA . -70.54 -29.17 9.90
C4' 08T AA . -71.41 -27.40 11.24
O4' 08T AA . -72.14 -28.17 11.99
C3' 08T AA . -70.03 -27.37 11.91
O3' 08T AA . -70.00 -26.34 12.80
C2' 08T AA . -69.93 -28.72 12.64
O2' 08T AA . -69.06 -28.60 13.82
C1' 08T AA . -71.17 -28.95 12.99
N1 08T AA . -72.41 -32.96 15.73
O1A 08T AA . -68.49 -28.09 8.71
O1B 08T AA . -70.31 -31.45 5.92
F1 08T AA . -68.21 -28.16 3.89
C2 08T AA . -71.88 -31.81 16.17
O2A 08T AA . -68.54 -30.56 8.99
O2B 08T AA . -68.22 -30.27 6.33
F2 08T AA . -70.27 -27.39 3.51
N3 08T AA . -71.59 -30.83 15.30
O3A 08T AA . -70.28 -29.36 7.44
O3B 08T AA . -69.95 -29.18 4.82
F3 08T AA . -69.61 -29.33 2.63
C4 08T AA . -71.84 -31.03 14.02
C5 08T AA . -72.35 -32.18 13.58
C6 08T AA . -72.65 -33.16 14.45
N6 08T AA . -73.17 -34.48 14.33
N7 08T AA . -72.51 -32.15 12.27
C8 08T AA . -72.09 -30.97 11.87
N9 08T AA . -71.65 -30.30 12.93
H1 08T AA . -70.99 -27.41 9.20
H2 08T AA . -72.23 -28.32 9.57
H3 08T AA . -71.79 -26.52 11.19
H4 08T AA . -69.34 -27.27 11.24
H5 08T AA . -70.75 -26.29 13.20
H6 08T AA . -69.59 -29.41 12.05
H7 08T AA . -69.30 -27.91 14.26
H8 08T AA . -71.30 -28.62 13.89
H10 08T AA . -71.72 -31.70 17.08
H12 08T AA . -73.10 -35.03 14.99
H13 08T AA . -73.46 -34.75 13.57
H14 08T AA . -72.08 -30.68 10.99
MG MG BA . -66.43 -28.29 4.58
PA 08T CA . -46.28 -49.14 -9.26
PB 08T CA . -47.47 -47.98 -11.50
BE 08T CA . -48.56 -45.32 -11.77
C5' 08T CA . -47.73 -50.07 -7.42
O5' 08T CA . -46.77 -50.36 -8.36
C4' 08T CA . -47.52 -50.60 -6.01
O4' 08T CA . -47.76 -51.87 -6.04
C3' 08T CA . -46.06 -50.43 -5.67
O3' 08T CA . -45.93 -50.39 -4.31
C2' 08T CA . -45.40 -51.69 -6.27
O2' 08T CA . -44.19 -52.03 -5.52
C1' 08T CA . -46.34 -52.60 -6.12
N1 08T CA . -45.48 -57.40 -7.40
O1A 08T CA . -45.82 -48.00 -8.41
O1B 08T CA . -47.84 -48.90 -12.63
F1 08T CA . -47.39 -44.68 -11.51
C2 08T CA . -45.09 -56.76 -6.27
O2A 08T CA . -45.17 -49.65 -10.16
O2B 08T CA . -46.03 -47.57 -11.69
F2 08T CA . -49.53 -44.83 -10.94
N3 08T CA . -45.41 -55.48 -6.10
O3A 08T CA . -47.61 -48.70 -10.07
O3B 08T CA . -48.40 -46.66 -11.54
F3 08T CA . -48.92 -45.10 -13.06
C4 08T CA . -46.10 -54.82 -7.05
C5 08T CA . -46.47 -55.45 -8.15
C6 08T CA . -46.17 -56.75 -8.32
N6 08T CA . -46.40 -57.67 -9.39
N7 08T CA . -47.14 -54.62 -8.94
C8 08T CA . -47.18 -53.45 -8.31
N9 08T CA . -46.51 -53.57 -7.17
H1 08T CA . -47.89 -49.11 -7.40
H2 08T CA . -48.50 -50.55 -7.75
H3 08T CA . -48.10 -50.19 -5.36
H4 08T CA . -45.74 -49.62 -6.08
H5 08T CA . -46.47 -50.95 -3.98
H6 08T CA . -45.18 -51.56 -7.19
H7 08T CA . -44.39 -52.01 -4.70
H8 08T CA . -46.19 -53.06 -5.29
H10 08T CA . -44.61 -57.23 -5.63
H12 08T CA . -45.98 -58.41 -9.42
H13 08T CA . -46.93 -57.42 -10.03
H14 08T CA . -47.59 -52.68 -8.64
MG MG DA . -45.45 -44.62 -11.78
PA 08T EA . -28.66 -38.51 -37.74
PB 08T EA . -30.83 -36.74 -38.18
BE 08T EA . -32.43 -35.46 -36.13
C5' 08T EA . -29.19 -40.97 -37.19
O5' 08T EA . -28.62 -40.09 -38.10
C4' 08T EA . -28.25 -42.12 -36.79
O4' 08T EA . -28.22 -42.94 -37.78
C3' 08T EA . -26.83 -41.60 -36.60
O3' 08T EA . -26.17 -42.43 -35.76
C2' 08T EA . -26.23 -41.66 -38.02
O2' 08T EA . -24.77 -41.85 -37.94
C1' 08T EA . -26.83 -42.72 -38.53
N1 08T EA . -25.63 -44.31 -43.14
O1A 08T EA . -28.17 -38.23 -36.36
O1B 08T EA . -31.42 -36.69 -39.56
F1 08T EA . -31.40 -34.77 -35.59
C2 08T EA . -24.96 -44.55 -41.99
O2A 08T EA . -27.84 -37.65 -38.68
O2B 08T EA . -29.69 -35.75 -38.12
F2 08T EA . -33.06 -36.19 -35.15
N3 08T EA . -25.41 -44.04 -40.84
O3A 08T EA . -30.25 -38.21 -37.83
O3B 08T EA . -31.95 -36.32 -37.09
F3 08T EA . -33.32 -34.60 -36.69
C4 08T EA . -26.52 -43.29 -40.86
C5 08T EA . -27.17 -43.05 -42.00
C6 08T EA . -26.71 -43.56 -43.15
N6 08T EA . -27.13 -43.46 -44.51
N7 08T EA . -28.21 -42.29 -41.77
C8 08T EA . -28.24 -42.05 -40.48
N9 08T EA . -27.19 -42.65 -39.92
H1 08T EA . -29.35 -40.45 -36.39
H2 08T EA . -30.02 -41.33 -37.52
H3 08T EA . -28.55 -42.57 -35.99
H4 08T EA . -26.85 -40.70 -36.26
H5 08T EA . -26.40 -43.23 -35.92
H6 08T EA . -26.44 -40.86 -38.51
H7 08T EA . -24.61 -42.48 -37.40
H8 08T EA . -26.28 -43.48 -38.38
H10 08T EA . -24.18 -45.07 -42.00
H12 08T EA . -26.62 -43.70 -45.16
H13 08T EA . -27.90 -43.09 -44.67
H14 08T EA . -28.88 -41.55 -40.04
MG MG FA . -29.92 -33.64 -35.88
PA 08T GA . -25.99 -5.20 -49.10
PB 08T GA . -28.44 -4.63 -47.81
BE 08T GA . -29.45 -6.02 -45.55
C5' 08T GA . -25.71 -7.30 -50.55
O5' 08T GA . -25.74 -5.92 -50.53
C4' 08T GA . -24.48 -7.84 -51.29
O4' 08T GA . -24.66 -7.62 -52.56
C3' 08T GA . -23.23 -7.06 -50.90
O3' 08T GA . -22.13 -7.85 -51.10
C2' 08T GA . -23.22 -5.87 -51.88
O2' 08T GA . -21.83 -5.41 -52.11
C1' 08T GA . -23.73 -6.39 -52.97
N1 08T GA . -24.07 -3.60 -57.18
O1A 08T GA . -25.07 -5.73 -48.05
O1B 08T GA . -29.43 -3.88 -48.66
F1 08T GA . -28.42 -5.71 -44.72
C2 08T GA . -22.99 -4.25 -56.71
O2A 08T GA . -25.84 -3.69 -49.24
O2B 08T GA . -27.57 -3.65 -47.09
F2 08T GA . -29.58 -7.36 -45.63
N3 08T GA . -23.05 -4.96 -55.56
O3A 08T GA . -27.52 -5.57 -48.74
O3B 08T GA . -29.22 -5.51 -46.77
F3 08T GA . -30.60 -5.48 -45.05
C4 08T GA . -24.21 -4.99 -54.89
C5 08T GA . -25.27 -4.36 -55.35
C6 08T GA . -25.20 -3.67 -56.50
N6 08T GA . -26.16 -2.89 -57.21
N7 08T GA . -26.31 -4.52 -54.54
C8 08T GA . -25.88 -5.28 -53.55
N9 08T GA . -24.59 -5.55 -53.76
H1 08T GA . -25.71 -7.60 -49.63
H2 08T GA . -26.50 -7.62 -51.01
H3 08T GA . -24.34 -8.78 -51.14
H4 08T GA . -23.29 -6.75 -49.99
H5 08T GA . -22.23 -8.30 -51.80
H6 08T GA . -23.77 -5.15 -51.55
H7 08T GA . -21.35 -6.10 -52.28
H8 08T GA . -23.02 -6.71 -53.54
H10 08T GA . -22.18 -4.22 -57.19
H12 08T GA . -25.95 -2.48 -57.94
H13 08T GA . -26.95 -2.83 -56.87
H14 08T GA . -26.39 -5.56 -52.83
MG MG HA . -27.28 -4.18 -44.12
PA 08T IA . -35.00 23.14 -29.97
PB 08T IA . -36.78 21.46 -28.54
BE 08T IA . -36.39 18.67 -28.01
C5' 08T IA . -34.97 22.99 -32.56
O5' 08T IA . -35.23 23.80 -31.44
C4' 08T IA . -34.06 23.72 -33.57
O4' 08T IA . -34.77 24.62 -34.18
C3' 08T IA . -32.94 24.48 -32.85
O3' 08T IA . -31.89 24.63 -33.70
C2' 08T IA . -33.57 25.85 -32.55
O2' 08T IA . -32.49 26.87 -32.47
C1' 08T IA . -34.36 26.05 -33.58
N1 08T IA . -36.86 30.47 -33.90
O1A 08T IA . -33.65 22.53 -29.85
O1B 08T IA . -38.20 21.93 -28.37
F1 08T IA . -35.26 18.84 -27.26
C2 08T IA . -35.59 30.21 -34.27
O2A 08T IA . -35.14 24.14 -28.82
O2B 08T IA . -35.95 21.96 -27.41
F2 08T IA . -36.14 17.76 -29.00
N3 08T IA . -35.08 28.98 -34.12
O3A 08T IA . -36.16 22.01 -29.93
O3B 08T IA . -36.76 19.85 -28.56
F3 08T IA . -37.39 18.20 -27.21
C4 08T IA . -35.82 28.00 -33.58
C5 08T IA . -37.08 28.26 -33.23
C6 08T IA . -37.59 29.49 -33.38
N6 08T IA . -38.87 30.04 -33.08
N7 08T IA . -37.64 27.15 -32.73
C8 08T IA . -36.72 26.20 -32.80
N9 08T IA . -35.60 26.72 -33.31
H1 08T IA . -34.54 22.17 -32.28
H2 08T IA . -35.80 22.78 -33.00
H3 08T IA . -33.69 23.12 -34.22
H4 08T IA . -32.68 24.02 -32.05
H5 08T IA . -32.18 24.77 -34.48
H6 08T IA . -34.05 25.82 -31.72
H7 08T IA . -31.99 26.79 -33.15
H8 08T IA . -33.88 26.54 -34.27
H10 08T IA . -35.06 30.88 -34.63
H12 08T IA . -39.03 30.88 -33.12
H13 08T IA . -39.49 29.49 -32.83
H14 08T IA . -36.85 25.32 -32.51
MG MG JA . -34.32 20.01 -25.90
#